data_5PZX
#
_entry.id   5PZX
#
_cell.length_a   66.363
_cell.length_b   284.602
_cell.length_c   83.312
_cell.angle_alpha   90.000
_cell.angle_beta   97.710
_cell.angle_gamma   90.000
#
_symmetry.space_group_name_H-M   'P 1 21 1'
#
loop_
_entity.id
_entity.type
_entity.pdbx_description
1 polymer 'Fructose-1,6-bisphosphatase 1'
2 non-polymer N-[(5-bromo-1,3-thiazol-2-yl)carbamoyl]-4-methoxy-3-(2-methylpropyl)benzene-1-sulfonamide
3 water water
#
_entity_poly.entity_id   1
_entity_poly.type   'polypeptide(L)'
_entity_poly.pdbx_seq_one_letter_code
;MADQAPFDTDVNTLTRFVMEEGRKARGTGELTQLLNSLCTAVKAISSAVRKAGIAHLYGIAGSTNVTGDQVKKLDVLSND
LVMNMLKSSFATCVLVSEEDKHAIIVEPEKRGKYVVCFDPLDGSSNIDCLVSVGTIFGIYRKKSTDEPSEKDALQPGRNL
VAAGYALYGSATMLVLAMDCGVNCFMLDPAIGEFILVDKDVKIKKKGKIYSLNEGYAKDFDPAVTEYIQRKKFPPDNSAP
YGARYVGSMVADVHRTLVYGGIFLYPANKKSPNGKLRLLYECNPMAYVMEKAGGMATTGKEAVLDVIPTDIHQRAPVILG
SPDDVLEFLKVYEKHSAQ
;
_entity_poly.pdbx_strand_id   A,B,C,D,E,F,G,H
#
loop_
_chem_comp.id
_chem_comp.type
_chem_comp.name
_chem_comp.formula
94S non-polymer N-[(5-bromo-1,3-thiazol-2-yl)carbamoyl]-4-methoxy-3-(2-methylpropyl)benzene-1-sulfonamide 'C15 H18 Br N3 O4 S2'
#
# COMPACT_ATOMS: atom_id res chain seq x y z
N ASP A 10 -53.01 -3.42 -2.03
CA ASP A 10 -53.14 -2.50 -0.90
C ASP A 10 -51.77 -2.21 -0.27
N VAL A 11 -51.50 -0.94 0.05
CA VAL A 11 -50.18 -0.54 0.57
C VAL A 11 -49.93 -1.14 1.95
N ASN A 12 -48.65 -1.33 2.28
CA ASN A 12 -48.30 -1.87 3.57
C ASN A 12 -46.99 -1.28 4.07
N THR A 13 -46.99 -0.97 5.35
CA THR A 13 -45.82 -0.45 6.02
C THR A 13 -45.35 -1.45 7.07
N LEU A 14 -44.09 -1.31 7.49
CA LEU A 14 -43.54 -2.21 8.49
C LEU A 14 -44.32 -2.15 9.79
N THR A 15 -44.65 -0.94 10.26
CA THR A 15 -45.37 -0.85 11.51
C THR A 15 -46.72 -1.54 11.40
N ARG A 16 -47.41 -1.35 10.28
CA ARG A 16 -48.72 -1.97 10.09
C ARG A 16 -48.60 -3.47 9.94
N PHE A 17 -47.56 -3.94 9.26
CA PHE A 17 -47.36 -5.38 9.09
C PHE A 17 -47.07 -6.06 10.43
N VAL A 18 -46.23 -5.45 11.25
CA VAL A 18 -45.92 -6.05 12.54
C VAL A 18 -47.16 -6.13 13.42
N MET A 19 -48.00 -5.08 13.43
CA MET A 19 -49.19 -5.09 14.29
C MET A 19 -50.19 -6.16 13.82
N GLU A 20 -50.38 -6.27 12.51
CA GLU A 20 -51.24 -7.31 11.97
C GLU A 20 -50.80 -8.68 12.45
N GLU A 21 -49.53 -8.99 12.31
CA GLU A 21 -49.02 -10.28 12.73
C GLU A 21 -49.10 -10.42 14.23
N GLY A 22 -48.96 -9.31 14.95
CA GLY A 22 -49.01 -9.37 16.41
C GLY A 22 -50.40 -9.68 16.91
N ARG A 23 -51.42 -9.15 16.24
CA ARG A 23 -52.79 -9.50 16.59
C ARG A 23 -53.12 -10.92 16.15
N LYS A 24 -52.75 -11.28 14.91
CA LYS A 24 -53.01 -12.61 14.39
C LYS A 24 -52.44 -13.69 15.30
N ALA A 25 -51.34 -13.39 15.97
CA ALA A 25 -50.73 -14.33 16.89
C ALA A 25 -51.18 -14.10 18.33
N ARG A 26 -51.98 -13.06 18.57
CA ARG A 26 -52.54 -12.76 19.90
C ARG A 26 -51.46 -12.64 20.97
N GLY A 27 -50.40 -11.90 20.65
CA GLY A 27 -49.32 -11.66 21.59
C GLY A 27 -49.56 -10.47 22.50
N THR A 28 -48.63 -10.28 23.44
CA THR A 28 -48.76 -9.26 24.46
C THR A 28 -48.51 -7.86 23.92
N GLY A 29 -47.83 -7.75 22.78
CA GLY A 29 -47.38 -6.49 22.28
C GLY A 29 -45.95 -6.12 22.63
N GLU A 30 -45.30 -6.86 23.52
CA GLU A 30 -43.93 -6.53 23.89
C GLU A 30 -43.00 -6.65 22.70
N LEU A 31 -43.23 -7.64 21.85
CA LEU A 31 -42.33 -7.78 20.71
C LEU A 31 -42.55 -6.68 19.70
N THR A 32 -43.80 -6.34 19.43
CA THR A 32 -44.08 -5.25 18.49
C THR A 32 -43.45 -3.94 18.96
N GLN A 33 -43.54 -3.66 20.26
CA GLN A 33 -42.89 -2.48 20.82
C GLN A 33 -41.39 -2.53 20.59
N LEU A 34 -40.78 -3.72 20.67
CA LEU A 34 -39.36 -3.86 20.38
C LEU A 34 -39.02 -3.45 18.95
N LEU A 35 -39.70 -4.03 17.96
CA LEU A 35 -39.33 -3.74 16.58
C LEU A 35 -39.60 -2.29 16.21
N ASN A 36 -40.70 -1.73 16.70
CA ASN A 36 -41.00 -0.34 16.40
C ASN A 36 -39.90 0.59 16.91
N SER A 37 -39.43 0.37 18.15
CA SER A 37 -38.31 1.16 18.68
C SER A 37 -37.03 0.95 17.87
N LEU A 38 -36.79 -0.29 17.45
CA LEU A 38 -35.65 -0.58 16.61
C LEU A 38 -35.79 0.11 15.25
N CYS A 39 -36.98 0.02 14.66
CA CYS A 39 -37.25 0.70 13.41
C CYS A 39 -36.94 2.19 13.51
N THR A 40 -37.32 2.82 14.63
CA THR A 40 -37.07 4.24 14.81
C THR A 40 -35.58 4.54 14.86
N ALA A 41 -34.82 3.71 15.60
CA ALA A 41 -33.37 3.89 15.66
C ALA A 41 -32.74 3.69 14.29
N VAL A 42 -33.26 2.77 13.49
CA VAL A 42 -32.75 2.62 12.14
C VAL A 42 -32.98 3.90 11.33
N LYS A 43 -34.16 4.51 11.46
CA LYS A 43 -34.44 5.72 10.72
C LYS A 43 -33.51 6.88 11.12
N ALA A 44 -33.19 6.98 12.41
CA ALA A 44 -32.31 8.05 12.87
C ALA A 44 -30.88 7.82 12.39
N ILE A 45 -30.44 6.58 12.42
CA ILE A 45 -29.11 6.26 11.91
C ILE A 45 -29.01 6.66 10.46
N SER A 46 -30.03 6.31 9.67
CA SER A 46 -30.02 6.64 8.25
C SER A 46 -29.93 8.16 8.03
N SER A 47 -30.63 8.93 8.85
CA SER A 47 -30.58 10.39 8.74
C SER A 47 -29.14 10.92 8.93
N ALA A 48 -28.43 10.37 9.89
CA ALA A 48 -27.07 10.78 10.20
C ALA A 48 -26.07 10.20 9.21
N VAL A 49 -26.30 8.96 8.78
CA VAL A 49 -25.42 8.33 7.81
C VAL A 49 -25.43 9.09 6.49
N ARG A 50 -26.60 9.61 6.11
CA ARG A 50 -26.71 10.46 4.93
C ARG A 50 -26.19 11.88 5.18
N LYS A 51 -25.65 12.13 6.37
CA LYS A 51 -25.00 13.39 6.75
C LYS A 51 -25.97 14.55 6.73
N ALA A 52 -27.24 14.31 7.09
CA ALA A 52 -28.19 15.41 7.23
C ALA A 52 -27.75 16.32 8.37
N GLY A 53 -27.66 17.61 8.09
CA GLY A 53 -27.15 18.60 9.03
C GLY A 53 -25.63 18.72 9.08
N ILE A 54 -24.89 18.09 8.15
CA ILE A 54 -23.44 18.18 8.22
C ILE A 54 -22.96 19.60 7.98
N ALA A 55 -23.80 20.44 7.34
CA ALA A 55 -23.43 21.83 7.15
C ALA A 55 -23.22 22.52 8.49
N HIS A 56 -23.96 22.14 9.52
CA HIS A 56 -23.75 22.74 10.84
C HIS A 56 -22.47 22.21 11.47
N LEU A 57 -22.05 21.02 11.09
CA LEU A 57 -20.79 20.47 11.55
C LEU A 57 -19.60 21.23 10.99
N TYR A 58 -19.79 21.94 9.87
CA TYR A 58 -18.75 22.75 9.23
C TYR A 58 -18.92 24.26 9.45
N GLY A 59 -19.51 24.65 10.58
CA GLY A 59 -19.56 26.05 10.96
C GLY A 59 -20.34 26.93 10.02
N ILE A 60 -21.49 26.44 9.52
CA ILE A 60 -22.34 27.26 8.68
C ILE A 60 -22.98 28.39 9.48
N ALA A 61 -22.97 28.29 10.80
CA ALA A 61 -23.40 29.36 11.68
C ALA A 61 -22.27 29.79 12.61
N GLY A 62 -21.02 29.71 12.11
CA GLY A 62 -19.80 30.07 12.83
C GLY A 62 -19.31 29.13 13.93
N VAL A 71 -23.14 15.04 17.66
CA VAL A 71 -21.79 15.62 17.69
C VAL A 71 -20.69 14.53 17.51
N LYS A 72 -21.04 13.28 17.83
CA LYS A 72 -20.09 12.19 18.03
C LYS A 72 -19.64 11.57 16.70
N LYS A 73 -18.93 10.45 16.77
CA LYS A 73 -18.63 9.63 15.60
C LYS A 73 -19.79 8.68 15.34
N LEU A 74 -19.99 8.35 14.06
CA LEU A 74 -21.24 7.74 13.59
C LEU A 74 -21.53 6.38 14.23
N ASP A 75 -20.49 5.57 14.45
CA ASP A 75 -20.71 4.27 15.05
C ASP A 75 -20.93 4.36 16.57
N VAL A 76 -20.36 5.36 17.23
CA VAL A 76 -20.65 5.58 18.63
C VAL A 76 -22.10 6.04 18.81
N LEU A 77 -22.51 7.01 18.01
CA LEU A 77 -23.87 7.54 18.06
C LEU A 77 -24.91 6.47 17.68
N SER A 78 -24.61 5.65 16.67
CA SER A 78 -25.51 4.55 16.31
C SER A 78 -25.73 3.62 17.51
N ASN A 79 -24.66 3.31 18.23
CA ASN A 79 -24.77 2.44 19.37
C ASN A 79 -25.67 3.06 20.44
N ASP A 80 -25.47 4.35 20.71
CA ASP A 80 -26.29 5.00 21.72
C ASP A 80 -27.77 4.96 21.34
N LEU A 81 -28.06 5.13 20.06
CA LEU A 81 -29.44 5.16 19.59
C LEU A 81 -30.13 3.82 19.83
N VAL A 82 -29.47 2.74 19.43
CA VAL A 82 -30.10 1.43 19.60
C VAL A 82 -30.22 1.09 21.09
N MET A 83 -29.18 1.37 21.88
CA MET A 83 -29.25 1.14 23.31
C MET A 83 -30.44 1.89 23.93
N ASN A 84 -30.51 3.20 23.69
CA ASN A 84 -31.52 4.03 24.33
C ASN A 84 -32.92 3.70 23.81
N MET A 85 -33.04 3.38 22.52
CA MET A 85 -34.35 3.02 22.00
C MET A 85 -34.80 1.66 22.52
N LEU A 86 -33.86 0.74 22.75
CA LEU A 86 -34.22 -0.56 23.32
C LEU A 86 -34.51 -0.46 24.80
N LYS A 87 -33.62 0.17 25.57
CA LYS A 87 -33.85 0.33 27.00
C LYS A 87 -35.23 0.90 27.28
N SER A 88 -35.62 1.92 26.51
CA SER A 88 -36.90 2.57 26.70
C SER A 88 -38.07 1.87 26.01
N SER A 89 -37.85 0.71 25.39
CA SER A 89 -38.95 0.00 24.73
C SER A 89 -39.81 -0.80 25.70
N PHE A 90 -39.30 -1.09 26.90
CA PHE A 90 -39.98 -1.98 27.86
C PHE A 90 -40.18 -3.37 27.28
N ALA A 91 -39.20 -3.81 26.49
CA ALA A 91 -39.24 -5.14 25.92
C ALA A 91 -37.91 -5.88 26.02
N THR A 92 -36.90 -5.33 26.70
CA THR A 92 -35.55 -5.91 26.70
C THR A 92 -35.06 -6.12 28.13
N CYS A 93 -34.16 -7.10 28.30
CA CYS A 93 -33.55 -7.30 29.61
C CYS A 93 -32.03 -7.37 29.47
N VAL A 94 -31.54 -7.93 28.38
CA VAL A 94 -30.12 -7.99 28.12
C VAL A 94 -29.83 -7.50 26.70
N LEU A 95 -28.84 -6.64 26.57
CA LEU A 95 -28.40 -6.11 25.28
C LEU A 95 -26.91 -6.37 25.12
N VAL A 96 -26.55 -7.04 24.03
CA VAL A 96 -25.17 -7.27 23.64
C VAL A 96 -24.88 -6.48 22.36
N SER A 97 -23.80 -5.68 22.38
CA SER A 97 -23.44 -4.85 21.23
C SER A 97 -21.98 -5.05 20.89
N GLU A 98 -21.70 -5.00 19.57
CA GLU A 98 -20.32 -5.05 19.10
C GLU A 98 -19.49 -3.95 19.75
N GLU A 99 -20.13 -2.85 20.15
CA GLU A 99 -19.46 -1.72 20.80
C GLU A 99 -19.22 -1.91 22.29
N ASP A 100 -19.93 -2.82 22.97
CA ASP A 100 -19.86 -2.91 24.43
C ASP A 100 -19.28 -4.26 24.84
N LYS A 101 -18.24 -4.21 25.66
CA LYS A 101 -17.51 -5.43 26.03
C LYS A 101 -18.39 -6.39 26.81
N HIS A 102 -19.17 -5.88 27.78
CA HIS A 102 -20.03 -6.70 28.60
C HIS A 102 -21.49 -6.48 28.22
N ALA A 103 -22.31 -7.51 28.39
CA ALA A 103 -23.73 -7.36 28.09
C ALA A 103 -24.37 -6.37 29.04
N ILE A 104 -25.32 -5.58 28.52
CA ILE A 104 -26.02 -4.57 29.31
C ILE A 104 -27.23 -5.22 29.95
N ILE A 105 -27.44 -4.97 31.23
CA ILE A 105 -28.60 -5.49 31.95
C ILE A 105 -29.52 -4.29 32.17
N VAL A 106 -30.69 -4.31 31.53
CA VAL A 106 -31.63 -3.21 31.61
C VAL A 106 -32.12 -3.05 33.03
N GLU A 107 -32.19 -1.80 33.48
CA GLU A 107 -32.66 -1.51 34.83
C GLU A 107 -34.09 -2.03 35.01
N PRO A 108 -34.47 -2.40 36.23
CA PRO A 108 -35.71 -3.15 36.41
C PRO A 108 -36.96 -2.45 35.92
N GLU A 109 -37.04 -1.13 36.06
CA GLU A 109 -38.27 -0.44 35.69
C GLU A 109 -38.53 -0.50 34.20
N LYS A 110 -37.49 -0.56 33.38
CA LYS A 110 -37.61 -0.61 31.93
C LYS A 110 -37.45 -2.03 31.42
N ARG A 111 -37.52 -3.03 32.32
CA ARG A 111 -37.16 -4.40 32.01
C ARG A 111 -38.30 -5.12 31.31
N GLY A 112 -37.93 -5.92 30.32
CA GLY A 112 -38.85 -6.73 29.54
C GLY A 112 -38.26 -8.11 29.33
N LYS A 113 -38.87 -8.90 28.47
CA LYS A 113 -38.64 -10.34 28.41
C LYS A 113 -37.75 -10.78 27.25
N TYR A 114 -37.12 -9.86 26.53
CA TYR A 114 -36.40 -10.22 25.32
C TYR A 114 -34.94 -9.80 25.42
N VAL A 115 -34.10 -10.58 24.76
CA VAL A 115 -32.67 -10.31 24.71
C VAL A 115 -32.31 -10.01 23.28
N VAL A 116 -31.51 -8.96 23.09
CA VAL A 116 -31.19 -8.40 21.78
C VAL A 116 -29.66 -8.33 21.61
N CYS A 117 -29.17 -8.92 20.52
CA CYS A 117 -27.80 -8.76 20.06
C CYS A 117 -27.80 -7.94 18.79
N PHE A 118 -26.91 -6.95 18.71
CA PHE A 118 -26.88 -6.12 17.50
C PHE A 118 -25.49 -5.62 17.22
N ASP A 119 -25.22 -5.46 15.92
CA ASP A 119 -24.15 -4.65 15.40
C ASP A 119 -24.76 -3.31 14.94
N PRO A 120 -24.51 -2.20 15.63
CA PRO A 120 -25.23 -0.95 15.29
C PRO A 120 -24.78 -0.29 14.00
N LEU A 121 -23.52 -0.42 13.59
CA LEU A 121 -23.10 0.15 12.31
C LEU A 121 -21.98 -0.76 11.79
N ASP A 122 -22.36 -1.83 11.12
CA ASP A 122 -21.40 -2.77 10.55
C ASP A 122 -20.80 -2.20 9.28
N GLY A 123 -19.49 -2.41 9.12
CA GLY A 123 -18.75 -1.88 8.00
C GLY A 123 -18.34 -0.43 8.13
N SER A 124 -18.60 0.19 9.29
CA SER A 124 -18.37 1.62 9.49
C SER A 124 -16.89 1.97 9.38
N SER A 125 -16.01 0.98 9.35
CA SER A 125 -14.58 1.22 9.21
C SER A 125 -14.22 1.82 7.85
N ASN A 126 -14.91 1.42 6.80
CA ASN A 126 -14.64 1.96 5.47
C ASN A 126 -15.62 3.07 5.07
N ILE A 127 -16.25 3.75 6.03
CA ILE A 127 -17.27 4.71 5.64
C ILE A 127 -16.68 6.02 5.13
N ASP A 128 -15.37 6.22 5.29
CA ASP A 128 -14.73 7.39 4.75
C ASP A 128 -14.81 7.40 3.23
N CYS A 129 -15.04 6.23 2.63
CA CYS A 129 -15.23 6.11 1.19
C CYS A 129 -16.67 5.93 0.77
N LEU A 130 -17.65 6.14 1.68
CA LEU A 130 -19.10 6.06 1.38
C LEU A 130 -19.54 4.67 0.94
N VAL A 131 -18.81 3.64 1.37
CA VAL A 131 -19.26 2.28 1.17
C VAL A 131 -20.59 2.08 1.91
N SER A 132 -21.34 1.07 1.46
CA SER A 132 -22.56 0.69 2.16
C SER A 132 -22.27 0.27 3.59
N VAL A 133 -23.14 0.67 4.52
CA VAL A 133 -23.06 0.26 5.91
C VAL A 133 -24.43 -0.23 6.38
N GLY A 134 -24.46 -0.80 7.58
CA GLY A 134 -25.68 -1.42 8.05
C GLY A 134 -25.81 -1.59 9.54
N THR A 135 -27.04 -1.88 9.96
CA THR A 135 -27.34 -2.34 11.31
C THR A 135 -27.82 -3.78 11.24
N ILE A 136 -27.26 -4.65 12.06
CA ILE A 136 -27.67 -6.05 12.15
C ILE A 136 -28.24 -6.32 13.54
N PHE A 137 -29.32 -7.10 13.60
CA PHE A 137 -29.88 -7.37 14.92
C PHE A 137 -30.42 -8.79 15.00
N GLY A 138 -30.33 -9.34 16.19
CA GLY A 138 -30.96 -10.62 16.48
C GLY A 138 -31.69 -10.49 17.81
N ILE A 139 -32.86 -11.11 17.87
CA ILE A 139 -33.78 -11.01 19.00
C ILE A 139 -34.02 -12.40 19.54
N TYR A 140 -33.75 -12.58 20.83
CA TYR A 140 -34.04 -13.84 21.52
C TYR A 140 -35.05 -13.62 22.63
N ARG A 141 -35.73 -14.70 23.01
CA ARG A 141 -36.56 -14.70 24.21
C ARG A 141 -35.71 -15.17 25.36
N LYS A 142 -35.86 -14.53 26.52
CA LYS A 142 -35.10 -14.96 27.68
C LYS A 142 -35.71 -16.27 28.20
N LYS A 143 -34.87 -17.30 28.32
CA LYS A 143 -35.36 -18.65 28.58
C LYS A 143 -35.40 -18.97 30.06
N SER A 144 -34.30 -18.70 30.77
CA SER A 144 -34.22 -19.04 32.17
C SER A 144 -35.07 -18.09 33.02
N THR A 145 -35.24 -18.46 34.30
CA THR A 145 -35.94 -17.64 35.28
C THR A 145 -35.00 -16.99 36.28
N ASP A 146 -33.69 -17.05 36.02
CA ASP A 146 -32.75 -16.39 36.91
C ASP A 146 -32.89 -14.87 36.80
N GLU A 147 -32.17 -14.18 37.66
CA GLU A 147 -31.98 -12.76 37.46
C GLU A 147 -31.25 -12.55 36.14
N PRO A 148 -31.64 -11.56 35.33
CA PRO A 148 -31.04 -11.44 33.99
C PRO A 148 -29.55 -11.16 34.08
N SER A 149 -28.80 -11.81 33.21
CA SER A 149 -27.36 -11.66 33.19
C SER A 149 -26.87 -11.97 31.78
N GLU A 150 -25.56 -11.82 31.58
CA GLU A 150 -24.96 -12.05 30.27
C GLU A 150 -25.25 -13.45 29.77
N LYS A 151 -25.42 -14.42 30.69
CA LYS A 151 -25.68 -15.79 30.28
C LYS A 151 -26.89 -15.89 29.36
N ASP A 152 -27.87 -15.00 29.54
CA ASP A 152 -29.10 -15.06 28.76
C ASP A 152 -28.83 -14.78 27.30
N ALA A 153 -27.68 -14.16 27.02
CA ALA A 153 -27.26 -13.90 25.66
C ALA A 153 -26.55 -15.09 25.04
N LEU A 154 -26.28 -16.14 25.81
CA LEU A 154 -25.52 -17.28 25.26
C LEU A 154 -26.43 -18.36 24.65
N GLN A 155 -27.51 -17.97 24.01
CA GLN A 155 -28.34 -18.96 23.35
C GLN A 155 -27.85 -19.20 21.92
N PRO A 156 -28.13 -20.39 21.36
CA PRO A 156 -27.78 -20.66 19.96
C PRO A 156 -28.75 -20.00 18.99
N GLY A 157 -28.27 -19.84 17.76
CA GLY A 157 -29.06 -19.22 16.71
C GLY A 157 -30.41 -19.89 16.43
N ARG A 158 -30.52 -21.18 16.70
CA ARG A 158 -31.81 -21.85 16.47
C ARG A 158 -32.92 -21.17 17.27
N ASN A 159 -32.58 -20.59 18.41
CA ASN A 159 -33.56 -20.01 19.35
C ASN A 159 -34.02 -18.62 18.96
N LEU A 160 -33.57 -18.09 17.82
CA LEU A 160 -33.91 -16.73 17.44
C LEU A 160 -35.41 -16.58 17.24
N VAL A 161 -35.97 -15.50 17.75
CA VAL A 161 -37.38 -15.19 17.49
C VAL A 161 -37.53 -14.41 16.20
N ALA A 162 -36.67 -13.42 15.98
CA ALA A 162 -36.61 -12.66 14.74
C ALA A 162 -35.19 -12.14 14.53
N ALA A 163 -34.90 -11.79 13.29
CA ALA A 163 -33.59 -11.25 12.97
C ALA A 163 -33.70 -10.48 11.67
N GLY A 164 -32.67 -9.68 11.40
CA GLY A 164 -32.62 -8.95 10.15
C GLY A 164 -31.53 -7.90 10.16
N TYR A 165 -31.68 -6.94 9.24
CA TYR A 165 -30.66 -5.91 9.11
C TYR A 165 -31.22 -4.72 8.34
N ALA A 166 -30.64 -3.57 8.60
CA ALA A 166 -30.88 -2.36 7.83
C ALA A 166 -29.66 -2.08 6.98
N LEU A 167 -29.85 -1.98 5.69
CA LEU A 167 -28.79 -1.64 4.77
C LEU A 167 -28.90 -0.17 4.37
N TYR A 168 -27.86 0.62 4.67
CA TYR A 168 -27.80 2.04 4.28
C TYR A 168 -26.93 2.19 3.03
N GLY A 169 -27.53 1.88 1.88
CA GLY A 169 -26.88 1.90 0.61
C GLY A 169 -27.44 3.00 -0.27
N SER A 170 -27.62 2.70 -1.58
CA SER A 170 -28.25 3.66 -2.47
C SER A 170 -29.61 4.06 -1.91
N ALA A 171 -30.33 3.10 -1.31
CA ALA A 171 -31.50 3.38 -0.50
C ALA A 171 -31.29 2.71 0.86
N THR A 172 -32.16 3.01 1.80
CA THR A 172 -32.15 2.38 3.11
C THR A 172 -33.26 1.33 3.10
N MET A 173 -32.87 0.06 3.20
CA MET A 173 -33.81 -1.03 3.18
C MET A 173 -33.67 -1.82 4.47
N LEU A 174 -34.81 -2.22 5.03
CA LEU A 174 -34.86 -3.04 6.24
C LEU A 174 -35.37 -4.43 5.90
N VAL A 175 -34.54 -5.42 6.15
CA VAL A 175 -34.88 -6.81 5.88
C VAL A 175 -35.19 -7.44 7.22
N LEU A 176 -36.40 -7.96 7.35
CA LEU A 176 -36.87 -8.57 8.57
C LEU A 176 -37.11 -10.06 8.29
N ALA A 177 -36.48 -10.92 9.06
CA ALA A 177 -36.66 -12.36 8.92
C ALA A 177 -37.21 -12.96 10.20
N MET A 178 -38.33 -13.67 10.06
CA MET A 178 -38.97 -14.37 11.16
C MET A 178 -39.40 -15.75 10.66
N ASP A 179 -40.01 -16.54 11.57
CA ASP A 179 -40.40 -17.90 11.20
C ASP A 179 -41.28 -17.91 9.96
N CYS A 180 -42.22 -16.96 9.86
CA CYS A 180 -43.10 -16.95 8.69
C CYS A 180 -42.31 -16.68 7.40
N GLY A 181 -41.21 -15.94 7.47
CA GLY A 181 -40.36 -15.78 6.30
C GLY A 181 -39.60 -14.47 6.34
N VAL A 182 -39.11 -14.08 5.15
CA VAL A 182 -38.24 -12.90 5.00
C VAL A 182 -39.03 -11.83 4.24
N ASN A 183 -39.06 -10.61 4.80
CA ASN A 183 -39.74 -9.49 4.15
C ASN A 183 -38.83 -8.27 4.11
N CYS A 184 -38.93 -7.49 3.03
CA CYS A 184 -38.05 -6.35 2.75
C CYS A 184 -38.85 -5.05 2.74
N PHE A 185 -38.33 -4.05 3.43
CA PHE A 185 -39.01 -2.77 3.51
C PHE A 185 -38.08 -1.65 3.01
N MET A 186 -38.62 -0.82 2.11
CA MET A 186 -37.92 0.34 1.62
C MET A 186 -38.31 1.56 2.44
N LEU A 187 -37.31 2.27 2.94
CA LEU A 187 -37.57 3.49 3.69
C LEU A 187 -37.89 4.64 2.72
N ASP A 188 -39.11 5.18 2.82
CA ASP A 188 -39.45 6.40 2.10
C ASP A 188 -39.13 7.58 3.01
N PRO A 189 -38.05 8.33 2.75
CA PRO A 189 -37.63 9.39 3.68
C PRO A 189 -38.53 10.62 3.68
N ALA A 190 -39.40 10.81 2.68
CA ALA A 190 -40.32 11.93 2.76
C ALA A 190 -41.29 11.78 3.92
N ILE A 191 -41.60 10.55 4.30
CA ILE A 191 -42.53 10.29 5.40
C ILE A 191 -41.92 9.44 6.49
N GLY A 192 -40.70 8.94 6.31
CA GLY A 192 -40.08 8.17 7.37
C GLY A 192 -40.84 6.91 7.71
N GLU A 193 -41.26 6.17 6.69
CA GLU A 193 -41.98 4.92 6.86
C GLU A 193 -41.32 3.85 6.00
N PHE A 194 -41.29 2.64 6.51
CA PHE A 194 -40.75 1.50 5.81
C PHE A 194 -41.87 0.85 5.00
N ILE A 195 -41.69 0.76 3.69
CA ILE A 195 -42.71 0.29 2.76
C ILE A 195 -42.41 -1.14 2.39
N LEU A 196 -43.39 -2.03 2.61
CA LEU A 196 -43.25 -3.41 2.18
C LEU A 196 -43.12 -3.44 0.66
N VAL A 197 -41.99 -3.91 0.17
CA VAL A 197 -41.76 -3.86 -1.27
C VAL A 197 -41.36 -5.21 -1.84
N ASP A 198 -41.07 -6.18 -0.99
CA ASP A 198 -40.75 -7.53 -1.47
C ASP A 198 -41.24 -8.52 -0.42
N LYS A 199 -42.31 -9.23 -0.76
CA LYS A 199 -43.02 -10.15 0.11
C LYS A 199 -42.41 -11.54 0.01
N ASP A 200 -42.11 -12.14 1.16
CA ASP A 200 -41.80 -13.57 1.26
C ASP A 200 -40.64 -13.96 0.34
N VAL A 201 -39.51 -13.29 0.54
CA VAL A 201 -38.39 -13.47 -0.35
C VAL A 201 -37.80 -14.88 -0.19
N LYS A 202 -37.29 -15.42 -1.29
CA LYS A 202 -36.61 -16.70 -1.34
C LYS A 202 -35.37 -16.58 -2.23
N ILE A 203 -34.22 -17.10 -1.76
CA ILE A 203 -32.97 -16.97 -2.51
C ILE A 203 -32.94 -17.99 -3.65
N LYS A 204 -32.30 -17.60 -4.74
CA LYS A 204 -32.08 -18.48 -5.88
C LYS A 204 -31.43 -19.78 -5.41
N LYS A 205 -31.79 -20.88 -6.06
CA LYS A 205 -31.19 -22.15 -5.69
C LYS A 205 -29.71 -22.16 -6.03
N LYS A 206 -29.31 -21.49 -7.11
CA LYS A 206 -27.91 -21.43 -7.47
C LYS A 206 -27.65 -20.08 -8.11
N GLY A 207 -26.54 -19.46 -7.74
CA GLY A 207 -26.17 -18.15 -8.20
C GLY A 207 -25.02 -18.15 -9.19
N LYS A 208 -24.51 -16.94 -9.47
CA LYS A 208 -23.40 -16.79 -10.41
C LYS A 208 -22.31 -15.87 -9.84
N ILE A 209 -22.33 -15.63 -8.51
CA ILE A 209 -21.41 -14.72 -7.84
C ILE A 209 -20.80 -15.41 -6.63
N TYR A 210 -19.50 -15.29 -6.48
CA TYR A 210 -18.83 -15.64 -5.23
C TYR A 210 -18.24 -14.36 -4.67
N SER A 211 -18.17 -14.28 -3.34
CA SER A 211 -17.84 -13.04 -2.65
C SER A 211 -16.92 -13.31 -1.46
N LEU A 212 -15.65 -12.94 -1.59
CA LEU A 212 -14.70 -13.01 -0.48
C LEU A 212 -13.48 -12.19 -0.85
N ASN A 213 -12.61 -11.97 0.15
CA ASN A 213 -11.41 -11.14 0.00
C ASN A 213 -10.26 -11.97 -0.57
N GLU A 214 -10.09 -11.93 -1.90
CA GLU A 214 -9.03 -12.74 -2.54
C GLU A 214 -7.63 -12.17 -2.36
N GLY A 215 -7.47 -11.03 -1.67
CA GLY A 215 -6.13 -10.53 -1.43
C GLY A 215 -5.37 -11.40 -0.45
N TYR A 216 -6.08 -12.04 0.47
CA TYR A 216 -5.49 -12.94 1.46
C TYR A 216 -5.43 -14.40 0.98
N ALA A 217 -5.29 -14.61 -0.33
CA ALA A 217 -5.27 -15.96 -0.88
C ALA A 217 -4.10 -16.76 -0.34
N LYS A 218 -2.98 -16.08 -0.03
CA LYS A 218 -1.77 -16.71 0.50
C LYS A 218 -2.05 -17.51 1.75
N ASP A 219 -3.10 -17.14 2.49
CA ASP A 219 -3.46 -17.77 3.75
C ASP A 219 -4.74 -18.59 3.62
N PHE A 220 -5.15 -18.90 2.39
CA PHE A 220 -6.39 -19.64 2.14
C PHE A 220 -6.26 -21.06 2.67
N ASP A 221 -7.28 -21.50 3.39
CA ASP A 221 -7.50 -22.93 3.57
C ASP A 221 -7.47 -23.60 2.20
N PRO A 222 -6.86 -24.79 2.07
CA PRO A 222 -6.74 -25.41 0.74
C PRO A 222 -8.05 -25.68 0.03
N ALA A 223 -9.11 -26.01 0.78
CA ALA A 223 -10.41 -26.22 0.14
C ALA A 223 -10.90 -24.93 -0.51
N VAL A 224 -10.70 -23.79 0.17
CA VAL A 224 -11.08 -22.50 -0.41
C VAL A 224 -10.28 -22.22 -1.68
N THR A 225 -8.95 -22.40 -1.62
CA THR A 225 -8.13 -22.18 -2.80
C THR A 225 -8.66 -23.00 -3.97
N GLU A 226 -9.00 -24.28 -3.71
CA GLU A 226 -9.52 -25.13 -4.77
C GLU A 226 -10.91 -24.70 -5.20
N TYR A 227 -11.78 -24.35 -4.23
CA TYR A 227 -13.14 -23.99 -4.59
C TYR A 227 -13.15 -22.71 -5.43
N ILE A 228 -12.27 -21.75 -5.11
CA ILE A 228 -12.22 -20.53 -5.91
C ILE A 228 -11.67 -20.84 -7.29
N GLN A 229 -10.66 -21.73 -7.36
CA GLN A 229 -10.20 -22.18 -8.68
C GLN A 229 -11.33 -22.84 -9.45
N ARG A 230 -12.20 -23.61 -8.77
CA ARG A 230 -13.31 -24.26 -9.48
C ARG A 230 -14.38 -23.27 -9.92
N LYS A 231 -14.41 -22.09 -9.33
CA LYS A 231 -15.33 -21.06 -9.77
C LYS A 231 -14.75 -20.20 -10.88
N LYS A 232 -13.40 -20.00 -10.89
CA LYS A 232 -12.75 -19.27 -11.98
C LYS A 232 -12.44 -20.14 -13.20
N PHE A 233 -12.11 -21.40 -13.01
CA PHE A 233 -11.68 -22.31 -14.08
C PHE A 233 -12.52 -23.56 -13.94
N PRO A 234 -13.73 -23.55 -14.45
CA PRO A 234 -14.63 -24.69 -14.25
C PRO A 234 -14.04 -25.94 -14.88
N PRO A 235 -14.04 -27.06 -14.16
CA PRO A 235 -13.59 -28.31 -14.78
C PRO A 235 -14.53 -28.72 -15.88
N ASP A 236 -15.82 -28.47 -15.69
CA ASP A 236 -16.85 -28.70 -16.70
C ASP A 236 -16.83 -27.61 -17.77
N ASN A 237 -15.74 -26.83 -17.80
CA ASN A 237 -15.40 -25.79 -18.78
C ASN A 237 -16.61 -24.96 -19.22
N SER A 238 -17.50 -24.70 -18.27
CA SER A 238 -18.62 -23.77 -18.42
C SER A 238 -18.18 -22.32 -18.21
N ALA A 239 -19.13 -21.45 -17.94
CA ALA A 239 -18.82 -20.04 -17.73
C ALA A 239 -18.28 -19.80 -16.32
N PRO A 240 -17.24 -18.99 -16.18
CA PRO A 240 -16.77 -18.58 -14.85
C PRO A 240 -17.85 -17.81 -14.10
N TYR A 241 -17.80 -17.90 -12.77
CA TYR A 241 -18.61 -17.02 -11.92
C TYR A 241 -18.03 -15.61 -11.90
N GLY A 242 -18.90 -14.64 -11.65
CA GLY A 242 -18.42 -13.31 -11.39
C GLY A 242 -17.98 -13.12 -9.95
N ALA A 243 -17.01 -12.22 -9.77
CA ALA A 243 -16.53 -11.86 -8.44
C ALA A 243 -17.06 -10.48 -8.04
N ARG A 244 -17.51 -10.36 -6.79
CA ARG A 244 -17.86 -9.08 -6.18
C ARG A 244 -17.48 -9.15 -4.71
N TYR A 245 -16.98 -8.05 -4.13
CA TYR A 245 -16.71 -8.01 -2.69
C TYR A 245 -16.69 -6.57 -2.23
N VAL A 246 -17.80 -6.13 -1.62
CA VAL A 246 -17.86 -4.74 -1.12
C VAL A 246 -17.02 -4.59 0.13
N GLY A 247 -16.93 -5.64 0.92
CA GLY A 247 -16.19 -5.53 2.15
C GLY A 247 -16.99 -5.01 3.31
N SER A 248 -18.27 -4.76 3.12
CA SER A 248 -19.17 -4.49 4.23
C SER A 248 -20.15 -5.66 4.25
N MET A 249 -20.20 -6.35 5.39
CA MET A 249 -20.87 -7.65 5.42
C MET A 249 -22.32 -7.53 5.02
N VAL A 250 -23.00 -6.50 5.54
CA VAL A 250 -24.41 -6.29 5.24
C VAL A 250 -24.64 -6.13 3.75
N ALA A 251 -23.79 -5.36 3.08
CA ALA A 251 -23.97 -5.16 1.66
C ALA A 251 -23.77 -6.45 0.89
N ASP A 252 -22.73 -7.20 1.22
CA ASP A 252 -22.40 -8.42 0.49
C ASP A 252 -23.45 -9.51 0.67
N VAL A 253 -23.97 -9.66 1.89
CA VAL A 253 -24.97 -10.71 2.13
C VAL A 253 -26.26 -10.39 1.38
N HIS A 254 -26.69 -9.11 1.44
CA HIS A 254 -27.94 -8.68 0.79
C HIS A 254 -27.90 -8.86 -0.72
N ARG A 255 -26.77 -8.54 -1.35
CA ARG A 255 -26.61 -8.82 -2.78
C ARG A 255 -26.77 -10.31 -3.05
N THR A 256 -26.13 -11.16 -2.23
CA THR A 256 -26.26 -12.61 -2.39
C THR A 256 -27.71 -13.04 -2.27
N LEU A 257 -28.46 -12.39 -1.38
CA LEU A 257 -29.89 -12.62 -1.29
C LEU A 257 -30.62 -12.19 -2.55
N VAL A 258 -30.22 -11.07 -3.17
CA VAL A 258 -30.98 -10.57 -4.33
C VAL A 258 -30.58 -11.29 -5.62
N TYR A 259 -29.30 -11.64 -5.78
CA TYR A 259 -28.84 -12.17 -7.06
C TYR A 259 -28.46 -13.64 -7.01
N GLY A 260 -28.35 -14.21 -5.82
CA GLY A 260 -27.85 -15.55 -5.65
C GLY A 260 -26.32 -15.59 -5.63
N GLY A 261 -25.81 -16.77 -5.30
CA GLY A 261 -24.38 -16.98 -5.14
C GLY A 261 -24.03 -17.37 -3.72
N ILE A 262 -22.80 -17.05 -3.33
CA ILE A 262 -22.20 -17.49 -2.08
C ILE A 262 -21.34 -16.37 -1.51
N PHE A 263 -21.42 -16.17 -0.20
CA PHE A 263 -20.57 -15.25 0.54
C PHE A 263 -19.72 -16.06 1.52
N LEU A 264 -18.43 -15.72 1.61
CA LEU A 264 -17.46 -16.48 2.39
C LEU A 264 -16.57 -15.56 3.21
N TYR A 265 -16.59 -15.72 4.54
CA TYR A 265 -15.53 -15.24 5.43
C TYR A 265 -15.05 -16.48 6.16
N PRO A 266 -14.19 -17.27 5.52
CA PRO A 266 -13.90 -18.62 6.03
C PRO A 266 -12.79 -18.58 7.06
N ALA A 267 -12.57 -19.75 7.67
CA ALA A 267 -11.50 -19.95 8.63
C ALA A 267 -10.20 -20.28 7.92
N ASN A 268 -9.12 -19.58 8.27
CA ASN A 268 -7.81 -20.00 7.82
C ASN A 268 -7.06 -20.56 9.02
N LYS A 269 -5.73 -20.58 8.93
CA LYS A 269 -4.92 -21.00 10.07
C LYS A 269 -4.53 -19.85 10.98
N LYS A 270 -4.35 -18.65 10.41
CA LYS A 270 -4.11 -17.49 11.23
C LYS A 270 -5.34 -17.13 12.07
N SER A 271 -6.52 -17.56 11.63
CA SER A 271 -7.79 -17.28 12.33
C SER A 271 -8.65 -18.52 12.20
N PRO A 272 -8.40 -19.53 13.05
CA PRO A 272 -9.12 -20.80 12.92
C PRO A 272 -10.59 -20.71 13.23
N ASN A 273 -11.04 -19.64 13.87
CA ASN A 273 -12.46 -19.46 14.12
C ASN A 273 -13.06 -18.32 13.31
N GLY A 274 -12.39 -17.88 12.25
CA GLY A 274 -12.89 -16.77 11.47
C GLY A 274 -12.78 -15.47 12.24
N LYS A 275 -13.24 -14.40 11.60
CA LYS A 275 -13.18 -13.11 12.26
C LYS A 275 -14.54 -12.52 12.59
N LEU A 276 -15.59 -12.85 11.84
CA LEU A 276 -16.91 -12.29 12.09
C LEU A 276 -17.52 -12.86 13.37
N ARG A 277 -18.28 -12.02 14.07
CA ARG A 277 -18.87 -12.37 15.36
C ARG A 277 -20.17 -13.16 15.24
N LEU A 278 -20.33 -14.15 16.12
CA LEU A 278 -21.43 -15.10 15.97
C LEU A 278 -22.76 -14.50 16.37
N LEU A 279 -22.81 -13.78 17.49
CA LEU A 279 -24.10 -13.38 18.05
C LEU A 279 -24.81 -12.36 17.17
N TYR A 280 -24.09 -11.30 16.77
CA TYR A 280 -24.69 -10.14 16.12
C TYR A 280 -24.20 -9.92 14.70
N GLU A 281 -23.44 -10.84 14.13
CA GLU A 281 -23.20 -10.77 12.69
C GLU A 281 -23.59 -12.07 12.00
N CYS A 282 -22.96 -13.19 12.36
CA CYS A 282 -23.17 -14.45 11.65
C CYS A 282 -24.57 -15.03 11.90
N ASN A 283 -24.99 -15.14 13.15
CA ASN A 283 -26.28 -15.76 13.41
C ASN A 283 -27.42 -15.00 12.75
N PRO A 284 -27.54 -13.67 12.89
CA PRO A 284 -28.65 -12.98 12.21
C PRO A 284 -28.61 -13.13 10.71
N MET A 285 -27.42 -13.11 10.09
CA MET A 285 -27.35 -13.33 8.66
C MET A 285 -27.71 -14.76 8.28
N ALA A 286 -27.27 -15.74 9.09
CA ALA A 286 -27.68 -17.12 8.86
C ALA A 286 -29.19 -17.31 9.02
N TYR A 287 -29.79 -16.67 10.02
CA TYR A 287 -31.23 -16.79 10.22
C TYR A 287 -31.99 -16.29 9.01
N VAL A 288 -31.63 -15.11 8.50
CA VAL A 288 -32.23 -14.59 7.28
C VAL A 288 -32.07 -15.60 6.14
N MET A 289 -30.84 -16.07 5.94
CA MET A 289 -30.58 -16.97 4.82
C MET A 289 -31.47 -18.19 4.85
N GLU A 290 -31.57 -18.86 6.01
CA GLU A 290 -32.34 -20.09 6.09
C GLU A 290 -33.83 -19.82 5.88
N LYS A 291 -34.38 -18.78 6.51
CA LYS A 291 -35.80 -18.49 6.31
C LYS A 291 -36.11 -18.10 4.88
N ALA A 292 -35.10 -17.86 4.05
CA ALA A 292 -35.33 -17.54 2.66
C ALA A 292 -34.95 -18.70 1.76
N GLY A 293 -34.66 -19.87 2.34
CA GLY A 293 -34.30 -21.03 1.58
C GLY A 293 -32.81 -21.24 1.36
N GLY A 294 -31.95 -20.40 1.98
CA GLY A 294 -30.52 -20.50 1.82
C GLY A 294 -29.85 -21.30 2.92
N MET A 295 -28.51 -21.27 2.93
CA MET A 295 -27.74 -22.03 3.90
C MET A 295 -26.65 -21.18 4.49
N ALA A 296 -26.25 -21.54 5.70
CA ALA A 296 -25.13 -20.88 6.35
C ALA A 296 -24.45 -21.90 7.23
N THR A 297 -23.20 -22.21 6.91
CA THR A 297 -22.40 -23.24 7.55
C THR A 297 -21.06 -22.65 7.98
N THR A 298 -20.45 -23.23 9.02
CA THR A 298 -19.08 -22.90 9.37
C THR A 298 -18.08 -23.77 8.65
N GLY A 299 -18.54 -24.80 7.93
CA GLY A 299 -17.70 -25.86 7.46
C GLY A 299 -17.88 -27.12 8.29
N LYS A 300 -17.76 -27.00 9.61
CA LYS A 300 -17.95 -28.18 10.45
C LYS A 300 -19.40 -28.40 10.84
N GLU A 301 -20.16 -27.32 11.07
CA GLU A 301 -21.54 -27.41 11.54
C GLU A 301 -22.28 -26.19 11.03
N ALA A 302 -23.60 -26.26 11.05
CA ALA A 302 -24.41 -25.10 10.70
C ALA A 302 -24.18 -23.96 11.70
N VAL A 303 -24.20 -22.72 11.18
CA VAL A 303 -23.95 -21.54 12.00
C VAL A 303 -24.95 -21.46 13.16
N LEU A 304 -26.21 -21.77 12.89
CA LEU A 304 -27.24 -21.68 13.93
C LEU A 304 -27.07 -22.73 15.04
N ASP A 305 -26.31 -23.79 14.79
CA ASP A 305 -26.16 -24.81 15.81
C ASP A 305 -25.01 -24.56 16.78
N VAL A 306 -24.11 -23.62 16.47
CA VAL A 306 -23.00 -23.33 17.37
C VAL A 306 -23.53 -22.74 18.66
N ILE A 307 -23.13 -23.32 19.78
CA ILE A 307 -23.52 -22.83 21.10
C ILE A 307 -22.43 -21.86 21.56
N PRO A 308 -22.73 -20.59 21.71
CA PRO A 308 -21.67 -19.65 22.04
C PRO A 308 -21.23 -19.85 23.48
N THR A 309 -19.95 -19.58 23.73
CA THR A 309 -19.45 -19.58 25.09
C THR A 309 -19.07 -18.18 25.59
N ASP A 310 -18.84 -17.23 24.67
CA ASP A 310 -18.53 -15.84 25.00
C ASP A 310 -19.31 -14.97 24.03
N ILE A 311 -19.81 -13.81 24.50
CA ILE A 311 -20.72 -13.02 23.65
C ILE A 311 -20.03 -12.47 22.41
N HIS A 312 -18.71 -12.29 22.43
CA HIS A 312 -18.00 -11.76 21.28
C HIS A 312 -17.18 -12.81 20.54
N GLN A 313 -17.52 -14.09 20.69
CA GLN A 313 -16.75 -15.12 20.01
C GLN A 313 -16.98 -15.05 18.51
N ARG A 314 -15.97 -15.46 17.76
CA ARG A 314 -16.01 -15.41 16.31
C ARG A 314 -16.39 -16.77 15.75
N ALA A 315 -16.77 -16.76 14.47
CA ALA A 315 -17.15 -18.00 13.80
C ALA A 315 -16.95 -17.81 12.31
N PRO A 316 -16.39 -18.78 11.60
CA PRO A 316 -16.38 -18.70 10.14
C PRO A 316 -17.78 -18.85 9.59
N VAL A 317 -18.02 -18.24 8.44
CA VAL A 317 -19.35 -18.27 7.83
C VAL A 317 -19.21 -18.37 6.33
N ILE A 318 -19.94 -19.32 5.74
CA ILE A 318 -20.08 -19.47 4.30
C ILE A 318 -21.58 -19.59 4.06
N LEU A 319 -22.16 -18.65 3.32
CA LEU A 319 -23.61 -18.64 3.14
C LEU A 319 -23.95 -18.26 1.71
N GLY A 320 -25.22 -18.44 1.37
CA GLY A 320 -25.71 -18.10 0.05
C GLY A 320 -26.66 -19.13 -0.54
N SER A 321 -26.63 -19.30 -1.87
CA SER A 321 -27.53 -20.25 -2.50
C SER A 321 -27.25 -21.67 -2.01
N PRO A 322 -28.29 -22.50 -1.88
CA PRO A 322 -28.06 -23.85 -1.32
C PRO A 322 -27.12 -24.69 -2.17
N ASP A 323 -27.33 -24.71 -3.50
CA ASP A 323 -26.44 -25.47 -4.38
C ASP A 323 -24.99 -25.01 -4.27
N ASP A 324 -24.76 -23.71 -4.13
CA ASP A 324 -23.38 -23.25 -4.08
C ASP A 324 -22.70 -23.53 -2.75
N VAL A 325 -23.42 -23.38 -1.62
CA VAL A 325 -22.83 -23.78 -0.35
C VAL A 325 -22.52 -25.27 -0.37
N LEU A 326 -23.38 -26.06 -1.04
CA LEU A 326 -23.13 -27.49 -1.18
C LEU A 326 -21.84 -27.77 -1.97
N GLU A 327 -21.65 -27.14 -3.14
CA GLU A 327 -20.45 -27.40 -3.90
C GLU A 327 -19.21 -27.10 -3.09
N PHE A 328 -19.27 -26.06 -2.27
CA PHE A 328 -18.16 -25.79 -1.38
C PHE A 328 -17.99 -26.91 -0.37
N LEU A 329 -19.10 -27.37 0.22
CA LEU A 329 -19.01 -28.41 1.24
C LEU A 329 -18.44 -29.70 0.67
N LYS A 330 -18.72 -30.00 -0.61
CA LYS A 330 -18.08 -31.14 -1.26
C LYS A 330 -16.57 -30.98 -1.27
N VAL A 331 -16.08 -29.79 -1.63
CA VAL A 331 -14.65 -29.55 -1.68
C VAL A 331 -14.05 -29.50 -0.28
N TYR A 332 -14.80 -28.97 0.70
CA TYR A 332 -14.30 -28.92 2.07
C TYR A 332 -14.11 -30.31 2.64
N GLU A 333 -15.15 -31.14 2.52
CA GLU A 333 -15.05 -32.53 2.95
C GLU A 333 -14.06 -33.29 2.07
N LYS A 334 -13.89 -32.88 0.82
CA LYS A 334 -12.89 -33.50 -0.04
C LYS A 334 -11.50 -33.34 0.57
N HIS A 335 -11.27 -32.24 1.29
CA HIS A 335 -9.98 -31.98 1.94
C HIS A 335 -9.97 -32.48 3.39
N SER A 336 -10.59 -33.63 3.61
CA SER A 336 -10.62 -34.39 4.86
C SER A 336 -11.32 -33.67 6.02
N ASP B 10 -13.82 28.12 7.58
CA ASP B 10 -14.98 28.89 7.13
C ASP B 10 -15.81 28.06 6.14
N VAL B 11 -17.13 28.05 6.33
CA VAL B 11 -17.98 27.17 5.52
C VAL B 11 -18.03 27.64 4.06
N ASN B 12 -18.10 26.68 3.16
CA ASN B 12 -18.15 26.94 1.73
C ASN B 12 -18.95 25.84 1.05
N THR B 13 -19.75 26.24 0.09
CA THR B 13 -20.63 25.35 -0.64
C THR B 13 -20.12 25.21 -2.08
N LEU B 14 -20.62 24.20 -2.78
CA LEU B 14 -20.24 23.99 -4.17
C LEU B 14 -20.58 25.20 -5.04
N THR B 15 -21.79 25.74 -4.90
CA THR B 15 -22.16 26.87 -5.76
C THR B 15 -21.31 28.10 -5.50
N ARG B 16 -21.07 28.42 -4.23
CA ARG B 16 -20.32 29.62 -3.91
C ARG B 16 -18.87 29.46 -4.35
N PHE B 17 -18.33 28.25 -4.24
CA PHE B 17 -16.96 27.97 -4.67
C PHE B 17 -16.81 28.09 -6.18
N VAL B 18 -17.78 27.57 -6.94
CA VAL B 18 -17.71 27.65 -8.40
C VAL B 18 -17.76 29.10 -8.85
N MET B 19 -18.58 29.91 -8.18
CA MET B 19 -18.67 31.34 -8.50
C MET B 19 -17.37 32.08 -8.15
N GLU B 20 -16.75 31.76 -7.00
CA GLU B 20 -15.50 32.42 -6.66
C GLU B 20 -14.43 32.14 -7.71
N GLU B 21 -14.18 30.87 -8.04
CA GLU B 21 -13.17 30.59 -9.05
C GLU B 21 -13.56 31.15 -10.41
N GLY B 22 -14.85 31.20 -10.70
CA GLY B 22 -15.28 31.72 -11.99
C GLY B 22 -15.05 33.21 -12.10
N ARG B 23 -15.23 33.94 -11.00
CA ARG B 23 -14.94 35.37 -11.01
C ARG B 23 -13.44 35.62 -11.07
N LYS B 24 -12.67 34.88 -10.28
CA LYS B 24 -11.22 35.03 -10.30
C LYS B 24 -10.68 34.89 -11.71
N ALA B 25 -11.34 34.10 -12.54
CA ALA B 25 -10.92 33.90 -13.93
C ALA B 25 -11.60 34.86 -14.88
N ARG B 26 -12.51 35.70 -14.38
CA ARG B 26 -13.13 36.74 -15.19
C ARG B 26 -13.81 36.16 -16.43
N GLY B 27 -14.48 35.00 -16.26
CA GLY B 27 -15.19 34.37 -17.37
C GLY B 27 -16.63 34.82 -17.51
N THR B 28 -17.28 34.34 -18.57
CA THR B 28 -18.63 34.81 -18.90
C THR B 28 -19.70 34.23 -17.98
N GLY B 29 -19.41 33.17 -17.24
CA GLY B 29 -20.39 32.51 -16.42
C GLY B 29 -21.06 31.32 -17.08
N GLU B 30 -20.80 31.08 -18.37
CA GLU B 30 -21.45 29.96 -19.05
C GLU B 30 -21.08 28.63 -18.40
N LEU B 31 -19.86 28.50 -17.89
CA LEU B 31 -19.49 27.26 -17.21
C LEU B 31 -20.14 27.13 -15.82
N THR B 32 -20.19 28.23 -15.07
CA THR B 32 -20.86 28.22 -13.77
C THR B 32 -22.33 27.87 -13.93
N GLN B 33 -22.97 28.43 -14.96
CA GLN B 33 -24.35 28.10 -15.27
C GLN B 33 -24.51 26.61 -15.57
N LEU B 34 -23.52 26.04 -16.27
CA LEU B 34 -23.53 24.60 -16.53
C LEU B 34 -23.49 23.82 -15.24
N LEU B 35 -22.51 24.14 -14.41
CA LEU B 35 -22.26 23.35 -13.22
C LEU B 35 -23.42 23.47 -12.24
N ASN B 36 -23.98 24.67 -12.09
CA ASN B 36 -25.13 24.85 -11.21
C ASN B 36 -26.32 24.01 -11.66
N SER B 37 -26.60 24.00 -12.96
CA SER B 37 -27.69 23.17 -13.47
C SER B 37 -27.37 21.70 -13.27
N LEU B 38 -26.13 21.32 -13.49
CA LEU B 38 -25.75 19.91 -13.32
C LEU B 38 -25.87 19.50 -11.87
N CYS B 39 -25.36 20.34 -10.97
CA CYS B 39 -25.48 20.08 -9.54
C CYS B 39 -26.95 19.89 -9.12
N THR B 40 -27.85 20.71 -9.63
CA THR B 40 -29.26 20.58 -9.27
C THR B 40 -29.84 19.24 -9.75
N ALA B 41 -29.47 18.77 -10.94
CA ALA B 41 -29.94 17.46 -11.37
C ALA B 41 -29.40 16.34 -10.47
N VAL B 42 -28.16 16.47 -10.01
CA VAL B 42 -27.60 15.48 -9.08
C VAL B 42 -28.43 15.43 -7.80
N LYS B 43 -28.82 16.61 -7.29
CA LYS B 43 -29.64 16.66 -6.10
C LYS B 43 -30.98 15.97 -6.32
N ALA B 44 -31.52 16.08 -7.54
CA ALA B 44 -32.79 15.43 -7.83
C ALA B 44 -32.63 13.92 -7.93
N ILE B 45 -31.58 13.47 -8.61
CA ILE B 45 -31.31 12.04 -8.74
C ILE B 45 -31.08 11.41 -7.37
N SER B 46 -30.34 12.10 -6.50
CA SER B 46 -30.15 11.57 -5.16
C SER B 46 -31.49 11.35 -4.47
N SER B 47 -32.41 12.30 -4.59
CA SER B 47 -33.68 12.19 -3.90
C SER B 47 -34.46 10.97 -4.40
N ALA B 48 -34.43 10.74 -5.71
CA ALA B 48 -35.15 9.62 -6.26
C ALA B 48 -34.45 8.30 -5.98
N VAL B 49 -33.11 8.29 -6.04
CA VAL B 49 -32.32 7.08 -5.83
C VAL B 49 -32.48 6.55 -4.41
N ARG B 50 -32.58 7.44 -3.43
CA ARG B 50 -32.93 7.11 -2.04
C ARG B 50 -34.40 6.78 -1.87
N LYS B 51 -35.12 6.65 -2.99
CA LYS B 51 -36.51 6.21 -3.05
C LYS B 51 -37.42 7.16 -2.28
N ALA B 52 -37.10 8.46 -2.32
CA ALA B 52 -37.99 9.45 -1.74
C ALA B 52 -39.29 9.49 -2.53
N GLY B 53 -40.40 9.46 -1.80
CA GLY B 53 -41.72 9.45 -2.40
C GLY B 53 -42.19 8.10 -2.91
N ILE B 54 -41.48 7.00 -2.63
CA ILE B 54 -41.89 5.70 -3.19
C ILE B 54 -43.24 5.25 -2.63
N ALA B 55 -43.67 5.78 -1.47
CA ALA B 55 -44.96 5.39 -0.91
C ALA B 55 -46.11 5.68 -1.88
N HIS B 56 -46.01 6.75 -2.67
CA HIS B 56 -47.00 6.99 -3.71
C HIS B 56 -46.83 6.04 -4.89
N LEU B 57 -45.59 5.58 -5.14
CA LEU B 57 -45.37 4.56 -6.18
C LEU B 57 -46.01 3.24 -5.79
N TYR B 58 -46.22 2.99 -4.49
CA TYR B 58 -46.88 1.79 -4.00
C TYR B 58 -48.29 2.08 -3.47
N GLY B 59 -48.96 3.07 -4.04
CA GLY B 59 -50.37 3.28 -3.78
C GLY B 59 -50.78 3.67 -2.37
N ILE B 60 -50.06 4.60 -1.74
CA ILE B 60 -50.50 5.07 -0.44
C ILE B 60 -51.79 5.87 -0.53
N ALA B 61 -52.18 6.34 -1.73
CA ALA B 61 -53.47 6.96 -1.96
C ALA B 61 -54.24 6.30 -3.11
N GLY B 62 -54.06 4.99 -3.31
CA GLY B 62 -54.78 4.30 -4.36
C GLY B 62 -54.36 4.67 -5.77
N LYS B 73 -37.57 2.67 -13.58
CA LYS B 73 -37.31 3.62 -14.64
C LYS B 73 -36.23 4.61 -14.22
N LEU B 74 -35.44 4.20 -13.22
CA LEU B 74 -34.63 5.16 -12.49
C LEU B 74 -33.48 5.70 -13.33
N ASP B 75 -32.88 4.89 -14.19
CA ASP B 75 -31.84 5.44 -15.03
C ASP B 75 -32.41 6.25 -16.19
N VAL B 76 -33.61 5.91 -16.66
CA VAL B 76 -34.28 6.73 -17.66
C VAL B 76 -34.68 8.08 -17.09
N LEU B 77 -35.23 8.08 -15.87
CA LEU B 77 -35.48 9.35 -15.20
C LEU B 77 -34.19 10.13 -15.04
N SER B 78 -33.11 9.42 -14.70
CA SER B 78 -31.81 10.05 -14.53
C SER B 78 -31.37 10.79 -15.80
N ASN B 79 -31.51 10.14 -16.95
CA ASN B 79 -31.10 10.77 -18.19
C ASN B 79 -31.95 12.00 -18.47
N ASP B 80 -33.27 11.86 -18.39
CA ASP B 80 -34.14 13.00 -18.69
C ASP B 80 -33.81 14.19 -17.80
N LEU B 81 -33.46 13.92 -16.53
CA LEU B 81 -33.08 15.02 -15.64
C LEU B 81 -31.83 15.73 -16.12
N VAL B 82 -30.76 14.99 -16.42
CA VAL B 82 -29.52 15.64 -16.81
C VAL B 82 -29.71 16.31 -18.17
N MET B 83 -30.35 15.62 -19.10
CA MET B 83 -30.65 16.21 -20.41
C MET B 83 -31.43 17.51 -20.27
N ASN B 84 -32.55 17.50 -19.54
CA ASN B 84 -33.35 18.71 -19.46
C ASN B 84 -32.61 19.81 -18.73
N MET B 85 -31.87 19.45 -17.68
CA MET B 85 -31.16 20.46 -16.90
C MET B 85 -29.98 21.04 -17.66
N LEU B 86 -29.34 20.25 -18.52
CA LEU B 86 -28.24 20.79 -19.31
C LEU B 86 -28.76 21.66 -20.46
N LYS B 87 -29.75 21.15 -21.20
CA LYS B 87 -30.33 21.91 -22.29
C LYS B 87 -30.78 23.29 -21.83
N SER B 88 -31.44 23.37 -20.69
CA SER B 88 -32.00 24.63 -20.23
C SER B 88 -30.99 25.52 -19.52
N SER B 89 -29.72 25.14 -19.49
CA SER B 89 -28.72 26.02 -18.89
C SER B 89 -28.24 27.10 -19.85
N PHE B 90 -28.51 26.94 -21.15
CA PHE B 90 -28.00 27.84 -22.18
C PHE B 90 -26.48 27.86 -22.15
N ALA B 91 -25.89 26.70 -21.91
CA ALA B 91 -24.43 26.57 -21.90
C ALA B 91 -23.94 25.34 -22.66
N THR B 92 -24.82 24.58 -23.30
CA THR B 92 -24.44 23.34 -23.95
C THR B 92 -24.87 23.37 -25.42
N CYS B 93 -24.15 22.60 -26.25
CA CYS B 93 -24.52 22.42 -27.65
C CYS B 93 -24.60 20.95 -28.05
N VAL B 94 -23.70 20.10 -27.54
CA VAL B 94 -23.70 18.67 -27.85
C VAL B 94 -23.64 17.90 -26.54
N LEU B 95 -24.52 16.90 -26.42
CA LEU B 95 -24.62 16.08 -25.24
C LEU B 95 -24.47 14.61 -25.67
N VAL B 96 -23.50 13.92 -25.10
CA VAL B 96 -23.33 12.49 -25.32
C VAL B 96 -23.68 11.79 -24.02
N SER B 97 -24.58 10.83 -24.09
CA SER B 97 -25.04 10.12 -22.91
C SER B 97 -24.98 8.63 -23.15
N GLU B 98 -24.63 7.89 -22.11
CA GLU B 98 -24.67 6.43 -22.17
C GLU B 98 -26.04 5.93 -22.58
N GLU B 99 -27.11 6.68 -22.29
CA GLU B 99 -28.47 6.22 -22.53
C GLU B 99 -28.93 6.37 -23.98
N ASP B 100 -28.29 7.22 -24.77
CA ASP B 100 -28.76 7.60 -26.11
C ASP B 100 -27.73 7.20 -27.15
N LYS B 101 -28.18 6.49 -28.19
CA LYS B 101 -27.23 5.93 -29.16
C LYS B 101 -26.50 7.04 -29.93
N HIS B 102 -27.20 8.09 -30.32
CA HIS B 102 -26.57 9.23 -30.95
C HIS B 102 -26.49 10.39 -29.99
N ALA B 103 -25.52 11.26 -30.25
CA ALA B 103 -25.41 12.48 -29.47
C ALA B 103 -26.64 13.35 -29.72
N ILE B 104 -27.09 14.03 -28.69
CA ILE B 104 -28.18 14.99 -28.81
C ILE B 104 -27.57 16.32 -29.16
N ILE B 105 -28.19 17.03 -30.10
CA ILE B 105 -27.72 18.35 -30.48
C ILE B 105 -28.73 19.35 -29.92
N VAL B 106 -28.27 20.18 -28.97
CA VAL B 106 -29.18 21.09 -28.29
C VAL B 106 -29.78 22.03 -29.31
N GLU B 107 -31.08 22.29 -29.18
CA GLU B 107 -31.75 23.15 -30.15
C GLU B 107 -31.18 24.57 -30.15
N PRO B 108 -31.22 25.25 -31.31
CA PRO B 108 -30.42 26.47 -31.50
C PRO B 108 -30.71 27.58 -30.49
N GLU B 109 -31.96 27.74 -30.07
CA GLU B 109 -32.29 28.80 -29.13
C GLU B 109 -31.65 28.57 -27.75
N LYS B 110 -31.38 27.33 -27.37
CA LYS B 110 -30.78 27.01 -26.08
C LYS B 110 -29.28 26.70 -26.17
N ARG B 111 -28.62 27.08 -27.26
CA ARG B 111 -27.26 26.63 -27.50
C ARG B 111 -26.20 27.42 -26.74
N GLY B 112 -25.22 26.68 -26.24
CA GLY B 112 -24.10 27.25 -25.53
C GLY B 112 -22.83 26.60 -26.03
N LYS B 113 -21.71 26.89 -25.36
CA LYS B 113 -20.42 26.61 -25.96
C LYS B 113 -19.75 25.37 -25.40
N TYR B 114 -20.47 24.51 -24.69
CA TYR B 114 -19.83 23.38 -24.01
C TYR B 114 -20.43 22.05 -24.44
N VAL B 115 -19.56 21.03 -24.43
CA VAL B 115 -19.92 19.65 -24.76
C VAL B 115 -19.84 18.83 -23.50
N VAL B 116 -20.85 18.00 -23.26
CA VAL B 116 -20.94 17.21 -22.04
C VAL B 116 -21.20 15.76 -22.39
N CYS B 117 -20.33 14.89 -21.90
CA CYS B 117 -20.53 13.45 -21.92
C CYS B 117 -20.83 13.03 -20.49
N PHE B 118 -21.88 12.22 -20.28
CA PHE B 118 -22.21 11.76 -18.94
C PHE B 118 -22.82 10.38 -18.96
N ASP B 119 -22.58 9.67 -17.88
CA ASP B 119 -23.38 8.53 -17.46
C ASP B 119 -24.27 9.01 -16.31
N PRO B 120 -25.58 9.19 -16.50
CA PRO B 120 -26.40 9.74 -15.41
C PRO B 120 -26.65 8.76 -14.28
N LEU B 121 -26.66 7.45 -14.56
CA LEU B 121 -26.87 6.49 -13.48
C LEU B 121 -26.03 5.24 -13.82
N ASP B 122 -24.74 5.33 -13.46
CA ASP B 122 -23.78 4.27 -13.70
C ASP B 122 -23.89 3.15 -12.68
N GLY B 123 -23.77 1.92 -13.16
CA GLY B 123 -23.91 0.79 -12.29
C GLY B 123 -25.33 0.43 -11.96
N SER B 124 -26.29 1.11 -12.58
CA SER B 124 -27.71 1.00 -12.27
C SER B 124 -28.30 -0.36 -12.58
N SER B 125 -27.59 -1.19 -13.35
CA SER B 125 -28.07 -2.55 -13.60
C SER B 125 -28.06 -3.37 -12.32
N ASN B 126 -27.23 -2.98 -11.35
CA ASN B 126 -27.16 -3.60 -10.03
C ASN B 126 -27.99 -2.86 -8.98
N ILE B 127 -28.97 -2.03 -9.38
CA ILE B 127 -29.61 -1.21 -8.37
C ILE B 127 -30.66 -1.99 -7.55
N ASP B 128 -31.02 -3.21 -7.99
CA ASP B 128 -31.94 -4.05 -7.21
C ASP B 128 -31.35 -4.48 -5.87
N CYS B 129 -30.03 -4.48 -5.74
CA CYS B 129 -29.39 -4.85 -4.48
C CYS B 129 -28.91 -3.63 -3.71
N LEU B 130 -29.30 -2.43 -4.12
CA LEU B 130 -28.96 -1.18 -3.43
C LEU B 130 -27.45 -0.90 -3.41
N VAL B 131 -26.77 -1.39 -4.44
CA VAL B 131 -25.37 -1.06 -4.64
C VAL B 131 -25.20 0.43 -4.87
N SER B 132 -24.00 0.93 -4.59
CA SER B 132 -23.67 2.31 -4.91
C SER B 132 -23.83 2.53 -6.40
N VAL B 133 -24.44 3.66 -6.76
CA VAL B 133 -24.55 4.09 -8.14
C VAL B 133 -24.02 5.51 -8.25
N GLY B 134 -23.91 5.99 -9.48
CA GLY B 134 -23.30 7.29 -9.64
C GLY B 134 -23.65 7.94 -10.95
N THR B 135 -23.35 9.23 -11.00
CA THR B 135 -23.42 10.04 -12.20
C THR B 135 -22.00 10.49 -12.50
N ILE B 136 -21.51 10.22 -13.72
CA ILE B 136 -20.17 10.63 -14.16
C ILE B 136 -20.33 11.65 -15.27
N PHE B 137 -19.47 12.68 -15.29
CA PHE B 137 -19.56 13.70 -16.33
C PHE B 137 -18.19 14.24 -16.72
N GLY B 138 -18.07 14.59 -18.00
CA GLY B 138 -16.92 15.33 -18.48
C GLY B 138 -17.38 16.47 -19.38
N ILE B 139 -16.69 17.60 -19.27
CA ILE B 139 -17.10 18.81 -19.97
C ILE B 139 -15.95 19.27 -20.89
N TYR B 140 -16.25 19.40 -22.19
CA TYR B 140 -15.29 19.88 -23.17
C TYR B 140 -15.81 21.17 -23.78
N ARG B 141 -14.90 22.08 -24.12
CA ARG B 141 -15.31 23.24 -24.90
C ARG B 141 -15.58 22.81 -26.34
N LYS B 142 -16.67 23.32 -26.90
CA LYS B 142 -16.96 23.19 -28.33
C LYS B 142 -15.71 23.46 -29.14
N LYS B 143 -15.43 22.59 -30.11
CA LYS B 143 -14.17 22.69 -30.84
C LYS B 143 -14.31 23.60 -32.07
N SER B 144 -15.26 23.30 -32.94
CA SER B 144 -15.45 24.12 -34.12
C SER B 144 -16.35 25.32 -33.80
N THR B 145 -16.45 26.23 -34.76
CA THR B 145 -17.48 27.25 -34.73
C THR B 145 -18.55 26.94 -35.76
N ASP B 146 -18.44 25.77 -36.39
CA ASP B 146 -19.40 25.25 -37.34
C ASP B 146 -20.69 24.84 -36.63
N GLU B 147 -21.60 24.32 -37.42
CA GLU B 147 -22.78 23.65 -36.88
C GLU B 147 -22.32 22.51 -35.98
N PRO B 148 -22.78 22.45 -34.73
CA PRO B 148 -22.29 21.43 -33.81
C PRO B 148 -22.74 20.03 -34.20
N SER B 149 -21.84 19.05 -34.04
CA SER B 149 -22.16 17.67 -34.42
C SER B 149 -21.39 16.74 -33.50
N GLU B 150 -21.58 15.42 -33.73
CA GLU B 150 -20.89 14.44 -32.91
C GLU B 150 -19.39 14.64 -32.91
N LYS B 151 -18.81 15.11 -34.03
CA LYS B 151 -17.36 15.30 -34.06
C LYS B 151 -16.92 16.21 -32.92
N ASP B 152 -17.81 17.05 -32.39
CA ASP B 152 -17.44 17.93 -31.30
C ASP B 152 -17.23 17.16 -29.99
N ALA B 153 -17.83 15.97 -29.86
CA ALA B 153 -17.59 15.15 -28.68
C ALA B 153 -16.42 14.20 -28.87
N LEU B 154 -15.87 14.09 -30.06
CA LEU B 154 -14.80 13.12 -30.35
C LEU B 154 -13.42 13.68 -30.03
N GLN B 155 -13.28 14.48 -28.95
CA GLN B 155 -12.02 15.02 -28.46
C GLN B 155 -11.36 14.07 -27.46
N PRO B 156 -10.04 14.17 -27.31
CA PRO B 156 -9.35 13.40 -26.26
C PRO B 156 -9.53 13.97 -24.85
N GLY B 157 -9.31 13.08 -23.87
CA GLY B 157 -9.45 13.45 -22.48
C GLY B 157 -8.57 14.61 -22.05
N ARG B 158 -7.44 14.83 -22.74
CA ARG B 158 -6.57 15.96 -22.40
C ARG B 158 -7.33 17.28 -22.51
N ASN B 159 -8.33 17.35 -23.39
CA ASN B 159 -9.02 18.60 -23.67
C ASN B 159 -10.09 18.94 -22.64
N LEU B 160 -10.25 18.13 -21.61
CA LEU B 160 -11.28 18.37 -20.62
C LEU B 160 -11.06 19.70 -19.92
N VAL B 161 -12.16 20.44 -19.75
CA VAL B 161 -12.16 21.65 -18.94
C VAL B 161 -12.50 21.35 -17.49
N ALA B 162 -13.49 20.47 -17.28
CA ALA B 162 -13.81 19.99 -15.94
C ALA B 162 -14.47 18.61 -16.08
N ALA B 163 -14.33 17.79 -15.04
CA ALA B 163 -14.92 16.46 -15.06
C ALA B 163 -15.01 15.95 -13.64
N GLY B 164 -15.88 14.96 -13.44
CA GLY B 164 -16.02 14.38 -12.11
C GLY B 164 -17.24 13.49 -12.02
N TYR B 165 -17.71 13.32 -10.80
CA TYR B 165 -18.80 12.39 -10.58
C TYR B 165 -19.53 12.70 -9.28
N ALA B 166 -20.78 12.24 -9.24
CA ALA B 166 -21.57 12.19 -8.02
C ALA B 166 -21.73 10.73 -7.63
N LEU B 167 -21.36 10.40 -6.39
CA LEU B 167 -21.51 9.05 -5.86
C LEU B 167 -22.72 9.01 -4.93
N TYR B 168 -23.68 8.13 -5.24
CA TYR B 168 -24.85 7.90 -4.40
C TYR B 168 -24.62 6.65 -3.54
N GLY B 169 -23.82 6.82 -2.50
CA GLY B 169 -23.52 5.71 -1.64
C GLY B 169 -24.16 5.91 -0.30
N SER B 170 -23.50 5.49 0.78
CA SER B 170 -24.03 5.73 2.12
C SER B 170 -24.35 7.21 2.34
N ALA B 171 -23.57 8.11 1.76
CA ALA B 171 -23.99 9.50 1.61
C ALA B 171 -23.79 9.87 0.14
N THR B 172 -24.24 11.07 -0.25
CA THR B 172 -24.12 11.55 -1.63
C THR B 172 -22.97 12.55 -1.71
N MET B 173 -21.96 12.25 -2.47
CA MET B 173 -20.81 13.12 -2.59
C MET B 173 -20.59 13.53 -4.05
N LEU B 174 -20.15 14.76 -4.23
CA LEU B 174 -19.80 15.31 -5.54
C LEU B 174 -18.29 15.52 -5.59
N VAL B 175 -17.63 14.88 -6.54
CA VAL B 175 -16.20 15.06 -6.74
C VAL B 175 -16.02 15.87 -8.00
N LEU B 176 -15.41 17.04 -7.87
CA LEU B 176 -15.22 17.95 -8.98
C LEU B 176 -13.72 18.15 -9.22
N ALA B 177 -13.29 17.87 -10.45
CA ALA B 177 -11.89 18.02 -10.85
C ALA B 177 -11.79 19.04 -11.98
N MET B 178 -11.10 20.15 -11.71
CA MET B 178 -10.74 21.07 -12.78
C MET B 178 -9.24 21.30 -12.79
N ASP B 179 -8.79 22.32 -13.53
CA ASP B 179 -7.36 22.57 -13.69
C ASP B 179 -6.68 22.77 -12.34
N CYS B 180 -7.33 23.50 -11.43
CA CYS B 180 -6.76 23.80 -10.12
C CYS B 180 -6.57 22.55 -9.27
N GLY B 181 -7.45 21.56 -9.41
CA GLY B 181 -7.31 20.33 -8.67
C GLY B 181 -8.66 19.68 -8.45
N VAL B 182 -8.71 18.80 -7.46
CA VAL B 182 -9.89 18.00 -7.16
C VAL B 182 -10.41 18.44 -5.79
N ASN B 183 -11.72 18.69 -5.70
CA ASN B 183 -12.37 19.03 -4.44
C ASN B 183 -13.62 18.17 -4.29
N CYS B 184 -13.92 17.80 -3.04
CA CYS B 184 -15.03 16.88 -2.71
C CYS B 184 -16.11 17.59 -1.91
N PHE B 185 -17.37 17.43 -2.35
CA PHE B 185 -18.50 18.10 -1.73
C PHE B 185 -19.54 17.08 -1.25
N MET B 186 -19.96 17.23 0.01
CA MET B 186 -20.99 16.39 0.60
C MET B 186 -22.34 17.08 0.55
N LEU B 187 -23.35 16.39 0.04
CA LEU B 187 -24.71 16.92 0.01
C LEU B 187 -25.31 16.84 1.40
N ASP B 188 -25.67 17.98 1.98
CA ASP B 188 -26.45 17.97 3.20
C ASP B 188 -27.89 17.96 2.73
N PRO B 189 -28.58 16.83 2.80
CA PRO B 189 -29.94 16.80 2.27
C PRO B 189 -30.94 17.56 3.12
N ALA B 190 -30.60 17.95 4.35
CA ALA B 190 -31.51 18.78 5.14
C ALA B 190 -31.70 20.17 4.53
N ILE B 191 -30.71 20.69 3.79
CA ILE B 191 -30.79 22.02 3.21
C ILE B 191 -30.51 22.03 1.71
N GLY B 192 -30.24 20.88 1.11
CA GLY B 192 -30.00 20.82 -0.31
C GLY B 192 -28.83 21.64 -0.78
N GLU B 193 -27.72 21.65 -0.03
CA GLU B 193 -26.52 22.33 -0.50
C GLU B 193 -25.33 21.38 -0.34
N PHE B 194 -24.41 21.40 -1.32
CA PHE B 194 -23.21 20.56 -1.27
C PHE B 194 -22.13 21.29 -0.47
N ILE B 195 -21.66 20.67 0.58
CA ILE B 195 -20.71 21.31 1.48
C ILE B 195 -19.33 20.78 1.18
N LEU B 196 -18.40 21.70 0.92
CA LEU B 196 -17.00 21.34 0.71
C LEU B 196 -16.44 20.68 1.95
N VAL B 197 -15.99 19.43 1.83
CA VAL B 197 -15.47 18.69 2.97
C VAL B 197 -14.05 18.18 2.77
N ASP B 198 -13.47 18.31 1.57
CA ASP B 198 -12.08 17.93 1.29
C ASP B 198 -11.52 18.82 0.21
N LYS B 199 -10.57 19.69 0.57
CA LYS B 199 -9.97 20.67 -0.33
C LYS B 199 -8.72 20.12 -1.01
N ASP B 200 -8.65 20.23 -2.32
CA ASP B 200 -7.38 20.02 -3.01
C ASP B 200 -6.82 18.64 -2.69
N VAL B 201 -7.67 17.63 -2.88
CA VAL B 201 -7.34 16.27 -2.47
C VAL B 201 -6.22 15.70 -3.32
N LYS B 202 -5.44 14.81 -2.73
CA LYS B 202 -4.35 14.12 -3.42
C LYS B 202 -4.36 12.64 -3.09
N ILE B 203 -4.18 11.80 -4.09
CA ILE B 203 -4.24 10.37 -3.84
C ILE B 203 -2.96 9.90 -3.17
N LYS B 204 -3.06 8.86 -2.34
CA LYS B 204 -1.90 8.23 -1.75
C LYS B 204 -0.90 7.92 -2.85
N LYS B 205 0.38 8.03 -2.51
CA LYS B 205 1.42 7.67 -3.45
C LYS B 205 1.34 6.19 -3.79
N LYS B 206 1.02 5.34 -2.79
CA LYS B 206 0.89 3.91 -2.96
C LYS B 206 -0.17 3.41 -1.98
N GLY B 207 -1.02 2.50 -2.43
CA GLY B 207 -2.08 1.95 -1.62
C GLY B 207 -1.81 0.53 -1.17
N LYS B 208 -2.87 -0.09 -0.64
CA LYS B 208 -2.84 -1.48 -0.17
C LYS B 208 -4.04 -2.26 -0.68
N ILE B 209 -4.73 -1.79 -1.71
CA ILE B 209 -5.90 -2.45 -2.24
C ILE B 209 -5.81 -2.46 -3.77
N TYR B 210 -6.19 -3.58 -4.36
CA TYR B 210 -6.39 -3.70 -5.79
C TYR B 210 -7.87 -4.00 -6.03
N SER B 211 -8.39 -3.56 -7.17
CA SER B 211 -9.84 -3.60 -7.36
C SER B 211 -10.14 -4.04 -8.79
N LEU B 212 -10.57 -5.29 -8.96
CA LEU B 212 -10.96 -5.78 -10.27
C LEU B 212 -11.77 -7.07 -10.12
N ASN B 213 -12.40 -7.46 -11.23
CA ASN B 213 -13.29 -8.63 -11.33
C ASN B 213 -12.45 -9.86 -11.62
N GLU B 214 -12.07 -10.60 -10.57
CA GLU B 214 -11.26 -11.77 -10.87
C GLU B 214 -12.07 -12.93 -11.46
N GLY B 215 -13.37 -12.76 -11.68
CA GLY B 215 -14.13 -13.82 -12.32
C GLY B 215 -13.72 -14.06 -13.76
N TYR B 216 -13.24 -13.02 -14.44
CA TYR B 216 -12.72 -13.17 -15.79
C TYR B 216 -11.25 -13.56 -15.79
N ALA B 217 -10.78 -14.23 -14.72
CA ALA B 217 -9.36 -14.56 -14.63
C ALA B 217 -8.93 -15.45 -15.79
N LYS B 218 -9.85 -16.26 -16.31
CA LYS B 218 -9.54 -17.19 -17.39
C LYS B 218 -8.95 -16.49 -18.63
N ASP B 219 -9.28 -15.21 -18.86
CA ASP B 219 -8.86 -14.51 -20.08
C ASP B 219 -7.89 -13.37 -19.80
N PHE B 220 -7.26 -13.34 -18.64
CA PHE B 220 -6.43 -12.20 -18.33
C PHE B 220 -5.24 -12.12 -19.27
N ASP B 221 -5.00 -10.93 -19.79
CA ASP B 221 -3.73 -10.62 -20.39
C ASP B 221 -2.63 -11.10 -19.45
N PRO B 222 -1.57 -11.73 -19.95
CA PRO B 222 -0.59 -12.31 -19.02
C PRO B 222 -0.04 -11.29 -18.05
N ALA B 223 0.11 -10.04 -18.50
CA ALA B 223 0.57 -8.99 -17.60
C ALA B 223 -0.39 -8.80 -16.44
N VAL B 224 -1.70 -8.85 -16.71
CA VAL B 224 -2.68 -8.74 -15.64
C VAL B 224 -2.54 -9.90 -14.68
N THR B 225 -2.46 -11.12 -15.21
CA THR B 225 -2.27 -12.27 -14.34
C THR B 225 -1.02 -12.09 -13.49
N GLU B 226 0.08 -11.65 -14.10
CA GLU B 226 1.31 -11.53 -13.32
C GLU B 226 1.19 -10.42 -12.29
N TYR B 227 0.64 -9.26 -12.66
CA TYR B 227 0.51 -8.18 -11.68
C TYR B 227 -0.40 -8.59 -10.53
N ILE B 228 -1.47 -9.35 -10.82
CA ILE B 228 -2.36 -9.78 -9.74
C ILE B 228 -1.66 -10.80 -8.84
N GLN B 229 -0.92 -11.75 -9.43
CA GLN B 229 -0.14 -12.67 -8.61
C GLN B 229 0.81 -11.93 -7.68
N ARG B 230 1.39 -10.81 -8.17
CA ARG B 230 2.32 -10.00 -7.40
C ARG B 230 1.65 -9.31 -6.22
N LYS B 231 0.33 -9.18 -6.23
CA LYS B 231 -0.39 -8.60 -5.11
C LYS B 231 -0.81 -9.64 -4.08
N LYS B 232 -1.08 -10.87 -4.50
CA LYS B 232 -1.41 -11.91 -3.54
C LYS B 232 -0.16 -12.53 -2.91
N PHE B 233 0.95 -12.63 -3.65
CA PHE B 233 2.17 -13.30 -3.20
C PHE B 233 3.38 -12.39 -3.46
N PRO B 234 3.62 -11.42 -2.58
CA PRO B 234 4.68 -10.42 -2.81
C PRO B 234 6.06 -11.06 -2.88
N PRO B 235 6.88 -10.65 -3.85
CA PRO B 235 8.26 -11.15 -3.87
C PRO B 235 9.12 -10.63 -2.72
N ASP B 236 8.90 -9.40 -2.28
CA ASP B 236 9.60 -8.83 -1.12
C ASP B 236 8.99 -9.25 0.22
N ASN B 237 8.15 -10.29 0.24
CA ASN B 237 7.51 -10.82 1.45
C ASN B 237 6.93 -9.71 2.33
N SER B 238 6.42 -8.65 1.70
CA SER B 238 5.65 -7.63 2.40
C SER B 238 4.19 -8.09 2.52
N ALA B 239 3.31 -7.17 2.88
CA ALA B 239 1.93 -7.54 3.08
C ALA B 239 1.19 -7.67 1.75
N PRO B 240 0.36 -8.70 1.58
CA PRO B 240 -0.53 -8.76 0.41
C PRO B 240 -1.50 -7.59 0.41
N TYR B 241 -1.89 -7.17 -0.78
CA TYR B 241 -2.94 -6.16 -0.87
C TYR B 241 -4.28 -6.75 -0.50
N GLY B 242 -5.16 -5.92 0.05
CA GLY B 242 -6.54 -6.33 0.22
C GLY B 242 -7.32 -6.19 -1.08
N ALA B 243 -8.33 -7.04 -1.23
CA ALA B 243 -9.16 -7.02 -2.44
C ALA B 243 -10.52 -6.39 -2.17
N ARG B 244 -10.97 -5.53 -3.09
CA ARG B 244 -12.33 -4.99 -3.10
C ARG B 244 -12.77 -4.80 -4.54
N TYR B 245 -14.05 -5.06 -4.81
CA TYR B 245 -14.61 -4.77 -6.14
C TYR B 245 -16.12 -4.70 -5.96
N VAL B 246 -16.66 -3.47 -5.91
CA VAL B 246 -18.10 -3.24 -5.78
C VAL B 246 -18.83 -3.56 -7.07
N GLY B 247 -18.17 -3.43 -8.20
CA GLY B 247 -18.84 -3.62 -9.47
C GLY B 247 -19.57 -2.41 -9.99
N SER B 248 -19.49 -1.28 -9.29
CA SER B 248 -19.96 -0.01 -9.82
C SER B 248 -18.75 0.90 -9.91
N MET B 249 -18.46 1.42 -11.10
CA MET B 249 -17.17 2.03 -11.30
C MET B 249 -16.98 3.24 -10.38
N VAL B 250 -18.01 4.06 -10.22
CA VAL B 250 -17.92 5.22 -9.36
C VAL B 250 -17.53 4.82 -7.94
N ALA B 251 -18.16 3.77 -7.40
CA ALA B 251 -17.87 3.34 -6.03
C ALA B 251 -16.45 2.83 -5.90
N ASP B 252 -16.01 2.02 -6.86
CA ASP B 252 -14.64 1.50 -6.81
C ASP B 252 -13.63 2.63 -7.02
N VAL B 253 -13.91 3.56 -7.94
CA VAL B 253 -12.96 4.64 -8.20
C VAL B 253 -12.88 5.58 -7.00
N HIS B 254 -14.01 5.93 -6.40
CA HIS B 254 -13.96 6.82 -5.25
C HIS B 254 -13.20 6.18 -4.09
N ARG B 255 -13.40 4.89 -3.86
CA ARG B 255 -12.60 4.25 -2.82
C ARG B 255 -11.11 4.37 -3.13
N THR B 256 -10.72 4.14 -4.40
CA THR B 256 -9.30 4.26 -4.78
C THR B 256 -8.76 5.66 -4.54
N LEU B 257 -9.56 6.69 -4.81
CA LEU B 257 -9.15 8.06 -4.54
C LEU B 257 -8.95 8.31 -3.05
N VAL B 258 -9.85 7.77 -2.22
CA VAL B 258 -9.88 8.10 -0.81
C VAL B 258 -8.86 7.27 -0.03
N TYR B 259 -8.66 6.00 -0.39
CA TYR B 259 -7.82 5.06 0.35
C TYR B 259 -6.54 4.69 -0.38
N GLY B 260 -6.41 5.05 -1.66
CA GLY B 260 -5.26 4.64 -2.44
C GLY B 260 -5.44 3.24 -2.97
N GLY B 261 -4.50 2.83 -3.81
CA GLY B 261 -4.60 1.53 -4.43
C GLY B 261 -4.79 1.59 -5.92
N ILE B 262 -5.36 0.55 -6.51
CA ILE B 262 -5.44 0.42 -7.96
C ILE B 262 -6.77 -0.21 -8.36
N PHE B 263 -7.37 0.32 -9.42
CA PHE B 263 -8.56 -0.22 -10.06
C PHE B 263 -8.21 -0.63 -11.47
N LEU B 264 -8.63 -1.83 -11.90
CA LEU B 264 -8.27 -2.34 -13.22
C LEU B 264 -9.50 -2.93 -13.91
N TYR B 265 -9.82 -2.40 -15.09
CA TYR B 265 -10.72 -3.05 -16.04
C TYR B 265 -9.95 -3.20 -17.35
N PRO B 266 -9.10 -4.23 -17.46
CA PRO B 266 -8.13 -4.31 -18.57
C PRO B 266 -8.66 -4.99 -19.81
N ALA B 267 -7.84 -5.01 -20.85
CA ALA B 267 -8.18 -5.75 -22.05
C ALA B 267 -7.82 -7.21 -21.87
N ASN B 268 -8.78 -8.08 -22.14
CA ASN B 268 -8.59 -9.53 -22.20
C ASN B 268 -8.78 -10.02 -23.64
N LYS B 269 -9.16 -11.29 -23.78
CA LYS B 269 -9.57 -11.87 -25.06
C LYS B 269 -11.07 -11.73 -25.26
N LYS B 270 -11.83 -11.73 -24.16
CA LYS B 270 -13.27 -11.50 -24.22
C LYS B 270 -13.64 -10.11 -24.72
N SER B 271 -12.75 -9.13 -24.54
CA SER B 271 -12.99 -7.75 -24.94
C SER B 271 -11.67 -7.03 -25.21
N PRO B 272 -11.15 -7.07 -26.45
CA PRO B 272 -9.80 -6.53 -26.67
C PRO B 272 -9.66 -5.03 -26.44
N ASN B 273 -10.76 -4.28 -26.35
CA ASN B 273 -10.68 -2.85 -26.05
C ASN B 273 -11.28 -2.50 -24.69
N GLY B 274 -11.37 -3.44 -23.78
CA GLY B 274 -12.01 -3.20 -22.50
C GLY B 274 -13.52 -3.11 -22.67
N LYS B 275 -14.21 -2.90 -21.56
CA LYS B 275 -15.66 -2.78 -21.58
C LYS B 275 -16.20 -1.43 -21.13
N LEU B 276 -15.46 -0.70 -20.31
CA LEU B 276 -15.89 0.62 -19.90
C LEU B 276 -15.81 1.57 -21.09
N ARG B 277 -16.71 2.54 -21.12
CA ARG B 277 -16.80 3.48 -22.23
C ARG B 277 -15.81 4.63 -22.05
N LEU B 278 -15.13 4.99 -23.13
CA LEU B 278 -14.03 5.94 -22.97
C LEU B 278 -14.51 7.38 -22.72
N LEU B 279 -15.56 7.84 -23.43
CA LEU B 279 -15.91 9.27 -23.34
C LEU B 279 -16.44 9.66 -21.96
N TYR B 280 -17.41 8.91 -21.44
CA TYR B 280 -18.14 9.35 -20.26
C TYR B 280 -17.98 8.43 -19.05
N GLU B 281 -17.10 7.42 -19.15
CA GLU B 281 -16.66 6.64 -17.98
C GLU B 281 -15.15 6.74 -17.78
N CYS B 282 -14.34 6.32 -18.75
CA CYS B 282 -12.91 6.32 -18.55
C CYS B 282 -12.32 7.73 -18.54
N ASN B 283 -12.62 8.55 -19.56
CA ASN B 283 -12.04 9.89 -19.65
C ASN B 283 -12.30 10.73 -18.42
N PRO B 284 -13.54 10.86 -17.91
CA PRO B 284 -13.73 11.68 -16.70
C PRO B 284 -13.02 11.13 -15.45
N MET B 285 -12.97 9.80 -15.28
CA MET B 285 -12.30 9.24 -14.10
C MET B 285 -10.78 9.40 -14.16
N ALA B 286 -10.20 9.24 -15.36
CA ALA B 286 -8.78 9.46 -15.53
C ALA B 286 -8.41 10.90 -15.18
N TYR B 287 -9.26 11.85 -15.56
CA TYR B 287 -8.97 13.26 -15.30
C TYR B 287 -8.92 13.52 -13.80
N VAL B 288 -9.91 13.05 -13.05
CA VAL B 288 -9.88 13.20 -11.59
C VAL B 288 -8.59 12.59 -11.07
N MET B 289 -8.26 11.39 -11.56
CA MET B 289 -7.06 10.71 -11.11
C MET B 289 -5.83 11.55 -11.38
N GLU B 290 -5.67 12.05 -12.60
CA GLU B 290 -4.45 12.79 -12.89
C GLU B 290 -4.41 14.08 -12.07
N LYS B 291 -5.53 14.81 -12.02
CA LYS B 291 -5.62 16.04 -11.24
C LYS B 291 -5.48 15.82 -9.74
N ALA B 292 -5.52 14.57 -9.26
CA ALA B 292 -5.33 14.28 -7.84
C ALA B 292 -3.98 13.65 -7.57
N GLY B 293 -3.11 13.60 -8.58
CA GLY B 293 -1.77 13.04 -8.50
C GLY B 293 -1.66 11.59 -8.91
N GLY B 294 -2.74 10.96 -9.36
CA GLY B 294 -2.73 9.58 -9.76
C GLY B 294 -2.53 9.43 -11.26
N MET B 295 -2.70 8.20 -11.73
CA MET B 295 -2.40 7.88 -13.12
C MET B 295 -3.54 7.05 -13.69
N ALA B 296 -3.71 7.11 -15.00
CA ALA B 296 -4.67 6.23 -15.69
C ALA B 296 -4.16 5.91 -17.08
N THR B 297 -3.91 4.62 -17.34
CA THR B 297 -3.39 4.11 -18.59
C THR B 297 -4.30 3.02 -19.11
N THR B 298 -4.27 2.82 -20.44
CA THR B 298 -4.88 1.67 -21.09
C THR B 298 -3.94 0.48 -21.13
N GLY B 299 -2.72 0.64 -20.62
CA GLY B 299 -1.65 -0.31 -20.83
C GLY B 299 -0.66 0.22 -21.83
N LYS B 300 -1.18 0.68 -22.97
CA LYS B 300 -0.38 1.22 -24.04
C LYS B 300 -0.16 2.74 -23.91
N GLU B 301 -1.16 3.47 -23.42
CA GLU B 301 -1.06 4.92 -23.40
C GLU B 301 -1.94 5.47 -22.29
N ALA B 302 -1.71 6.74 -21.96
CA ALA B 302 -2.61 7.42 -21.03
C ALA B 302 -4.01 7.49 -21.63
N VAL B 303 -5.01 7.33 -20.75
CA VAL B 303 -6.40 7.34 -21.21
C VAL B 303 -6.72 8.67 -21.87
N LEU B 304 -6.19 9.76 -21.30
CA LEU B 304 -6.47 11.11 -21.79
C LEU B 304 -5.85 11.40 -23.15
N ASP B 305 -4.84 10.65 -23.57
CA ASP B 305 -4.21 10.87 -24.88
C ASP B 305 -4.87 10.09 -25.99
N VAL B 306 -5.73 9.13 -25.66
CA VAL B 306 -6.47 8.40 -26.68
C VAL B 306 -7.47 9.34 -27.32
N ILE B 307 -7.42 9.45 -28.65
CA ILE B 307 -8.36 10.27 -29.40
C ILE B 307 -9.49 9.36 -29.86
N PRO B 308 -10.73 9.59 -29.41
CA PRO B 308 -11.81 8.67 -29.75
C PRO B 308 -12.21 8.84 -31.20
N THR B 309 -12.73 7.75 -31.76
CA THR B 309 -13.23 7.79 -33.13
C THR B 309 -14.74 7.71 -33.20
N ASP B 310 -15.38 7.14 -32.17
CA ASP B 310 -16.83 6.99 -32.06
C ASP B 310 -17.20 7.28 -30.62
N ILE B 311 -18.33 7.94 -30.39
CA ILE B 311 -18.65 8.42 -29.04
C ILE B 311 -18.85 7.28 -28.04
N HIS B 312 -19.19 6.08 -28.51
CA HIS B 312 -19.41 4.95 -27.63
C HIS B 312 -18.27 3.93 -27.67
N GLN B 313 -17.09 4.38 -28.06
CA GLN B 313 -15.99 3.43 -28.11
C GLN B 313 -15.55 3.07 -26.71
N ARG B 314 -15.05 1.86 -26.56
CA ARG B 314 -14.57 1.37 -25.28
C ARG B 314 -13.06 1.53 -25.21
N ALA B 315 -12.52 1.41 -23.99
CA ALA B 315 -11.09 1.51 -23.75
C ALA B 315 -10.80 0.75 -22.47
N PRO B 316 -9.74 -0.04 -22.44
CA PRO B 316 -9.31 -0.62 -21.16
C PRO B 316 -8.70 0.47 -20.29
N VAL B 317 -8.83 0.28 -18.98
CA VAL B 317 -8.41 1.32 -18.04
C VAL B 317 -7.77 0.69 -16.82
N ILE B 318 -6.61 1.22 -16.41
CA ILE B 318 -5.98 0.89 -15.15
C ILE B 318 -5.63 2.20 -14.46
N LEU B 319 -6.23 2.45 -13.30
CA LEU B 319 -6.07 3.75 -12.68
C LEU B 319 -5.88 3.64 -11.17
N GLY B 320 -5.42 4.74 -10.58
CA GLY B 320 -5.17 4.85 -9.15
C GLY B 320 -3.83 5.49 -8.79
N SER B 321 -3.27 5.07 -7.64
CA SER B 321 -2.03 5.65 -7.13
C SER B 321 -0.88 5.46 -8.10
N PRO B 322 0.04 6.42 -8.19
CA PRO B 322 1.08 6.35 -9.24
C PRO B 322 2.02 5.16 -9.11
N ASP B 323 2.61 4.96 -7.93
CA ASP B 323 3.56 3.86 -7.75
C ASP B 323 2.95 2.52 -8.11
N ASP B 324 1.66 2.34 -7.80
CA ASP B 324 0.99 1.08 -8.10
C ASP B 324 0.76 0.92 -9.59
N VAL B 325 0.31 1.98 -10.27
CA VAL B 325 0.17 1.94 -11.72
C VAL B 325 1.52 1.73 -12.38
N LEU B 326 2.58 2.32 -11.81
CA LEU B 326 3.92 2.11 -12.36
C LEU B 326 4.31 0.65 -12.27
N GLU B 327 4.08 0.02 -11.11
CA GLU B 327 4.34 -1.41 -10.98
C GLU B 327 3.56 -2.19 -12.00
N PHE B 328 2.33 -1.77 -12.31
CA PHE B 328 1.59 -2.46 -13.35
C PHE B 328 2.25 -2.24 -14.72
N LEU B 329 2.60 -0.99 -15.04
CA LEU B 329 3.17 -0.68 -16.35
C LEU B 329 4.51 -1.37 -16.59
N LYS B 330 5.30 -1.59 -15.53
CA LYS B 330 6.53 -2.38 -15.70
C LYS B 330 6.21 -3.80 -16.16
N VAL B 331 5.21 -4.43 -15.52
CA VAL B 331 4.82 -5.78 -15.91
C VAL B 331 4.22 -5.79 -17.30
N TYR B 332 3.48 -4.73 -17.67
CA TYR B 332 2.91 -4.68 -19.02
C TYR B 332 3.99 -4.57 -20.09
N GLU B 333 4.99 -3.70 -19.88
CA GLU B 333 6.07 -3.63 -20.86
C GLU B 333 6.86 -4.93 -20.91
N LYS B 334 6.94 -5.65 -19.78
CA LYS B 334 7.61 -6.94 -19.77
C LYS B 334 6.94 -7.94 -20.67
N HIS B 335 5.62 -7.88 -20.80
CA HIS B 335 4.90 -8.89 -21.55
C HIS B 335 4.63 -8.49 -23.00
N SER B 336 5.63 -7.82 -23.59
CA SER B 336 5.70 -7.34 -24.98
C SER B 336 6.48 -6.02 -25.02
N ASP C 10 -37.11 11.01 29.88
CA ASP C 10 -37.03 9.89 28.94
C ASP C 10 -37.90 10.17 27.71
N VAL C 11 -37.34 9.93 26.52
CA VAL C 11 -37.99 10.27 25.24
C VAL C 11 -39.21 9.39 25.00
N ASN C 12 -40.20 9.93 24.26
CA ASN C 12 -41.40 9.19 23.90
C ASN C 12 -41.88 9.62 22.52
N THR C 13 -42.39 8.68 21.71
CA THR C 13 -42.91 8.95 20.36
C THR C 13 -44.41 8.71 20.28
N LEU C 14 -45.03 9.18 19.19
CA LEU C 14 -46.47 8.99 19.03
C LEU C 14 -46.84 7.51 18.97
N THR C 15 -46.14 6.76 18.13
CA THR C 15 -46.43 5.34 18.03
C THR C 15 -46.22 4.65 19.37
N ARG C 16 -45.13 5.01 20.06
CA ARG C 16 -44.79 4.38 21.34
C ARG C 16 -45.77 4.78 22.46
N PHE C 17 -46.24 6.02 22.43
CA PHE C 17 -47.20 6.45 23.45
C PHE C 17 -48.51 5.70 23.26
N VAL C 18 -48.91 5.52 22.00
CA VAL C 18 -50.17 4.86 21.73
C VAL C 18 -50.11 3.40 22.14
N MET C 19 -48.99 2.71 21.83
CA MET C 19 -48.85 1.30 22.19
C MET C 19 -48.74 1.10 23.70
N GLU C 20 -47.97 1.95 24.38
CA GLU C 20 -47.92 1.89 25.84
C GLU C 20 -49.32 2.03 26.42
N GLU C 21 -50.06 3.05 25.97
CA GLU C 21 -51.43 3.25 26.45
C GLU C 21 -52.38 2.14 26.01
N GLY C 22 -52.14 1.55 24.83
CA GLY C 22 -53.00 0.48 24.36
C GLY C 22 -52.84 -0.81 25.14
N ARG C 23 -51.61 -1.12 25.55
CA ARG C 23 -51.38 -2.30 26.39
C ARG C 23 -51.88 -2.09 27.82
N LYS C 24 -51.66 -0.90 28.38
CA LYS C 24 -52.14 -0.63 29.73
C LYS C 24 -53.64 -0.88 29.86
N ALA C 25 -54.41 -0.65 28.80
CA ALA C 25 -55.84 -0.85 28.78
C ALA C 25 -56.25 -2.22 28.24
N ARG C 26 -55.28 -3.03 27.81
CA ARG C 26 -55.47 -4.41 27.36
C ARG C 26 -56.56 -4.54 26.30
N GLY C 27 -56.57 -3.60 25.36
CA GLY C 27 -57.50 -3.63 24.24
C GLY C 27 -56.97 -4.43 23.07
N THR C 28 -57.78 -4.51 22.02
CA THR C 28 -57.44 -5.36 20.89
C THR C 28 -56.39 -4.76 19.96
N GLY C 29 -56.22 -3.44 19.98
CA GLY C 29 -55.34 -2.79 19.05
C GLY C 29 -55.98 -2.19 17.82
N GLU C 30 -57.29 -2.37 17.62
CA GLU C 30 -57.91 -1.77 16.43
C GLU C 30 -57.73 -0.26 16.43
N LEU C 31 -57.78 0.38 17.61
CA LEU C 31 -57.69 1.84 17.68
C LEU C 31 -56.25 2.31 17.41
N THR C 32 -55.27 1.58 17.92
CA THR C 32 -53.88 1.86 17.62
C THR C 32 -53.63 1.76 16.12
N GLN C 33 -54.18 0.72 15.49
CA GLN C 33 -54.02 0.59 14.05
C GLN C 33 -54.63 1.76 13.32
N LEU C 34 -55.79 2.24 13.78
CA LEU C 34 -56.39 3.43 13.19
C LEU C 34 -55.46 4.63 13.40
N LEU C 35 -54.99 4.82 14.63
CA LEU C 35 -54.12 5.96 14.91
C LEU C 35 -52.83 5.87 14.14
N ASN C 36 -52.23 4.68 14.06
CA ASN C 36 -51.02 4.56 13.26
C ASN C 36 -51.31 4.89 11.80
N SER C 37 -52.40 4.35 11.25
CA SER C 37 -52.72 4.67 9.86
C SER C 37 -52.97 6.16 9.65
N LEU C 38 -53.65 6.81 10.60
CA LEU C 38 -53.89 8.23 10.45
C LEU C 38 -52.58 9.02 10.58
N CYS C 39 -51.77 8.69 11.59
CA CYS C 39 -50.45 9.32 11.74
C CYS C 39 -49.62 9.20 10.46
N THR C 40 -49.67 8.06 9.78
CA THR C 40 -48.92 7.94 8.53
C THR C 40 -49.44 8.89 7.47
N ALA C 41 -50.78 9.02 7.34
CA ALA C 41 -51.34 9.98 6.40
C ALA C 41 -50.93 11.41 6.74
N VAL C 42 -50.86 11.75 8.02
CA VAL C 42 -50.46 13.10 8.35
C VAL C 42 -49.04 13.37 7.85
N LYS C 43 -48.13 12.41 8.06
CA LYS C 43 -46.75 12.59 7.60
C LYS C 43 -46.69 12.73 6.09
N ALA C 44 -47.57 12.07 5.36
CA ALA C 44 -47.60 12.21 3.92
C ALA C 44 -48.22 13.54 3.52
N ILE C 45 -49.28 13.94 4.20
CA ILE C 45 -49.92 15.22 3.91
C ILE C 45 -48.95 16.35 4.18
N SER C 46 -48.28 16.31 5.35
CA SER C 46 -47.30 17.33 5.67
C SER C 46 -46.23 17.41 4.59
N SER C 47 -45.78 16.25 4.11
CA SER C 47 -44.74 16.28 3.08
C SER C 47 -45.21 17.06 1.87
N ALA C 48 -46.47 16.89 1.48
CA ALA C 48 -46.99 17.60 0.32
C ALA C 48 -47.28 19.07 0.63
N VAL C 49 -47.77 19.36 1.83
CA VAL C 49 -48.08 20.75 2.19
C VAL C 49 -46.82 21.61 2.15
N ARG C 50 -45.72 21.10 2.61
CA ARG C 50 -44.43 21.78 2.50
C ARG C 50 -43.86 21.75 1.03
N LYS C 51 -44.66 21.29 0.08
CA LYS C 51 -44.37 21.31 -1.37
C LYS C 51 -43.13 20.50 -1.71
N ALA C 52 -42.82 19.48 -0.93
CA ALA C 52 -41.72 18.58 -1.29
C ALA C 52 -42.04 17.86 -2.60
N GLY C 53 -41.07 17.87 -3.51
CA GLY C 53 -41.28 17.29 -4.82
C GLY C 53 -41.94 18.18 -5.86
N ILE C 54 -42.12 19.49 -5.58
CA ILE C 54 -42.78 20.38 -6.55
C ILE C 54 -41.96 20.59 -7.83
N ALA C 55 -40.65 20.39 -7.79
CA ALA C 55 -39.83 20.61 -8.99
C ALA C 55 -40.27 19.74 -10.16
N HIS C 56 -40.72 18.50 -9.90
CA HIS C 56 -41.16 17.66 -11.01
C HIS C 56 -42.46 18.15 -11.62
N LEU C 57 -43.31 18.83 -10.83
CA LEU C 57 -44.52 19.42 -11.42
C LEU C 57 -44.18 20.53 -12.39
N TYR C 58 -43.03 21.20 -12.20
CA TYR C 58 -42.62 22.25 -13.11
C TYR C 58 -41.60 21.76 -14.12
N GLY C 59 -41.70 20.49 -14.51
CA GLY C 59 -40.97 19.95 -15.64
C GLY C 59 -39.47 19.93 -15.47
N ILE C 60 -38.97 19.56 -14.29
CA ILE C 60 -37.53 19.48 -14.10
C ILE C 60 -36.93 18.32 -14.88
N ALA C 61 -37.76 17.38 -15.35
CA ALA C 61 -37.33 16.33 -16.28
C ALA C 61 -38.17 16.38 -17.55
N GLY C 62 -38.61 17.57 -17.94
CA GLY C 62 -39.46 17.78 -19.11
C GLY C 62 -40.90 17.31 -18.92
N LYS C 73 -54.33 19.97 -6.65
CA LYS C 73 -55.45 19.33 -5.97
C LYS C 73 -54.96 18.86 -4.59
N LEU C 74 -54.46 19.78 -3.79
CA LEU C 74 -53.82 19.43 -2.52
C LEU C 74 -54.84 18.96 -1.50
N ASP C 75 -56.07 19.46 -1.55
CA ASP C 75 -57.08 18.96 -0.63
C ASP C 75 -57.64 17.63 -1.09
N VAL C 76 -57.69 17.43 -2.40
CA VAL C 76 -58.09 16.13 -2.93
C VAL C 76 -57.05 15.08 -2.63
N LEU C 77 -55.76 15.40 -2.80
CA LEU C 77 -54.73 14.42 -2.46
C LEU C 77 -54.78 14.08 -0.97
N SER C 78 -54.99 15.09 -0.12
CA SER C 78 -55.12 14.82 1.31
C SER C 78 -56.24 13.84 1.59
N ASN C 79 -57.39 14.08 0.98
CA ASN C 79 -58.58 13.28 1.23
C ASN C 79 -58.34 11.82 0.86
N ASP C 80 -57.81 11.57 -0.34
CA ASP C 80 -57.53 10.21 -0.79
C ASP C 80 -56.50 9.52 0.11
N LEU C 81 -55.57 10.29 0.67
CA LEU C 81 -54.57 9.74 1.58
C LEU C 81 -55.21 9.22 2.85
N VAL C 82 -56.10 10.02 3.45
CA VAL C 82 -56.78 9.62 4.69
C VAL C 82 -57.80 8.52 4.43
N MET C 83 -58.58 8.63 3.34
CA MET C 83 -59.53 7.59 2.96
C MET C 83 -58.83 6.25 2.81
N ASN C 84 -57.77 6.21 1.99
CA ASN C 84 -57.10 4.93 1.73
C ASN C 84 -56.41 4.41 2.98
N MET C 85 -55.79 5.29 3.76
CA MET C 85 -55.08 4.80 4.93
C MET C 85 -56.04 4.31 6.00
N LEU C 86 -57.19 4.97 6.13
CA LEU C 86 -58.18 4.48 7.10
C LEU C 86 -58.90 3.23 6.60
N LYS C 87 -59.34 3.21 5.33
CA LYS C 87 -59.97 2.00 4.79
C LYS C 87 -59.07 0.79 4.98
N SER C 88 -57.78 0.95 4.71
CA SER C 88 -56.83 -0.16 4.77
C SER C 88 -56.33 -0.45 6.18
N SER C 89 -56.81 0.24 7.20
CA SER C 89 -56.43 -0.11 8.56
C SER C 89 -57.25 -1.25 9.13
N PHE C 90 -58.32 -1.66 8.43
CA PHE C 90 -59.25 -2.69 8.94
C PHE C 90 -59.81 -2.28 10.29
N ALA C 91 -59.99 -0.96 10.49
CA ALA C 91 -60.44 -0.48 11.78
C ALA C 91 -61.60 0.48 11.68
N THR C 92 -62.12 0.74 10.49
CA THR C 92 -63.14 1.76 10.32
C THR C 92 -64.33 1.14 9.59
N CYS C 93 -65.50 1.73 9.80
CA CYS C 93 -66.67 1.26 9.08
C CYS C 93 -67.40 2.40 8.38
N VAL C 94 -67.44 3.58 8.97
CA VAL C 94 -68.03 4.76 8.32
C VAL C 94 -67.03 5.89 8.40
N LEU C 95 -66.81 6.59 7.27
CA LEU C 95 -65.91 7.74 7.18
C LEU C 95 -66.67 8.96 6.66
N VAL C 96 -66.67 10.03 7.45
CA VAL C 96 -67.24 11.30 7.04
C VAL C 96 -66.09 12.30 6.83
N SER C 97 -66.08 12.94 5.67
CA SER C 97 -65.07 13.94 5.32
C SER C 97 -65.75 15.19 4.78
N GLU C 98 -65.16 16.35 5.07
CA GLU C 98 -65.64 17.60 4.51
C GLU C 98 -65.67 17.56 2.97
N GLU C 99 -64.75 16.81 2.37
CA GLU C 99 -64.64 16.74 0.92
C GLU C 99 -65.70 15.88 0.26
N ASP C 100 -66.46 15.07 1.02
CA ASP C 100 -67.38 14.09 0.45
C ASP C 100 -68.81 14.37 0.90
N LYS C 101 -69.72 14.51 -0.06
CA LYS C 101 -71.08 14.88 0.28
C LYS C 101 -71.74 13.82 1.15
N HIS C 102 -71.55 12.54 0.81
CA HIS C 102 -72.12 11.46 1.59
C HIS C 102 -71.02 10.78 2.37
N ALA C 103 -71.40 10.17 3.48
CA ALA C 103 -70.46 9.35 4.21
C ALA C 103 -70.02 8.20 3.33
N ILE C 104 -68.79 7.79 3.52
CA ILE C 104 -68.27 6.63 2.83
C ILE C 104 -68.53 5.42 3.72
N ILE C 105 -69.05 4.34 3.12
CA ILE C 105 -69.28 3.10 3.85
C ILE C 105 -68.23 2.11 3.39
N VAL C 106 -67.32 1.76 4.29
CA VAL C 106 -66.19 0.90 3.97
C VAL C 106 -66.71 -0.44 3.46
N GLU C 107 -66.06 -0.95 2.42
CA GLU C 107 -66.43 -2.24 1.88
C GLU C 107 -66.26 -3.33 2.95
N PRO C 108 -67.11 -4.38 2.92
CA PRO C 108 -67.23 -5.28 4.09
C PRO C 108 -65.94 -5.99 4.49
N GLU C 109 -65.12 -6.39 3.52
CA GLU C 109 -63.90 -7.13 3.85
C GLU C 109 -62.91 -6.28 4.65
N LYS C 110 -62.92 -4.96 4.49
CA LYS C 110 -62.02 -4.08 5.21
C LYS C 110 -62.66 -3.42 6.43
N ARG C 111 -63.83 -3.92 6.87
CA ARG C 111 -64.64 -3.21 7.84
C ARG C 111 -64.20 -3.48 9.28
N GLY C 112 -64.22 -2.43 10.09
CA GLY C 112 -63.86 -2.46 11.49
C GLY C 112 -64.84 -1.70 12.35
N LYS C 113 -64.52 -1.43 13.61
CA LYS C 113 -65.52 -1.02 14.58
C LYS C 113 -65.60 0.49 14.82
N TYR C 114 -64.91 1.29 14.02
CA TYR C 114 -64.78 2.71 14.33
C TYR C 114 -65.33 3.61 13.23
N VAL C 115 -65.80 4.78 13.65
CA VAL C 115 -66.30 5.83 12.76
C VAL C 115 -65.38 7.06 12.87
N VAL C 116 -65.00 7.62 11.73
CA VAL C 116 -64.03 8.72 11.72
C VAL C 116 -64.60 9.90 10.92
N CYS C 117 -64.66 11.07 11.55
CA CYS C 117 -65.03 12.31 10.87
C CYS C 117 -63.81 13.21 10.81
N PHE C 118 -63.50 13.74 9.63
CA PHE C 118 -62.30 14.56 9.51
C PHE C 118 -62.45 15.64 8.45
N ASP C 119 -61.78 16.78 8.70
CA ASP C 119 -61.42 17.73 7.67
C ASP C 119 -59.96 17.46 7.32
N PRO C 120 -59.68 16.90 6.14
CA PRO C 120 -58.31 16.46 5.86
C PRO C 120 -57.35 17.61 5.58
N LEU C 121 -57.85 18.76 5.09
CA LEU C 121 -57.00 19.95 4.84
C LEU C 121 -57.83 21.20 5.15
N ASP C 122 -57.91 21.51 6.44
CA ASP C 122 -58.64 22.69 6.86
C ASP C 122 -57.80 23.94 6.58
N GLY C 123 -58.49 25.00 6.13
CA GLY C 123 -57.83 26.21 5.68
C GLY C 123 -57.33 26.14 4.26
N SER C 124 -57.61 25.05 3.55
CA SER C 124 -57.06 24.84 2.21
C SER C 124 -57.55 25.85 1.19
N SER C 125 -58.60 26.63 1.50
CA SER C 125 -59.03 27.71 0.61
C SER C 125 -58.08 28.91 0.64
N ASN C 126 -57.42 29.18 1.77
CA ASN C 126 -56.44 30.25 1.88
C ASN C 126 -55.02 29.78 1.62
N ILE C 127 -54.85 28.64 0.93
CA ILE C 127 -53.52 28.05 0.80
C ILE C 127 -52.64 28.76 -0.23
N ASP C 128 -53.21 29.62 -1.06
CA ASP C 128 -52.37 30.38 -1.98
C ASP C 128 -51.46 31.36 -1.24
N CYS C 129 -51.81 31.74 -0.02
CA CYS C 129 -51.02 32.66 0.79
C CYS C 129 -50.17 31.93 1.84
N LEU C 130 -50.06 30.60 1.74
CA LEU C 130 -49.22 29.80 2.63
C LEU C 130 -49.64 29.94 4.07
N VAL C 131 -50.93 30.25 4.25
CA VAL C 131 -51.54 30.25 5.55
C VAL C 131 -51.36 28.90 6.20
N SER C 132 -51.46 28.88 7.53
CA SER C 132 -51.47 27.62 8.25
C SER C 132 -52.60 26.76 7.73
N VAL C 133 -52.33 25.48 7.59
CA VAL C 133 -53.40 24.56 7.27
C VAL C 133 -53.33 23.43 8.27
N GLY C 134 -54.41 22.63 8.30
CA GLY C 134 -54.51 21.58 9.29
C GLY C 134 -55.43 20.44 8.91
N THR C 135 -55.25 19.32 9.60
CA THR C 135 -56.14 18.16 9.53
C THR C 135 -56.83 18.02 10.88
N ILE C 136 -58.15 17.92 10.86
CA ILE C 136 -58.95 17.69 12.05
C ILE C 136 -59.64 16.34 11.92
N PHE C 137 -59.74 15.60 13.02
CA PHE C 137 -60.33 14.27 12.99
C PHE C 137 -61.07 14.00 14.29
N GLY C 138 -62.13 13.21 14.20
CA GLY C 138 -62.83 12.70 15.38
C GLY C 138 -63.15 11.23 15.24
N ILE C 139 -63.00 10.49 16.33
CA ILE C 139 -63.11 9.02 16.32
C ILE C 139 -64.24 8.59 17.26
N TYR C 140 -65.22 7.87 16.72
CA TYR C 140 -66.32 7.28 17.49
C TYR C 140 -66.31 5.77 17.35
N ARG C 141 -66.64 5.08 18.45
CA ARG C 141 -67.00 3.66 18.37
C ARG C 141 -68.41 3.58 17.82
N LYS C 142 -68.59 2.85 16.72
CA LYS C 142 -69.94 2.62 16.21
C LYS C 142 -70.85 2.13 17.32
N LYS C 143 -71.98 2.84 17.51
CA LYS C 143 -72.89 2.60 18.63
C LYS C 143 -74.03 1.67 18.25
N SER C 144 -74.69 1.92 17.13
CA SER C 144 -75.78 1.05 16.78
C SER C 144 -75.19 -0.27 16.27
N THR C 145 -76.05 -1.30 16.23
CA THR C 145 -75.67 -2.57 15.65
C THR C 145 -76.28 -2.77 14.27
N ASP C 146 -76.89 -1.73 13.70
CA ASP C 146 -77.44 -1.85 12.36
C ASP C 146 -76.32 -1.97 11.33
N GLU C 147 -76.70 -2.26 10.09
CA GLU C 147 -75.75 -2.18 8.98
C GLU C 147 -75.19 -0.77 8.90
N PRO C 148 -73.88 -0.59 8.65
CA PRO C 148 -73.28 0.75 8.73
C PRO C 148 -73.87 1.72 7.71
N SER C 149 -74.11 2.94 8.15
CA SER C 149 -74.71 3.97 7.31
C SER C 149 -74.29 5.33 7.86
N GLU C 150 -74.77 6.41 7.22
CA GLU C 150 -74.47 7.77 7.67
C GLU C 150 -74.89 8.02 9.12
N LYS C 151 -75.96 7.37 9.58
CA LYS C 151 -76.48 7.55 10.95
C LYS C 151 -75.49 7.20 12.02
N ASP C 152 -74.51 6.34 11.73
CA ASP C 152 -73.53 5.95 12.73
C ASP C 152 -72.56 7.06 13.06
N ALA C 153 -72.41 8.03 12.14
CA ALA C 153 -71.58 9.22 12.26
C ALA C 153 -72.26 10.37 12.97
N LEU C 154 -73.53 10.24 13.33
CA LEU C 154 -74.32 11.30 13.99
C LEU C 154 -74.28 11.24 15.51
N GLN C 155 -73.22 10.88 16.11
CA GLN C 155 -73.24 10.85 17.57
C GLN C 155 -72.91 12.22 18.14
N PRO C 156 -73.32 12.52 19.37
CA PRO C 156 -72.88 13.76 20.00
C PRO C 156 -71.42 13.69 20.44
N GLY C 157 -70.80 14.86 20.50
CA GLY C 157 -69.40 14.96 20.85
C GLY C 157 -69.03 14.31 22.16
N ARG C 158 -70.00 14.18 23.09
CA ARG C 158 -69.69 13.50 24.34
C ARG C 158 -69.16 12.09 24.10
N ASN C 159 -69.63 11.43 23.04
CA ASN C 159 -69.30 10.04 22.80
C ASN C 159 -67.92 9.83 22.19
N LEU C 160 -67.16 10.90 21.99
CA LEU C 160 -65.85 10.74 21.37
C LEU C 160 -64.93 9.87 22.20
N VAL C 161 -64.23 8.97 21.52
CA VAL C 161 -63.18 8.17 22.11
C VAL C 161 -61.81 8.85 21.96
N ALA C 162 -61.57 9.44 20.78
CA ALA C 162 -60.37 10.23 20.52
C ALA C 162 -60.68 11.28 19.46
N ALA C 163 -59.91 12.38 19.50
CA ALA C 163 -60.02 13.48 18.54
C ALA C 163 -58.77 14.35 18.63
N GLY C 164 -58.55 15.12 17.59
CA GLY C 164 -57.46 16.07 17.62
C GLY C 164 -57.14 16.55 16.20
N TYR C 165 -55.92 17.06 16.05
CA TYR C 165 -55.59 17.72 14.80
C TYR C 165 -54.09 17.68 14.55
N ALA C 166 -53.74 17.82 13.27
CA ALA C 166 -52.38 18.09 12.84
C ALA C 166 -52.34 19.53 12.31
N LEU C 167 -51.43 20.33 12.83
CA LEU C 167 -51.24 21.70 12.36
C LEU C 167 -49.97 21.77 11.50
N TYR C 168 -50.14 22.18 10.24
CA TYR C 168 -49.00 22.33 9.32
C TYR C 168 -48.59 23.80 9.31
N GLY C 169 -47.88 24.22 10.34
CA GLY C 169 -47.50 25.61 10.49
C GLY C 169 -46.02 25.84 10.23
N SER C 170 -45.37 26.65 11.09
CA SER C 170 -43.91 26.74 11.00
C SER C 170 -43.29 25.37 11.14
N ALA C 171 -43.85 24.57 12.02
CA ALA C 171 -43.60 23.14 12.11
C ALA C 171 -44.93 22.41 11.98
N THR C 172 -44.84 21.10 11.87
CA THR C 172 -46.00 20.22 11.76
C THR C 172 -46.21 19.51 13.09
N MET C 173 -47.31 19.83 13.79
CA MET C 173 -47.59 19.24 15.11
C MET C 173 -48.91 18.45 15.15
N LEU C 174 -48.92 17.37 15.91
CA LEU C 174 -50.13 16.59 16.14
C LEU C 174 -50.60 16.71 17.58
N VAL C 175 -51.85 17.12 17.76
CA VAL C 175 -52.49 17.22 19.08
C VAL C 175 -53.51 16.11 19.25
N LEU C 176 -53.31 15.27 20.26
CA LEU C 176 -54.17 14.12 20.51
C LEU C 176 -54.81 14.27 21.87
N ALA C 177 -56.14 14.22 21.92
CA ALA C 177 -56.90 14.28 23.16
C ALA C 177 -57.69 12.99 23.31
N MET C 178 -57.52 12.30 24.43
CA MET C 178 -58.39 11.17 24.80
C MET C 178 -58.77 11.34 26.27
N ASP C 179 -59.23 10.24 26.89
CA ASP C 179 -59.83 10.35 28.21
C ASP C 179 -58.84 10.88 29.25
N CYS C 180 -57.60 10.38 29.21
CA CYS C 180 -56.59 10.82 30.16
C CYS C 180 -56.22 12.29 29.97
N GLY C 181 -56.26 12.79 28.75
CA GLY C 181 -55.98 14.19 28.54
C GLY C 181 -55.43 14.44 27.14
N VAL C 182 -54.73 15.58 27.03
CA VAL C 182 -54.26 16.12 25.77
C VAL C 182 -52.74 16.05 25.74
N ASN C 183 -52.18 15.51 24.63
CA ASN C 183 -50.75 15.41 24.39
C ASN C 183 -50.41 15.93 23.00
N CYS C 184 -49.26 16.62 22.88
CA CYS C 184 -48.84 17.28 21.66
C CYS C 184 -47.54 16.68 21.18
N PHE C 185 -47.47 16.32 19.90
CA PHE C 185 -46.29 15.69 19.34
C PHE C 185 -45.78 16.54 18.17
N MET C 186 -44.49 16.83 18.19
CA MET C 186 -43.81 17.57 17.15
C MET C 186 -43.22 16.60 16.15
N LEU C 187 -43.56 16.76 14.87
CA LEU C 187 -43.04 15.91 13.80
C LEU C 187 -41.60 16.30 13.44
N ASP C 188 -40.68 15.36 13.60
CA ASP C 188 -39.33 15.51 13.12
C ASP C 188 -39.31 14.96 11.70
N PRO C 189 -39.26 15.83 10.68
CA PRO C 189 -39.33 15.34 9.29
C PRO C 189 -38.08 14.62 8.85
N ALA C 190 -36.99 14.73 9.61
CA ALA C 190 -35.74 14.05 9.31
C ALA C 190 -35.86 12.54 9.45
N ILE C 191 -36.75 12.05 10.30
CA ILE C 191 -36.93 10.63 10.53
C ILE C 191 -38.38 10.19 10.43
N GLY C 192 -39.30 11.10 10.17
CA GLY C 192 -40.70 10.75 10.10
C GLY C 192 -41.26 10.19 11.40
N GLU C 193 -40.92 10.77 12.54
CA GLU C 193 -41.50 10.30 13.79
C GLU C 193 -41.99 11.49 14.59
N PHE C 194 -43.12 11.33 15.30
CA PHE C 194 -43.71 12.38 16.13
C PHE C 194 -43.16 12.32 17.54
N ILE C 195 -42.60 13.44 18.02
CA ILE C 195 -41.94 13.46 19.32
C ILE C 195 -42.85 14.09 20.35
N LEU C 196 -43.08 13.38 21.44
CA LEU C 196 -43.83 13.97 22.53
C LEU C 196 -43.11 15.18 23.12
N VAL C 197 -43.70 16.36 23.01
CA VAL C 197 -43.07 17.56 23.55
C VAL C 197 -43.93 18.29 24.57
N ASP C 198 -45.20 17.90 24.78
CA ASP C 198 -46.02 18.57 25.78
C ASP C 198 -46.98 17.54 26.38
N LYS C 199 -46.71 17.12 27.61
CA LYS C 199 -47.44 16.04 28.27
C LYS C 199 -48.58 16.61 29.12
N ASP C 200 -49.80 16.14 28.87
CA ASP C 200 -50.97 16.45 29.71
C ASP C 200 -51.14 17.96 29.80
N VAL C 201 -51.29 18.57 28.62
CA VAL C 201 -51.35 20.01 28.49
C VAL C 201 -52.65 20.53 29.07
N LYS C 202 -52.61 21.74 29.61
CA LYS C 202 -53.79 22.37 30.16
C LYS C 202 -53.83 23.84 29.75
N ILE C 203 -55.01 24.30 29.36
CA ILE C 203 -55.18 25.67 28.91
C ILE C 203 -55.10 26.62 30.10
N LYS C 204 -54.60 27.83 29.85
CA LYS C 204 -54.68 28.87 30.88
C LYS C 204 -56.12 29.07 31.33
N LYS C 205 -56.29 29.30 32.64
CA LYS C 205 -57.60 29.61 33.20
C LYS C 205 -58.17 30.88 32.59
N LYS C 206 -57.31 31.84 32.23
CA LYS C 206 -57.78 33.08 31.63
C LYS C 206 -56.70 33.57 30.67
N GLY C 207 -57.12 34.01 29.49
CA GLY C 207 -56.21 34.49 28.48
C GLY C 207 -56.23 36.00 28.36
N LYS C 208 -55.54 36.50 27.32
CA LYS C 208 -55.48 37.93 27.05
C LYS C 208 -55.67 38.22 25.58
N ILE C 209 -56.23 37.28 24.84
CA ILE C 209 -56.41 37.38 23.40
C ILE C 209 -57.83 36.92 23.04
N TYR C 210 -58.47 37.66 22.14
CA TYR C 210 -59.73 37.24 21.56
C TYR C 210 -59.51 37.04 20.06
N SER C 211 -60.24 36.08 19.49
CA SER C 211 -59.97 35.64 18.13
C SER C 211 -61.27 35.41 17.38
N LEU C 212 -61.60 36.33 16.46
CA LEU C 212 -62.77 36.19 15.59
C LEU C 212 -62.62 37.14 14.41
N ASN C 213 -63.44 36.90 13.38
CA ASN C 213 -63.42 37.73 12.16
C ASN C 213 -64.35 38.93 12.37
N GLU C 214 -63.76 40.05 12.76
CA GLU C 214 -64.52 41.25 13.10
C GLU C 214 -65.09 41.92 11.88
N GLY C 215 -64.95 41.32 10.69
CA GLY C 215 -65.61 41.82 9.50
C GLY C 215 -67.12 41.65 9.55
N TYR C 216 -67.59 40.66 10.28
CA TYR C 216 -69.02 40.51 10.48
C TYR C 216 -69.55 41.32 11.64
N ALA C 217 -68.92 42.45 11.95
CA ALA C 217 -69.39 43.22 13.09
C ALA C 217 -70.81 43.71 12.86
N LYS C 218 -71.15 44.07 11.62
CA LYS C 218 -72.49 44.53 11.28
C LYS C 218 -73.56 43.48 11.53
N ASP C 219 -73.22 42.18 11.47
CA ASP C 219 -74.20 41.10 11.66
C ASP C 219 -74.08 40.42 13.02
N PHE C 220 -73.35 40.99 13.97
CA PHE C 220 -73.15 40.34 15.26
C PHE C 220 -74.38 40.44 16.15
N ASP C 221 -74.73 39.32 16.75
CA ASP C 221 -75.64 39.28 17.88
C ASP C 221 -75.15 40.26 18.96
N PRO C 222 -76.05 40.95 19.65
CA PRO C 222 -75.61 41.98 20.62
C PRO C 222 -74.66 41.47 21.69
N ALA C 223 -74.84 40.23 22.19
CA ALA C 223 -73.94 39.73 23.23
C ALA C 223 -72.50 39.67 22.74
N VAL C 224 -72.30 39.23 21.50
CA VAL C 224 -70.97 39.26 20.89
C VAL C 224 -70.45 40.69 20.86
N THR C 225 -71.32 41.61 20.42
CA THR C 225 -70.97 43.04 20.44
C THR C 225 -70.60 43.51 21.84
N GLU C 226 -71.35 43.11 22.86
CA GLU C 226 -71.01 43.57 24.20
C GLU C 226 -69.72 42.92 24.70
N TYR C 227 -69.54 41.62 24.46
CA TYR C 227 -68.33 40.96 24.98
C TYR C 227 -67.09 41.48 24.27
N ILE C 228 -67.16 41.67 22.95
CA ILE C 228 -65.99 42.18 22.24
C ILE C 228 -65.72 43.63 22.64
N GLN C 229 -66.78 44.42 22.80
CA GLN C 229 -66.60 45.76 23.32
C GLN C 229 -65.92 45.72 24.68
N ARG C 230 -66.25 44.70 25.50
CA ARG C 230 -65.61 44.58 26.80
C ARG C 230 -64.14 44.19 26.69
N LYS C 231 -63.71 43.67 25.55
CA LYS C 231 -62.31 43.31 25.42
C LYS C 231 -61.46 44.46 24.91
N LYS C 232 -62.04 45.35 24.09
CA LYS C 232 -61.33 46.51 23.59
C LYS C 232 -61.28 47.66 24.59
N PHE C 233 -62.32 47.78 25.42
CA PHE C 233 -62.43 48.82 26.45
C PHE C 233 -62.86 48.09 27.71
N PRO C 234 -61.93 47.51 28.45
CA PRO C 234 -62.29 46.73 29.64
C PRO C 234 -63.03 47.59 30.66
N PRO C 235 -64.12 47.07 31.24
CA PRO C 235 -64.84 47.85 32.25
C PRO C 235 -64.09 48.05 33.56
N ASP C 236 -63.31 47.08 34.05
CA ASP C 236 -62.47 47.33 35.21
C ASP C 236 -61.15 48.03 34.84
N ASN C 237 -61.09 48.63 33.66
CA ASN C 237 -59.93 49.36 33.15
C ASN C 237 -58.65 48.54 33.28
N SER C 238 -58.74 47.25 33.02
CA SER C 238 -57.56 46.39 32.90
C SER C 238 -56.95 46.58 31.51
N ALA C 239 -56.06 45.71 31.15
CA ALA C 239 -55.46 45.88 29.84
C ALA C 239 -56.37 45.31 28.76
N PRO C 240 -56.52 45.99 27.63
CA PRO C 240 -57.27 45.42 26.52
C PRO C 240 -56.65 44.11 26.06
N TYR C 241 -57.50 43.22 25.54
CA TYR C 241 -57.02 41.98 24.94
C TYR C 241 -56.38 42.27 23.59
N GLY C 242 -55.43 41.43 23.22
CA GLY C 242 -54.96 41.45 21.85
C GLY C 242 -55.88 40.67 20.95
N ALA C 243 -55.95 41.07 19.69
CA ALA C 243 -56.72 40.35 18.70
C ALA C 243 -55.79 39.57 17.79
N ARG C 244 -56.16 38.33 17.48
CA ARG C 244 -55.48 37.52 16.49
C ARG C 244 -56.54 36.77 15.73
N TYR C 245 -56.35 36.63 14.43
CA TYR C 245 -57.31 35.86 13.65
C TYR C 245 -56.57 35.46 12.38
N VAL C 246 -56.11 34.20 12.36
CA VAL C 246 -55.44 33.67 11.21
C VAL C 246 -56.43 33.35 10.09
N GLY C 247 -57.63 32.88 10.46
CA GLY C 247 -58.59 32.46 9.45
C GLY C 247 -58.44 31.04 8.98
N SER C 248 -57.57 30.26 9.60
CA SER C 248 -57.55 28.81 9.44
C SER C 248 -57.77 28.25 10.85
N MET C 249 -58.84 27.46 11.02
CA MET C 249 -59.34 27.19 12.35
C MET C 249 -58.31 26.46 13.21
N VAL C 250 -57.59 25.51 12.62
CA VAL C 250 -56.57 24.79 13.39
C VAL C 250 -55.55 25.77 13.97
N ALA C 251 -55.11 26.74 13.17
CA ALA C 251 -54.13 27.72 13.66
C ALA C 251 -54.70 28.58 14.79
N ASP C 252 -55.94 29.09 14.63
CA ASP C 252 -56.52 29.94 15.66
C ASP C 252 -56.82 29.14 16.93
N VAL C 253 -57.37 27.93 16.79
CA VAL C 253 -57.70 27.14 17.96
C VAL C 253 -56.43 26.71 18.69
N HIS C 254 -55.41 26.29 17.94
CA HIS C 254 -54.19 25.85 18.57
C HIS C 254 -53.48 26.97 19.34
N ARG C 255 -53.41 28.18 18.76
CA ARG C 255 -52.86 29.32 19.50
C ARG C 255 -53.64 29.51 20.78
N THR C 256 -54.96 29.37 20.70
CA THR C 256 -55.79 29.51 21.89
C THR C 256 -55.41 28.50 22.94
N LEU C 257 -55.13 27.27 22.52
CA LEU C 257 -54.70 26.25 23.46
C LEU C 257 -53.35 26.58 24.08
N VAL C 258 -52.41 27.06 23.27
CA VAL C 258 -51.05 27.22 23.79
C VAL C 258 -50.92 28.49 24.60
N TYR C 259 -51.62 29.58 24.21
CA TYR C 259 -51.45 30.84 24.90
C TYR C 259 -52.62 31.24 25.79
N GLY C 260 -53.75 30.55 25.69
CA GLY C 260 -54.95 30.94 26.40
C GLY C 260 -55.75 31.99 25.65
N GLY C 261 -56.93 32.28 26.18
CA GLY C 261 -57.82 33.21 25.52
C GLY C 261 -59.10 32.58 25.01
N ILE C 262 -59.70 33.19 23.99
CA ILE C 262 -61.02 32.78 23.52
C ILE C 262 -61.08 32.94 22.01
N PHE C 263 -61.66 31.95 21.36
CA PHE C 263 -61.89 31.95 19.91
C PHE C 263 -63.40 31.97 19.63
N LEU C 264 -63.83 32.79 18.67
CA LEU C 264 -65.26 32.93 18.39
C LEU C 264 -65.50 32.88 16.90
N TYR C 265 -66.34 31.95 16.46
CA TYR C 265 -66.98 32.02 15.15
C TYR C 265 -68.50 31.97 15.37
N PRO C 266 -69.14 33.10 15.67
CA PRO C 266 -70.55 33.11 16.02
C PRO C 266 -71.41 33.13 14.75
N ALA C 267 -72.72 33.16 14.93
CA ALA C 267 -73.62 33.18 13.79
C ALA C 267 -73.74 34.60 13.22
N ASN C 268 -73.61 34.71 11.90
CA ASN C 268 -73.89 35.94 11.16
C ASN C 268 -75.13 35.73 10.27
N LYS C 269 -75.28 36.54 9.20
CA LYS C 269 -76.41 36.41 8.28
C LYS C 269 -76.11 35.46 7.13
N LYS C 270 -74.86 35.40 6.68
CA LYS C 270 -74.46 34.45 5.67
C LYS C 270 -74.51 33.02 6.20
N SER C 271 -74.49 32.88 7.51
CA SER C 271 -74.46 31.57 8.16
C SER C 271 -75.24 31.67 9.47
N PRO C 272 -76.57 31.57 9.40
CA PRO C 272 -77.38 31.71 10.62
C PRO C 272 -77.23 30.56 11.60
N ASN C 273 -76.64 29.45 11.17
CA ASN C 273 -76.35 28.31 12.03
C ASN C 273 -74.86 28.16 12.27
N GLY C 274 -74.13 29.29 12.16
CA GLY C 274 -72.69 29.29 12.18
C GLY C 274 -72.15 28.84 10.85
N LYS C 275 -70.82 28.85 10.76
CA LYS C 275 -70.12 28.52 9.53
C LYS C 275 -69.31 27.25 9.64
N LEU C 276 -68.78 26.96 10.82
CA LEU C 276 -67.97 25.77 11.00
C LEU C 276 -68.83 24.51 11.06
N ARG C 277 -68.27 23.43 10.52
CA ARG C 277 -68.99 22.17 10.48
C ARG C 277 -68.89 21.50 11.84
N LEU C 278 -70.00 20.92 12.28
CA LEU C 278 -70.00 20.38 13.64
C LEU C 278 -69.21 19.06 13.72
N LEU C 279 -69.35 18.20 12.72
CA LEU C 279 -68.89 16.83 12.90
C LEU C 279 -67.37 16.76 13.01
N TYR C 280 -66.69 17.40 12.07
CA TYR C 280 -65.26 17.27 11.90
C TYR C 280 -64.50 18.59 12.06
N GLU C 281 -65.18 19.69 12.45
CA GLU C 281 -64.48 20.92 12.83
C GLU C 281 -64.78 21.30 14.29
N CYS C 282 -66.05 21.53 14.67
CA CYS C 282 -66.33 22.03 16.02
C CYS C 282 -66.08 20.97 17.11
N ASN C 283 -66.72 19.79 16.98
CA ASN C 283 -66.64 18.78 18.04
C ASN C 283 -65.22 18.36 18.36
N PRO C 284 -64.35 18.02 17.40
CA PRO C 284 -62.96 17.69 17.77
C PRO C 284 -62.25 18.82 18.50
N MET C 285 -62.44 20.08 18.08
CA MET C 285 -61.80 21.14 18.86
C MET C 285 -62.46 21.27 20.23
N ALA C 286 -63.78 21.08 20.29
CA ALA C 286 -64.48 21.11 21.58
C ALA C 286 -63.99 20.00 22.51
N TYR C 287 -63.73 18.81 21.97
CA TYR C 287 -63.20 17.74 22.82
C TYR C 287 -61.81 18.07 23.34
N VAL C 288 -60.90 18.47 22.44
CA VAL C 288 -59.54 18.87 22.82
C VAL C 288 -59.59 19.96 23.88
N MET C 289 -60.46 20.95 23.71
CA MET C 289 -60.57 22.02 24.69
C MET C 289 -60.97 21.47 26.05
N GLU C 290 -62.03 20.67 26.08
CA GLU C 290 -62.54 20.19 27.36
C GLU C 290 -61.55 19.30 28.04
N LYS C 291 -60.90 18.39 27.29
CA LYS C 291 -59.88 17.57 27.91
C LYS C 291 -58.64 18.35 28.31
N ALA C 292 -58.52 19.62 27.91
CA ALA C 292 -57.40 20.44 28.34
C ALA C 292 -57.84 21.48 29.36
N GLY C 293 -59.09 21.38 29.85
CA GLY C 293 -59.61 22.25 30.88
C GLY C 293 -60.40 23.45 30.39
N GLY C 294 -60.60 23.59 29.08
CA GLY C 294 -61.31 24.72 28.54
C GLY C 294 -62.78 24.41 28.34
N MET C 295 -63.47 25.32 27.67
CA MET C 295 -64.91 25.22 27.49
C MET C 295 -65.23 25.51 26.03
N ALA C 296 -66.32 24.93 25.54
CA ALA C 296 -66.73 25.17 24.16
C ALA C 296 -68.25 25.12 24.09
N THR C 297 -68.85 26.24 23.67
CA THR C 297 -70.29 26.42 23.64
C THR C 297 -70.78 26.90 22.28
N THR C 298 -72.02 26.55 21.97
CA THR C 298 -72.72 27.10 20.82
C THR C 298 -73.35 28.42 21.13
N GLY C 299 -73.26 28.85 22.39
CA GLY C 299 -74.03 29.95 22.92
C GLY C 299 -75.13 29.45 23.84
N LYS C 300 -75.95 28.53 23.35
CA LYS C 300 -77.04 28.01 24.16
C LYS C 300 -76.61 26.80 24.99
N GLU C 301 -75.69 26.00 24.47
CA GLU C 301 -75.32 24.76 25.11
C GLU C 301 -73.86 24.46 24.81
N ALA C 302 -73.28 23.55 25.59
CA ALA C 302 -71.96 23.05 25.27
C ALA C 302 -71.99 22.39 23.90
N VAL C 303 -70.89 22.55 23.15
CA VAL C 303 -70.81 22.02 21.81
C VAL C 303 -70.93 20.51 21.81
N LEU C 304 -70.29 19.85 22.78
CA LEU C 304 -70.25 18.41 22.82
C LEU C 304 -71.61 17.79 23.12
N ASP C 305 -72.57 18.57 23.62
CA ASP C 305 -73.90 18.06 23.91
C ASP C 305 -74.83 18.12 22.70
N VAL C 306 -74.46 18.80 21.64
CA VAL C 306 -75.31 18.90 20.47
C VAL C 306 -75.46 17.53 19.83
N ILE C 307 -76.70 17.13 19.58
CA ILE C 307 -76.98 15.88 18.89
C ILE C 307 -77.20 16.19 17.41
N PRO C 308 -76.31 15.79 16.53
CA PRO C 308 -76.45 16.16 15.11
C PRO C 308 -77.51 15.35 14.40
N THR C 309 -78.03 15.96 13.33
CA THR C 309 -78.95 15.31 12.40
C THR C 309 -78.39 15.15 10.98
N ASP C 310 -77.42 15.96 10.54
CA ASP C 310 -76.86 15.91 9.18
C ASP C 310 -75.33 15.98 9.22
N ILE C 311 -74.68 15.22 8.33
CA ILE C 311 -73.23 15.10 8.48
C ILE C 311 -72.51 16.42 8.16
N HIS C 312 -73.08 17.27 7.32
CA HIS C 312 -72.35 18.51 7.04
C HIS C 312 -72.99 19.71 7.73
N GLN C 313 -73.74 19.48 8.82
CA GLN C 313 -74.38 20.59 9.52
C GLN C 313 -73.37 21.48 10.26
N ARG C 314 -73.74 22.76 10.36
CA ARG C 314 -72.92 23.78 10.99
C ARG C 314 -73.40 24.03 12.42
N ALA C 315 -72.56 24.76 13.17
CA ALA C 315 -72.78 25.17 14.55
C ALA C 315 -72.01 26.45 14.86
N PRO C 316 -72.62 27.39 15.56
CA PRO C 316 -71.83 28.50 16.10
C PRO C 316 -70.97 27.97 17.22
N VAL C 317 -69.80 28.58 17.41
CA VAL C 317 -68.83 28.04 18.37
C VAL C 317 -68.06 29.16 19.05
N ILE C 318 -67.98 29.10 20.38
CA ILE C 318 -67.12 29.94 21.21
C ILE C 318 -66.39 29.02 22.16
N LEU C 319 -65.05 29.00 22.08
CA LEU C 319 -64.27 28.05 22.88
C LEU C 319 -63.02 28.73 23.42
N GLY C 320 -62.38 28.08 24.38
CA GLY C 320 -61.16 28.62 24.96
C GLY C 320 -61.06 28.53 26.47
N SER C 321 -60.36 29.49 27.08
CA SER C 321 -60.12 29.45 28.51
C SER C 321 -61.43 29.48 29.31
N PRO C 322 -61.46 28.79 30.44
CA PRO C 322 -62.71 28.72 31.22
C PRO C 322 -63.24 30.08 31.67
N ASP C 323 -62.38 30.90 32.27
CA ASP C 323 -62.83 32.21 32.71
C ASP C 323 -63.33 33.05 31.55
N ASP C 324 -62.69 32.93 30.39
CA ASP C 324 -63.11 33.77 29.28
C ASP C 324 -64.43 33.33 28.69
N VAL C 325 -64.59 32.03 28.45
CA VAL C 325 -65.87 31.52 27.95
C VAL C 325 -66.99 31.71 28.98
N LEU C 326 -66.69 31.61 30.27
CA LEU C 326 -67.70 31.93 31.27
C LEU C 326 -68.10 33.40 31.20
N GLU C 327 -67.12 34.30 31.10
CA GLU C 327 -67.44 35.73 31.04
C GLU C 327 -68.36 36.04 29.87
N PHE C 328 -68.10 35.42 28.71
CA PHE C 328 -68.99 35.62 27.57
C PHE C 328 -70.38 35.07 27.88
N LEU C 329 -70.45 33.90 28.54
CA LEU C 329 -71.74 33.32 28.87
C LEU C 329 -72.56 34.23 29.78
N LYS C 330 -71.90 34.96 30.70
CA LYS C 330 -72.63 35.97 31.46
C LYS C 330 -73.24 37.02 30.52
N VAL C 331 -72.47 37.45 29.53
CA VAL C 331 -72.97 38.45 28.60
C VAL C 331 -74.12 37.88 27.78
N TYR C 332 -74.06 36.59 27.47
CA TYR C 332 -75.12 35.94 26.70
C TYR C 332 -76.44 35.94 27.48
N GLU C 333 -76.40 35.56 28.78
CA GLU C 333 -77.61 35.59 29.59
C GLU C 333 -78.14 37.01 29.78
N LYS C 334 -77.26 38.00 29.82
CA LYS C 334 -77.70 39.38 30.01
C LYS C 334 -78.65 39.82 28.92
N HIS C 335 -78.49 39.29 27.71
CA HIS C 335 -79.32 39.70 26.59
C HIS C 335 -80.48 38.75 26.36
N SER C 336 -80.96 38.11 27.43
CA SER C 336 -82.15 37.24 27.56
C SER C 336 -81.69 36.02 28.32
N ASP D 10 -40.42 26.20 -19.57
CA ASP D 10 -39.01 26.01 -19.23
C ASP D 10 -38.84 26.15 -17.71
N VAL D 11 -38.17 25.17 -17.08
CA VAL D 11 -38.03 25.17 -15.62
C VAL D 11 -37.03 26.24 -15.18
N ASN D 12 -37.25 26.81 -14.00
CA ASN D 12 -36.37 27.87 -13.55
C ASN D 12 -36.25 27.89 -12.03
N THR D 13 -35.03 28.10 -11.54
CA THR D 13 -34.69 28.18 -10.12
C THR D 13 -34.18 29.56 -9.75
N LEU D 14 -34.13 29.83 -8.44
CA LEU D 14 -33.64 31.13 -7.98
C LEU D 14 -32.19 31.32 -8.37
N THR D 15 -31.36 30.29 -8.18
CA THR D 15 -29.95 30.38 -8.52
C THR D 15 -29.75 30.59 -10.02
N ARG D 16 -30.50 29.85 -10.82
CA ARG D 16 -30.36 30.00 -12.26
C ARG D 16 -30.89 31.34 -12.72
N PHE D 17 -31.98 31.79 -12.10
CA PHE D 17 -32.62 33.05 -12.49
C PHE D 17 -31.71 34.25 -12.23
N VAL D 18 -31.10 34.29 -11.06
CA VAL D 18 -30.24 35.43 -10.72
C VAL D 18 -29.04 35.48 -11.65
N MET D 19 -28.48 34.33 -12.01
CA MET D 19 -27.35 34.31 -12.94
C MET D 19 -27.77 34.82 -14.31
N GLU D 20 -28.96 34.45 -14.76
CA GLU D 20 -29.47 34.99 -16.01
C GLU D 20 -29.58 36.51 -15.98
N GLU D 21 -30.19 37.07 -14.92
CA GLU D 21 -30.26 38.52 -14.82
C GLU D 21 -28.89 39.14 -14.62
N GLY D 22 -27.98 38.43 -13.96
CA GLY D 22 -26.67 38.98 -13.73
C GLY D 22 -25.83 39.06 -14.99
N ARG D 23 -25.94 38.08 -15.87
CA ARG D 23 -25.22 38.17 -17.12
C ARG D 23 -25.85 39.22 -18.02
N LYS D 24 -27.17 39.20 -18.15
CA LYS D 24 -27.89 40.14 -19.00
C LYS D 24 -27.50 41.57 -18.68
N ALA D 25 -27.17 41.84 -17.42
CA ALA D 25 -26.76 43.16 -16.97
C ALA D 25 -25.24 43.35 -16.96
N ARG D 26 -24.49 42.28 -17.26
CA ARG D 26 -23.03 42.35 -17.36
C ARG D 26 -22.42 42.92 -16.09
N GLY D 27 -22.91 42.45 -14.94
CA GLY D 27 -22.41 42.84 -13.64
C GLY D 27 -21.27 41.97 -13.17
N THR D 28 -20.71 42.33 -12.01
CA THR D 28 -19.51 41.69 -11.48
C THR D 28 -19.77 40.36 -10.78
N GLY D 29 -21.02 40.08 -10.41
CA GLY D 29 -21.36 38.88 -9.67
C GLY D 29 -21.41 39.02 -8.16
N GLU D 30 -20.97 40.15 -7.62
CA GLU D 30 -21.01 40.31 -6.17
C GLU D 30 -22.43 40.23 -5.64
N LEU D 31 -23.39 40.77 -6.40
CA LEU D 31 -24.78 40.75 -5.93
C LEU D 31 -25.35 39.34 -6.00
N THR D 32 -25.03 38.62 -7.07
CA THR D 32 -25.46 37.23 -7.21
C THR D 32 -24.86 36.37 -6.11
N GLN D 33 -23.58 36.61 -5.77
CA GLN D 33 -22.97 35.87 -4.68
C GLN D 33 -23.68 36.15 -3.36
N LEU D 34 -24.02 37.41 -3.11
CA LEU D 34 -24.75 37.74 -1.89
C LEU D 34 -26.09 37.01 -1.84
N LEU D 35 -26.86 37.07 -2.93
CA LEU D 35 -28.18 36.47 -2.93
C LEU D 35 -28.11 34.96 -2.75
N ASN D 36 -27.13 34.33 -3.39
CA ASN D 36 -26.95 32.88 -3.21
C ASN D 36 -26.62 32.53 -1.76
N SER D 37 -25.76 33.31 -1.13
CA SER D 37 -25.44 33.08 0.28
C SER D 37 -26.67 33.25 1.18
N LEU D 38 -27.47 34.29 0.91
CA LEU D 38 -28.67 34.56 1.70
C LEU D 38 -29.68 33.45 1.55
N CYS D 39 -29.91 33.04 0.31
CA CYS D 39 -30.82 31.95 0.02
C CYS D 39 -30.38 30.65 0.72
N THR D 40 -29.07 30.38 0.76
CA THR D 40 -28.60 29.21 1.50
C THR D 40 -28.88 29.36 2.99
N ALA D 41 -28.69 30.54 3.54
CA ALA D 41 -29.04 30.75 4.94
C ALA D 41 -30.55 30.54 5.16
N VAL D 42 -31.38 30.94 4.17
CA VAL D 42 -32.84 30.75 4.29
C VAL D 42 -33.17 29.26 4.34
N LYS D 43 -32.55 28.47 3.48
CA LYS D 43 -32.86 27.06 3.54
C LYS D 43 -32.43 26.46 4.87
N ALA D 44 -31.29 26.90 5.41
CA ALA D 44 -30.86 26.35 6.69
C ALA D 44 -31.83 26.76 7.79
N ILE D 45 -32.30 28.01 7.77
CA ILE D 45 -33.30 28.43 8.75
C ILE D 45 -34.56 27.58 8.61
N SER D 46 -35.03 27.37 7.38
CA SER D 46 -36.28 26.62 7.19
C SER D 46 -36.19 25.23 7.82
N SER D 47 -35.06 24.54 7.66
CA SER D 47 -34.93 23.19 8.23
C SER D 47 -35.09 23.20 9.74
N ALA D 48 -34.60 24.23 10.42
CA ALA D 48 -34.74 24.27 11.88
C ALA D 48 -36.15 24.69 12.29
N VAL D 49 -36.75 25.64 11.57
CA VAL D 49 -38.10 26.08 11.90
C VAL D 49 -39.06 24.91 11.76
N ARG D 50 -38.86 24.07 10.74
CA ARG D 50 -39.63 22.84 10.64
C ARG D 50 -39.18 21.79 11.65
N LYS D 51 -38.25 22.13 12.52
CA LYS D 51 -37.80 21.26 13.61
C LYS D 51 -37.17 19.95 13.10
N ALA D 52 -36.50 19.94 11.95
CA ALA D 52 -35.76 18.74 11.57
C ALA D 52 -34.67 18.45 12.60
N GLY D 53 -34.61 17.20 13.05
CA GLY D 53 -33.66 16.81 14.08
C GLY D 53 -34.08 17.12 15.50
N ILE D 54 -35.31 17.55 15.74
CA ILE D 54 -35.72 17.90 17.10
C ILE D 54 -35.65 16.68 18.01
N ALA D 55 -35.65 15.47 17.42
CA ALA D 55 -35.58 14.26 18.22
C ALA D 55 -34.34 14.23 19.13
N HIS D 56 -33.22 14.78 18.66
CA HIS D 56 -32.02 14.76 19.49
C HIS D 56 -32.09 15.75 20.67
N LEU D 57 -32.82 16.85 20.52
CA LEU D 57 -33.01 17.75 21.65
C LEU D 57 -33.84 17.11 22.76
N TYR D 58 -34.63 16.08 22.46
CA TYR D 58 -35.42 15.42 23.50
C TYR D 58 -34.79 14.10 23.94
N GLY D 59 -33.47 14.00 23.91
CA GLY D 59 -32.78 12.87 24.50
C GLY D 59 -33.03 11.52 23.86
N ILE D 60 -33.07 11.47 22.53
CA ILE D 60 -33.22 10.21 21.80
C ILE D 60 -32.01 9.31 21.95
N ALA D 61 -30.90 9.84 22.46
CA ALA D 61 -29.75 9.02 22.80
C ALA D 61 -29.36 9.16 24.29
N GLY D 62 -30.34 9.40 25.16
CA GLY D 62 -30.07 9.49 26.59
C GLY D 62 -29.26 10.68 27.04
N LYS D 73 -33.50 30.08 21.54
CA LYS D 73 -32.29 30.04 20.71
C LYS D 73 -32.59 29.97 19.18
N LEU D 74 -33.86 29.79 18.79
CA LEU D 74 -34.19 29.67 17.37
C LEU D 74 -33.99 30.99 16.61
N ASP D 75 -34.27 32.13 17.23
CA ASP D 75 -33.98 33.36 16.50
C ASP D 75 -32.49 33.69 16.56
N VAL D 76 -31.80 33.26 17.61
CA VAL D 76 -30.36 33.44 17.66
C VAL D 76 -29.67 32.60 16.59
N LEU D 77 -30.07 31.34 16.43
CA LEU D 77 -29.47 30.53 15.38
C LEU D 77 -29.72 31.13 13.99
N SER D 78 -30.93 31.65 13.77
CA SER D 78 -31.23 32.31 12.50
C SER D 78 -30.29 33.48 12.26
N ASN D 79 -30.08 34.30 13.28
CA ASN D 79 -29.22 35.48 13.13
C ASN D 79 -27.80 35.06 12.77
N ASP D 80 -27.27 34.07 13.46
CA ASP D 80 -25.92 33.58 13.18
C ASP D 80 -25.81 33.00 11.77
N LEU D 81 -26.85 32.32 11.27
CA LEU D 81 -26.78 31.76 9.92
C LEU D 81 -26.68 32.86 8.87
N VAL D 82 -27.53 33.87 8.95
CA VAL D 82 -27.48 34.95 7.97
C VAL D 82 -26.18 35.75 8.14
N MET D 83 -25.82 36.11 9.38
CA MET D 83 -24.57 36.83 9.62
C MET D 83 -23.39 36.10 9.02
N ASN D 84 -23.22 34.83 9.35
CA ASN D 84 -22.04 34.12 8.89
C ASN D 84 -22.09 33.94 7.37
N MET D 85 -23.27 33.67 6.81
CA MET D 85 -23.35 33.49 5.35
C MET D 85 -23.15 34.81 4.61
N LEU D 86 -23.52 35.94 5.23
CA LEU D 86 -23.29 37.23 4.60
C LEU D 86 -21.84 37.67 4.72
N LYS D 87 -21.28 37.61 5.93
CA LYS D 87 -19.87 37.92 6.12
C LYS D 87 -18.97 37.12 5.18
N SER D 88 -19.22 35.82 5.04
CA SER D 88 -18.36 34.95 4.24
C SER D 88 -18.67 34.99 2.74
N SER D 89 -19.60 35.83 2.29
CA SER D 89 -19.85 35.90 0.86
C SER D 89 -18.86 36.80 0.15
N PHE D 90 -18.10 37.60 0.91
CA PHE D 90 -17.18 38.59 0.36
C PHE D 90 -17.95 39.61 -0.45
N ALA D 91 -19.16 39.95 -0.01
CA ALA D 91 -19.96 40.93 -0.72
C ALA D 91 -20.61 42.00 0.16
N THR D 92 -20.36 42.00 1.46
CA THR D 92 -21.02 42.95 2.36
C THR D 92 -19.96 43.69 3.17
N CYS D 93 -20.34 44.85 3.67
CA CYS D 93 -19.42 45.65 4.48
C CYS D 93 -20.05 46.05 5.81
N VAL D 94 -21.36 46.32 5.80
CA VAL D 94 -22.10 46.67 7.00
C VAL D 94 -23.36 45.82 7.03
N LEU D 95 -23.67 45.27 8.20
CA LEU D 95 -24.87 44.45 8.42
C LEU D 95 -25.64 45.01 9.61
N VAL D 96 -26.91 45.35 9.39
CA VAL D 96 -27.83 45.78 10.44
C VAL D 96 -28.83 44.66 10.65
N SER D 97 -28.99 44.23 11.90
CA SER D 97 -29.87 43.13 12.30
C SER D 97 -30.73 43.50 13.48
N GLU D 98 -31.98 43.01 13.51
CA GLU D 98 -32.81 43.20 14.68
C GLU D 98 -32.17 42.67 15.96
N GLU D 99 -31.34 41.63 15.85
CA GLU D 99 -30.75 41.01 17.04
C GLU D 99 -29.58 41.78 17.65
N ASP D 100 -29.00 42.74 16.95
CA ASP D 100 -27.78 43.41 17.37
C ASP D 100 -28.01 44.90 17.56
N LYS D 101 -27.61 45.44 18.72
CA LYS D 101 -27.80 46.87 18.95
C LYS D 101 -27.02 47.70 17.96
N HIS D 102 -25.76 47.35 17.71
CA HIS D 102 -24.97 48.13 16.78
C HIS D 102 -24.82 47.38 15.47
N ALA D 103 -24.62 48.17 14.40
CA ALA D 103 -24.39 47.57 13.11
C ALA D 103 -23.08 46.81 13.18
N ILE D 104 -23.01 45.72 12.44
CA ILE D 104 -21.83 44.89 12.41
C ILE D 104 -20.95 45.35 11.26
N ILE D 105 -19.65 45.50 11.50
CA ILE D 105 -18.72 45.87 10.45
C ILE D 105 -17.91 44.65 10.04
N VAL D 106 -18.08 44.24 8.78
CA VAL D 106 -17.38 43.08 8.27
C VAL D 106 -15.89 43.35 8.32
N GLU D 107 -15.11 42.36 8.74
CA GLU D 107 -13.66 42.51 8.77
C GLU D 107 -13.15 42.72 7.33
N PRO D 108 -12.05 43.46 7.18
CA PRO D 108 -11.68 43.97 5.83
C PRO D 108 -11.43 42.89 4.79
N GLU D 109 -10.88 41.74 5.17
CA GLU D 109 -10.53 40.76 4.15
C GLU D 109 -11.77 40.24 3.45
N LYS D 110 -12.90 40.18 4.15
CA LYS D 110 -14.16 39.66 3.62
C LYS D 110 -15.09 40.76 3.16
N ARG D 111 -14.57 41.97 2.99
CA ARG D 111 -15.40 43.14 2.77
C ARG D 111 -15.83 43.21 1.31
N GLY D 112 -17.09 43.62 1.10
CA GLY D 112 -17.68 43.77 -0.22
C GLY D 112 -18.50 45.05 -0.36
N LYS D 113 -19.24 45.20 -1.45
CA LYS D 113 -19.78 46.51 -1.81
C LYS D 113 -21.25 46.75 -1.44
N TYR D 114 -21.86 45.90 -0.63
CA TYR D 114 -23.30 45.98 -0.36
C TYR D 114 -23.63 46.05 1.13
N VAL D 115 -24.77 46.68 1.43
CA VAL D 115 -25.27 46.83 2.79
C VAL D 115 -26.56 46.02 2.94
N VAL D 116 -26.69 45.30 4.04
CA VAL D 116 -27.83 44.42 4.23
C VAL D 116 -28.48 44.72 5.56
N CYS D 117 -29.78 45.00 5.54
CA CYS D 117 -30.58 45.10 6.75
C CYS D 117 -31.56 43.94 6.81
N PHE D 118 -31.65 43.29 7.96
CA PHE D 118 -32.54 42.15 8.04
C PHE D 118 -33.10 41.94 9.44
N ASP D 119 -34.33 41.40 9.46
CA ASP D 119 -34.89 40.70 10.62
C ASP D 119 -34.68 39.22 10.37
N PRO D 120 -33.83 38.53 11.15
CA PRO D 120 -33.50 37.15 10.77
C PRO D 120 -34.66 36.18 11.00
N LEU D 121 -35.51 36.43 11.98
CA LEU D 121 -36.69 35.60 12.21
C LEU D 121 -37.79 36.49 12.79
N ASP D 122 -38.56 37.12 11.91
CA ASP D 122 -39.65 37.95 12.38
C ASP D 122 -40.84 37.10 12.83
N GLY D 123 -41.49 37.56 13.88
CA GLY D 123 -42.61 36.83 14.46
C GLY D 123 -42.24 35.71 15.38
N SER D 124 -40.95 35.51 15.65
CA SER D 124 -40.48 34.36 16.42
C SER D 124 -40.96 34.39 17.86
N SER D 125 -41.49 35.52 18.32
CA SER D 125 -42.05 35.62 19.66
C SER D 125 -43.34 34.82 19.80
N ASN D 126 -44.08 34.66 18.70
CA ASN D 126 -45.27 33.80 18.68
C ASN D 126 -44.95 32.43 18.11
N ILE D 127 -43.69 31.98 18.19
CA ILE D 127 -43.34 30.71 17.54
C ILE D 127 -43.75 29.50 18.37
N ASP D 128 -44.13 29.70 19.64
CA ASP D 128 -44.60 28.62 20.52
C ASP D 128 -45.89 27.99 20.04
N CYS D 129 -46.70 28.71 19.27
CA CYS D 129 -47.93 28.21 18.70
C CYS D 129 -47.79 27.83 17.23
N LEU D 130 -46.56 27.77 16.72
CA LEU D 130 -46.26 27.38 15.33
C LEU D 130 -46.89 28.30 14.30
N VAL D 131 -47.18 29.56 14.68
CA VAL D 131 -47.58 30.54 13.68
C VAL D 131 -46.43 30.73 12.70
N SER D 132 -46.77 31.22 11.51
CA SER D 132 -45.76 31.52 10.49
C SER D 132 -44.70 32.51 10.98
N VAL D 133 -43.47 32.27 10.58
CA VAL D 133 -42.36 33.17 10.87
C VAL D 133 -41.66 33.50 9.55
N GLY D 134 -40.78 34.50 9.60
CA GLY D 134 -40.15 34.90 8.37
C GLY D 134 -38.82 35.61 8.57
N THR D 135 -38.06 35.68 7.48
CA THR D 135 -36.86 36.49 7.43
C THR D 135 -37.09 37.61 6.41
N ILE D 136 -36.87 38.86 6.83
CA ILE D 136 -37.03 40.03 5.97
C ILE D 136 -35.66 40.64 5.73
N PHE D 137 -35.38 41.00 4.47
CA PHE D 137 -34.06 41.52 4.17
C PHE D 137 -34.18 42.68 3.19
N GLY D 138 -33.26 43.64 3.33
CA GLY D 138 -33.12 44.72 2.37
C GLY D 138 -31.67 44.99 2.04
N ILE D 139 -31.37 45.23 0.77
CA ILE D 139 -29.99 45.33 0.28
C ILE D 139 -29.73 46.70 -0.33
N TYR D 140 -28.71 47.38 0.19
CA TYR D 140 -28.26 48.69 -0.29
C TYR D 140 -26.84 48.58 -0.83
N ARG D 141 -26.53 49.45 -1.80
CA ARG D 141 -25.15 49.64 -2.23
C ARG D 141 -24.52 50.70 -1.36
N LYS D 142 -23.29 50.44 -0.91
CA LYS D 142 -22.57 51.43 -0.12
C LYS D 142 -22.27 52.65 -0.98
N LYS D 143 -22.64 53.84 -0.49
CA LYS D 143 -22.61 55.02 -1.34
C LYS D 143 -21.24 55.74 -1.32
N SER D 144 -20.70 56.02 -0.14
CA SER D 144 -19.39 56.64 0.00
C SER D 144 -18.26 55.60 -0.07
N THR D 145 -17.03 56.11 -0.07
CA THR D 145 -15.81 55.32 0.07
C THR D 145 -15.20 55.49 1.46
N ASP D 146 -15.95 55.99 2.43
CA ASP D 146 -15.41 56.14 3.76
C ASP D 146 -15.12 54.79 4.39
N GLU D 147 -14.47 54.83 5.55
CA GLU D 147 -14.39 53.62 6.36
C GLU D 147 -15.81 53.20 6.73
N PRO D 148 -16.15 51.90 6.61
CA PRO D 148 -17.53 51.49 6.85
C PRO D 148 -17.97 51.70 8.30
N SER D 149 -19.19 52.21 8.45
CA SER D 149 -19.79 52.48 9.74
C SER D 149 -21.30 52.42 9.58
N GLU D 150 -22.00 52.61 10.71
CA GLU D 150 -23.47 52.61 10.71
C GLU D 150 -24.02 53.65 9.74
N LYS D 151 -23.27 54.73 9.51
CA LYS D 151 -23.72 55.80 8.63
C LYS D 151 -24.10 55.23 7.27
N ASP D 152 -23.50 54.10 6.89
CA ASP D 152 -23.76 53.45 5.62
C ASP D 152 -25.11 52.76 5.56
N ALA D 153 -25.73 52.48 6.72
CA ALA D 153 -27.04 51.83 6.77
C ALA D 153 -28.21 52.80 6.72
N LEU D 154 -27.95 54.09 6.86
CA LEU D 154 -29.01 55.09 7.02
C LEU D 154 -29.50 55.67 5.72
N GLN D 155 -29.62 54.90 4.65
CA GLN D 155 -30.20 55.37 3.41
C GLN D 155 -31.73 55.24 3.48
N PRO D 156 -32.47 56.01 2.68
CA PRO D 156 -33.91 55.80 2.59
C PRO D 156 -34.20 54.60 1.72
N GLY D 157 -35.38 54.01 1.94
CA GLY D 157 -35.80 52.87 1.15
C GLY D 157 -35.71 53.06 -0.36
N ARG D 158 -35.74 54.32 -0.83
CA ARG D 158 -35.62 54.59 -2.26
C ARG D 158 -34.38 53.94 -2.85
N ASN D 159 -33.33 53.81 -2.04
CA ASN D 159 -32.03 53.37 -2.53
C ASN D 159 -31.85 51.86 -2.61
N LEU D 160 -32.89 51.09 -2.30
CA LEU D 160 -32.80 49.63 -2.28
C LEU D 160 -32.44 49.09 -3.65
N VAL D 161 -31.53 48.13 -3.68
CA VAL D 161 -31.19 47.44 -4.91
C VAL D 161 -32.00 46.16 -5.04
N ALA D 162 -32.19 45.46 -3.93
CA ALA D 162 -33.08 44.32 -3.88
C ALA D 162 -33.61 44.23 -2.46
N ALA D 163 -34.79 43.65 -2.33
CA ALA D 163 -35.43 43.51 -1.04
C ALA D 163 -36.47 42.39 -1.13
N GLY D 164 -36.84 41.85 0.02
CA GLY D 164 -37.85 40.82 0.03
C GLY D 164 -37.87 40.07 1.36
N TYR D 165 -38.42 38.86 1.29
CA TYR D 165 -38.66 38.10 2.51
C TYR D 165 -38.80 36.61 2.17
N ALA D 166 -38.53 35.80 3.18
CA ALA D 166 -38.84 34.38 3.18
C ALA D 166 -39.96 34.16 4.17
N LEU D 167 -41.01 33.50 3.70
CA LEU D 167 -42.12 33.16 4.57
C LEU D 167 -42.00 31.70 4.97
N TYR D 168 -41.94 31.43 6.28
CA TYR D 168 -41.93 30.06 6.79
C TYR D 168 -43.36 29.70 7.22
N GLY D 169 -44.17 29.35 6.23
CA GLY D 169 -45.54 29.02 6.47
C GLY D 169 -45.85 27.55 6.25
N SER D 170 -47.02 27.27 5.67
CA SER D 170 -47.33 25.91 5.27
C SER D 170 -46.25 25.38 4.32
N ALA D 171 -45.73 26.25 3.46
CA ALA D 171 -44.54 25.99 2.66
C ALA D 171 -43.55 27.11 2.91
N THR D 172 -42.35 26.95 2.35
CA THR D 172 -41.29 27.96 2.42
C THR D 172 -41.18 28.69 1.08
N MET D 173 -41.48 29.98 1.11
CA MET D 173 -41.40 30.77 -0.10
C MET D 173 -40.49 31.96 0.13
N LEU D 174 -39.74 32.28 -0.92
CA LEU D 174 -38.88 33.46 -1.00
C LEU D 174 -39.49 34.39 -2.02
N VAL D 175 -39.80 35.60 -1.61
CA VAL D 175 -40.32 36.64 -2.49
C VAL D 175 -39.21 37.65 -2.69
N LEU D 176 -38.80 37.85 -3.95
CA LEU D 176 -37.67 38.72 -4.28
C LEU D 176 -38.09 39.89 -5.16
N ALA D 177 -37.86 41.11 -4.69
CA ALA D 177 -38.21 42.32 -5.44
C ALA D 177 -36.92 43.05 -5.81
N MET D 178 -36.64 43.12 -7.10
CA MET D 178 -35.55 43.94 -7.62
C MET D 178 -36.12 44.96 -8.60
N ASP D 179 -35.27 45.57 -9.43
CA ASP D 179 -35.74 46.69 -10.23
C ASP D 179 -36.84 46.28 -11.20
N CYS D 180 -36.66 45.13 -11.85
CA CYS D 180 -37.62 44.70 -12.85
C CYS D 180 -38.99 44.36 -12.24
N GLY D 181 -39.02 43.88 -11.01
CA GLY D 181 -40.28 43.62 -10.36
C GLY D 181 -40.15 42.53 -9.32
N VAL D 182 -41.30 41.95 -8.96
CA VAL D 182 -41.41 41.01 -7.86
C VAL D 182 -41.58 39.61 -8.45
N ASN D 183 -40.79 38.66 -7.95
CA ASN D 183 -40.87 37.27 -8.37
C ASN D 183 -40.90 36.37 -7.16
N CYS D 184 -41.63 35.25 -7.27
CA CYS D 184 -41.84 34.33 -6.16
C CYS D 184 -41.26 32.96 -6.44
N PHE D 185 -40.55 32.42 -5.45
CA PHE D 185 -39.92 31.11 -5.58
C PHE D 185 -40.39 30.23 -4.41
N MET D 186 -40.82 29.01 -4.74
CA MET D 186 -41.22 27.99 -3.76
C MET D 186 -40.05 27.06 -3.48
N LEU D 187 -39.72 26.89 -2.20
CA LEU D 187 -38.66 25.96 -1.81
C LEU D 187 -39.16 24.52 -1.90
N ASP D 188 -38.53 23.74 -2.77
CA ASP D 188 -38.76 22.30 -2.83
C ASP D 188 -37.78 21.65 -1.86
N PRO D 189 -38.23 21.13 -0.73
CA PRO D 189 -37.29 20.62 0.27
C PRO D 189 -36.69 19.29 -0.09
N ALA D 190 -37.25 18.55 -1.04
CA ALA D 190 -36.62 17.30 -1.45
C ALA D 190 -35.27 17.56 -2.12
N ILE D 191 -35.08 18.73 -2.74
CA ILE D 191 -33.83 19.04 -3.43
C ILE D 191 -33.21 20.37 -2.98
N GLY D 192 -33.82 21.10 -2.05
CA GLY D 192 -33.19 22.35 -1.65
C GLY D 192 -33.01 23.36 -2.76
N GLU D 193 -34.04 23.54 -3.59
CA GLU D 193 -34.01 24.54 -4.65
C GLU D 193 -35.29 25.36 -4.63
N PHE D 194 -35.15 26.65 -4.93
CA PHE D 194 -36.30 27.54 -5.01
C PHE D 194 -36.82 27.54 -6.44
N ILE D 195 -38.06 27.13 -6.63
CA ILE D 195 -38.65 26.98 -7.95
C ILE D 195 -39.48 28.23 -8.24
N LEU D 196 -39.17 28.90 -9.34
CA LEU D 196 -39.98 30.04 -9.73
C LEU D 196 -41.40 29.62 -10.04
N VAL D 197 -42.36 30.19 -9.31
CA VAL D 197 -43.75 29.80 -9.46
C VAL D 197 -44.67 30.99 -9.74
N ASP D 198 -44.14 32.21 -9.63
CA ASP D 198 -44.92 33.43 -9.88
C ASP D 198 -44.00 34.48 -10.47
N LYS D 199 -44.15 34.76 -11.77
CA LYS D 199 -43.35 35.78 -12.42
C LYS D 199 -44.07 37.11 -12.36
N ASP D 200 -43.36 38.13 -11.89
CA ASP D 200 -43.78 39.53 -12.02
C ASP D 200 -45.16 39.78 -11.38
N VAL D 201 -45.27 39.45 -10.09
CA VAL D 201 -46.58 39.56 -9.46
C VAL D 201 -46.94 41.03 -9.31
N LYS D 202 -48.24 41.30 -9.41
CA LYS D 202 -48.80 42.63 -9.23
C LYS D 202 -49.99 42.50 -8.31
N ILE D 203 -50.09 43.40 -7.37
CA ILE D 203 -51.14 43.35 -6.37
C ILE D 203 -52.44 43.81 -7.02
N LYS D 204 -53.56 43.23 -6.58
CA LYS D 204 -54.87 43.70 -7.00
C LYS D 204 -55.00 45.21 -6.79
N LYS D 205 -55.72 45.86 -7.71
CA LYS D 205 -55.95 47.29 -7.58
C LYS D 205 -56.66 47.63 -6.28
N LYS D 206 -57.55 46.73 -5.79
CA LYS D 206 -58.27 46.96 -4.52
C LYS D 206 -58.67 45.62 -3.91
N GLY D 207 -58.54 45.50 -2.59
CA GLY D 207 -58.79 44.27 -1.89
C GLY D 207 -60.09 44.22 -1.07
N LYS D 208 -60.19 43.17 -0.24
CA LYS D 208 -61.38 42.99 0.59
C LYS D 208 -61.02 42.60 2.02
N ILE D 209 -59.78 42.81 2.45
CA ILE D 209 -59.32 42.37 3.77
C ILE D 209 -58.62 43.54 4.46
N TYR D 210 -58.91 43.73 5.73
CA TYR D 210 -58.15 44.68 6.52
C TYR D 210 -57.40 43.92 7.60
N SER D 211 -56.20 44.40 7.91
CA SER D 211 -55.28 43.64 8.72
C SER D 211 -54.62 44.57 9.70
N LEU D 212 -55.04 44.48 10.96
CA LEU D 212 -54.41 45.21 12.05
C LEU D 212 -54.92 44.60 13.34
N ASN D 213 -54.26 44.94 14.44
CA ASN D 213 -54.61 44.43 15.75
C ASN D 213 -55.70 45.31 16.34
N GLU D 214 -56.95 44.89 16.17
CA GLU D 214 -58.07 45.69 16.65
C GLU D 214 -58.24 45.63 18.15
N GLY D 215 -57.36 44.93 18.88
CA GLY D 215 -57.51 44.88 20.32
C GLY D 215 -57.16 46.18 21.00
N TYR D 216 -56.26 46.95 20.43
CA TYR D 216 -55.86 48.22 21.00
C TYR D 216 -56.68 49.39 20.46
N ALA D 217 -57.97 49.13 20.17
CA ALA D 217 -58.86 50.16 19.67
C ALA D 217 -58.99 51.29 20.67
N LYS D 218 -58.86 50.98 21.96
CA LYS D 218 -58.93 52.00 22.99
C LYS D 218 -57.92 53.12 22.72
N ASP D 219 -56.81 52.81 22.07
CA ASP D 219 -55.75 53.77 21.81
C ASP D 219 -55.63 54.14 20.35
N PHE D 220 -56.62 53.84 19.52
CA PHE D 220 -56.50 54.14 18.10
C PHE D 220 -56.47 55.63 17.86
N ASP D 221 -55.54 56.07 17.05
CA ASP D 221 -55.67 57.38 16.46
C ASP D 221 -57.03 57.48 15.76
N PRO D 222 -57.74 58.61 15.88
CA PRO D 222 -59.13 58.67 15.38
C PRO D 222 -59.33 58.36 13.90
N ALA D 223 -58.38 58.73 13.04
CA ALA D 223 -58.51 58.39 11.63
C ALA D 223 -58.54 56.88 11.42
N VAL D 224 -57.72 56.15 12.19
CA VAL D 224 -57.71 54.69 12.12
C VAL D 224 -59.07 54.14 12.53
N THR D 225 -59.60 54.66 13.63
CA THR D 225 -60.91 54.26 14.08
C THR D 225 -61.92 54.40 12.96
N GLU D 226 -61.95 55.58 12.32
CA GLU D 226 -62.94 55.82 11.29
C GLU D 226 -62.68 54.98 10.05
N TYR D 227 -61.41 54.76 9.70
CA TYR D 227 -61.15 53.95 8.52
C TYR D 227 -61.67 52.54 8.74
N ILE D 228 -61.49 52.02 9.95
CA ILE D 228 -61.91 50.64 10.20
C ILE D 228 -63.43 50.51 10.20
N GLN D 229 -64.14 51.45 10.84
CA GLN D 229 -65.59 51.40 10.81
C GLN D 229 -66.13 51.39 9.38
N ARG D 230 -65.51 52.13 8.48
CA ARG D 230 -65.98 52.13 7.09
C ARG D 230 -65.74 50.81 6.40
N LYS D 231 -64.82 50.00 6.94
CA LYS D 231 -64.55 48.70 6.36
C LYS D 231 -65.52 47.64 6.86
N LYS D 232 -65.98 47.80 8.10
CA LYS D 232 -66.99 46.93 8.65
C LYS D 232 -68.40 47.35 8.24
N PHE D 233 -68.62 48.64 8.04
CA PHE D 233 -69.94 49.19 7.74
C PHE D 233 -69.85 50.13 6.55
N PRO D 234 -69.78 49.60 5.34
CA PRO D 234 -69.71 50.47 4.19
C PRO D 234 -70.94 51.35 4.14
N PRO D 235 -70.77 52.64 3.85
CA PRO D 235 -71.94 53.52 3.77
C PRO D 235 -72.85 53.18 2.61
N ASP D 236 -72.27 52.77 1.49
CA ASP D 236 -73.03 52.35 0.32
C ASP D 236 -73.54 50.91 0.41
N ASN D 237 -73.57 50.29 1.60
CA ASN D 237 -74.05 48.92 1.75
C ASN D 237 -73.47 48.00 0.68
N SER D 238 -72.20 48.20 0.36
CA SER D 238 -71.46 47.21 -0.40
C SER D 238 -71.02 46.15 0.61
N ALA D 239 -70.13 45.24 0.20
CA ALA D 239 -69.78 44.19 1.12
C ALA D 239 -68.77 44.69 2.15
N PRO D 240 -68.97 44.40 3.44
CA PRO D 240 -67.94 44.70 4.43
C PRO D 240 -66.68 43.88 4.16
N TYR D 241 -65.54 44.44 4.56
CA TYR D 241 -64.28 43.71 4.46
C TYR D 241 -64.19 42.63 5.53
N GLY D 242 -63.50 41.55 5.19
CA GLY D 242 -63.11 40.57 6.19
C GLY D 242 -61.89 41.01 6.97
N ALA D 243 -61.80 40.52 8.20
CA ALA D 243 -60.66 40.79 9.06
C ALA D 243 -59.74 39.56 9.08
N ARG D 244 -58.44 39.82 9.02
CA ARG D 244 -57.38 38.83 9.22
C ARG D 244 -56.26 39.53 9.97
N TYR D 245 -55.64 38.81 10.90
CA TYR D 245 -54.46 39.37 11.55
C TYR D 245 -53.71 38.21 12.19
N VAL D 246 -52.70 37.73 11.46
CA VAL D 246 -51.85 36.66 11.93
C VAL D 246 -51.01 37.15 13.09
N GLY D 247 -50.61 38.43 13.08
CA GLY D 247 -49.78 38.92 14.15
C GLY D 247 -48.33 38.61 13.97
N SER D 248 -47.98 38.02 12.83
CA SER D 248 -46.63 37.86 12.33
C SER D 248 -46.55 38.60 11.01
N MET D 249 -45.64 39.60 10.94
CA MET D 249 -45.68 40.59 9.87
C MET D 249 -45.46 39.97 8.49
N VAL D 250 -44.49 39.07 8.34
CA VAL D 250 -44.25 38.49 7.03
C VAL D 250 -45.51 37.81 6.51
N ALA D 251 -46.23 37.09 7.37
CA ALA D 251 -47.42 36.38 6.93
C ALA D 251 -48.53 37.34 6.53
N ASP D 252 -48.78 38.37 7.36
CA ASP D 252 -49.85 39.31 7.04
C ASP D 252 -49.57 40.08 5.75
N VAL D 253 -48.30 40.47 5.52
CA VAL D 253 -47.96 41.19 4.30
C VAL D 253 -48.06 40.28 3.08
N HIS D 254 -47.55 39.05 3.16
CA HIS D 254 -47.57 38.18 2.00
C HIS D 254 -49.00 37.89 1.57
N ARG D 255 -49.90 37.65 2.53
CA ARG D 255 -51.30 37.51 2.20
C ARG D 255 -51.82 38.75 1.49
N THR D 256 -51.48 39.93 2.02
CA THR D 256 -51.93 41.17 1.38
C THR D 256 -51.45 41.26 -0.06
N LEU D 257 -50.22 40.82 -0.32
CA LEU D 257 -49.69 40.80 -1.68
C LEU D 257 -50.48 39.84 -2.56
N VAL D 258 -50.85 38.69 -2.01
CA VAL D 258 -51.46 37.65 -2.86
C VAL D 258 -52.95 37.89 -3.07
N TYR D 259 -53.66 38.41 -2.07
CA TYR D 259 -55.11 38.54 -2.12
C TYR D 259 -55.60 39.96 -2.29
N GLY D 260 -54.71 40.94 -2.20
CA GLY D 260 -55.10 42.33 -2.14
C GLY D 260 -55.52 42.66 -0.73
N GLY D 261 -55.75 43.94 -0.49
CA GLY D 261 -56.13 44.45 0.81
C GLY D 261 -55.15 45.44 1.43
N ILE D 262 -55.19 45.59 2.75
CA ILE D 262 -54.42 46.61 3.43
C ILE D 262 -53.97 46.09 4.78
N PHE D 263 -52.69 46.31 5.08
CA PHE D 263 -52.09 46.00 6.37
C PHE D 263 -51.72 47.32 7.03
N LEU D 264 -52.04 47.46 8.31
CA LEU D 264 -51.81 48.70 9.03
C LEU D 264 -51.18 48.36 10.37
N TYR D 265 -50.00 48.91 10.62
CA TYR D 265 -49.45 49.01 11.95
C TYR D 265 -49.25 50.51 12.14
N PRO D 266 -50.30 51.21 12.52
CA PRO D 266 -50.32 52.67 12.44
C PRO D 266 -49.74 53.33 13.69
N ALA D 267 -49.61 54.65 13.59
CA ALA D 267 -49.22 55.48 14.70
C ALA D 267 -50.45 55.87 15.51
N ASN D 268 -50.35 55.78 16.84
CA ASN D 268 -51.37 56.41 17.68
C ASN D 268 -50.69 57.58 18.39
N LYS D 269 -51.24 58.00 19.53
CA LYS D 269 -50.50 58.99 20.30
C LYS D 269 -49.56 58.37 21.32
N LYS D 270 -49.86 57.16 21.84
CA LYS D 270 -48.91 56.52 22.74
C LYS D 270 -47.60 56.14 22.04
N SER D 271 -47.62 55.97 20.72
CA SER D 271 -46.43 55.62 19.95
C SER D 271 -46.49 56.39 18.65
N PRO D 272 -46.08 57.66 18.68
CA PRO D 272 -46.23 58.51 17.49
C PRO D 272 -45.44 58.04 16.30
N ASN D 273 -44.52 57.10 16.46
CA ASN D 273 -43.76 56.61 15.32
C ASN D 273 -44.09 55.17 14.97
N GLY D 274 -45.19 54.63 15.48
CA GLY D 274 -45.48 53.23 15.23
C GLY D 274 -44.57 52.31 16.04
N LYS D 275 -44.74 51.01 15.80
CA LYS D 275 -43.94 50.02 16.52
C LYS D 275 -42.96 49.27 15.62
N LEU D 276 -43.27 49.12 14.34
CA LEU D 276 -42.37 48.39 13.46
C LEU D 276 -41.11 49.20 13.14
N ARG D 277 -40.02 48.47 12.92
CA ARG D 277 -38.74 49.06 12.63
C ARG D 277 -38.59 49.35 11.15
N LEU D 278 -38.04 50.53 10.85
CA LEU D 278 -38.03 50.99 9.47
C LEU D 278 -36.99 50.26 8.63
N LEU D 279 -35.80 50.05 9.20
CA LEU D 279 -34.67 49.61 8.39
C LEU D 279 -34.89 48.23 7.82
N TYR D 280 -35.33 47.31 8.68
CA TYR D 280 -35.36 45.89 8.36
C TYR D 280 -36.77 45.32 8.44
N GLU D 281 -37.78 46.15 8.64
CA GLU D 281 -39.16 45.69 8.49
C GLU D 281 -39.93 46.53 7.49
N CYS D 282 -40.08 47.83 7.72
CA CYS D 282 -40.97 48.66 6.91
C CYS D 282 -40.44 48.82 5.48
N ASN D 283 -39.15 49.17 5.33
CA ASN D 283 -38.62 49.45 4.00
C ASN D 283 -38.67 48.25 3.05
N PRO D 284 -38.17 47.05 3.40
CA PRO D 284 -38.27 45.96 2.43
C PRO D 284 -39.71 45.62 2.04
N MET D 285 -40.67 45.69 2.97
CA MET D 285 -42.04 45.40 2.58
C MET D 285 -42.59 46.51 1.71
N ALA D 286 -42.23 47.76 2.03
CA ALA D 286 -42.61 48.89 1.20
C ALA D 286 -42.04 48.72 -0.21
N TYR D 287 -40.80 48.26 -0.31
CA TYR D 287 -40.20 48.06 -1.62
C TYR D 287 -40.94 47.00 -2.40
N VAL D 288 -41.14 45.82 -1.79
CA VAL D 288 -41.86 44.75 -2.46
C VAL D 288 -43.23 45.23 -2.92
N MET D 289 -43.96 45.90 -2.00
CA MET D 289 -45.27 46.41 -2.33
C MET D 289 -45.22 47.38 -3.49
N GLU D 290 -44.32 48.36 -3.42
CA GLU D 290 -44.27 49.34 -4.49
C GLU D 290 -43.81 48.70 -5.80
N LYS D 291 -42.82 47.81 -5.74
CA LYS D 291 -42.41 47.12 -6.96
C LYS D 291 -43.48 46.18 -7.49
N ALA D 292 -44.54 45.94 -6.72
CA ALA D 292 -45.63 45.08 -7.16
C ALA D 292 -46.88 45.87 -7.48
N GLY D 293 -46.81 47.20 -7.52
CA GLY D 293 -47.95 48.01 -7.84
C GLY D 293 -48.71 48.51 -6.64
N GLY D 294 -48.21 48.25 -5.44
CA GLY D 294 -48.86 48.67 -4.22
C GLY D 294 -48.31 49.98 -3.69
N MET D 295 -48.74 50.31 -2.48
CA MET D 295 -48.38 51.57 -1.84
C MET D 295 -48.06 51.30 -0.38
N ALA D 296 -47.23 52.15 0.19
CA ALA D 296 -46.83 52.03 1.58
C ALA D 296 -46.55 53.44 2.10
N THR D 297 -47.31 53.86 3.09
CA THR D 297 -47.21 55.20 3.65
C THR D 297 -47.12 55.07 5.15
N THR D 298 -46.52 56.07 5.79
CA THR D 298 -46.59 56.22 7.23
C THR D 298 -47.81 57.01 7.66
N GLY D 299 -48.59 57.49 6.70
CA GLY D 299 -49.61 58.47 7.01
C GLY D 299 -49.20 59.84 6.54
N LYS D 300 -47.98 60.27 6.88
CA LYS D 300 -47.49 61.57 6.44
C LYS D 300 -46.76 61.49 5.10
N GLU D 301 -46.03 60.41 4.83
CA GLU D 301 -45.20 60.30 3.62
C GLU D 301 -45.03 58.84 3.27
N ALA D 302 -44.57 58.57 2.06
CA ALA D 302 -44.23 57.21 1.67
C ALA D 302 -43.12 56.65 2.59
N VAL D 303 -43.20 55.36 2.87
CA VAL D 303 -42.21 54.74 3.74
C VAL D 303 -40.82 54.88 3.13
N LEU D 304 -40.72 54.66 1.82
CA LEU D 304 -39.41 54.68 1.17
C LEU D 304 -38.76 56.07 1.13
N ASP D 305 -39.51 57.14 1.39
CA ASP D 305 -38.93 58.48 1.36
C ASP D 305 -38.30 58.88 2.69
N VAL D 306 -38.56 58.15 3.77
CA VAL D 306 -38.03 58.53 5.08
C VAL D 306 -36.52 58.39 5.13
N ILE D 307 -35.86 59.46 5.59
CA ILE D 307 -34.41 59.46 5.76
C ILE D 307 -34.14 59.04 7.21
N PRO D 308 -33.54 57.89 7.45
CA PRO D 308 -33.38 57.45 8.84
C PRO D 308 -32.19 58.08 9.53
N THR D 309 -32.34 58.31 10.85
CA THR D 309 -31.26 58.82 11.67
C THR D 309 -30.69 57.80 12.66
N ASP D 310 -31.46 56.76 13.01
CA ASP D 310 -31.00 55.70 13.89
C ASP D 310 -31.39 54.38 13.27
N ILE D 311 -30.49 53.40 13.29
CA ILE D 311 -30.74 52.17 12.55
C ILE D 311 -31.89 51.36 13.14
N HIS D 312 -32.21 51.56 14.42
CA HIS D 312 -33.32 50.83 15.05
C HIS D 312 -34.55 51.69 15.23
N GLN D 313 -34.67 52.77 14.47
CA GLN D 313 -35.82 53.65 14.61
C GLN D 313 -37.10 52.97 14.08
N ARG D 314 -38.23 53.43 14.62
CA ARG D 314 -39.55 52.97 14.24
C ARG D 314 -40.18 53.88 13.19
N ALA D 315 -41.20 53.34 12.53
CA ALA D 315 -41.96 54.02 11.50
C ALA D 315 -43.35 53.39 11.46
N PRO D 316 -44.39 54.20 11.37
CA PRO D 316 -45.73 53.64 11.09
C PRO D 316 -45.81 53.14 9.67
N VAL D 317 -46.69 52.17 9.44
CA VAL D 317 -46.83 51.59 8.11
C VAL D 317 -48.29 51.21 7.85
N ILE D 318 -48.76 51.61 6.67
CA ILE D 318 -50.02 51.21 6.06
C ILE D 318 -49.68 50.87 4.63
N LEU D 319 -49.87 49.62 4.24
CA LEU D 319 -49.42 49.17 2.93
C LEU D 319 -50.47 48.25 2.32
N GLY D 320 -50.35 47.99 1.01
CA GLY D 320 -51.29 47.14 0.31
C GLY D 320 -51.76 47.69 -1.03
N SER D 321 -53.02 47.40 -1.35
CA SER D 321 -53.59 47.82 -2.62
C SER D 321 -53.65 49.34 -2.75
N PRO D 322 -53.44 49.88 -3.95
CA PRO D 322 -53.42 51.35 -4.08
C PRO D 322 -54.76 51.99 -3.73
N ASP D 323 -55.86 51.47 -4.25
CA ASP D 323 -57.16 52.04 -3.94
C ASP D 323 -57.40 52.06 -2.43
N ASP D 324 -56.93 51.03 -1.73
CA ASP D 324 -57.18 50.98 -0.30
C ASP D 324 -56.27 51.90 0.51
N VAL D 325 -54.96 51.96 0.19
CA VAL D 325 -54.07 52.90 0.88
C VAL D 325 -54.50 54.33 0.61
N LEU D 326 -54.94 54.59 -0.63
CA LEU D 326 -55.46 55.90 -0.98
C LEU D 326 -56.68 56.24 -0.13
N GLU D 327 -57.61 55.28 0.04
CA GLU D 327 -58.80 55.55 0.85
C GLU D 327 -58.44 55.87 2.30
N PHE D 328 -57.47 55.14 2.85
CA PHE D 328 -57.04 55.40 4.21
C PHE D 328 -56.44 56.81 4.33
N LEU D 329 -55.57 57.17 3.39
CA LEU D 329 -54.96 58.48 3.41
C LEU D 329 -56.01 59.58 3.28
N LYS D 330 -57.09 59.31 2.52
CA LYS D 330 -58.23 60.23 2.45
C LYS D 330 -58.84 60.48 3.83
N VAL D 331 -59.00 59.40 4.63
CA VAL D 331 -59.48 59.55 6.00
C VAL D 331 -58.43 60.21 6.88
N TYR D 332 -57.15 59.90 6.64
CA TYR D 332 -56.08 60.44 7.48
C TYR D 332 -55.95 61.96 7.36
N GLU D 333 -56.02 62.52 6.14
CA GLU D 333 -55.97 63.97 6.02
C GLU D 333 -57.16 64.63 6.70
N LYS D 334 -58.29 63.93 6.75
CA LYS D 334 -59.49 64.47 7.38
C LYS D 334 -59.29 64.79 8.85
N HIS D 335 -58.53 63.96 9.56
CA HIS D 335 -58.35 64.12 10.99
C HIS D 335 -57.07 64.87 11.32
N SER D 336 -56.69 65.80 10.46
CA SER D 336 -55.53 66.64 10.72
C SER D 336 -55.83 68.13 10.46
N ASP E 10 55.67 -7.41 -18.66
CA ASP E 10 55.60 -6.76 -17.36
C ASP E 10 54.11 -6.57 -16.96
N VAL E 11 53.74 -7.00 -15.75
CA VAL E 11 52.33 -6.97 -15.31
C VAL E 11 51.86 -5.55 -15.03
N ASN E 12 50.56 -5.32 -15.18
CA ASN E 12 50.02 -3.99 -14.90
C ASN E 12 48.55 -4.10 -14.46
N THR E 13 48.15 -3.28 -13.47
CA THR E 13 46.77 -3.25 -12.98
C THR E 13 46.11 -1.94 -13.38
N LEU E 14 44.76 -1.91 -13.31
CA LEU E 14 44.05 -0.70 -13.70
C LEU E 14 44.43 0.46 -12.79
N THR E 15 44.42 0.23 -11.47
CA THR E 15 44.79 1.30 -10.55
C THR E 15 46.22 1.77 -10.77
N ARG E 16 47.14 0.86 -10.99
CA ARG E 16 48.51 1.26 -11.23
C ARG E 16 48.66 1.92 -12.60
N PHE E 17 47.95 1.42 -13.62
CA PHE E 17 48.04 2.02 -14.95
C PHE E 17 47.51 3.43 -14.93
N VAL E 18 46.41 3.66 -14.20
CA VAL E 18 45.87 4.99 -14.08
C VAL E 18 46.88 5.91 -13.42
N MET E 19 47.61 5.41 -12.40
CA MET E 19 48.60 6.24 -11.70
C MET E 19 49.76 6.62 -12.61
N GLU E 20 50.27 5.70 -13.42
CA GLU E 20 51.33 6.04 -14.35
C GLU E 20 50.89 7.13 -15.31
N GLU E 21 49.71 6.98 -15.92
CA GLU E 21 49.19 8.02 -16.80
C GLU E 21 48.85 9.30 -16.05
N GLY E 22 48.46 9.20 -14.79
CA GLY E 22 48.15 10.40 -14.01
C GLY E 22 49.38 11.22 -13.67
N ARG E 23 50.51 10.56 -13.37
CA ARG E 23 51.75 11.26 -13.06
C ARG E 23 52.40 11.90 -14.30
N LYS E 24 52.50 11.14 -15.40
CA LYS E 24 53.14 11.70 -16.59
C LYS E 24 52.47 12.99 -17.03
N ALA E 25 51.17 13.15 -16.79
CA ALA E 25 50.48 14.34 -17.21
C ALA E 25 50.49 15.43 -16.14
N ARG E 26 51.01 15.11 -14.95
CA ARG E 26 51.15 16.08 -13.88
C ARG E 26 49.81 16.72 -13.50
N GLY E 27 48.77 15.89 -13.39
CA GLY E 27 47.46 16.38 -12.99
C GLY E 27 47.29 16.42 -11.48
N THR E 28 46.12 16.94 -11.03
CA THR E 28 45.87 17.04 -9.59
C THR E 28 45.54 15.70 -8.94
N GLY E 29 45.19 14.70 -9.73
CA GLY E 29 44.73 13.46 -9.16
C GLY E 29 43.24 13.38 -9.02
N GLU E 30 42.51 14.47 -9.30
CA GLU E 30 41.07 14.43 -9.16
C GLU E 30 40.45 13.39 -10.06
N LEU E 31 41.03 13.16 -11.24
CA LEU E 31 40.46 12.16 -12.14
C LEU E 31 40.78 10.73 -11.69
N THR E 32 42.03 10.49 -11.24
CA THR E 32 42.38 9.16 -10.74
C THR E 32 41.54 8.79 -9.54
N GLN E 33 41.27 9.75 -8.65
CA GLN E 33 40.33 9.48 -7.57
C GLN E 33 38.95 9.13 -8.14
N LEU E 34 38.56 9.79 -9.22
CA LEU E 34 37.28 9.51 -9.85
C LEU E 34 37.20 8.08 -10.38
N LEU E 35 38.19 7.65 -11.19
CA LEU E 35 38.16 6.30 -11.76
C LEU E 35 38.35 5.23 -10.71
N ASN E 36 39.23 5.45 -9.74
CA ASN E 36 39.41 4.43 -8.72
C ASN E 36 38.10 4.14 -8.03
N SER E 37 37.35 5.19 -7.70
CA SER E 37 36.04 5.00 -7.11
C SER E 37 35.10 4.30 -8.09
N LEU E 38 35.21 4.62 -9.38
CA LEU E 38 34.36 3.94 -10.35
C LEU E 38 34.74 2.46 -10.48
N CYS E 39 36.04 2.17 -10.57
CA CYS E 39 36.49 0.79 -10.59
C CYS E 39 35.96 0.03 -9.37
N THR E 40 35.93 0.69 -8.20
CA THR E 40 35.45 0.01 -6.99
C THR E 40 33.99 -0.39 -7.13
N ALA E 41 33.16 0.50 -7.70
CA ALA E 41 31.76 0.16 -7.92
C ALA E 41 31.60 -0.99 -8.89
N VAL E 42 32.44 -1.04 -9.93
CA VAL E 42 32.34 -2.17 -10.86
C VAL E 42 32.58 -3.46 -10.12
N LYS E 43 33.54 -3.48 -9.20
CA LYS E 43 33.79 -4.71 -8.45
C LYS E 43 32.62 -5.11 -7.56
N ALA E 44 31.94 -4.14 -6.93
CA ALA E 44 30.79 -4.46 -6.06
C ALA E 44 29.60 -4.93 -6.88
N ILE E 45 29.35 -4.29 -8.02
CA ILE E 45 28.30 -4.74 -8.93
C ILE E 45 28.58 -6.15 -9.41
N SER E 46 29.81 -6.40 -9.90
CA SER E 46 30.20 -7.69 -10.42
C SER E 46 29.93 -8.80 -9.42
N SER E 47 30.30 -8.56 -8.16
CA SER E 47 30.09 -9.56 -7.12
C SER E 47 28.58 -9.85 -6.97
N ALA E 48 27.76 -8.81 -7.06
CA ALA E 48 26.32 -8.97 -6.92
C ALA E 48 25.69 -9.56 -8.18
N VAL E 49 26.19 -9.18 -9.35
CA VAL E 49 25.68 -9.73 -10.62
C VAL E 49 25.96 -11.23 -10.70
N ARG E 50 27.13 -11.67 -10.21
CA ARG E 50 27.38 -13.12 -10.13
C ARG E 50 26.61 -13.82 -8.95
N LYS E 51 25.74 -13.07 -8.28
CA LYS E 51 24.88 -13.60 -7.23
C LYS E 51 25.69 -14.16 -6.06
N ALA E 52 26.82 -13.54 -5.78
CA ALA E 52 27.57 -13.86 -4.57
C ALA E 52 26.75 -13.47 -3.36
N GLY E 53 26.64 -14.39 -2.38
CA GLY E 53 25.85 -14.16 -1.19
C GLY E 53 24.35 -14.40 -1.32
N ILE E 54 23.89 -14.94 -2.46
CA ILE E 54 22.47 -15.12 -2.67
C ILE E 54 21.87 -16.12 -1.68
N ALA E 55 22.68 -17.03 -1.15
CA ALA E 55 22.18 -18.01 -0.19
C ALA E 55 21.57 -17.33 1.04
N HIS E 56 22.08 -16.16 1.42
CA HIS E 56 21.52 -15.46 2.57
C HIS E 56 20.16 -14.84 2.26
N LEU E 57 19.89 -14.52 0.99
CA LEU E 57 18.56 -14.07 0.61
C LEU E 57 17.52 -15.18 0.67
N TYR E 58 17.93 -16.44 0.64
CA TYR E 58 16.98 -17.54 0.67
C TYR E 58 16.87 -18.19 2.05
N GLY E 59 17.08 -17.39 3.09
CA GLY E 59 16.86 -17.79 4.48
C GLY E 59 17.75 -18.93 4.91
N ILE E 60 19.00 -18.95 4.46
CA ILE E 60 19.92 -20.00 4.86
C ILE E 60 20.33 -19.87 6.32
N ALA E 61 20.04 -18.73 6.94
CA ALA E 61 20.24 -18.57 8.38
C ALA E 61 18.95 -18.19 9.12
N GLY E 62 17.80 -18.69 8.66
CA GLY E 62 16.53 -18.43 9.33
C GLY E 62 15.97 -17.02 9.25
N VAL E 71 16.82 -7.75 0.74
CA VAL E 71 16.33 -7.72 -0.64
C VAL E 71 16.48 -6.31 -1.24
N LYS E 72 17.03 -6.25 -2.45
CA LYS E 72 17.16 -5.00 -3.20
C LYS E 72 17.30 -5.35 -4.68
N LYS E 73 16.38 -4.87 -5.51
CA LYS E 73 16.43 -5.10 -6.95
C LYS E 73 17.83 -4.81 -7.48
N LEU E 74 18.23 -5.57 -8.50
CA LEU E 74 19.64 -5.54 -8.92
C LEU E 74 20.05 -4.23 -9.59
N ASP E 75 19.17 -3.60 -10.39
CA ASP E 75 19.58 -2.36 -11.04
C ASP E 75 19.56 -1.19 -10.08
N VAL E 76 18.67 -1.21 -9.11
CA VAL E 76 18.68 -0.17 -8.09
C VAL E 76 19.94 -0.27 -7.23
N LEU E 77 20.31 -1.49 -6.82
CA LEU E 77 21.52 -1.64 -6.02
C LEU E 77 22.76 -1.18 -6.78
N SER E 78 22.85 -1.48 -8.07
CA SER E 78 23.95 -0.95 -8.88
C SER E 78 23.97 0.57 -8.84
N ASN E 79 22.81 1.18 -9.02
CA ASN E 79 22.73 2.62 -9.08
C ASN E 79 23.18 3.26 -7.78
N ASP E 80 22.65 2.80 -6.63
CA ASP E 80 23.05 3.41 -5.37
C ASP E 80 24.55 3.30 -5.13
N LEU E 81 25.17 2.20 -5.57
CA LEU E 81 26.61 2.03 -5.41
C LEU E 81 27.39 3.11 -6.16
N VAL E 82 27.04 3.34 -7.42
CA VAL E 82 27.76 4.32 -8.23
C VAL E 82 27.50 5.73 -7.71
N MET E 83 26.23 6.07 -7.44
CA MET E 83 25.92 7.37 -6.84
C MET E 83 26.72 7.58 -5.58
N ASN E 84 26.70 6.60 -4.68
CA ASN E 84 27.41 6.80 -3.42
C ASN E 84 28.92 6.86 -3.61
N MET E 85 29.47 6.05 -4.52
CA MET E 85 30.93 6.02 -4.67
C MET E 85 31.51 7.25 -5.37
N LEU E 86 30.78 7.84 -6.33
CA LEU E 86 31.27 9.03 -7.00
C LEU E 86 31.14 10.25 -6.11
N LYS E 87 29.95 10.41 -5.50
CA LYS E 87 29.74 11.49 -4.54
C LYS E 87 30.84 11.51 -3.50
N SER E 88 31.22 10.33 -3.00
CA SER E 88 32.23 10.27 -1.96
C SER E 88 33.65 10.33 -2.51
N SER E 89 33.82 10.49 -3.84
CA SER E 89 35.15 10.67 -4.40
C SER E 89 35.61 12.12 -4.33
N PHE E 90 34.68 13.04 -4.06
CA PHE E 90 34.95 14.48 -4.02
C PHE E 90 35.48 14.97 -5.37
N ALA E 91 35.01 14.37 -6.45
CA ALA E 91 35.50 14.71 -7.78
C ALA E 91 34.37 14.96 -8.78
N THR E 92 33.12 14.97 -8.34
CA THR E 92 31.98 15.14 -9.23
C THR E 92 31.10 16.29 -8.78
N CYS E 93 30.38 16.85 -9.74
CA CYS E 93 29.41 17.93 -9.54
C CYS E 93 28.04 17.59 -10.11
N VAL E 94 27.99 16.89 -11.24
CA VAL E 94 26.74 16.47 -11.85
C VAL E 94 26.85 15.01 -12.22
N LEU E 95 25.82 14.24 -11.87
CA LEU E 95 25.73 12.82 -12.18
C LEU E 95 24.41 12.59 -12.92
N VAL E 96 24.49 12.00 -14.11
CA VAL E 96 23.31 11.68 -14.92
C VAL E 96 23.17 10.17 -14.98
N SER E 97 21.97 9.67 -14.67
CA SER E 97 21.73 8.24 -14.60
C SER E 97 20.46 7.81 -15.34
N GLU E 98 20.52 6.61 -15.94
CA GLU E 98 19.33 6.00 -16.52
C GLU E 98 18.22 5.86 -15.49
N GLU E 99 18.58 5.68 -14.21
CA GLU E 99 17.61 5.47 -13.15
C GLU E 99 16.95 6.76 -12.65
N ASP E 100 17.50 7.93 -12.94
CA ASP E 100 16.99 9.17 -12.38
C ASP E 100 16.53 10.09 -13.50
N LYS E 101 15.26 10.52 -13.44
CA LYS E 101 14.71 11.34 -14.51
C LYS E 101 15.41 12.70 -14.56
N HIS E 102 15.74 13.25 -13.41
CA HIS E 102 16.50 14.50 -13.33
C HIS E 102 17.93 14.19 -12.91
N ALA E 103 18.84 15.08 -13.33
CA ALA E 103 20.23 14.97 -12.89
C ALA E 103 20.35 15.26 -11.41
N ILE E 104 21.25 14.55 -10.76
CA ILE E 104 21.55 14.76 -9.35
C ILE E 104 22.69 15.77 -9.27
N ILE E 105 22.55 16.75 -8.39
CA ILE E 105 23.58 17.75 -8.15
C ILE E 105 24.22 17.44 -6.82
N VAL E 106 25.52 17.12 -6.85
CA VAL E 106 26.23 16.68 -5.66
C VAL E 106 26.15 17.75 -4.58
N GLU E 107 25.99 17.31 -3.35
CA GLU E 107 25.92 18.25 -2.24
C GLU E 107 27.21 19.07 -2.20
N PRO E 108 27.14 20.33 -1.74
CA PRO E 108 28.27 21.26 -1.95
C PRO E 108 29.54 20.79 -1.32
N GLU E 109 29.43 20.09 -0.19
CA GLU E 109 30.61 19.69 0.58
C GLU E 109 31.49 18.70 -0.17
N LYS E 110 30.89 17.85 -1.02
CA LYS E 110 31.59 16.79 -1.74
C LYS E 110 31.88 17.14 -3.20
N ARG E 111 31.82 18.42 -3.55
CA ARG E 111 31.80 18.83 -4.96
C ARG E 111 33.20 18.81 -5.59
N GLY E 112 33.24 18.40 -6.87
CA GLY E 112 34.45 18.29 -7.68
C GLY E 112 34.25 18.80 -9.09
N LYS E 113 35.22 18.59 -9.98
CA LYS E 113 35.26 19.31 -11.25
C LYS E 113 34.80 18.48 -12.45
N TYR E 114 34.22 17.31 -12.22
CA TYR E 114 33.90 16.40 -13.32
C TYR E 114 32.43 16.06 -13.35
N VAL E 115 31.93 15.79 -14.55
CA VAL E 115 30.56 15.38 -14.78
C VAL E 115 30.57 13.94 -15.29
N VAL E 116 29.70 13.10 -14.74
CA VAL E 116 29.64 11.68 -15.06
C VAL E 116 28.20 11.33 -15.45
N CYS E 117 28.05 10.75 -16.64
CA CYS E 117 26.80 10.19 -17.12
C CYS E 117 26.94 8.67 -17.19
N PHE E 118 25.96 7.94 -16.68
CA PHE E 118 26.12 6.49 -16.71
C PHE E 118 24.78 5.77 -16.78
N ASP E 119 24.85 4.57 -17.37
CA ASP E 119 23.88 3.50 -17.19
C ASP E 119 24.49 2.50 -16.19
N PRO E 120 23.94 2.36 -14.99
CA PRO E 120 24.61 1.51 -13.97
C PRO E 120 24.52 0.02 -14.24
N LEU E 121 23.44 -0.47 -14.86
CA LEU E 121 23.32 -1.89 -15.17
C LEU E 121 22.52 -1.99 -16.48
N ASP E 122 23.22 -1.85 -17.60
CA ASP E 122 22.54 -1.87 -18.88
C ASP E 122 22.25 -3.32 -19.25
N GLY E 123 21.05 -3.54 -19.79
CA GLY E 123 20.52 -4.87 -20.04
C GLY E 123 19.85 -5.50 -18.83
N SER E 124 19.67 -4.77 -17.74
CA SER E 124 19.18 -5.33 -16.48
C SER E 124 17.74 -5.84 -16.56
N SER E 125 16.96 -5.47 -17.58
CA SER E 125 15.62 -6.03 -17.70
C SER E 125 15.67 -7.50 -18.11
N ASN E 126 16.67 -7.87 -18.91
CA ASN E 126 16.80 -9.23 -19.41
C ASN E 126 17.74 -10.09 -18.58
N ILE E 127 17.97 -9.72 -17.31
CA ILE E 127 18.91 -10.44 -16.47
C ILE E 127 18.35 -11.76 -15.95
N ASP E 128 17.04 -11.98 -16.12
CA ASP E 128 16.39 -13.22 -15.70
C ASP E 128 16.87 -14.44 -16.47
N CYS E 129 17.35 -14.25 -17.70
CA CYS E 129 17.90 -15.30 -18.55
C CYS E 129 19.43 -15.33 -18.58
N LEU E 130 20.07 -14.60 -17.65
CA LEU E 130 21.52 -14.58 -17.47
C LEU E 130 22.25 -14.03 -18.70
N VAL E 131 21.57 -13.18 -19.45
CA VAL E 131 22.24 -12.45 -20.50
C VAL E 131 23.34 -11.58 -19.90
N SER E 132 24.32 -11.21 -20.73
CA SER E 132 25.32 -10.25 -20.32
C SER E 132 24.69 -8.91 -19.95
N VAL E 133 25.21 -8.30 -18.88
CA VAL E 133 24.84 -6.96 -18.47
C VAL E 133 26.12 -6.15 -18.33
N GLY E 134 25.96 -4.84 -18.19
CA GLY E 134 27.13 -4.00 -18.21
C GLY E 134 26.92 -2.66 -17.52
N THR E 135 28.04 -1.99 -17.28
CA THR E 135 28.02 -0.62 -16.85
C THR E 135 28.70 0.20 -17.92
N ILE E 136 28.03 1.26 -18.37
CA ILE E 136 28.56 2.18 -19.37
C ILE E 136 28.69 3.55 -18.73
N PHE E 137 29.80 4.23 -18.98
CA PHE E 137 30.02 5.54 -18.36
C PHE E 137 30.71 6.48 -19.32
N GLY E 138 30.41 7.75 -19.15
CA GLY E 138 31.18 8.82 -19.80
C GLY E 138 31.45 9.92 -18.80
N ILE E 139 32.65 10.50 -18.88
CA ILE E 139 33.12 11.50 -17.94
C ILE E 139 33.42 12.80 -18.68
N TYR E 140 32.84 13.89 -18.22
CA TYR E 140 33.11 15.21 -18.78
C TYR E 140 33.73 16.12 -17.73
N ARG E 141 34.51 17.09 -18.18
CA ARG E 141 34.93 18.21 -17.33
C ARG E 141 33.83 19.27 -17.37
N LYS E 142 33.58 19.91 -16.23
CA LYS E 142 32.62 21.00 -16.19
C LYS E 142 33.23 22.24 -16.83
N LYS E 143 32.50 22.88 -17.75
CA LYS E 143 33.10 23.94 -18.55
C LYS E 143 32.94 25.31 -17.89
N SER E 144 31.75 25.67 -17.44
CA SER E 144 31.51 26.93 -16.75
C SER E 144 31.94 26.86 -15.29
N THR E 145 31.99 28.02 -14.64
CA THR E 145 32.20 28.10 -13.20
C THR E 145 30.94 28.53 -12.46
N ASP E 146 29.78 28.52 -13.12
CA ASP E 146 28.49 28.84 -12.52
C ASP E 146 28.03 27.74 -11.56
N GLU E 147 26.89 27.95 -10.92
CA GLU E 147 26.27 26.89 -10.15
C GLU E 147 26.04 25.65 -11.00
N PRO E 148 26.44 24.47 -10.51
CA PRO E 148 26.29 23.26 -11.33
C PRO E 148 24.83 22.91 -11.55
N SER E 149 24.53 22.47 -12.77
CA SER E 149 23.16 22.12 -13.14
C SER E 149 23.18 21.09 -14.27
N GLU E 150 21.99 20.68 -14.70
CA GLU E 150 21.85 19.71 -15.77
C GLU E 150 22.56 20.16 -17.05
N LYS E 151 22.62 21.48 -17.28
CA LYS E 151 23.23 21.99 -18.50
C LYS E 151 24.68 21.53 -18.65
N ASP E 152 25.37 21.21 -17.55
CA ASP E 152 26.76 20.76 -17.64
C ASP E 152 26.89 19.37 -18.22
N ALA E 153 25.82 18.58 -18.19
CA ALA E 153 25.88 17.28 -18.83
C ALA E 153 25.49 17.33 -20.29
N LEU E 154 24.99 18.47 -20.76
CA LEU E 154 24.47 18.56 -22.13
C LEU E 154 25.57 18.91 -23.12
N GLN E 155 26.76 18.40 -22.89
CA GLN E 155 27.85 18.59 -23.84
C GLN E 155 27.79 17.52 -24.90
N PRO E 156 28.35 17.79 -26.08
CA PRO E 156 28.45 16.74 -27.10
C PRO E 156 29.51 15.70 -26.76
N GLY E 157 29.37 14.53 -27.41
CA GLY E 157 30.31 13.45 -27.18
C GLY E 157 31.76 13.80 -27.47
N ARG E 158 32.00 14.76 -28.36
CA ARG E 158 33.36 15.19 -28.66
C ARG E 158 34.10 15.65 -27.40
N ASN E 159 33.37 16.15 -26.40
CA ASN E 159 33.96 16.72 -25.20
C ASN E 159 34.33 15.72 -24.10
N LEU E 160 34.18 14.42 -24.35
CA LEU E 160 34.47 13.41 -23.32
C LEU E 160 35.94 13.44 -22.90
N VAL E 161 36.16 13.33 -21.59
CA VAL E 161 37.52 13.22 -21.06
C VAL E 161 37.95 11.77 -20.97
N ALA E 162 37.07 10.92 -20.48
CA ALA E 162 37.31 9.49 -20.46
C ALA E 162 35.97 8.80 -20.50
N ALA E 163 35.96 7.59 -21.07
CA ALA E 163 34.73 6.83 -21.16
C ALA E 163 35.09 5.38 -21.43
N GLY E 164 34.14 4.50 -21.15
CA GLY E 164 34.30 3.08 -21.39
C GLY E 164 33.16 2.29 -20.76
N TYR E 165 33.42 1.00 -20.51
CA TYR E 165 32.36 0.13 -20.02
C TYR E 165 32.95 -1.06 -19.29
N ALA E 166 32.12 -1.65 -18.42
CA ALA E 166 32.40 -2.95 -17.81
C ALA E 166 31.39 -3.95 -18.32
N LEU E 167 31.87 -5.04 -18.90
CA LEU E 167 31.02 -6.12 -19.39
C LEU E 167 31.03 -7.28 -18.39
N TYR E 168 29.85 -7.66 -17.90
CA TYR E 168 29.71 -8.79 -16.98
C TYR E 168 29.30 -10.02 -17.79
N GLY E 169 30.27 -10.63 -18.43
CA GLY E 169 30.00 -11.77 -19.27
C GLY E 169 30.52 -13.06 -18.67
N SER E 170 31.12 -13.89 -19.52
CA SER E 170 31.80 -15.08 -19.02
C SER E 170 32.82 -14.70 -17.95
N ALA E 171 33.50 -13.58 -18.15
CA ALA E 171 34.32 -12.92 -17.14
C ALA E 171 33.85 -11.47 -17.05
N THR E 172 34.41 -10.73 -16.09
CA THR E 172 34.12 -9.31 -15.94
C THR E 172 35.29 -8.49 -16.47
N MET E 173 35.04 -7.70 -17.51
CA MET E 173 36.11 -6.91 -18.12
C MET E 173 35.76 -5.43 -18.10
N LEU E 174 36.79 -4.60 -17.87
CA LEU E 174 36.65 -3.15 -17.92
C LEU E 174 37.38 -2.63 -19.14
N VAL E 175 36.66 -1.93 -20.01
CA VAL E 175 37.22 -1.32 -21.20
C VAL E 175 37.26 0.18 -20.97
N LEU E 176 38.46 0.76 -21.01
CA LEU E 176 38.68 2.16 -20.72
C LEU E 176 39.24 2.86 -21.94
N ALA E 177 38.58 3.93 -22.36
CA ALA E 177 39.01 4.72 -23.51
C ALA E 177 39.34 6.14 -23.11
N MET E 178 40.44 6.66 -23.65
CA MET E 178 40.89 8.02 -23.40
C MET E 178 41.48 8.55 -24.70
N ASP E 179 42.07 9.76 -24.61
CA ASP E 179 42.70 10.34 -25.80
C ASP E 179 43.81 9.47 -26.34
N CYS E 180 44.62 8.90 -25.45
CA CYS E 180 45.73 8.09 -25.92
C CYS E 180 45.28 6.84 -26.66
N GLY E 181 44.13 6.25 -26.29
CA GLY E 181 43.61 5.09 -26.99
C GLY E 181 42.73 4.26 -26.06
N VAL E 182 42.56 2.99 -26.41
CA VAL E 182 41.67 2.08 -25.68
C VAL E 182 42.47 0.97 -25.01
N ASN E 183 42.18 0.70 -23.74
CA ASN E 183 42.81 -0.41 -23.02
C ASN E 183 41.79 -1.28 -22.28
N CYS E 184 42.04 -2.58 -22.25
CA CYS E 184 41.12 -3.56 -21.68
C CYS E 184 41.72 -4.21 -20.45
N PHE E 185 40.94 -4.28 -19.38
CA PHE E 185 41.38 -4.87 -18.13
C PHE E 185 40.47 -6.02 -17.77
N MET E 186 41.07 -7.18 -17.50
CA MET E 186 40.34 -8.36 -17.07
C MET E 186 40.26 -8.35 -15.55
N LEU E 187 39.05 -8.51 -15.01
CA LEU E 187 38.92 -8.58 -13.57
C LEU E 187 39.33 -9.95 -13.07
N ASP E 188 40.35 -10.01 -12.22
CA ASP E 188 40.69 -11.24 -11.49
C ASP E 188 39.95 -11.24 -10.16
N PRO E 189 38.92 -12.06 -9.97
CA PRO E 189 38.16 -11.97 -8.72
C PRO E 189 38.90 -12.51 -7.50
N ALA E 190 39.99 -13.27 -7.68
CA ALA E 190 40.77 -13.75 -6.53
C ALA E 190 41.49 -12.62 -5.79
N ILE E 191 41.79 -11.52 -6.47
CA ILE E 191 42.53 -10.43 -5.84
C ILE E 191 41.85 -9.07 -5.97
N GLY E 192 40.70 -9.00 -6.62
CA GLY E 192 40.01 -7.72 -6.74
C GLY E 192 40.84 -6.67 -7.45
N GLU E 193 41.56 -7.06 -8.50
CA GLU E 193 42.31 -6.13 -9.31
C GLU E 193 42.02 -6.39 -10.78
N PHE E 194 41.98 -5.32 -11.56
CA PHE E 194 41.81 -5.41 -13.00
C PHE E 194 43.19 -5.48 -13.66
N ILE E 195 43.42 -6.54 -14.42
CA ILE E 195 44.71 -6.81 -15.03
C ILE E 195 44.64 -6.39 -16.49
N LEU E 196 45.57 -5.52 -16.88
CA LEU E 196 45.65 -5.11 -18.27
C LEU E 196 45.98 -6.31 -19.13
N VAL E 197 45.12 -6.61 -20.10
CA VAL E 197 45.30 -7.77 -20.96
C VAL E 197 45.31 -7.40 -22.43
N ASP E 198 45.00 -6.16 -22.77
CA ASP E 198 44.98 -5.71 -24.16
C ASP E 198 45.34 -4.23 -24.18
N LYS E 199 46.56 -3.94 -24.68
CA LYS E 199 47.10 -2.59 -24.73
C LYS E 199 46.80 -1.96 -26.09
N ASP E 200 46.22 -0.76 -26.08
CA ASP E 200 46.05 0.07 -27.29
C ASP E 200 45.23 -0.66 -28.35
N VAL E 201 44.00 -1.02 -27.97
CA VAL E 201 43.18 -1.86 -28.83
C VAL E 201 42.75 -1.08 -30.06
N LYS E 202 42.67 -1.79 -31.19
CA LYS E 202 42.24 -1.25 -32.47
C LYS E 202 41.30 -2.24 -33.16
N ILE E 203 40.20 -1.74 -33.69
CA ILE E 203 39.18 -2.57 -34.32
C ILE E 203 39.61 -2.94 -35.75
N LYS E 204 39.23 -4.13 -36.21
CA LYS E 204 39.51 -4.55 -37.59
C LYS E 204 39.03 -3.51 -38.58
N LYS E 205 39.76 -3.41 -39.70
CA LYS E 205 39.34 -2.50 -40.76
C LYS E 205 37.98 -2.94 -41.32
N LYS E 206 37.74 -4.24 -41.43
CA LYS E 206 36.44 -4.70 -41.87
C LYS E 206 36.18 -6.08 -41.31
N GLY E 207 34.96 -6.28 -40.80
CA GLY E 207 34.59 -7.51 -40.14
C GLY E 207 33.71 -8.39 -41.00
N LYS E 208 33.17 -9.43 -40.35
CA LYS E 208 32.36 -10.45 -41.02
C LYS E 208 31.09 -10.77 -40.23
N ILE E 209 30.65 -9.86 -39.35
CA ILE E 209 29.49 -10.06 -38.49
C ILE E 209 28.63 -8.80 -38.49
N TYR E 210 27.29 -8.95 -38.63
CA TYR E 210 26.37 -7.84 -38.46
C TYR E 210 25.41 -8.09 -37.31
N SER E 211 24.99 -7.00 -36.65
CA SER E 211 24.26 -7.08 -35.38
C SER E 211 23.17 -6.01 -35.31
N LEU E 212 21.91 -6.44 -35.42
CA LEU E 212 20.75 -5.60 -35.15
C LEU E 212 19.58 -6.54 -34.93
N ASN E 213 18.49 -6.00 -34.41
CA ASN E 213 17.30 -6.80 -34.07
C ASN E 213 16.40 -6.94 -35.29
N GLU E 214 16.54 -8.03 -36.04
CA GLU E 214 15.69 -8.14 -37.24
C GLU E 214 14.22 -8.41 -36.92
N GLY E 215 13.81 -8.41 -35.65
CA GLY E 215 12.41 -8.51 -35.34
C GLY E 215 11.63 -7.28 -35.74
N TYR E 216 12.29 -6.11 -35.75
CA TYR E 216 11.70 -4.88 -36.23
C TYR E 216 11.85 -4.70 -37.73
N ALA E 217 11.90 -5.80 -38.50
CA ALA E 217 12.10 -5.70 -39.94
C ALA E 217 10.95 -4.97 -40.64
N LYS E 218 9.74 -5.15 -40.12
CA LYS E 218 8.54 -4.53 -40.69
C LYS E 218 8.65 -3.01 -40.76
N ASP E 219 9.45 -2.40 -39.87
CA ASP E 219 9.59 -0.95 -39.80
C ASP E 219 10.94 -0.46 -40.30
N PHE E 220 11.69 -1.29 -41.01
CA PHE E 220 13.04 -0.91 -41.41
C PHE E 220 13.07 0.22 -42.44
N ASP E 221 13.90 1.21 -42.16
CA ASP E 221 14.35 2.17 -43.15
C ASP E 221 14.85 1.44 -44.40
N PRO E 222 14.49 1.91 -45.60
CA PRO E 222 14.94 1.21 -46.83
C PRO E 222 16.45 1.15 -46.96
N ALA E 223 17.14 2.20 -46.50
CA ALA E 223 18.60 2.21 -46.51
C ALA E 223 19.15 1.09 -45.64
N VAL E 224 18.52 0.86 -44.49
CA VAL E 224 18.89 -0.26 -43.64
C VAL E 224 18.61 -1.56 -44.34
N THR E 225 17.39 -1.71 -44.86
CA THR E 225 16.99 -2.94 -45.55
C THR E 225 17.98 -3.31 -46.64
N GLU E 226 18.44 -2.32 -47.42
CA GLU E 226 19.40 -2.64 -48.47
C GLU E 226 20.73 -3.11 -47.89
N TYR E 227 21.21 -2.45 -46.82
CA TYR E 227 22.50 -2.84 -46.29
C TYR E 227 22.48 -4.26 -45.73
N ILE E 228 21.39 -4.65 -45.08
CA ILE E 228 21.30 -6.00 -44.56
C ILE E 228 21.22 -7.01 -45.70
N GLN E 229 20.46 -6.68 -46.76
CA GLN E 229 20.41 -7.57 -47.92
C GLN E 229 21.80 -7.79 -48.51
N ARG E 230 22.66 -6.76 -48.52
CA ARG E 230 24.01 -6.92 -49.06
C ARG E 230 24.92 -7.78 -48.18
N LYS E 231 24.58 -7.93 -46.90
CA LYS E 231 25.38 -8.77 -46.01
C LYS E 231 24.92 -10.22 -46.02
N LYS E 232 23.64 -10.48 -46.31
CA LYS E 232 23.19 -11.84 -46.52
C LYS E 232 23.54 -12.33 -47.92
N PHE E 233 23.58 -11.41 -48.91
CA PHE E 233 23.79 -11.72 -50.32
C PHE E 233 24.83 -10.75 -50.88
N PRO E 234 26.11 -11.05 -50.71
CA PRO E 234 27.15 -10.13 -51.19
C PRO E 234 27.02 -9.96 -52.69
N PRO E 235 27.14 -8.72 -53.21
CA PRO E 235 27.03 -8.57 -54.67
C PRO E 235 28.18 -9.21 -55.44
N ASP E 236 29.41 -9.13 -54.94
CA ASP E 236 30.54 -9.77 -55.60
C ASP E 236 30.63 -11.26 -55.28
N ASN E 237 29.54 -11.86 -54.80
CA ASN E 237 29.48 -13.28 -54.49
C ASN E 237 30.67 -13.73 -53.62
N SER E 238 31.04 -12.87 -52.67
CA SER E 238 31.97 -13.20 -51.60
C SER E 238 31.24 -13.96 -50.50
N ALA E 239 31.84 -14.07 -49.30
CA ALA E 239 31.21 -14.86 -48.23
C ALA E 239 30.12 -14.04 -47.54
N PRO E 240 28.93 -14.62 -47.29
CA PRO E 240 27.92 -13.91 -46.50
C PRO E 240 28.41 -13.68 -45.08
N TYR E 241 27.99 -12.57 -44.52
CA TYR E 241 28.34 -12.23 -43.15
C TYR E 241 27.57 -13.12 -42.17
N GLY E 242 28.19 -13.37 -41.02
CA GLY E 242 27.46 -13.99 -39.93
C GLY E 242 26.64 -12.95 -39.17
N ALA E 243 25.51 -13.40 -38.62
CA ALA E 243 24.65 -12.53 -37.82
C ALA E 243 24.77 -12.92 -36.36
N ARG E 244 24.83 -11.91 -35.48
CA ARG E 244 24.76 -12.08 -34.03
C ARG E 244 23.97 -10.90 -33.46
N TYR E 245 23.19 -11.16 -32.40
CA TYR E 245 22.49 -10.07 -31.69
C TYR E 245 22.09 -10.56 -30.29
N VAL E 246 22.85 -10.15 -29.28
CA VAL E 246 22.57 -10.52 -27.90
C VAL E 246 21.41 -9.72 -27.30
N GLY E 247 21.24 -8.47 -27.72
CA GLY E 247 20.20 -7.64 -27.15
C GLY E 247 20.59 -6.92 -25.88
N SER E 248 21.83 -7.07 -25.46
CA SER E 248 22.42 -6.26 -24.41
C SER E 248 23.57 -5.52 -25.06
N MET E 249 23.53 -4.18 -24.97
CA MET E 249 24.38 -3.35 -25.82
C MET E 249 25.87 -3.51 -25.49
N VAL E 250 26.22 -3.62 -24.20
CA VAL E 250 27.64 -3.77 -23.86
C VAL E 250 28.20 -5.01 -24.51
N ALA E 251 27.45 -6.11 -24.45
CA ALA E 251 27.91 -7.38 -25.01
C ALA E 251 28.07 -7.29 -26.52
N ASP E 252 27.09 -6.69 -27.21
CA ASP E 252 27.20 -6.57 -28.66
C ASP E 252 28.32 -5.61 -29.05
N VAL E 253 28.47 -4.50 -28.34
CA VAL E 253 29.51 -3.54 -28.72
C VAL E 253 30.88 -4.15 -28.51
N HIS E 254 31.08 -4.85 -27.39
CA HIS E 254 32.40 -5.44 -27.10
C HIS E 254 32.82 -6.48 -28.14
N ARG E 255 31.88 -7.35 -28.56
CA ARG E 255 32.19 -8.31 -29.61
C ARG E 255 32.66 -7.61 -30.89
N THR E 256 31.92 -6.60 -31.34
CA THR E 256 32.28 -5.86 -32.54
C THR E 256 33.66 -5.23 -32.38
N LEU E 257 33.97 -4.74 -31.18
CA LEU E 257 35.30 -4.21 -30.93
C LEU E 257 36.35 -5.29 -31.06
N VAL E 258 36.07 -6.48 -30.53
CA VAL E 258 37.08 -7.52 -30.47
C VAL E 258 37.17 -8.31 -31.79
N TYR E 259 36.04 -8.56 -32.44
CA TYR E 259 36.06 -9.39 -33.64
C TYR E 259 35.79 -8.61 -34.92
N GLY E 260 35.40 -7.34 -34.81
CA GLY E 260 35.03 -6.58 -35.98
C GLY E 260 33.58 -6.79 -36.37
N GLY E 261 33.16 -6.03 -37.36
CA GLY E 261 31.81 -6.05 -37.83
C GLY E 261 31.13 -4.72 -37.56
N ILE E 262 29.80 -4.78 -37.50
CA ILE E 262 29.03 -3.55 -37.38
C ILE E 262 27.81 -3.82 -36.51
N PHE E 263 27.52 -2.88 -35.62
CA PHE E 263 26.34 -2.91 -34.76
C PHE E 263 25.43 -1.74 -35.13
N LEU E 264 24.13 -2.02 -35.26
CA LEU E 264 23.15 -1.02 -35.68
C LEU E 264 21.94 -1.05 -34.77
N TYR E 265 21.62 0.10 -34.17
CA TYR E 265 20.31 0.38 -33.59
C TYR E 265 19.82 1.63 -34.32
N PRO E 266 19.28 1.47 -35.54
CA PRO E 266 19.04 2.61 -36.43
C PRO E 266 17.71 3.32 -36.24
N ALA E 267 17.53 4.40 -37.01
CA ALA E 267 16.27 5.15 -37.02
C ALA E 267 15.28 4.41 -37.91
N ASN E 268 14.06 4.21 -37.40
CA ASN E 268 12.93 3.73 -38.21
C ASN E 268 11.87 4.82 -38.39
N LYS E 269 10.64 4.40 -38.70
CA LYS E 269 9.51 5.31 -38.74
C LYS E 269 8.77 5.38 -37.40
N LYS E 270 8.74 4.26 -36.66
CA LYS E 270 8.15 4.21 -35.33
C LYS E 270 8.95 5.01 -34.29
N SER E 271 10.25 5.21 -34.51
CA SER E 271 11.10 5.97 -33.58
C SER E 271 12.16 6.67 -34.39
N PRO E 272 11.87 7.87 -34.91
CA PRO E 272 12.86 8.57 -35.76
C PRO E 272 14.13 8.97 -35.03
N ASN E 273 14.16 8.87 -33.70
CA ASN E 273 15.37 9.15 -32.93
C ASN E 273 16.01 7.89 -32.34
N GLY E 274 15.66 6.71 -32.82
CA GLY E 274 16.20 5.50 -32.20
C GLY E 274 15.60 5.27 -30.83
N LYS E 275 16.11 4.22 -30.18
CA LYS E 275 15.69 3.84 -28.84
C LYS E 275 16.79 4.00 -27.79
N LEU E 276 18.06 3.89 -28.19
CA LEU E 276 19.16 4.01 -27.23
C LEU E 276 19.36 5.46 -26.81
N ARG E 277 19.74 5.66 -25.54
CA ARG E 277 19.90 6.99 -24.96
C ARG E 277 21.27 7.61 -25.27
N LEU E 278 21.29 8.91 -25.58
CA LEU E 278 22.53 9.49 -26.11
C LEU E 278 23.61 9.68 -25.05
N LEU E 279 23.24 10.20 -23.87
CA LEU E 279 24.24 10.63 -22.90
C LEU E 279 25.02 9.46 -22.31
N TYR E 280 24.33 8.41 -21.91
CA TYR E 280 24.94 7.34 -21.14
C TYR E 280 24.93 6.01 -21.86
N GLU E 281 24.51 5.98 -23.12
CA GLU E 281 24.70 4.82 -23.97
C GLU E 281 25.44 5.17 -25.25
N CYS E 282 24.89 6.06 -26.07
CA CYS E 282 25.44 6.31 -27.40
C CYS E 282 26.80 6.99 -27.34
N ASN E 283 26.90 8.09 -26.59
CA ASN E 283 28.17 8.81 -26.57
C ASN E 283 29.32 7.92 -26.11
N PRO E 284 29.26 7.23 -24.97
CA PRO E 284 30.43 6.44 -24.55
C PRO E 284 30.84 5.35 -25.52
N MET E 285 29.88 4.67 -26.14
CA MET E 285 30.25 3.63 -27.09
C MET E 285 30.87 4.21 -28.36
N ALA E 286 30.36 5.37 -28.83
CA ALA E 286 30.96 6.05 -29.98
C ALA E 286 32.39 6.51 -29.68
N TYR E 287 32.61 7.05 -28.47
CA TYR E 287 33.94 7.48 -28.07
C TYR E 287 34.90 6.30 -28.04
N VAL E 288 34.50 5.22 -27.36
CA VAL E 288 35.34 4.02 -27.33
C VAL E 288 35.62 3.56 -28.75
N MET E 289 34.58 3.47 -29.57
CA MET E 289 34.75 3.00 -30.94
C MET E 289 35.76 3.84 -31.71
N GLU E 290 35.62 5.16 -31.65
CA GLU E 290 36.49 6.01 -32.44
C GLU E 290 37.94 5.93 -31.94
N LYS E 291 38.14 5.92 -30.62
CA LYS E 291 39.50 5.85 -30.07
C LYS E 291 40.22 4.56 -30.41
N ALA E 292 39.52 3.58 -30.98
CA ALA E 292 40.13 2.35 -31.41
C ALA E 292 40.19 2.21 -32.92
N GLY E 293 39.91 3.28 -33.67
CA GLY E 293 39.99 3.17 -35.11
C GLY E 293 38.70 2.84 -35.81
N GLY E 294 37.59 2.81 -35.09
CA GLY E 294 36.28 2.52 -35.66
C GLY E 294 35.52 3.80 -35.99
N MET E 295 34.23 3.62 -36.26
CA MET E 295 33.38 4.74 -36.64
C MET E 295 32.06 4.65 -35.90
N ALA E 296 31.40 5.80 -35.72
CA ALA E 296 30.10 5.84 -35.05
C ALA E 296 29.26 6.96 -35.63
N THR E 297 28.10 6.62 -36.19
CA THR E 297 27.24 7.57 -36.89
C THR E 297 25.78 7.48 -36.44
N THR E 298 25.07 8.61 -36.58
CA THR E 298 23.62 8.65 -36.43
C THR E 298 22.92 8.32 -37.74
N GLY E 299 23.67 8.13 -38.82
CA GLY E 299 23.14 8.11 -40.16
C GLY E 299 23.52 9.38 -40.90
N LYS E 300 23.24 10.54 -40.30
CA LYS E 300 23.59 11.83 -40.90
C LYS E 300 24.96 12.34 -40.44
N GLU E 301 25.35 12.06 -39.20
CA GLU E 301 26.52 12.69 -38.60
C GLU E 301 27.13 11.75 -37.55
N ALA E 302 28.37 12.07 -37.16
CA ALA E 302 29.01 11.36 -36.06
C ALA E 302 28.24 11.53 -34.76
N VAL E 303 28.18 10.45 -33.96
CA VAL E 303 27.46 10.45 -32.68
C VAL E 303 28.05 11.48 -31.73
N LEU E 304 29.38 11.60 -31.73
CA LEU E 304 30.03 12.54 -30.82
C LEU E 304 29.67 13.98 -31.17
N ASP E 305 29.14 14.20 -32.37
CA ASP E 305 28.77 15.54 -32.84
C ASP E 305 27.35 15.96 -32.46
N VAL E 306 26.45 15.04 -32.08
CA VAL E 306 25.10 15.44 -31.69
C VAL E 306 25.16 16.22 -30.38
N ILE E 307 24.58 17.41 -30.37
CA ILE E 307 24.56 18.27 -29.20
C ILE E 307 23.24 18.04 -28.47
N PRO E 308 23.26 17.48 -27.26
CA PRO E 308 22.00 17.13 -26.60
C PRO E 308 21.27 18.35 -26.06
N THR E 309 19.93 18.24 -26.03
CA THR E 309 19.07 19.24 -25.42
C THR E 309 18.37 18.74 -24.17
N ASP E 310 18.21 17.41 -24.04
CA ASP E 310 17.60 16.78 -22.87
C ASP E 310 18.45 15.56 -22.51
N ILE E 311 18.67 15.36 -21.21
CA ILE E 311 19.65 14.36 -20.78
C ILE E 311 19.24 12.93 -21.09
N HIS E 312 17.94 12.64 -21.23
CA HIS E 312 17.47 11.27 -21.50
C HIS E 312 17.05 11.08 -22.95
N GLN E 313 17.55 11.91 -23.86
CA GLN E 313 17.20 11.83 -25.26
C GLN E 313 17.84 10.63 -25.95
N ARG E 314 17.16 10.17 -26.98
CA ARG E 314 17.57 9.02 -27.78
C ARG E 314 18.29 9.51 -29.04
N ALA E 315 19.00 8.58 -29.69
CA ALA E 315 19.74 8.86 -30.91
C ALA E 315 19.92 7.57 -31.67
N PRO E 316 19.81 7.56 -33.00
CA PRO E 316 20.20 6.37 -33.76
C PRO E 316 21.71 6.19 -33.71
N VAL E 317 22.15 4.93 -33.77
CA VAL E 317 23.56 4.61 -33.63
C VAL E 317 23.89 3.48 -34.60
N ILE E 318 24.95 3.67 -35.38
CA ILE E 318 25.51 2.66 -36.27
C ILE E 318 27.02 2.72 -36.08
N LEU E 319 27.62 1.68 -35.54
CA LEU E 319 29.04 1.74 -35.20
C LEU E 319 29.76 0.43 -35.55
N GLY E 320 31.09 0.49 -35.48
CA GLY E 320 31.93 -0.68 -35.74
C GLY E 320 33.19 -0.46 -36.56
N SER E 321 33.56 -1.47 -37.34
CA SER E 321 34.74 -1.41 -38.18
C SER E 321 34.62 -0.27 -39.19
N PRO E 322 35.72 0.39 -39.53
CA PRO E 322 35.61 1.59 -40.40
C PRO E 322 34.99 1.29 -41.76
N ASP E 323 35.49 0.29 -42.47
CA ASP E 323 34.96 -0.01 -43.80
C ASP E 323 33.48 -0.35 -43.75
N ASP E 324 33.03 -1.05 -42.72
CA ASP E 324 31.64 -1.45 -42.69
C ASP E 324 30.72 -0.27 -42.46
N VAL E 325 31.09 0.65 -41.56
CA VAL E 325 30.30 1.86 -41.36
C VAL E 325 30.31 2.71 -42.63
N LEU E 326 31.44 2.72 -43.35
CA LEU E 326 31.54 3.43 -44.63
C LEU E 326 30.63 2.80 -45.69
N GLU E 327 30.60 1.47 -45.77
CA GLU E 327 29.71 0.79 -46.71
C GLU E 327 28.25 1.11 -46.41
N PHE E 328 27.88 1.13 -45.13
CA PHE E 328 26.50 1.47 -44.77
C PHE E 328 26.17 2.91 -45.15
N LEU E 329 27.08 3.84 -44.88
CA LEU E 329 26.79 5.25 -45.15
C LEU E 329 26.53 5.51 -46.63
N LYS E 330 27.30 4.85 -47.51
CA LYS E 330 27.11 5.03 -48.95
C LYS E 330 25.70 4.65 -49.38
N VAL E 331 25.19 3.54 -48.87
CA VAL E 331 23.83 3.13 -49.18
C VAL E 331 22.84 4.12 -48.56
N TYR E 332 23.16 4.63 -47.36
CA TYR E 332 22.29 5.65 -46.76
C TYR E 332 22.30 6.94 -47.59
N GLU E 333 23.48 7.37 -48.03
CA GLU E 333 23.58 8.58 -48.85
C GLU E 333 22.83 8.42 -50.16
N LYS E 334 22.74 7.19 -50.67
CA LYS E 334 22.03 6.89 -51.90
C LYS E 334 20.52 7.16 -51.81
N HIS E 335 19.91 6.96 -50.64
CA HIS E 335 18.45 6.91 -50.53
C HIS E 335 17.78 8.24 -50.22
N SER E 336 18.35 9.35 -50.70
CA SER E 336 17.82 10.74 -50.69
C SER E 336 18.93 11.65 -50.26
N ASP F 10 11.85 -22.87 2.98
CA ASP F 10 12.95 -23.73 3.36
C ASP F 10 14.07 -23.70 2.32
N VAL F 11 15.31 -23.47 2.77
CA VAL F 11 16.43 -23.40 1.84
C VAL F 11 16.77 -24.81 1.34
N ASN F 12 17.24 -24.90 0.10
CA ASN F 12 17.60 -26.19 -0.48
C ASN F 12 18.75 -25.98 -1.46
N THR F 13 19.69 -26.92 -1.44
CA THR F 13 20.87 -26.93 -2.31
C THR F 13 20.80 -28.11 -3.28
N LEU F 14 21.61 -28.03 -4.34
CA LEU F 14 21.61 -29.06 -5.36
C LEU F 14 21.99 -30.42 -4.80
N THR F 15 23.03 -30.46 -3.96
CA THR F 15 23.43 -31.72 -3.36
C THR F 15 22.33 -32.25 -2.44
N ARG F 16 21.78 -31.40 -1.59
CA ARG F 16 20.77 -31.85 -0.65
C ARG F 16 19.47 -32.24 -1.35
N PHE F 17 19.09 -31.50 -2.38
CA PHE F 17 17.91 -31.86 -3.18
C PHE F 17 18.13 -33.19 -3.91
N VAL F 18 19.33 -33.40 -4.47
CA VAL F 18 19.63 -34.68 -5.12
C VAL F 18 19.61 -35.81 -4.10
N MET F 19 20.11 -35.56 -2.89
CA MET F 19 20.04 -36.59 -1.84
C MET F 19 18.61 -36.81 -1.36
N GLU F 20 17.82 -35.74 -1.25
CA GLU F 20 16.44 -35.93 -0.84
C GLU F 20 15.69 -36.81 -1.84
N GLU F 21 15.81 -36.51 -3.14
CA GLU F 21 15.13 -37.28 -4.17
C GLU F 21 15.68 -38.69 -4.34
N GLY F 22 16.99 -38.89 -4.15
CA GLY F 22 17.56 -40.21 -4.30
C GLY F 22 17.19 -41.17 -3.19
N ARG F 23 17.04 -40.66 -1.97
CA ARG F 23 16.57 -41.50 -0.88
C ARG F 23 15.11 -41.89 -1.06
N LYS F 24 14.28 -40.93 -1.48
CA LYS F 24 12.87 -41.25 -1.70
C LYS F 24 12.72 -42.48 -2.59
N ALA F 25 13.62 -42.65 -3.56
CA ALA F 25 13.55 -43.74 -4.53
C ALA F 25 14.38 -44.97 -4.16
N ARG F 26 15.16 -44.91 -3.06
CA ARG F 26 15.91 -46.07 -2.55
C ARG F 26 16.88 -46.66 -3.59
N GLY F 27 17.65 -45.81 -4.28
CA GLY F 27 18.63 -46.27 -5.24
C GLY F 27 19.98 -46.52 -4.58
N THR F 28 20.94 -47.00 -5.39
CA THR F 28 22.24 -47.38 -4.84
C THR F 28 23.10 -46.16 -4.50
N GLY F 29 22.76 -44.99 -5.01
CA GLY F 29 23.54 -43.79 -4.80
C GLY F 29 24.53 -43.46 -5.89
N GLU F 30 24.70 -44.35 -6.87
CA GLU F 30 25.66 -44.14 -7.96
C GLU F 30 25.31 -42.88 -8.75
N LEU F 31 24.02 -42.59 -8.92
CA LEU F 31 23.63 -41.40 -9.66
C LEU F 31 23.86 -40.14 -8.84
N THR F 32 23.63 -40.20 -7.53
CA THR F 32 23.95 -39.06 -6.67
C THR F 32 25.45 -38.77 -6.67
N GLN F 33 26.30 -39.81 -6.61
CA GLN F 33 27.74 -39.61 -6.70
C GLN F 33 28.13 -38.99 -8.04
N LEU F 34 27.53 -39.49 -9.12
CA LEU F 34 27.82 -38.97 -10.44
C LEU F 34 27.48 -37.50 -10.52
N LEU F 35 26.29 -37.14 -10.09
CA LEU F 35 25.87 -35.74 -10.13
C LEU F 35 26.74 -34.89 -9.21
N ASN F 36 27.12 -35.40 -8.03
CA ASN F 36 28.03 -34.62 -7.19
C ASN F 36 29.38 -34.39 -7.86
N SER F 37 29.93 -35.41 -8.54
CA SER F 37 31.18 -35.21 -9.25
C SER F 37 31.03 -34.19 -10.35
N LEU F 38 29.94 -34.26 -11.11
CA LEU F 38 29.72 -33.30 -12.17
C LEU F 38 29.53 -31.90 -11.60
N CYS F 39 28.72 -31.76 -10.55
CA CYS F 39 28.57 -30.46 -9.89
C CYS F 39 29.92 -29.90 -9.43
N THR F 40 30.78 -30.76 -8.88
CA THR F 40 32.08 -30.26 -8.44
C THR F 40 32.90 -29.74 -9.60
N ALA F 41 32.91 -30.46 -10.72
CA ALA F 41 33.66 -29.98 -11.87
C ALA F 41 33.12 -28.66 -12.41
N VAL F 42 31.79 -28.51 -12.41
CA VAL F 42 31.15 -27.29 -12.92
C VAL F 42 31.62 -26.07 -12.13
N LYS F 43 31.72 -26.20 -10.81
CA LYS F 43 32.20 -25.06 -10.03
C LYS F 43 33.64 -24.69 -10.41
N ALA F 44 34.47 -25.69 -10.72
CA ALA F 44 35.84 -25.38 -11.13
C ALA F 44 35.88 -24.75 -12.51
N ILE F 45 35.07 -25.24 -13.45
CA ILE F 45 35.02 -24.60 -14.76
C ILE F 45 34.56 -23.16 -14.63
N SER F 46 33.52 -22.94 -13.82
CA SER F 46 33.08 -21.58 -13.59
C SER F 46 34.21 -20.71 -13.07
N SER F 47 34.99 -21.21 -12.10
CA SER F 47 36.04 -20.40 -11.50
C SER F 47 37.07 -19.97 -12.56
N ALA F 48 37.41 -20.87 -13.48
CA ALA F 48 38.34 -20.54 -14.55
C ALA F 48 37.71 -19.67 -15.62
N VAL F 49 36.42 -19.87 -15.89
CA VAL F 49 35.73 -19.09 -16.92
C VAL F 49 35.70 -17.60 -16.57
N ARG F 50 35.45 -17.27 -15.26
CA ARG F 50 35.51 -15.92 -14.70
C ARG F 50 36.97 -15.41 -14.52
N LYS F 51 37.93 -16.18 -15.04
CA LYS F 51 39.34 -15.80 -15.09
C LYS F 51 39.94 -15.58 -13.69
N ALA F 52 39.49 -16.37 -12.71
CA ALA F 52 40.14 -16.36 -11.41
C ALA F 52 41.58 -16.84 -11.54
N GLY F 53 42.49 -16.08 -10.94
CA GLY F 53 43.91 -16.38 -10.99
C GLY F 53 44.62 -15.94 -12.25
N ILE F 54 43.96 -15.15 -13.11
CA ILE F 54 44.57 -14.70 -14.37
C ILE F 54 45.77 -13.80 -14.12
N ALA F 55 45.84 -13.18 -12.94
CA ALA F 55 46.97 -12.33 -12.59
C ALA F 55 48.28 -13.11 -12.62
N HIS F 56 48.27 -14.38 -12.22
CA HIS F 56 49.47 -15.20 -12.28
C HIS F 56 49.82 -15.61 -13.70
N LEU F 57 48.83 -15.76 -14.57
CA LEU F 57 49.15 -16.01 -15.97
C LEU F 57 49.83 -14.82 -16.62
N TYR F 58 49.61 -13.62 -16.09
CA TYR F 58 50.25 -12.41 -16.57
C TYR F 58 51.40 -11.98 -15.68
N GLY F 59 52.07 -12.95 -15.04
CA GLY F 59 53.30 -12.69 -14.32
C GLY F 59 53.19 -11.75 -13.13
N ILE F 60 52.16 -11.91 -12.30
CA ILE F 60 52.11 -11.06 -11.11
C ILE F 60 53.22 -11.43 -10.13
N ALA F 61 53.78 -12.63 -10.27
CA ALA F 61 54.95 -13.06 -9.51
C ALA F 61 56.07 -13.51 -10.46
N GLY F 62 56.18 -12.84 -11.60
CA GLY F 62 57.19 -13.17 -12.60
C GLY F 62 56.93 -14.45 -13.38
N LYS F 73 43.51 -23.59 -24.42
CA LYS F 73 43.72 -24.25 -23.14
C LYS F 73 42.39 -24.51 -22.49
N LEU F 74 41.53 -23.49 -22.53
CA LEU F 74 40.37 -23.49 -21.66
C LEU F 74 39.37 -24.60 -22.02
N ASP F 75 39.19 -24.91 -23.30
CA ASP F 75 38.28 -26.01 -23.58
C ASP F 75 38.96 -27.36 -23.34
N VAL F 76 40.27 -27.42 -23.50
CA VAL F 76 41.00 -28.64 -23.12
C VAL F 76 40.99 -28.82 -21.61
N LEU F 77 41.22 -27.74 -20.86
CA LEU F 77 41.17 -27.82 -19.40
C LEU F 77 39.77 -28.19 -18.90
N SER F 78 38.73 -27.62 -19.50
CA SER F 78 37.36 -27.99 -19.12
C SER F 78 37.14 -29.49 -19.30
N ASN F 79 37.58 -30.03 -20.43
CA ASN F 79 37.40 -31.44 -20.71
C ASN F 79 38.12 -32.28 -19.67
N ASP F 80 39.36 -31.91 -19.32
CA ASP F 80 40.11 -32.66 -18.32
C ASP F 80 39.35 -32.70 -16.99
N LEU F 81 38.68 -31.60 -16.65
CA LEU F 81 37.93 -31.50 -15.40
C LEU F 81 36.76 -32.48 -15.35
N VAL F 82 35.93 -32.50 -16.41
CA VAL F 82 34.81 -33.42 -16.42
C VAL F 82 35.30 -34.86 -16.53
N MET F 83 36.26 -35.10 -17.42
CA MET F 83 36.85 -36.43 -17.56
C MET F 83 37.35 -36.98 -16.24
N ASN F 84 38.21 -36.24 -15.54
CA ASN F 84 38.77 -36.80 -14.32
C ASN F 84 37.73 -36.95 -13.23
N MET F 85 36.80 -35.98 -13.12
CA MET F 85 35.82 -36.04 -12.05
C MET F 85 34.81 -37.17 -12.24
N LEU F 86 34.52 -37.54 -13.48
CA LEU F 86 33.63 -38.67 -13.74
C LEU F 86 34.36 -39.99 -13.59
N LYS F 87 35.54 -40.10 -14.21
CA LYS F 87 36.33 -41.33 -14.09
C LYS F 87 36.49 -41.72 -12.64
N SER F 88 36.82 -40.76 -11.80
CA SER F 88 37.04 -40.97 -10.38
C SER F 88 35.74 -40.98 -9.58
N SER F 89 34.60 -40.95 -10.25
CA SER F 89 33.32 -40.95 -9.55
C SER F 89 32.81 -42.30 -9.10
N PHE F 90 33.33 -43.41 -9.64
CA PHE F 90 32.75 -44.74 -9.42
C PHE F 90 31.34 -44.87 -9.98
N ALA F 91 31.03 -44.18 -11.08
CA ALA F 91 29.70 -44.28 -11.65
C ALA F 91 29.65 -44.35 -13.17
N THR F 92 30.78 -44.40 -13.88
CA THR F 92 30.76 -44.34 -15.34
C THR F 92 31.55 -45.47 -15.99
N CYS F 93 31.17 -45.77 -17.23
CA CYS F 93 31.87 -46.76 -18.02
C CYS F 93 32.20 -46.25 -19.42
N VAL F 94 31.34 -45.43 -20.00
CA VAL F 94 31.57 -44.84 -21.33
C VAL F 94 31.33 -43.34 -21.28
N LEU F 95 32.27 -42.56 -21.82
CA LEU F 95 32.16 -41.10 -21.90
C LEU F 95 32.41 -40.65 -23.33
N VAL F 96 31.46 -39.90 -23.89
CA VAL F 96 31.59 -39.28 -25.20
C VAL F 96 31.69 -37.77 -24.99
N SER F 97 32.75 -37.17 -25.53
CA SER F 97 33.03 -35.76 -25.36
C SER F 97 33.31 -35.18 -26.72
N GLU F 98 32.89 -33.93 -26.95
CA GLU F 98 33.21 -33.25 -28.21
C GLU F 98 34.71 -33.12 -28.43
N GLU F 99 35.49 -33.08 -27.34
CA GLU F 99 36.93 -32.84 -27.44
C GLU F 99 37.71 -34.08 -27.87
N ASP F 100 37.13 -35.28 -27.77
CA ASP F 100 37.85 -36.53 -27.96
C ASP F 100 37.27 -37.30 -29.12
N LYS F 101 38.13 -37.75 -30.03
CA LYS F 101 37.67 -38.41 -31.25
C LYS F 101 36.89 -39.69 -30.95
N HIS F 102 37.38 -40.52 -30.05
CA HIS F 102 36.70 -41.74 -29.65
C HIS F 102 36.15 -41.61 -28.24
N ALA F 103 35.11 -42.39 -27.94
CA ALA F 103 34.60 -42.43 -26.58
C ALA F 103 35.61 -43.07 -25.63
N ILE F 104 35.60 -42.60 -24.40
CA ILE F 104 36.49 -43.10 -23.35
C ILE F 104 35.81 -44.25 -22.62
N ILE F 105 36.55 -45.34 -22.42
CA ILE F 105 36.05 -46.51 -21.69
C ILE F 105 36.77 -46.53 -20.35
N VAL F 106 36.01 -46.34 -19.27
CA VAL F 106 36.60 -46.21 -17.93
C VAL F 106 37.33 -47.50 -17.53
N GLU F 107 38.49 -47.33 -16.90
CA GLU F 107 39.30 -48.45 -16.43
C GLU F 107 38.51 -49.29 -15.42
N PRO F 108 38.82 -50.60 -15.31
CA PRO F 108 37.92 -51.52 -14.60
C PRO F 108 37.69 -51.18 -13.12
N GLU F 109 38.72 -50.75 -12.39
CA GLU F 109 38.54 -50.50 -10.96
C GLU F 109 37.61 -49.32 -10.69
N LYS F 110 37.53 -48.35 -11.60
CA LYS F 110 36.68 -47.18 -11.43
C LYS F 110 35.39 -47.25 -12.26
N ARG F 111 35.00 -48.45 -12.71
CA ARG F 111 33.88 -48.60 -13.63
C ARG F 111 32.55 -48.59 -12.90
N GLY F 112 31.57 -47.89 -13.47
CA GLY F 112 30.25 -47.82 -12.90
C GLY F 112 29.21 -47.99 -13.99
N LYS F 113 27.94 -47.79 -13.67
CA LYS F 113 26.85 -48.28 -14.52
C LYS F 113 26.25 -47.20 -15.44
N TYR F 114 26.87 -46.04 -15.56
CA TYR F 114 26.25 -44.93 -16.28
C TYR F 114 27.12 -44.46 -17.44
N VAL F 115 26.46 -43.89 -18.44
CA VAL F 115 27.09 -43.30 -19.61
C VAL F 115 26.78 -41.80 -19.64
N VAL F 116 27.79 -40.99 -19.91
CA VAL F 116 27.66 -39.54 -19.87
C VAL F 116 28.14 -38.96 -21.19
N CYS F 117 27.31 -38.12 -21.81
CA CYS F 117 27.69 -37.34 -22.98
C CYS F 117 27.74 -35.87 -22.60
N PHE F 118 28.81 -35.18 -22.97
CA PHE F 118 28.92 -33.78 -22.59
C PHE F 118 29.66 -32.95 -23.63
N ASP F 119 29.26 -31.70 -23.73
CA ASP F 119 30.09 -30.67 -24.32
C ASP F 119 30.69 -29.92 -23.14
N PRO F 120 31.98 -30.08 -22.85
CA PRO F 120 32.50 -29.47 -21.62
C PRO F 120 32.56 -27.96 -21.70
N LEU F 121 32.81 -27.38 -22.88
CA LEU F 121 32.75 -25.91 -22.89
C LEU F 121 32.24 -25.45 -24.26
N ASP F 122 30.92 -25.47 -24.42
CA ASP F 122 30.31 -25.09 -25.68
C ASP F 122 30.27 -23.57 -25.82
N GLY F 123 30.49 -23.10 -27.05
CA GLY F 123 30.60 -21.68 -27.31
C GLY F 123 31.96 -21.10 -27.06
N SER F 124 32.96 -21.94 -26.77
CA SER F 124 34.31 -21.49 -26.41
C SER F 124 35.08 -20.89 -27.58
N SER F 125 34.64 -21.05 -28.83
CA SER F 125 35.37 -20.40 -29.93
C SER F 125 35.18 -18.89 -29.92
N ASN F 126 34.02 -18.40 -29.45
CA ASN F 126 33.76 -16.97 -29.33
C ASN F 126 34.03 -16.44 -27.92
N ILE F 127 34.86 -17.13 -27.13
CA ILE F 127 35.07 -16.76 -25.73
C ILE F 127 36.01 -15.57 -25.54
N ASP F 128 36.73 -15.16 -26.58
CA ASP F 128 37.61 -13.99 -26.49
C ASP F 128 36.84 -12.68 -26.28
N CYS F 129 35.54 -12.65 -26.56
CA CYS F 129 34.72 -11.46 -26.30
C CYS F 129 33.85 -11.63 -25.06
N LEU F 130 34.11 -12.64 -24.22
CA LEU F 130 33.37 -12.86 -22.97
C LEU F 130 31.90 -13.18 -23.21
N VAL F 131 31.58 -13.73 -24.38
CA VAL F 131 30.22 -14.19 -24.58
C VAL F 131 29.94 -15.32 -23.60
N SER F 132 28.66 -15.53 -23.31
CA SER F 132 28.26 -16.62 -22.45
C SER F 132 28.69 -17.96 -23.03
N VAL F 133 29.22 -18.83 -22.17
CA VAL F 133 29.57 -20.21 -22.54
C VAL F 133 28.94 -21.17 -21.53
N GLY F 134 28.99 -22.47 -21.85
CA GLY F 134 28.27 -23.41 -21.01
C GLY F 134 28.78 -24.84 -21.07
N THR F 135 28.33 -25.63 -20.09
CA THR F 135 28.59 -27.06 -20.08
C THR F 135 27.26 -27.79 -20.23
N ILE F 136 27.17 -28.69 -21.20
CA ILE F 136 25.96 -29.48 -21.43
C ILE F 136 26.25 -30.95 -21.17
N PHE F 137 25.29 -31.65 -20.57
CA PHE F 137 25.47 -33.06 -20.25
C PHE F 137 24.19 -33.86 -20.45
N GLY F 138 24.37 -35.12 -20.85
CA GLY F 138 23.30 -36.10 -20.92
C GLY F 138 23.75 -37.42 -20.33
N ILE F 139 22.86 -38.07 -19.58
CA ILE F 139 23.20 -39.26 -18.82
C ILE F 139 22.30 -40.42 -19.27
N TYR F 140 22.94 -41.51 -19.67
CA TYR F 140 22.25 -42.73 -20.06
C TYR F 140 22.67 -43.84 -19.09
N ARG F 141 21.68 -44.55 -18.54
CA ARG F 141 21.96 -45.80 -17.85
C ARG F 141 22.31 -46.86 -18.89
N LYS F 142 23.34 -47.66 -18.61
CA LYS F 142 23.84 -48.61 -19.60
C LYS F 142 22.82 -49.71 -19.89
N LYS F 143 22.51 -49.92 -21.17
CA LYS F 143 21.43 -50.83 -21.53
C LYS F 143 21.95 -52.24 -21.81
N SER F 144 22.98 -52.38 -22.65
CA SER F 144 23.49 -53.70 -22.98
C SER F 144 24.30 -54.25 -21.80
N THR F 145 24.60 -55.55 -21.84
CA THR F 145 25.44 -56.14 -20.80
C THR F 145 26.81 -56.65 -21.28
N ASP F 146 27.23 -56.36 -22.52
CA ASP F 146 28.59 -56.72 -22.92
C ASP F 146 29.61 -55.86 -22.18
N GLU F 147 30.89 -56.14 -22.43
CA GLU F 147 31.92 -55.22 -22.00
C GLU F 147 31.65 -53.87 -22.66
N PRO F 148 31.73 -52.77 -21.91
CA PRO F 148 31.29 -51.47 -22.45
C PRO F 148 32.11 -50.99 -23.65
N SER F 149 31.41 -50.37 -24.60
CA SER F 149 31.99 -49.85 -25.83
C SER F 149 31.17 -48.64 -26.28
N GLU F 150 31.59 -47.99 -27.38
CA GLU F 150 30.82 -46.84 -27.88
C GLU F 150 29.37 -47.15 -28.14
N LYS F 151 29.03 -48.41 -28.43
CA LYS F 151 27.63 -48.74 -28.70
C LYS F 151 26.74 -48.29 -27.55
N ASP F 152 27.27 -48.24 -26.32
CA ASP F 152 26.50 -47.89 -25.14
C ASP F 152 26.10 -46.42 -25.12
N ALA F 153 26.82 -45.55 -25.82
CA ALA F 153 26.44 -44.16 -25.91
C ALA F 153 25.52 -43.89 -27.09
N LEU F 154 25.33 -44.87 -27.98
CA LEU F 154 24.56 -44.67 -29.21
C LEU F 154 23.07 -44.93 -29.01
N GLN F 155 22.53 -44.57 -27.88
CA GLN F 155 21.11 -44.68 -27.60
C GLN F 155 20.36 -43.45 -28.10
N PRO F 156 19.07 -43.58 -28.34
CA PRO F 156 18.27 -42.40 -28.69
C PRO F 156 18.06 -41.55 -27.46
N GLY F 157 17.77 -40.27 -27.69
CA GLY F 157 17.53 -39.38 -26.57
C GLY F 157 16.42 -39.84 -25.65
N ARG F 158 15.48 -40.65 -26.17
CA ARG F 158 14.34 -41.15 -25.38
C ARG F 158 14.77 -41.88 -24.11
N ASN F 159 15.94 -42.53 -24.11
CA ASN F 159 16.44 -43.35 -23.00
C ASN F 159 17.10 -42.55 -21.89
N LEU F 160 17.07 -41.23 -21.98
CA LEU F 160 17.77 -40.38 -21.03
C LEU F 160 17.22 -40.55 -19.61
N VAL F 161 18.14 -40.70 -18.66
CA VAL F 161 17.81 -40.73 -17.24
C VAL F 161 17.88 -39.32 -16.63
N ALA F 162 18.89 -38.55 -17.00
CA ALA F 162 18.98 -37.15 -16.59
C ALA F 162 19.85 -36.40 -17.59
N ALA F 163 19.62 -35.10 -17.66
CA ALA F 163 20.39 -34.24 -18.56
C ALA F 163 20.21 -32.80 -18.11
N GLY F 164 21.06 -31.92 -18.64
CA GLY F 164 20.94 -30.51 -18.36
C GLY F 164 22.17 -29.75 -18.82
N TYR F 165 22.37 -28.58 -18.23
CA TYR F 165 23.47 -27.73 -18.66
C TYR F 165 23.87 -26.79 -17.53
N ALA F 166 25.09 -26.31 -17.63
CA ALA F 166 25.58 -25.22 -16.81
C ALA F 166 25.79 -24.03 -17.72
N LEU F 167 25.20 -22.89 -17.36
CA LEU F 167 25.42 -21.64 -18.06
C LEU F 167 26.37 -20.78 -17.24
N TYR F 168 27.53 -20.44 -17.82
CA TYR F 168 28.49 -19.51 -17.21
C TYR F 168 28.24 -18.15 -17.88
N GLY F 169 27.21 -17.46 -17.40
CA GLY F 169 26.85 -16.16 -17.94
C GLY F 169 27.11 -15.07 -16.91
N SER F 170 26.21 -14.09 -16.81
CA SER F 170 26.35 -13.10 -15.74
C SER F 170 26.36 -13.80 -14.38
N ALA F 171 25.57 -14.84 -14.23
CA ALA F 171 25.72 -15.76 -13.11
C ALA F 171 25.89 -17.15 -13.68
N THR F 172 26.28 -18.08 -12.83
CA THR F 172 26.43 -19.46 -13.23
C THR F 172 25.25 -20.23 -12.70
N MET F 173 24.45 -20.77 -13.63
CA MET F 173 23.27 -21.54 -13.28
C MET F 173 23.42 -22.92 -13.88
N LEU F 174 22.99 -23.91 -13.11
CA LEU F 174 22.97 -25.29 -13.54
C LEU F 174 21.51 -25.67 -13.67
N VAL F 175 21.12 -26.13 -14.84
CA VAL F 175 19.76 -26.54 -15.11
C VAL F 175 19.74 -28.06 -15.19
N LEU F 176 18.97 -28.68 -14.31
CA LEU F 176 18.90 -30.13 -14.19
C LEU F 176 17.51 -30.59 -14.59
N ALA F 177 17.45 -31.48 -15.57
CA ALA F 177 16.19 -32.05 -16.05
C ALA F 177 16.22 -33.55 -15.79
N MET F 178 15.38 -34.00 -14.88
CA MET F 178 15.27 -35.43 -14.62
C MET F 178 13.85 -35.89 -14.90
N ASP F 179 13.43 -36.97 -14.25
CA ASP F 179 12.16 -37.58 -14.62
C ASP F 179 10.98 -36.79 -14.06
N CYS F 180 11.09 -36.36 -12.79
CA CYS F 180 10.01 -35.59 -12.18
C CYS F 180 9.86 -34.20 -12.81
N GLY F 181 10.93 -33.63 -13.36
CA GLY F 181 10.84 -32.35 -14.04
C GLY F 181 12.19 -31.62 -14.05
N VAL F 182 12.12 -30.31 -14.29
CA VAL F 182 13.31 -29.48 -14.51
C VAL F 182 13.50 -28.54 -13.32
N ASN F 183 14.72 -28.44 -12.82
CA ASN F 183 15.03 -27.52 -11.74
C ASN F 183 16.27 -26.69 -12.03
N CYS F 184 16.24 -25.45 -11.56
CA CYS F 184 17.31 -24.48 -11.76
C CYS F 184 17.94 -24.12 -10.43
N PHE F 185 19.27 -24.19 -10.38
CA PHE F 185 20.04 -23.89 -9.20
C PHE F 185 21.07 -22.80 -9.54
N MET F 186 21.13 -21.75 -8.73
CA MET F 186 22.06 -20.66 -8.90
C MET F 186 23.30 -20.90 -8.02
N LEU F 187 24.48 -20.82 -8.61
CA LEU F 187 25.70 -20.97 -7.83
C LEU F 187 26.01 -19.71 -7.02
N ASP F 188 26.05 -19.85 -5.69
CA ASP F 188 26.50 -18.79 -4.78
C ASP F 188 27.99 -18.95 -4.61
N PRO F 189 28.80 -18.09 -5.24
CA PRO F 189 30.25 -18.28 -5.21
C PRO F 189 30.85 -17.99 -3.86
N ALA F 190 30.15 -17.28 -2.98
CA ALA F 190 30.70 -17.06 -1.65
C ALA F 190 30.90 -18.37 -0.92
N ILE F 191 30.09 -19.38 -1.20
CA ILE F 191 30.17 -20.65 -0.50
C ILE F 191 30.26 -21.84 -1.45
N GLY F 192 30.23 -21.63 -2.75
CA GLY F 192 30.36 -22.76 -3.65
C GLY F 192 29.24 -23.77 -3.49
N GLU F 193 28.01 -23.30 -3.39
CA GLU F 193 26.85 -24.18 -3.33
C GLU F 193 25.81 -23.70 -4.33
N PHE F 194 25.11 -24.65 -4.96
CA PHE F 194 24.05 -24.35 -5.91
C PHE F 194 22.73 -24.24 -5.16
N ILE F 195 22.09 -23.07 -5.24
CA ILE F 195 20.87 -22.78 -4.50
C ILE F 195 19.71 -22.92 -5.47
N LEU F 196 18.75 -23.79 -5.14
CA LEU F 196 17.54 -23.97 -5.93
C LEU F 196 16.76 -22.67 -5.94
N VAL F 197 16.55 -22.11 -7.13
CA VAL F 197 15.84 -20.84 -7.27
C VAL F 197 14.63 -20.91 -8.19
N ASP F 198 14.42 -22.02 -8.89
CA ASP F 198 13.24 -22.17 -9.74
C ASP F 198 12.86 -23.65 -9.75
N LYS F 199 11.76 -23.98 -9.06
CA LYS F 199 11.34 -25.36 -8.89
C LYS F 199 10.38 -25.75 -10.00
N ASP F 200 10.71 -26.84 -10.70
CA ASP F 200 9.81 -27.46 -11.66
C ASP F 200 9.37 -26.46 -12.72
N VAL F 201 10.36 -25.89 -13.42
CA VAL F 201 10.06 -24.86 -14.39
C VAL F 201 9.30 -25.47 -15.57
N LYS F 202 8.46 -24.66 -16.18
CA LYS F 202 7.71 -25.01 -17.36
C LYS F 202 7.76 -23.83 -18.32
N ILE F 203 8.01 -24.14 -19.56
CA ILE F 203 8.19 -23.12 -20.57
C ILE F 203 6.84 -22.52 -20.94
N LYS F 204 6.86 -21.25 -21.35
CA LYS F 204 5.67 -20.61 -21.91
C LYS F 204 5.10 -21.46 -23.03
N LYS F 205 3.77 -21.50 -23.11
CA LYS F 205 3.13 -22.19 -24.21
C LYS F 205 3.44 -21.51 -25.54
N LYS F 206 3.58 -20.19 -25.53
CA LYS F 206 3.91 -19.46 -26.75
C LYS F 206 4.68 -18.19 -26.38
N GLY F 207 5.77 -17.96 -27.10
CA GLY F 207 6.66 -16.85 -26.86
C GLY F 207 6.58 -15.77 -27.92
N LYS F 208 7.53 -14.84 -27.83
CA LYS F 208 7.59 -13.69 -28.74
C LYS F 208 9.00 -13.41 -29.23
N ILE F 209 9.91 -14.39 -29.16
CA ILE F 209 11.30 -14.21 -29.61
C ILE F 209 11.70 -15.40 -30.47
N TYR F 210 12.32 -15.13 -31.62
CA TYR F 210 12.89 -16.19 -32.46
C TYR F 210 14.40 -16.02 -32.50
N SER F 211 15.10 -17.14 -32.62
CA SER F 211 16.56 -17.18 -32.43
C SER F 211 17.21 -18.09 -33.47
N LEU F 212 17.91 -17.49 -34.43
CA LEU F 212 18.72 -18.24 -35.39
C LEU F 212 19.73 -17.29 -36.04
N ASN F 213 20.65 -17.90 -36.78
CA ASN F 213 21.73 -17.20 -37.49
C ASN F 213 21.24 -16.77 -38.87
N GLU F 214 20.74 -15.53 -38.97
CA GLU F 214 20.17 -15.06 -40.24
C GLU F 214 21.21 -14.78 -41.31
N GLY F 215 22.50 -14.98 -41.01
CA GLY F 215 23.54 -14.79 -42.00
C GLY F 215 23.57 -15.86 -43.08
N TYR F 216 23.10 -17.06 -42.76
CA TYR F 216 23.02 -18.13 -43.75
C TYR F 216 21.73 -18.08 -44.55
N ALA F 217 21.14 -16.88 -44.68
CA ALA F 217 19.84 -16.76 -45.35
C ALA F 217 19.92 -17.18 -46.81
N LYS F 218 21.04 -16.87 -47.47
CA LYS F 218 21.24 -17.28 -48.86
C LYS F 218 21.02 -18.77 -49.03
N ASP F 219 21.24 -19.54 -47.97
CA ASP F 219 21.15 -20.98 -48.02
C ASP F 219 19.97 -21.55 -47.27
N PHE F 220 19.00 -20.73 -46.91
CA PHE F 220 17.88 -21.24 -46.12
C PHE F 220 16.99 -22.18 -46.92
N ASP F 221 16.68 -23.32 -46.31
CA ASP F 221 15.58 -24.15 -46.76
C ASP F 221 14.31 -23.31 -46.87
N PRO F 222 13.49 -23.51 -47.90
CA PRO F 222 12.32 -22.63 -48.10
C PRO F 222 11.36 -22.59 -46.92
N ALA F 223 11.19 -23.72 -46.21
CA ALA F 223 10.40 -23.71 -44.99
C ALA F 223 11.01 -22.77 -43.97
N VAL F 224 12.35 -22.78 -43.89
CA VAL F 224 13.06 -21.85 -43.02
C VAL F 224 12.85 -20.41 -43.48
N THR F 225 13.07 -20.16 -44.78
CA THR F 225 12.87 -18.83 -45.34
C THR F 225 11.48 -18.30 -45.02
N GLU F 226 10.46 -19.14 -45.15
CA GLU F 226 9.08 -18.70 -44.91
C GLU F 226 8.76 -18.48 -43.43
N TYR F 227 9.17 -19.39 -42.53
CA TYR F 227 8.79 -19.25 -41.13
C TYR F 227 9.34 -17.98 -40.50
N ILE F 228 10.57 -17.59 -40.86
CA ILE F 228 11.15 -16.38 -40.27
C ILE F 228 10.42 -15.13 -40.78
N GLN F 229 10.08 -15.10 -42.06
CA GLN F 229 9.30 -13.97 -42.58
C GLN F 229 7.96 -13.82 -41.83
N ARG F 230 7.34 -14.94 -41.45
CA ARG F 230 6.08 -14.89 -40.70
C ARG F 230 6.23 -14.34 -39.29
N LYS F 231 7.44 -14.29 -38.74
CA LYS F 231 7.65 -13.69 -37.44
C LYS F 231 7.90 -12.18 -37.55
N LYS F 232 8.48 -11.74 -38.67
CA LYS F 232 8.70 -10.32 -38.92
C LYS F 232 7.42 -9.63 -39.43
N PHE F 233 6.58 -10.38 -40.15
CA PHE F 233 5.33 -9.91 -40.75
C PHE F 233 4.27 -10.93 -40.38
N PRO F 234 3.65 -10.80 -39.21
CA PRO F 234 2.68 -11.82 -38.75
C PRO F 234 1.49 -11.96 -39.70
N PRO F 235 1.09 -13.19 -40.02
CA PRO F 235 -0.10 -13.38 -40.87
C PRO F 235 -1.42 -12.99 -40.21
N ASP F 236 -1.63 -13.30 -38.93
CA ASP F 236 -2.78 -12.78 -38.21
C ASP F 236 -2.52 -11.38 -37.61
N ASN F 237 -1.47 -10.70 -38.10
CA ASN F 237 -1.11 -9.33 -37.71
C ASN F 237 -1.06 -9.11 -36.19
N SER F 238 -0.51 -10.10 -35.47
CA SER F 238 -0.17 -9.92 -34.06
C SER F 238 1.16 -9.16 -33.99
N ALA F 239 1.81 -9.17 -32.82
CA ALA F 239 3.06 -8.42 -32.73
C ALA F 239 4.18 -9.20 -33.42
N PRO F 240 5.05 -8.52 -34.17
CA PRO F 240 6.23 -9.21 -34.70
C PRO F 240 7.09 -9.72 -33.55
N TYR F 241 7.74 -10.87 -33.78
CA TYR F 241 8.64 -11.42 -32.79
C TYR F 241 9.92 -10.58 -32.70
N GLY F 242 10.52 -10.56 -31.51
CA GLY F 242 11.86 -10.03 -31.37
C GLY F 242 12.88 -11.09 -31.74
N ALA F 243 14.04 -10.63 -32.22
CA ALA F 243 15.13 -11.54 -32.59
C ALA F 243 16.23 -11.47 -31.55
N ARG F 244 16.76 -12.63 -31.17
CA ARG F 244 17.94 -12.70 -30.32
C ARG F 244 18.79 -13.86 -30.79
N TYR F 245 20.12 -13.68 -30.78
CA TYR F 245 21.01 -14.77 -31.15
C TYR F 245 22.40 -14.50 -30.57
N VAL F 246 22.71 -15.17 -29.47
CA VAL F 246 24.04 -15.06 -28.86
C VAL F 246 25.10 -15.77 -29.69
N GLY F 247 24.74 -16.85 -30.36
CA GLY F 247 25.71 -17.66 -31.07
C GLY F 247 26.40 -18.70 -30.23
N SER F 248 26.02 -18.82 -28.96
CA SER F 248 26.39 -19.95 -28.11
C SER F 248 25.11 -20.63 -27.67
N MET F 249 25.02 -21.93 -27.91
CA MET F 249 23.75 -22.64 -27.80
C MET F 249 23.17 -22.58 -26.39
N VAL F 250 24.03 -22.70 -25.36
CA VAL F 250 23.57 -22.69 -23.97
C VAL F 250 22.84 -21.40 -23.61
N ALA F 251 23.36 -20.25 -24.07
CA ALA F 251 22.74 -18.98 -23.75
C ALA F 251 21.37 -18.84 -24.41
N ASP F 252 21.28 -19.17 -25.70
CA ASP F 252 20.04 -19.03 -26.43
C ASP F 252 18.99 -20.01 -25.91
N VAL F 253 19.41 -21.25 -25.61
CA VAL F 253 18.45 -22.23 -25.12
C VAL F 253 17.95 -21.85 -23.75
N HIS F 254 18.82 -21.38 -22.88
CA HIS F 254 18.33 -20.99 -21.56
C HIS F 254 17.35 -19.82 -21.68
N ARG F 255 17.65 -18.86 -22.55
CA ARG F 255 16.69 -17.77 -22.80
C ARG F 255 15.37 -18.30 -23.31
N THR F 256 15.41 -19.25 -24.25
CA THR F 256 14.21 -19.86 -24.77
C THR F 256 13.41 -20.55 -23.66
N LEU F 257 14.11 -21.20 -22.74
CA LEU F 257 13.47 -21.84 -21.61
C LEU F 257 12.85 -20.83 -20.65
N VAL F 258 13.51 -19.70 -20.43
CA VAL F 258 13.07 -18.74 -19.41
C VAL F 258 12.01 -17.77 -19.94
N TYR F 259 12.08 -17.36 -21.19
CA TYR F 259 11.17 -16.36 -21.73
C TYR F 259 10.18 -16.92 -22.74
N GLY F 260 10.38 -18.16 -23.19
CA GLY F 260 9.61 -18.67 -24.30
C GLY F 260 10.22 -18.26 -25.62
N GLY F 261 9.63 -18.78 -26.69
CA GLY F 261 10.10 -18.54 -28.02
C GLY F 261 10.61 -19.81 -28.68
N ILE F 262 11.43 -19.64 -29.70
CA ILE F 262 11.85 -20.74 -30.54
C ILE F 262 13.30 -20.56 -30.93
N PHE F 263 14.08 -21.64 -30.84
CA PHE F 263 15.46 -21.66 -31.26
C PHE F 263 15.65 -22.65 -32.40
N LEU F 264 16.40 -22.23 -33.42
CA LEU F 264 16.57 -23.00 -34.65
C LEU F 264 18.04 -23.01 -35.06
N TYR F 265 18.61 -24.21 -35.20
CA TYR F 265 19.83 -24.42 -35.98
C TYR F 265 19.45 -25.47 -37.03
N PRO F 266 18.80 -25.06 -38.11
CA PRO F 266 18.14 -26.01 -39.00
C PRO F 266 19.05 -26.56 -40.09
N ALA F 267 18.50 -27.51 -40.83
CA ALA F 267 19.19 -28.05 -41.98
C ALA F 267 18.96 -27.08 -43.13
N ASN F 268 20.06 -26.68 -43.78
CA ASN F 268 19.97 -25.94 -45.01
C ASN F 268 20.49 -26.81 -46.16
N LYS F 269 21.02 -26.19 -47.21
CA LYS F 269 21.56 -26.95 -48.33
C LYS F 269 23.04 -27.30 -48.17
N LYS F 270 23.83 -26.41 -47.54
CA LYS F 270 25.26 -26.68 -47.32
C LYS F 270 25.50 -27.76 -46.27
N SER F 271 24.58 -27.99 -45.35
CA SER F 271 24.76 -28.98 -44.28
C SER F 271 23.42 -29.61 -43.95
N PRO F 272 23.05 -30.65 -44.70
CA PRO F 272 21.71 -31.23 -44.56
C PRO F 272 21.44 -31.87 -43.20
N ASN F 273 22.46 -32.06 -42.37
CA ASN F 273 22.25 -32.64 -41.05
C ASN F 273 22.45 -31.61 -39.94
N GLY F 274 22.42 -30.32 -40.26
CA GLY F 274 22.64 -29.31 -39.24
C GLY F 274 24.09 -29.27 -38.80
N LYS F 275 24.36 -28.41 -37.83
CA LYS F 275 25.71 -28.21 -37.34
C LYS F 275 25.91 -28.68 -35.91
N LEU F 276 24.85 -28.66 -35.11
CA LEU F 276 24.95 -29.10 -33.73
C LEU F 276 25.07 -30.61 -33.64
N ARG F 277 25.80 -31.07 -32.64
CA ARG F 277 26.04 -32.49 -32.43
C ARG F 277 24.88 -33.11 -31.66
N LEU F 278 24.48 -34.32 -32.07
CA LEU F 278 23.28 -34.91 -31.50
C LEU F 278 23.50 -35.42 -30.08
N LEU F 279 24.63 -36.09 -29.80
CA LEU F 279 24.79 -36.74 -28.50
C LEU F 279 24.88 -35.75 -27.35
N TYR F 280 25.77 -34.76 -27.47
CA TYR F 280 26.13 -33.91 -26.35
C TYR F 280 25.79 -32.44 -26.56
N GLU F 281 25.04 -32.11 -27.61
CA GLU F 281 24.43 -30.78 -27.74
C GLU F 281 22.92 -30.88 -27.89
N CYS F 282 22.42 -31.59 -28.90
CA CYS F 282 20.98 -31.59 -29.19
C CYS F 282 20.17 -32.43 -28.18
N ASN F 283 20.54 -33.70 -28.00
CA ASN F 283 19.73 -34.59 -27.15
C ASN F 283 19.56 -34.05 -25.74
N PRO F 284 20.61 -33.61 -25.03
CA PRO F 284 20.38 -33.07 -23.68
C PRO F 284 19.51 -31.83 -23.67
N MET F 285 19.64 -30.97 -24.69
CA MET F 285 18.78 -29.78 -24.75
C MET F 285 17.34 -30.14 -25.08
N ALA F 286 17.15 -31.11 -25.98
CA ALA F 286 15.81 -31.58 -26.30
C ALA F 286 15.13 -32.18 -25.09
N TYR F 287 15.89 -32.94 -24.30
CA TYR F 287 15.33 -33.54 -23.10
C TYR F 287 14.82 -32.49 -22.13
N VAL F 288 15.63 -31.46 -21.86
CA VAL F 288 15.21 -30.38 -20.98
C VAL F 288 13.94 -29.72 -21.53
N MET F 289 13.94 -29.40 -22.83
CA MET F 289 12.77 -28.72 -23.39
C MET F 289 11.51 -29.53 -23.16
N GLU F 290 11.52 -30.82 -23.52
CA GLU F 290 10.28 -31.61 -23.41
C GLU F 290 9.89 -31.82 -21.95
N LYS F 291 10.85 -32.11 -21.08
CA LYS F 291 10.58 -32.26 -19.65
C LYS F 291 10.11 -30.98 -19.01
N ALA F 292 10.21 -29.85 -19.71
CA ALA F 292 9.75 -28.56 -19.22
C ALA F 292 8.52 -28.07 -19.96
N GLY F 293 7.93 -28.93 -20.80
CA GLY F 293 6.73 -28.63 -21.55
C GLY F 293 6.93 -28.12 -22.97
N GLY F 294 8.17 -28.01 -23.44
CA GLY F 294 8.45 -27.53 -24.77
C GLY F 294 8.64 -28.70 -25.72
N MET F 295 9.10 -28.38 -26.92
CA MET F 295 9.25 -29.38 -27.96
C MET F 295 10.58 -29.20 -28.68
N ALA F 296 11.08 -30.29 -29.27
CA ALA F 296 12.31 -30.23 -30.06
C ALA F 296 12.23 -31.24 -31.19
N THR F 297 12.29 -30.75 -32.44
CA THR F 297 12.15 -31.58 -33.62
C THR F 297 13.32 -31.28 -34.56
N THR F 298 13.71 -32.28 -35.35
CA THR F 298 14.68 -32.10 -36.41
C THR F 298 14.05 -31.61 -37.69
N GLY F 299 12.73 -31.43 -37.68
CA GLY F 299 11.98 -31.19 -38.90
C GLY F 299 11.25 -32.44 -39.30
N LYS F 300 11.99 -33.55 -39.39
CA LYS F 300 11.42 -34.83 -39.77
C LYS F 300 10.91 -35.62 -38.57
N GLU F 301 11.56 -35.54 -37.42
CA GLU F 301 11.17 -36.34 -36.26
C GLU F 301 11.62 -35.62 -35.00
N ALA F 302 11.05 -36.00 -33.87
CA ALA F 302 11.52 -35.45 -32.59
C ALA F 302 12.99 -35.79 -32.35
N VAL F 303 13.71 -34.85 -31.73
CA VAL F 303 15.15 -35.04 -31.52
C VAL F 303 15.42 -36.29 -30.69
N LEU F 304 14.60 -36.52 -29.66
CA LEU F 304 14.81 -37.68 -28.80
C LEU F 304 14.52 -38.99 -29.51
N ASP F 305 13.81 -38.97 -30.64
CA ASP F 305 13.44 -40.16 -31.38
C ASP F 305 14.51 -40.60 -32.39
N VAL F 306 15.50 -39.75 -32.65
CA VAL F 306 16.60 -40.10 -33.56
C VAL F 306 17.51 -41.13 -32.92
N ILE F 307 17.78 -42.21 -33.65
CA ILE F 307 18.70 -43.25 -33.21
C ILE F 307 20.08 -42.92 -33.77
N PRO F 308 21.08 -42.63 -32.95
CA PRO F 308 22.38 -42.22 -33.48
C PRO F 308 23.18 -43.40 -34.03
N THR F 309 23.97 -43.11 -35.06
CA THR F 309 24.90 -44.11 -35.58
C THR F 309 26.34 -43.73 -35.32
N ASP F 310 26.62 -42.45 -35.10
CA ASP F 310 27.96 -41.96 -34.81
C ASP F 310 27.86 -40.96 -33.66
N ILE F 311 28.82 -41.04 -32.72
CA ILE F 311 28.73 -40.23 -31.51
C ILE F 311 28.93 -38.75 -31.80
N HIS F 312 29.62 -38.41 -32.89
CA HIS F 312 29.83 -37.02 -33.28
C HIS F 312 28.96 -36.63 -34.45
N GLN F 313 27.88 -37.37 -34.68
CA GLN F 313 26.96 -37.07 -35.77
C GLN F 313 26.19 -35.80 -35.46
N ARG F 314 25.78 -35.11 -36.51
CA ARG F 314 25.08 -33.85 -36.34
C ARG F 314 23.58 -34.07 -36.48
N ALA F 315 22.81 -33.05 -36.06
CA ALA F 315 21.36 -33.09 -36.15
C ALA F 315 20.83 -31.67 -36.19
N PRO F 316 19.88 -31.37 -37.06
CA PRO F 316 19.20 -30.06 -36.99
C PRO F 316 18.26 -30.01 -35.80
N VAL F 317 18.04 -28.81 -35.29
CA VAL F 317 17.21 -28.68 -34.11
C VAL F 317 16.39 -27.40 -34.20
N ILE F 318 15.09 -27.54 -33.93
CA ILE F 318 14.15 -26.43 -33.73
C ILE F 318 13.46 -26.76 -32.43
N LEU F 319 13.62 -25.91 -31.44
CA LEU F 319 13.15 -26.24 -30.11
C LEU F 319 12.52 -25.01 -29.49
N GLY F 320 11.80 -25.21 -28.38
CA GLY F 320 11.20 -24.10 -27.69
C GLY F 320 9.76 -24.29 -27.28
N SER F 321 9.00 -23.21 -27.31
CA SER F 321 7.61 -23.25 -26.91
C SER F 321 6.83 -24.21 -27.81
N PRO F 322 5.86 -24.95 -27.26
CA PRO F 322 5.13 -25.92 -28.09
C PRO F 322 4.41 -25.25 -29.26
N ASP F 323 3.69 -24.16 -29.02
CA ASP F 323 2.98 -23.50 -30.11
C ASP F 323 3.94 -23.08 -31.21
N ASP F 324 5.15 -22.68 -30.83
CA ASP F 324 6.11 -22.20 -31.83
C ASP F 324 6.71 -23.36 -32.64
N VAL F 325 7.04 -24.45 -31.96
CA VAL F 325 7.53 -25.61 -32.69
C VAL F 325 6.45 -26.17 -33.60
N LEU F 326 5.19 -26.16 -33.14
CA LEU F 326 4.08 -26.62 -33.99
C LEU F 326 3.92 -25.74 -35.20
N GLU F 327 3.99 -24.42 -35.00
CA GLU F 327 3.89 -23.49 -36.11
C GLU F 327 5.00 -23.72 -37.14
N PHE F 328 6.23 -23.99 -36.68
CA PHE F 328 7.29 -24.28 -37.65
C PHE F 328 7.03 -25.60 -38.37
N LEU F 329 6.68 -26.66 -37.62
CA LEU F 329 6.48 -27.96 -38.23
C LEU F 329 5.38 -27.96 -39.27
N LYS F 330 4.33 -27.14 -39.08
CA LYS F 330 3.30 -27.00 -40.11
C LYS F 330 3.87 -26.46 -41.42
N VAL F 331 4.75 -25.44 -41.34
CA VAL F 331 5.35 -24.87 -42.54
C VAL F 331 6.31 -25.87 -43.19
N TYR F 332 7.05 -26.63 -42.39
CA TYR F 332 7.94 -27.61 -42.97
C TYR F 332 7.13 -28.68 -43.70
N GLU F 333 6.08 -29.20 -43.04
CA GLU F 333 5.21 -30.20 -43.65
C GLU F 333 4.38 -29.62 -44.78
N LYS F 334 4.05 -28.33 -44.75
CA LYS F 334 3.31 -27.75 -45.86
C LYS F 334 4.15 -27.75 -47.15
N HIS F 335 5.48 -27.61 -47.03
CA HIS F 335 6.37 -27.61 -48.19
C HIS F 335 6.77 -29.01 -48.60
N SER F 336 5.87 -29.97 -48.41
CA SER F 336 6.07 -31.37 -48.75
C SER F 336 7.17 -31.93 -47.86
N ASP G 10 30.33 7.75 5.75
CA ASP G 10 30.95 7.73 4.44
C ASP G 10 31.99 6.62 4.35
N VAL G 11 31.90 5.81 3.29
CA VAL G 11 32.78 4.64 3.16
C VAL G 11 34.19 5.12 2.87
N ASN G 12 35.18 4.31 3.24
CA ASN G 12 36.56 4.66 2.96
C ASN G 12 37.37 3.40 2.70
N THR G 13 38.22 3.44 1.66
CA THR G 13 39.10 2.34 1.30
C THR G 13 40.57 2.73 1.47
N LEU G 14 41.44 1.72 1.45
CA LEU G 14 42.88 1.99 1.59
C LEU G 14 43.39 2.82 0.43
N THR G 15 43.06 2.42 -0.80
CA THR G 15 43.53 3.15 -1.97
C THR G 15 43.06 4.59 -1.94
N ARG G 16 41.80 4.80 -1.57
CA ARG G 16 41.26 6.16 -1.52
C ARG G 16 41.88 6.96 -0.37
N PHE G 17 42.17 6.30 0.75
CA PHE G 17 42.77 6.98 1.90
C PHE G 17 44.18 7.44 1.58
N VAL G 18 44.96 6.60 0.92
CA VAL G 18 46.32 6.98 0.58
C VAL G 18 46.30 8.14 -0.40
N MET G 19 45.36 8.12 -1.35
CA MET G 19 45.33 9.23 -2.30
C MET G 19 44.92 10.53 -1.61
N GLU G 20 43.95 10.47 -0.70
CA GLU G 20 43.55 11.69 0.00
C GLU G 20 44.74 12.30 0.72
N GLU G 21 45.41 11.51 1.56
CA GLU G 21 46.57 12.01 2.27
C GLU G 21 47.75 12.31 1.33
N GLY G 22 47.85 11.61 0.21
CA GLY G 22 48.92 11.89 -0.73
C GLY G 22 48.74 13.22 -1.44
N ARG G 23 47.50 13.54 -1.82
CA ARG G 23 47.25 14.86 -2.41
C ARG G 23 47.36 15.95 -1.35
N LYS G 24 46.79 15.71 -0.16
CA LYS G 24 46.81 16.72 0.90
C LYS G 24 48.22 17.24 1.14
N ALA G 25 49.23 16.41 0.91
CA ALA G 25 50.62 16.78 1.04
C ALA G 25 51.25 17.18 -0.29
N ARG G 26 50.55 17.02 -1.41
CA ARG G 26 51.04 17.43 -2.73
C ARG G 26 52.44 16.87 -3.03
N GLY G 27 52.60 15.57 -2.78
CA GLY G 27 53.83 14.85 -3.07
C GLY G 27 53.90 14.34 -4.50
N THR G 28 55.04 13.73 -4.85
CA THR G 28 55.27 13.38 -6.24
C THR G 28 54.44 12.18 -6.68
N GLY G 29 53.91 11.42 -5.72
CA GLY G 29 53.16 10.21 -5.97
C GLY G 29 53.94 8.91 -5.89
N GLU G 30 55.26 8.97 -5.74
CA GLU G 30 56.06 7.74 -5.73
C GLU G 30 55.65 6.80 -4.60
N LEU G 31 55.27 7.35 -3.44
CA LEU G 31 54.96 6.55 -2.27
C LEU G 31 53.60 5.84 -2.43
N THR G 32 52.63 6.54 -3.02
CA THR G 32 51.35 5.94 -3.31
C THR G 32 51.48 4.76 -4.27
N GLN G 33 52.28 4.91 -5.32
CA GLN G 33 52.47 3.80 -6.26
C GLN G 33 53.12 2.60 -5.58
N LEU G 34 54.02 2.85 -4.64
CA LEU G 34 54.64 1.74 -3.92
C LEU G 34 53.59 1.00 -3.07
N LEU G 35 52.80 1.75 -2.31
CA LEU G 35 51.82 1.16 -1.40
C LEU G 35 50.73 0.40 -2.14
N ASN G 36 50.26 0.93 -3.27
CA ASN G 36 49.31 0.20 -4.10
C ASN G 36 49.91 -1.10 -4.59
N SER G 37 51.16 -1.08 -5.04
CA SER G 37 51.80 -2.29 -5.49
C SER G 37 51.93 -3.30 -4.35
N LEU G 38 52.26 -2.83 -3.16
CA LEU G 38 52.40 -3.72 -2.02
C LEU G 38 51.05 -4.28 -1.59
N CYS G 39 50.05 -3.39 -1.45
CA CYS G 39 48.72 -3.83 -1.08
C CYS G 39 48.19 -4.85 -2.09
N THR G 40 48.47 -4.64 -3.37
CA THR G 40 48.04 -5.61 -4.36
C THR G 40 48.75 -6.93 -4.15
N ALA G 41 50.03 -6.90 -3.80
CA ALA G 41 50.71 -8.15 -3.46
C ALA G 41 50.07 -8.79 -2.24
N VAL G 42 49.69 -7.99 -1.25
CA VAL G 42 49.08 -8.54 -0.04
C VAL G 42 47.77 -9.26 -0.36
N LYS G 43 46.94 -8.68 -1.23
CA LYS G 43 45.72 -9.35 -1.65
C LYS G 43 46.04 -10.66 -2.34
N ALA G 44 47.16 -10.73 -3.05
CA ALA G 44 47.52 -11.98 -3.69
C ALA G 44 47.99 -13.01 -2.67
N ILE G 45 48.82 -12.60 -1.72
CA ILE G 45 49.26 -13.54 -0.70
C ILE G 45 48.06 -14.09 0.06
N SER G 46 47.16 -13.20 0.47
CA SER G 46 45.98 -13.61 1.22
C SER G 46 45.20 -14.67 0.46
N SER G 47 45.01 -14.48 -0.85
CA SER G 47 44.31 -15.49 -1.63
C SER G 47 45.06 -16.81 -1.62
N ALA G 48 46.37 -16.76 -1.67
CA ALA G 48 47.14 -18.00 -1.72
C ALA G 48 47.25 -18.64 -0.34
N VAL G 49 47.34 -17.85 0.72
CA VAL G 49 47.43 -18.42 2.05
C VAL G 49 46.12 -19.15 2.39
N ARG G 50 44.99 -18.57 2.02
CA ARG G 50 43.68 -19.20 2.18
C ARG G 50 43.50 -20.35 1.22
N LYS G 51 44.55 -20.71 0.49
CA LYS G 51 44.56 -21.93 -0.33
C LYS G 51 43.52 -21.89 -1.44
N ALA G 52 43.29 -20.72 -2.01
CA ALA G 52 42.44 -20.66 -3.18
C ALA G 52 43.12 -21.40 -4.34
N GLY G 53 42.36 -22.27 -5.02
CA GLY G 53 42.87 -23.05 -6.13
C GLY G 53 43.63 -24.30 -5.77
N ILE G 54 43.64 -24.70 -4.48
CA ILE G 54 44.40 -25.86 -4.06
C ILE G 54 43.87 -27.16 -4.65
N ALA G 55 42.59 -27.21 -5.04
CA ALA G 55 42.04 -28.41 -5.66
C ALA G 55 42.80 -28.76 -6.93
N HIS G 56 43.27 -27.76 -7.66
CA HIS G 56 44.12 -28.05 -8.82
C HIS G 56 45.48 -28.55 -8.37
N LEU G 57 45.93 -28.15 -7.19
CA LEU G 57 47.19 -28.69 -6.71
C LEU G 57 47.06 -30.17 -6.40
N TYR G 58 45.85 -30.61 -6.04
CA TYR G 58 45.60 -32.01 -5.75
C TYR G 58 44.91 -32.72 -6.91
N GLY G 59 45.18 -32.29 -8.14
CA GLY G 59 44.82 -33.04 -9.33
C GLY G 59 43.34 -33.18 -9.64
N ILE G 60 42.57 -32.10 -9.51
CA ILE G 60 41.17 -32.14 -9.88
C ILE G 60 40.97 -32.25 -11.40
N ALA G 61 42.01 -31.98 -12.19
CA ALA G 61 41.99 -32.09 -13.64
C ALA G 61 43.03 -33.10 -14.13
N GLY G 62 43.19 -34.19 -13.38
CA GLY G 62 44.17 -35.21 -13.70
C GLY G 62 45.55 -34.71 -13.36
N LYS G 73 55.88 -23.38 -3.08
CA LYS G 73 56.39 -23.06 -1.75
C LYS G 73 55.85 -21.70 -1.34
N LEU G 74 54.94 -21.70 -0.36
CA LEU G 74 54.08 -20.55 -0.10
C LEU G 74 54.86 -19.32 0.33
N ASP G 75 55.96 -19.47 1.08
CA ASP G 75 56.75 -18.27 1.42
C ASP G 75 57.63 -17.86 0.25
N VAL G 76 58.07 -18.81 -0.57
CA VAL G 76 58.77 -18.45 -1.78
C VAL G 76 57.84 -17.72 -2.74
N LEU G 77 56.60 -18.20 -2.88
CA LEU G 77 55.65 -17.49 -3.74
C LEU G 77 55.35 -16.09 -3.21
N SER G 78 55.16 -15.95 -1.89
CA SER G 78 54.92 -14.61 -1.35
C SER G 78 56.08 -13.69 -1.66
N ASN G 79 57.31 -14.18 -1.49
CA ASN G 79 58.45 -13.32 -1.76
C ASN G 79 58.43 -12.84 -3.22
N ASP G 80 58.28 -13.76 -4.17
CA ASP G 80 58.25 -13.34 -5.58
C ASP G 80 57.13 -12.34 -5.84
N LEU G 81 56.00 -12.49 -5.13
CA LEU G 81 54.91 -11.54 -5.28
C LEU G 81 55.34 -10.16 -4.83
N VAL G 82 55.96 -10.05 -3.64
CA VAL G 82 56.40 -8.74 -3.16
C VAL G 82 57.56 -8.24 -3.99
N MET G 83 58.53 -9.10 -4.27
CA MET G 83 59.67 -8.72 -5.10
C MET G 83 59.20 -8.15 -6.43
N ASN G 84 58.38 -8.92 -7.15
CA ASN G 84 57.96 -8.50 -8.48
C ASN G 84 57.07 -7.28 -8.42
N MET G 85 56.19 -7.18 -7.43
CA MET G 85 55.30 -6.04 -7.40
C MET G 85 56.01 -4.76 -7.01
N LEU G 86 57.06 -4.86 -6.18
CA LEU G 86 57.79 -3.65 -5.81
C LEU G 86 58.73 -3.21 -6.93
N LYS G 87 59.50 -4.15 -7.48
CA LYS G 87 60.39 -3.86 -8.62
C LYS G 87 59.65 -3.17 -9.74
N SER G 88 58.44 -3.62 -10.06
CA SER G 88 57.65 -3.02 -11.13
C SER G 88 56.86 -1.80 -10.67
N SER G 89 56.99 -1.38 -9.41
CA SER G 89 56.31 -0.15 -8.99
C SER G 89 57.07 1.09 -9.44
N PHE G 90 58.30 0.93 -9.91
CA PHE G 90 59.17 2.04 -10.29
C PHE G 90 59.36 3.00 -9.12
N ALA G 91 59.33 2.48 -7.89
CA ALA G 91 59.46 3.31 -6.70
C ALA G 91 60.50 2.80 -5.72
N THR G 92 61.24 1.76 -6.05
CA THR G 92 62.20 1.16 -5.14
C THR G 92 63.59 1.06 -5.79
N CYS G 93 64.60 1.02 -4.94
CA CYS G 93 65.99 0.80 -5.35
C CYS G 93 66.64 -0.36 -4.59
N VAL G 94 66.32 -0.52 -3.31
CA VAL G 94 66.85 -1.59 -2.48
C VAL G 94 65.69 -2.27 -1.77
N LEU G 95 65.68 -3.61 -1.81
CA LEU G 95 64.69 -4.45 -1.13
C LEU G 95 65.40 -5.47 -0.26
N VAL G 96 65.08 -5.46 1.03
CA VAL G 96 65.62 -6.44 1.95
C VAL G 96 64.47 -7.38 2.34
N SER G 97 64.71 -8.68 2.19
CA SER G 97 63.70 -9.69 2.44
C SER G 97 64.30 -10.79 3.29
N GLU G 98 63.49 -11.32 4.21
CA GLU G 98 63.94 -12.48 5.00
C GLU G 98 64.29 -13.66 4.12
N GLU G 99 63.66 -13.79 2.95
CA GLU G 99 63.89 -14.91 2.05
C GLU G 99 65.20 -14.83 1.26
N ASP G 100 65.86 -13.69 1.25
CA ASP G 100 67.01 -13.45 0.38
C ASP G 100 68.24 -13.22 1.23
N LYS G 101 69.30 -13.95 0.91
CA LYS G 101 70.53 -13.82 1.68
C LYS G 101 71.08 -12.41 1.57
N HIS G 102 71.23 -11.90 0.36
CA HIS G 102 71.75 -10.56 0.11
C HIS G 102 70.61 -9.64 -0.31
N ALA G 103 70.81 -8.34 -0.07
CA ALA G 103 69.81 -7.37 -0.48
C ALA G 103 69.62 -7.41 -1.99
N ILE G 104 68.40 -7.15 -2.43
CA ILE G 104 68.15 -7.06 -3.86
C ILE G 104 68.32 -5.61 -4.31
N ILE G 105 69.07 -5.43 -5.38
CA ILE G 105 69.35 -4.11 -5.92
C ILE G 105 68.51 -4.00 -7.17
N VAL G 106 67.58 -3.04 -7.17
CA VAL G 106 66.69 -2.94 -8.31
C VAL G 106 67.52 -2.61 -9.55
N GLU G 107 67.18 -3.25 -10.67
CA GLU G 107 67.86 -2.96 -11.92
C GLU G 107 67.63 -1.49 -12.29
N PRO G 108 68.58 -0.86 -12.98
CA PRO G 108 68.57 0.62 -13.05
C PRO G 108 67.31 1.20 -13.65
N GLU G 109 66.73 0.53 -14.64
CA GLU G 109 65.60 1.10 -15.37
C GLU G 109 64.34 1.25 -14.50
N LYS G 110 64.15 0.36 -13.54
CA LYS G 110 62.94 0.33 -12.72
C LYS G 110 63.14 0.97 -11.36
N ARG G 111 64.19 1.78 -11.22
CA ARG G 111 64.64 2.29 -9.92
C ARG G 111 63.84 3.51 -9.49
N GLY G 112 63.55 3.59 -8.19
CA GLY G 112 62.84 4.71 -7.57
C GLY G 112 63.52 5.13 -6.28
N LYS G 113 62.91 5.99 -5.49
CA LYS G 113 63.65 6.65 -4.42
C LYS G 113 63.49 5.98 -3.06
N TYR G 114 62.95 4.76 -3.00
CA TYR G 114 62.58 4.17 -1.71
C TYR G 114 63.25 2.83 -1.46
N VAL G 115 63.50 2.57 -0.17
CA VAL G 115 64.06 1.32 0.34
C VAL G 115 63.02 0.61 1.23
N VAL G 116 62.84 -0.69 1.01
CA VAL G 116 61.82 -1.49 1.69
C VAL G 116 62.43 -2.75 2.27
N CYS G 117 62.21 -2.97 3.56
CA CYS G 117 62.52 -4.24 4.22
C CYS G 117 61.21 -4.93 4.58
N PHE G 118 61.09 -6.21 4.23
CA PHE G 118 59.87 -6.96 4.48
C PHE G 118 60.19 -8.40 4.82
N ASP G 119 59.34 -8.98 5.68
CA ASP G 119 59.17 -10.41 5.87
C ASP G 119 57.96 -10.79 5.02
N PRO G 120 58.12 -11.51 3.93
CA PRO G 120 56.98 -11.72 3.01
C PRO G 120 55.90 -12.66 3.56
N LEU G 121 56.24 -13.63 4.41
CA LEU G 121 55.23 -14.51 5.04
C LEU G 121 55.72 -14.84 6.46
N ASP G 122 55.45 -13.92 7.39
CA ASP G 122 55.92 -14.09 8.75
C ASP G 122 55.06 -15.12 9.48
N GLY G 123 55.72 -15.95 10.28
CA GLY G 123 55.07 -17.04 10.95
C GLY G 123 54.89 -18.26 10.08
N SER G 124 55.43 -18.26 8.86
CA SER G 124 55.21 -19.33 7.90
C SER G 124 55.89 -20.63 8.30
N SER G 125 56.82 -20.62 9.25
CA SER G 125 57.42 -21.89 9.65
C SER G 125 56.40 -22.78 10.33
N ASN G 126 55.46 -22.18 11.07
CA ASN G 126 54.38 -22.90 11.74
C ASN G 126 53.07 -22.88 10.94
N ILE G 127 53.14 -22.70 9.62
CA ILE G 127 51.91 -22.61 8.82
C ILE G 127 51.29 -23.99 8.56
N ASP G 128 52.01 -25.07 8.88
CA ASP G 128 51.45 -26.41 8.78
C ASP G 128 50.29 -26.60 9.75
N CYS G 129 50.23 -25.80 10.81
CA CYS G 129 49.15 -25.87 11.79
C CYS G 129 48.10 -24.78 11.57
N LEU G 130 48.15 -24.07 10.43
CA LEU G 130 47.19 -23.01 10.10
C LEU G 130 47.19 -21.89 11.12
N VAL G 131 48.32 -21.70 11.81
CA VAL G 131 48.47 -20.57 12.68
C VAL G 131 48.36 -19.32 11.84
N SER G 132 48.03 -18.21 12.49
CA SER G 132 48.03 -16.92 11.80
C SER G 132 49.40 -16.63 11.21
N VAL G 133 49.41 -16.06 10.02
CA VAL G 133 50.64 -15.59 9.41
C VAL G 133 50.45 -14.14 8.97
N GLY G 134 51.56 -13.52 8.58
CA GLY G 134 51.51 -12.11 8.26
C GLY G 134 52.63 -11.67 7.34
N THR G 135 52.44 -10.49 6.78
CA THR G 135 53.47 -9.77 6.04
C THR G 135 53.82 -8.49 6.82
N ILE G 136 55.10 -8.30 7.09
CA ILE G 136 55.58 -7.11 7.79
C ILE G 136 56.43 -6.29 6.84
N PHE G 137 56.30 -4.98 6.88
CA PHE G 137 57.07 -4.15 5.96
C PHE G 137 57.46 -2.82 6.59
N GLY G 138 58.63 -2.34 6.20
CA GLY G 138 59.07 -0.99 6.53
C GLY G 138 59.63 -0.30 5.30
N ILE G 139 59.34 0.98 5.17
CA ILE G 139 59.70 1.77 4.00
C ILE G 139 60.56 2.94 4.44
N TYR G 140 61.75 3.07 3.83
CA TYR G 140 62.67 4.19 4.03
C TYR G 140 62.89 4.92 2.72
N ARG G 141 63.01 6.25 2.83
CA ARG G 141 63.64 7.02 1.76
C ARG G 141 65.12 6.61 1.69
N LYS G 142 65.63 6.37 0.48
CA LYS G 142 67.07 6.15 0.32
C LYS G 142 67.80 7.39 0.81
N LYS G 143 68.72 7.23 1.75
CA LYS G 143 69.26 8.41 2.41
C LYS G 143 70.58 8.89 1.80
N SER G 144 71.56 8.00 1.61
CA SER G 144 72.81 8.44 1.03
C SER G 144 72.64 8.62 -0.48
N THR G 145 73.66 9.23 -1.11
CA THR G 145 73.64 9.43 -2.56
C THR G 145 74.53 8.46 -3.32
N ASP G 146 75.07 7.41 -2.69
CA ASP G 146 75.89 6.48 -3.44
C ASP G 146 75.06 5.69 -4.45
N GLU G 147 75.76 4.94 -5.28
CA GLU G 147 75.08 3.97 -6.10
C GLU G 147 74.34 3.02 -5.17
N PRO G 148 73.09 2.66 -5.45
CA PRO G 148 72.31 1.91 -4.45
C PRO G 148 72.95 0.58 -4.14
N SER G 149 72.96 0.25 -2.86
CA SER G 149 73.59 -0.96 -2.37
C SER G 149 72.96 -1.37 -1.04
N GLU G 150 73.46 -2.49 -0.50
CA GLU G 150 72.97 -3.04 0.75
C GLU G 150 73.00 -2.04 1.91
N LYS G 151 73.97 -1.10 1.89
CA LYS G 151 74.13 -0.08 2.93
C LYS G 151 72.88 0.77 3.11
N ASP G 152 72.07 0.90 2.05
CA ASP G 152 70.95 1.83 2.04
C ASP G 152 69.82 1.42 2.97
N ALA G 153 69.82 0.15 3.41
CA ALA G 153 68.86 -0.40 4.34
C ALA G 153 69.26 -0.27 5.79
N LEU G 154 70.48 0.17 6.10
CA LEU G 154 70.93 0.09 7.49
C LEU G 154 70.54 1.29 8.31
N GLN G 155 69.37 1.88 8.09
CA GLN G 155 68.95 3.05 8.85
C GLN G 155 68.24 2.67 10.15
N PRO G 156 68.25 3.55 11.14
CA PRO G 156 67.48 3.30 12.36
C PRO G 156 65.99 3.48 12.09
N GLY G 157 65.19 2.75 12.89
CA GLY G 157 63.75 2.75 12.71
C GLY G 157 63.12 4.12 12.75
N ARG G 158 63.79 5.07 13.42
CA ARG G 158 63.31 6.45 13.49
C ARG G 158 63.14 7.07 12.10
N ASN G 159 63.95 6.65 11.11
CA ASN G 159 63.87 7.30 9.79
C ASN G 159 62.68 6.82 8.96
N LEU G 160 61.85 5.92 9.51
CA LEU G 160 60.76 5.32 8.75
C LEU G 160 59.77 6.38 8.29
N VAL G 161 59.33 6.25 7.04
CA VAL G 161 58.23 7.05 6.54
C VAL G 161 56.89 6.37 6.81
N ALA G 162 56.82 5.06 6.57
CA ALA G 162 55.64 4.29 6.86
C ALA G 162 56.06 2.87 7.16
N ALA G 163 55.21 2.18 7.90
CA ALA G 163 55.46 0.78 8.26
C ALA G 163 54.14 0.16 8.64
N GLY G 164 54.10 -1.16 8.62
CA GLY G 164 52.91 -1.84 9.05
C GLY G 164 52.93 -3.30 8.66
N TYR G 165 51.74 -3.90 8.65
CA TYR G 165 51.67 -5.34 8.45
C TYR G 165 50.31 -5.71 7.87
N ALA G 166 50.31 -6.85 7.21
CA ALA G 166 49.10 -7.57 6.84
C ALA G 166 49.03 -8.83 7.70
N LEU G 167 47.94 -9.00 8.40
CA LEU G 167 47.71 -10.22 9.17
C LEU G 167 46.71 -11.09 8.41
N TYR G 168 47.12 -12.30 8.06
CA TYR G 168 46.20 -13.25 7.42
C TYR G 168 45.66 -14.16 8.52
N GLY G 169 44.66 -13.66 9.25
CA GLY G 169 44.06 -14.39 10.37
C GLY G 169 42.65 -14.94 10.14
N SER G 170 41.77 -14.80 11.14
CA SER G 170 40.38 -15.13 10.89
C SER G 170 39.87 -14.29 9.73
N ALA G 171 40.31 -13.04 9.67
CA ALA G 171 40.20 -12.18 8.51
C ALA G 171 41.60 -11.65 8.19
N THR G 172 41.71 -10.98 7.04
CA THR G 172 42.95 -10.40 6.56
C THR G 172 42.90 -8.90 6.79
N MET G 173 43.71 -8.39 7.72
CA MET G 173 43.66 -6.97 8.05
C MET G 173 45.00 -6.31 7.81
N LEU G 174 44.96 -5.10 7.23
CA LEU G 174 46.18 -4.36 6.92
C LEU G 174 46.28 -3.20 7.88
N VAL G 175 47.35 -3.17 8.66
CA VAL G 175 47.58 -2.12 9.63
C VAL G 175 48.70 -1.24 9.10
N LEU G 176 48.40 0.04 8.92
CA LEU G 176 49.29 1.04 8.34
C LEU G 176 49.62 2.11 9.36
N ALA G 177 50.93 2.35 9.57
CA ALA G 177 51.42 3.39 10.47
C ALA G 177 52.23 4.39 9.67
N MET G 178 52.01 5.67 9.95
CA MET G 178 52.83 6.74 9.38
C MET G 178 52.80 7.91 10.36
N ASP G 179 53.26 9.07 9.88
CA ASP G 179 53.49 10.20 10.78
C ASP G 179 52.21 10.57 11.52
N CYS G 180 51.06 10.58 10.81
CA CYS G 180 49.80 10.92 11.45
C CYS G 180 49.33 9.85 12.43
N GLY G 181 49.59 8.59 12.16
CA GLY G 181 49.19 7.55 13.08
C GLY G 181 48.92 6.22 12.39
N VAL G 182 48.13 5.42 13.09
CA VAL G 182 47.86 4.03 12.77
C VAL G 182 46.43 3.89 12.27
N ASN G 183 46.27 3.22 11.14
CA ASN G 183 44.95 2.96 10.58
C ASN G 183 44.83 1.51 10.17
N CYS G 184 43.64 0.93 10.41
CA CYS G 184 43.40 -0.50 10.21
C CYS G 184 42.36 -0.69 9.13
N PHE G 185 42.66 -1.54 8.17
CA PHE G 185 41.79 -1.81 7.05
C PHE G 185 41.47 -3.30 6.96
N MET G 186 40.19 -3.61 6.80
CA MET G 186 39.71 -4.97 6.61
C MET G 186 39.62 -5.29 5.12
N LEU G 187 40.26 -6.38 4.70
CA LEU G 187 40.15 -6.82 3.31
C LEU G 187 38.81 -7.52 3.09
N ASP G 188 38.00 -6.96 2.19
CA ASP G 188 36.78 -7.61 1.74
C ASP G 188 37.13 -8.44 0.52
N PRO G 189 37.19 -9.77 0.61
CA PRO G 189 37.62 -10.57 -0.55
C PRO G 189 36.59 -10.63 -1.67
N ALA G 190 35.34 -10.24 -1.41
CA ALA G 190 34.33 -10.19 -2.46
C ALA G 190 34.66 -9.15 -3.52
N ILE G 191 35.35 -8.08 -3.12
CA ILE G 191 35.70 -7.00 -4.04
C ILE G 191 37.19 -6.68 -4.01
N GLY G 192 37.97 -7.36 -3.18
CA GLY G 192 39.40 -7.08 -3.14
C GLY G 192 39.74 -5.65 -2.82
N GLU G 193 39.06 -5.05 -1.85
CA GLU G 193 39.33 -3.69 -1.45
C GLU G 193 39.52 -3.65 0.07
N PHE G 194 40.46 -2.84 0.53
CA PHE G 194 40.71 -2.73 1.96
C PHE G 194 39.83 -1.66 2.57
N ILE G 195 39.01 -2.05 3.53
CA ILE G 195 38.00 -1.16 4.10
C ILE G 195 38.54 -0.56 5.39
N LEU G 196 38.60 0.76 5.44
CA LEU G 196 38.94 1.46 6.67
C LEU G 196 37.93 1.12 7.76
N VAL G 197 38.39 0.50 8.86
CA VAL G 197 37.45 0.14 9.91
C VAL G 197 37.89 0.70 11.25
N ASP G 198 39.09 1.27 11.31
CA ASP G 198 39.59 1.85 12.56
C ASP G 198 40.44 3.09 12.29
N LYS G 199 39.92 4.27 12.64
CA LYS G 199 40.62 5.54 12.44
C LYS G 199 41.48 5.85 13.66
N ASP G 200 42.78 6.07 13.44
CA ASP G 200 43.68 6.65 14.44
C ASP G 200 43.72 5.83 15.73
N VAL G 201 44.13 4.57 15.57
CA VAL G 201 44.12 3.61 16.66
C VAL G 201 45.13 4.03 17.72
N LYS G 202 44.79 3.78 18.98
CA LYS G 202 45.68 4.03 20.10
C LYS G 202 45.58 2.86 21.07
N ILE G 203 46.72 2.41 21.56
CA ILE G 203 46.76 1.25 22.45
C ILE G 203 46.36 1.67 23.85
N LYS G 204 45.76 0.74 24.59
CA LYS G 204 45.42 0.95 25.99
C LYS G 204 46.65 1.44 26.75
N LYS G 205 46.43 2.31 27.73
CA LYS G 205 47.53 2.82 28.55
C LYS G 205 48.21 1.71 29.34
N LYS G 206 47.46 0.68 29.72
CA LYS G 206 48.01 -0.47 30.42
C LYS G 206 47.07 -1.63 30.14
N GLY G 207 47.64 -2.81 29.86
CA GLY G 207 46.86 -3.97 29.52
C GLY G 207 46.78 -4.99 30.65
N LYS G 208 46.22 -6.15 30.32
CA LYS G 208 46.05 -7.23 31.28
C LYS G 208 46.47 -8.57 30.68
N ILE G 209 47.29 -8.54 29.64
CA ILE G 209 47.79 -9.72 28.95
C ILE G 209 49.29 -9.57 28.75
N TYR G 210 50.04 -10.65 28.99
CA TYR G 210 51.45 -10.69 28.64
C TYR G 210 51.68 -11.80 27.62
N SER G 211 52.67 -11.64 26.75
CA SER G 211 52.86 -12.56 25.65
C SER G 211 54.34 -12.86 25.44
N LEU G 212 54.78 -14.07 25.79
CA LEU G 212 56.12 -14.54 25.48
C LEU G 212 56.16 -16.07 25.60
N ASN G 213 57.23 -16.65 25.04
CA ASN G 213 57.48 -18.09 25.00
C ASN G 213 58.15 -18.48 26.31
N GLU G 214 57.33 -18.91 27.28
CA GLU G 214 57.87 -19.21 28.60
C GLU G 214 58.68 -20.49 28.63
N GLY G 215 58.84 -21.16 27.49
CA GLY G 215 59.70 -22.32 27.42
C GLY G 215 61.17 -21.98 27.57
N TYR G 216 61.56 -20.75 27.24
CA TYR G 216 62.94 -20.34 27.48
C TYR G 216 63.13 -19.78 28.89
N ALA G 217 62.28 -20.20 29.84
CA ALA G 217 62.40 -19.66 31.19
C ALA G 217 63.74 -20.00 31.82
N LYS G 218 64.28 -21.18 31.51
CA LYS G 218 65.59 -21.59 32.01
C LYS G 218 66.70 -20.62 31.59
N ASP G 219 66.50 -19.85 30.51
CA ASP G 219 67.52 -18.93 30.00
C ASP G 219 67.18 -17.46 30.21
N PHE G 220 66.19 -17.13 31.03
CA PHE G 220 65.74 -15.75 31.14
C PHE G 220 66.72 -14.88 31.93
N ASP G 221 67.10 -13.75 31.37
CA ASP G 221 67.74 -12.71 32.15
C ASP G 221 66.86 -12.39 33.36
N PRO G 222 67.45 -12.19 34.55
CA PRO G 222 66.64 -12.07 35.80
C PRO G 222 65.57 -10.97 35.78
N ALA G 223 65.82 -9.84 35.10
CA ALA G 223 64.79 -8.79 35.02
C ALA G 223 63.51 -9.31 34.37
N VAL G 224 63.65 -10.14 33.33
CA VAL G 224 62.49 -10.78 32.72
C VAL G 224 61.83 -11.72 33.72
N THR G 225 62.63 -12.55 34.41
CA THR G 225 62.08 -13.44 35.43
C THR G 225 61.27 -12.68 36.47
N GLU G 226 61.78 -11.53 36.96
CA GLU G 226 61.04 -10.79 37.97
C GLU G 226 59.75 -10.19 37.42
N TYR G 227 59.81 -9.60 36.22
CA TYR G 227 58.60 -8.98 35.67
C TYR G 227 57.48 -10.00 35.44
N ILE G 228 57.84 -11.22 35.03
CA ILE G 228 56.80 -12.22 34.78
C ILE G 228 56.19 -12.68 36.09
N GLN G 229 57.02 -12.89 37.12
CA GLN G 229 56.53 -13.18 38.46
C GLN G 229 55.53 -12.13 38.92
N ARG G 230 55.78 -10.86 38.58
CA ARG G 230 54.90 -9.78 38.98
C ARG G 230 53.56 -9.83 38.27
N LYS G 231 53.52 -10.51 37.14
CA LYS G 231 52.25 -10.64 36.45
C LYS G 231 51.46 -11.83 36.92
N LYS G 232 52.14 -12.91 37.33
CA LYS G 232 51.47 -14.08 37.88
C LYS G 232 51.13 -13.91 39.35
N PHE G 233 51.92 -13.13 40.08
CA PHE G 233 51.71 -12.91 41.50
C PHE G 233 51.93 -11.43 41.80
N PRO G 234 50.97 -10.58 41.46
CA PRO G 234 51.16 -9.15 41.71
C PRO G 234 51.24 -8.86 43.19
N PRO G 235 52.21 -8.06 43.61
CA PRO G 235 52.32 -7.76 45.04
C PRO G 235 51.16 -6.92 45.57
N ASP G 236 50.60 -6.00 44.76
CA ASP G 236 49.51 -5.10 45.13
C ASP G 236 48.14 -5.79 45.13
N ASN G 237 48.12 -7.12 45.27
CA ASN G 237 46.89 -7.94 45.30
C ASN G 237 45.89 -7.55 44.20
N SER G 238 46.40 -7.18 43.03
CA SER G 238 45.51 -7.04 41.87
C SER G 238 45.26 -8.39 41.23
N ALA G 239 44.61 -8.39 40.05
CA ALA G 239 44.33 -9.60 39.29
C ALA G 239 45.55 -9.96 38.43
N PRO G 240 45.90 -11.25 38.36
CA PRO G 240 47.00 -11.65 37.46
C PRO G 240 46.72 -11.32 36.00
N TYR G 241 47.80 -11.09 35.25
CA TYR G 241 47.63 -10.94 33.81
C TYR G 241 47.32 -12.30 33.15
N GLY G 242 46.59 -12.26 32.04
CA GLY G 242 46.43 -13.45 31.23
C GLY G 242 47.62 -13.70 30.32
N ALA G 243 47.83 -14.97 29.99
CA ALA G 243 48.91 -15.37 29.09
C ALA G 243 48.33 -15.70 27.71
N ARG G 244 48.98 -15.22 26.66
CA ARG G 244 48.70 -15.60 25.29
C ARG G 244 50.02 -15.61 24.56
N TYR G 245 50.22 -16.56 23.65
CA TYR G 245 51.42 -16.56 22.82
C TYR G 245 51.11 -17.41 21.59
N VAL G 246 50.76 -16.75 20.49
CA VAL G 246 50.47 -17.45 19.27
C VAL G 246 51.76 -18.01 18.67
N GLY G 247 52.89 -17.32 18.85
CA GLY G 247 54.12 -17.79 18.24
C GLY G 247 54.31 -17.40 16.79
N SER G 248 53.43 -16.56 16.27
CA SER G 248 53.59 -15.89 14.98
C SER G 248 53.49 -14.40 15.29
N MET G 249 54.52 -13.63 14.92
CA MET G 249 54.70 -12.31 15.52
C MET G 249 53.57 -11.34 15.18
N VAL G 250 53.11 -11.32 13.93
CA VAL G 250 52.02 -10.43 13.53
C VAL G 250 50.77 -10.64 14.38
N ALA G 251 50.42 -11.91 14.68
CA ALA G 251 49.24 -12.19 15.50
C ALA G 251 49.43 -11.68 16.93
N ASP G 252 50.59 -11.98 17.55
CA ASP G 252 50.82 -11.57 18.93
C ASP G 252 50.86 -10.05 19.06
N VAL G 253 51.54 -9.35 18.13
CA VAL G 253 51.61 -7.90 18.25
C VAL G 253 50.27 -7.26 17.89
N HIS G 254 49.59 -7.77 16.86
CA HIS G 254 48.29 -7.19 16.52
C HIS G 254 47.33 -7.30 17.69
N ARG G 255 47.33 -8.44 18.37
CA ARG G 255 46.52 -8.59 19.56
C ARG G 255 46.90 -7.55 20.61
N THR G 256 48.20 -7.38 20.83
CA THR G 256 48.68 -6.41 21.84
C THR G 256 48.18 -5.00 21.53
N LEU G 257 48.15 -4.61 20.26
CA LEU G 257 47.60 -3.31 19.89
C LEU G 257 46.11 -3.23 20.19
N VAL G 258 45.37 -4.30 19.90
CA VAL G 258 43.92 -4.20 19.99
C VAL G 258 43.47 -4.25 21.43
N TYR G 259 44.15 -5.04 22.26
CA TYR G 259 43.72 -5.29 23.62
C TYR G 259 44.60 -4.66 24.69
N GLY G 260 45.77 -4.18 24.33
CA GLY G 260 46.70 -3.73 25.33
C GLY G 260 47.48 -4.91 25.84
N GLY G 261 48.40 -4.62 26.72
CA GLY G 261 49.27 -5.62 27.26
C GLY G 261 50.70 -5.40 26.83
N ILE G 262 51.45 -6.50 26.88
CA ILE G 262 52.87 -6.44 26.65
C ILE G 262 53.29 -7.68 25.89
N PHE G 263 54.16 -7.49 24.90
CA PHE G 263 54.76 -8.58 24.16
C PHE G 263 56.26 -8.54 24.40
N LEU G 264 56.85 -9.70 24.65
CA LEU G 264 58.28 -9.78 24.97
C LEU G 264 58.87 -10.95 24.21
N TYR G 265 59.92 -10.68 23.44
CA TYR G 265 60.83 -11.73 22.99
C TYR G 265 62.23 -11.34 23.44
N PRO G 266 62.59 -11.63 24.69
CA PRO G 266 63.87 -11.17 25.24
C PRO G 266 64.96 -12.17 24.81
N ALA G 267 66.19 -11.87 25.19
CA ALA G 267 67.29 -12.76 24.83
C ALA G 267 67.36 -13.97 25.77
N ASN G 268 67.55 -15.15 25.17
CA ASN G 268 67.83 -16.36 25.92
C ASN G 268 69.30 -16.73 25.69
N LYS G 269 69.65 -18.01 25.88
CA LYS G 269 71.02 -18.44 25.65
C LYS G 269 71.24 -18.93 24.22
N LYS G 270 70.23 -19.53 23.60
CA LYS G 270 70.28 -19.88 22.20
C LYS G 270 70.29 -18.65 21.29
N SER G 271 69.88 -17.48 21.80
CA SER G 271 69.79 -16.26 21.01
C SER G 271 70.21 -15.08 21.87
N PRO G 272 71.53 -14.88 22.06
CA PRO G 272 72.00 -13.82 22.97
C PRO G 272 71.77 -12.40 22.45
N ASN G 273 71.52 -12.24 21.15
CA ASN G 273 71.16 -10.97 20.55
C ASN G 273 69.69 -10.95 20.15
N GLY G 274 68.87 -11.80 20.77
CA GLY G 274 67.46 -11.97 20.45
C GLY G 274 67.26 -12.78 19.20
N LYS G 275 65.98 -13.06 18.89
CA LYS G 275 65.64 -13.90 17.77
C LYS G 275 64.96 -13.16 16.63
N LEU G 276 64.17 -12.15 16.95
CA LEU G 276 63.44 -11.41 15.93
C LEU G 276 64.40 -10.50 15.16
N ARG G 277 64.11 -10.33 13.87
CA ARG G 277 64.97 -9.53 13.03
C ARG G 277 64.67 -8.04 13.21
N LEU G 278 65.74 -7.23 13.31
CA LEU G 278 65.56 -5.82 13.61
C LEU G 278 64.98 -5.09 12.40
N LEU G 279 65.47 -5.42 11.19
CA LEU G 279 65.12 -4.61 10.01
C LEU G 279 63.65 -4.77 9.64
N TYR G 280 63.19 -6.00 9.48
CA TYR G 280 61.90 -6.23 8.87
C TYR G 280 60.91 -6.94 9.80
N GLU G 281 61.27 -7.11 11.08
CA GLU G 281 60.32 -7.54 12.10
C GLU G 281 60.21 -6.53 13.24
N CYS G 282 61.30 -6.25 13.94
CA CYS G 282 61.24 -5.41 15.12
C CYS G 282 60.95 -3.95 14.78
N ASN G 283 61.69 -3.37 13.82
CA ASN G 283 61.49 -1.95 13.51
C ASN G 283 60.06 -1.64 13.08
N PRO G 284 59.47 -2.32 12.09
CA PRO G 284 58.09 -1.97 11.71
C PRO G 284 57.10 -2.11 12.85
N MET G 285 57.25 -3.13 13.72
CA MET G 285 56.32 -3.27 14.85
C MET G 285 56.54 -2.17 15.87
N ALA G 286 57.81 -1.78 16.07
CA ALA G 286 58.14 -0.66 16.95
C ALA G 286 57.55 0.64 16.42
N TYR G 287 57.59 0.86 15.11
CA TYR G 287 57.02 2.08 14.56
C TYR G 287 55.50 2.11 14.77
N VAL G 288 54.82 1.02 14.41
CA VAL G 288 53.36 0.94 14.62
C VAL G 288 53.03 1.19 16.09
N MET G 289 53.78 0.54 16.98
CA MET G 289 53.54 0.68 18.41
C MET G 289 53.72 2.12 18.85
N GLU G 290 54.84 2.76 18.49
CA GLU G 290 55.06 4.12 18.94
C GLU G 290 54.06 5.08 18.34
N LYS G 291 53.75 4.91 17.05
CA LYS G 291 52.73 5.74 16.43
C LYS G 291 51.35 5.52 17.03
N ALA G 292 51.19 4.49 17.88
CA ALA G 292 49.91 4.19 18.50
C ALA G 292 49.89 4.52 19.98
N GLY G 293 50.90 5.23 20.50
CA GLY G 293 50.93 5.56 21.90
C GLY G 293 51.70 4.56 22.74
N GLY G 294 52.34 3.57 22.12
CA GLY G 294 53.04 2.53 22.83
C GLY G 294 54.53 2.79 22.96
N MET G 295 55.23 1.73 23.38
CA MET G 295 56.67 1.77 23.61
C MET G 295 57.28 0.47 23.10
N ALA G 296 58.54 0.54 22.65
CA ALA G 296 59.26 -0.65 22.22
C ALA G 296 60.74 -0.45 22.53
N THR G 297 61.27 -1.32 23.39
CA THR G 297 62.65 -1.27 23.87
C THR G 297 63.34 -2.60 23.68
N THR G 298 64.66 -2.55 23.56
CA THR G 298 65.48 -3.74 23.64
C THR G 298 65.90 -4.06 25.05
N GLY G 299 65.55 -3.22 26.00
CA GLY G 299 66.14 -3.28 27.31
C GLY G 299 67.20 -2.19 27.46
N LYS G 300 68.17 -2.16 26.52
CA LYS G 300 69.25 -1.16 26.55
C LYS G 300 68.81 0.15 25.93
N GLU G 301 68.05 0.09 24.84
CA GLU G 301 67.62 1.28 24.13
C GLU G 301 66.31 0.98 23.42
N ALA G 302 65.64 2.05 23.01
CA ALA G 302 64.44 1.93 22.20
C ALA G 302 64.78 1.24 20.89
N VAL G 303 63.86 0.40 20.39
CA VAL G 303 64.13 -0.36 19.18
C VAL G 303 64.43 0.58 18.03
N LEU G 304 63.68 1.67 17.94
CA LEU G 304 63.83 2.61 16.84
C LEU G 304 65.16 3.37 16.87
N ASP G 305 65.82 3.46 18.03
CA ASP G 305 67.09 4.18 18.16
C ASP G 305 68.32 3.33 17.84
N VAL G 306 68.14 2.02 17.66
CA VAL G 306 69.25 1.12 17.32
C VAL G 306 69.74 1.37 15.90
N ILE G 307 71.06 1.50 15.74
CA ILE G 307 71.67 1.67 14.44
C ILE G 307 72.16 0.30 13.96
N PRO G 308 71.57 -0.26 12.92
CA PRO G 308 71.99 -1.59 12.47
C PRO G 308 73.24 -1.53 11.61
N THR G 309 74.02 -2.61 11.67
CA THR G 309 75.20 -2.84 10.85
C THR G 309 75.04 -3.98 9.84
N ASP G 310 74.11 -4.91 10.07
CA ASP G 310 73.87 -6.06 9.21
C ASP G 310 72.38 -6.23 8.99
N ILE G 311 71.98 -6.58 7.76
CA ILE G 311 70.55 -6.53 7.40
C ILE G 311 69.71 -7.61 8.09
N HIS G 312 70.31 -8.73 8.46
CA HIS G 312 69.56 -9.80 9.10
C HIS G 312 69.85 -9.89 10.57
N GLN G 313 70.32 -8.79 11.14
CA GLN G 313 70.67 -8.77 12.54
C GLN G 313 69.41 -8.89 13.39
N ARG G 314 69.57 -9.49 14.56
CA ARG G 314 68.49 -9.76 15.50
C ARG G 314 68.49 -8.71 16.61
N ALA G 315 67.40 -8.69 17.40
CA ALA G 315 67.30 -7.76 18.51
C ALA G 315 66.32 -8.26 19.55
N PRO G 316 66.61 -8.11 20.84
CA PRO G 316 65.56 -8.37 21.84
C PRO G 316 64.50 -7.28 21.76
N VAL G 317 63.26 -7.65 22.07
CA VAL G 317 62.15 -6.72 21.92
C VAL G 317 61.12 -6.95 23.02
N ILE G 318 60.69 -5.85 23.64
CA ILE G 318 59.57 -5.78 24.56
C ILE G 318 58.77 -4.56 24.13
N LEU G 319 57.53 -4.79 23.68
CA LEU G 319 56.71 -3.74 23.12
C LEU G 319 55.29 -3.89 23.61
N GLY G 320 54.51 -2.83 23.43
CA GLY G 320 53.13 -2.90 23.87
C GLY G 320 52.69 -1.69 24.65
N SER G 321 51.79 -1.89 25.60
CA SER G 321 51.21 -0.78 26.32
C SER G 321 52.28 0.01 27.08
N PRO G 322 52.16 1.35 27.14
CA PRO G 322 53.25 2.16 27.74
C PRO G 322 53.49 1.88 29.21
N ASP G 323 52.43 1.89 30.03
CA ASP G 323 52.59 1.63 31.47
C ASP G 323 53.24 0.28 31.72
N ASP G 324 52.96 -0.69 30.86
CA ASP G 324 53.53 -2.00 31.08
C ASP G 324 55.00 -2.05 30.69
N VAL G 325 55.36 -1.43 29.56
CA VAL G 325 56.77 -1.36 29.21
C VAL G 325 57.54 -0.54 30.26
N LEU G 326 56.91 0.48 30.81
CA LEU G 326 57.55 1.24 31.88
C LEU G 326 57.80 0.36 33.11
N GLU G 327 56.78 -0.40 33.52
CA GLU G 327 56.95 -1.30 34.65
C GLU G 327 58.10 -2.26 34.42
N PHE G 328 58.18 -2.82 33.21
CA PHE G 328 59.29 -3.70 32.93
C PHE G 328 60.61 -2.95 33.01
N LEU G 329 60.68 -1.75 32.43
CA LEU G 329 61.94 -1.01 32.41
C LEU G 329 62.42 -0.76 33.82
N LYS G 330 61.49 -0.54 34.75
CA LYS G 330 61.85 -0.40 36.16
C LYS G 330 62.50 -1.68 36.69
N VAL G 331 61.99 -2.84 36.31
CA VAL G 331 62.64 -4.08 36.74
C VAL G 331 64.02 -4.21 36.11
N TYR G 332 64.16 -3.75 34.86
CA TYR G 332 65.44 -3.81 34.19
C TYR G 332 66.47 -2.91 34.87
N GLU G 333 66.08 -1.70 35.24
CA GLU G 333 67.00 -0.81 35.96
C GLU G 333 67.36 -1.37 37.34
N LYS G 334 66.44 -2.09 37.98
CA LYS G 334 66.73 -2.66 39.29
C LYS G 334 67.89 -3.65 39.22
N HIS G 335 68.04 -4.33 38.08
CA HIS G 335 69.09 -5.34 37.90
C HIS G 335 70.33 -4.75 37.24
N SER G 336 70.69 -3.53 37.66
CA SER G 336 71.90 -2.82 37.26
C SER G 336 71.71 -2.24 35.87
N ASP H 10 44.76 -40.24 -6.73
CA ASP H 10 43.38 -39.88 -7.03
C ASP H 10 42.83 -38.79 -6.11
N VAL H 11 42.22 -37.77 -6.70
CA VAL H 11 41.68 -36.64 -5.94
C VAL H 11 40.44 -37.08 -5.16
N ASN H 12 40.20 -36.44 -4.03
CA ASN H 12 39.04 -36.79 -3.22
C ASN H 12 38.56 -35.55 -2.49
N THR H 13 37.23 -35.37 -2.41
CA THR H 13 36.60 -34.27 -1.70
C THR H 13 35.80 -34.80 -0.51
N LEU H 14 35.46 -33.90 0.42
CA LEU H 14 34.75 -34.32 1.62
C LEU H 14 33.41 -34.96 1.28
N THR H 15 32.65 -34.36 0.37
CA THR H 15 31.35 -34.90 -0.02
C THR H 15 31.48 -36.29 -0.63
N ARG H 16 32.42 -36.44 -1.56
CA ARG H 16 32.60 -37.72 -2.25
C ARG H 16 33.14 -38.78 -1.31
N PHE H 17 34.03 -38.39 -0.40
CA PHE H 17 34.55 -39.34 0.58
C PHE H 17 33.47 -39.81 1.52
N VAL H 18 32.59 -38.92 1.98
CA VAL H 18 31.54 -39.36 2.88
C VAL H 18 30.59 -40.31 2.17
N MET H 19 30.26 -40.02 0.91
CA MET H 19 29.38 -40.91 0.13
C MET H 19 30.07 -42.24 -0.15
N GLU H 20 31.37 -42.22 -0.47
CA GLU H 20 32.10 -43.47 -0.66
C GLU H 20 32.05 -44.34 0.59
N GLU H 21 32.38 -43.76 1.75
CA GLU H 21 32.33 -44.55 2.98
C GLU H 21 30.92 -44.99 3.32
N GLY H 22 29.92 -44.18 2.96
CA GLY H 22 28.55 -44.51 3.28
C GLY H 22 27.99 -45.67 2.47
N ARG H 23 28.38 -45.77 1.19
CA ARG H 23 27.92 -46.89 0.37
C ARG H 23 28.56 -48.19 0.84
N LYS H 24 29.87 -48.14 1.09
CA LYS H 24 30.58 -49.32 1.57
C LYS H 24 29.91 -49.88 2.81
N ALA H 25 29.27 -49.03 3.61
CA ALA H 25 28.57 -49.46 4.82
C ALA H 25 27.07 -49.67 4.61
N ARG H 26 26.53 -49.31 3.44
CA ARG H 26 25.13 -49.54 3.09
C ARG H 26 24.17 -49.02 4.15
N GLY H 27 24.39 -47.78 4.58
CA GLY H 27 23.52 -47.11 5.52
C GLY H 27 22.37 -46.41 4.82
N THR H 28 21.49 -45.80 5.63
CA THR H 28 20.29 -45.20 5.06
C THR H 28 20.58 -43.88 4.35
N GLY H 29 21.75 -43.28 4.60
CA GLY H 29 22.10 -41.99 4.04
C GLY H 29 21.82 -40.82 4.94
N GLU H 30 21.17 -41.04 6.09
CA GLU H 30 20.82 -39.95 6.99
C GLU H 30 22.04 -39.24 7.57
N LEU H 31 23.12 -39.96 7.82
CA LEU H 31 24.28 -39.32 8.42
C LEU H 31 24.99 -38.43 7.40
N THR H 32 25.10 -38.91 6.16
CA THR H 32 25.71 -38.15 5.07
C THR H 32 24.94 -36.86 4.80
N GLN H 33 23.61 -36.92 4.81
CA GLN H 33 22.81 -35.71 4.64
C GLN H 33 23.11 -34.71 5.74
N LEU H 34 23.26 -35.20 6.98
CA LEU H 34 23.64 -34.35 8.11
C LEU H 34 24.98 -33.69 7.84
N LEU H 35 25.97 -34.49 7.42
CA LEU H 35 27.32 -34.00 7.20
C LEU H 35 27.41 -33.00 6.06
N ASN H 36 26.74 -33.26 4.94
CA ASN H 36 26.76 -32.28 3.85
C ASN H 36 26.12 -30.98 4.29
N SER H 37 25.00 -31.07 5.02
CA SER H 37 24.36 -29.89 5.55
C SER H 37 25.24 -29.19 6.57
N LEU H 38 25.97 -29.95 7.37
CA LEU H 38 26.90 -29.32 8.31
C LEU H 38 28.05 -28.64 7.58
N CYS H 39 28.68 -29.37 6.67
CA CYS H 39 29.75 -28.85 5.84
C CYS H 39 29.33 -27.60 5.07
N THR H 40 28.09 -27.58 4.58
CA THR H 40 27.63 -26.38 3.89
C THR H 40 27.58 -25.19 4.85
N ALA H 41 27.10 -25.40 6.08
CA ALA H 41 27.12 -24.33 7.07
C ALA H 41 28.55 -23.90 7.41
N VAL H 42 29.51 -24.84 7.39
CA VAL H 42 30.88 -24.46 7.66
C VAL H 42 31.34 -23.45 6.62
N LYS H 43 31.02 -23.69 5.34
CA LYS H 43 31.38 -22.76 4.29
C LYS H 43 30.70 -21.41 4.48
N ALA H 44 29.47 -21.37 4.98
CA ALA H 44 28.85 -20.08 5.19
C ALA H 44 29.52 -19.31 6.30
N ILE H 45 29.90 -19.99 7.38
CA ILE H 45 30.58 -19.32 8.49
C ILE H 45 31.91 -18.73 8.01
N SER H 46 32.67 -19.53 7.24
CA SER H 46 33.95 -19.09 6.72
C SER H 46 33.83 -17.78 5.93
N SER H 47 32.79 -17.65 5.11
CA SER H 47 32.59 -16.41 4.36
C SER H 47 32.36 -15.23 5.29
N ALA H 48 31.57 -15.43 6.36
CA ALA H 48 31.33 -14.32 7.27
C ALA H 48 32.56 -14.02 8.14
N VAL H 49 33.29 -15.06 8.54
CA VAL H 49 34.48 -14.85 9.38
C VAL H 49 35.58 -14.12 8.61
N ARG H 50 35.79 -14.48 7.34
CA ARG H 50 36.74 -13.74 6.51
C ARG H 50 36.21 -12.39 6.09
N LYS H 51 35.04 -11.99 6.58
CA LYS H 51 34.47 -10.66 6.37
C LYS H 51 34.21 -10.34 4.89
N ALA H 52 33.78 -11.35 4.12
CA ALA H 52 33.30 -11.10 2.76
C ALA H 52 32.01 -10.28 2.80
N GLY H 53 31.94 -9.24 1.98
CA GLY H 53 30.80 -8.36 1.96
C GLY H 53 30.77 -7.28 3.02
N ILE H 54 31.86 -7.07 3.77
CA ILE H 54 31.90 -6.07 4.84
C ILE H 54 31.72 -4.65 4.32
N ALA H 55 32.00 -4.39 3.03
CA ALA H 55 31.86 -3.05 2.49
C ALA H 55 30.43 -2.51 2.62
N HIS H 56 29.42 -3.39 2.54
CA HIS H 56 28.04 -2.93 2.68
C HIS H 56 27.69 -2.58 4.13
N LEU H 57 28.31 -3.23 5.13
CA LEU H 57 28.08 -2.85 6.52
C LEU H 57 28.63 -1.48 6.85
N TYR H 58 29.64 -1.04 6.09
CA TYR H 58 30.23 0.29 6.26
C TYR H 58 29.72 1.27 5.21
N GLY H 59 28.48 1.08 4.77
CA GLY H 59 27.76 2.04 3.94
C GLY H 59 28.36 2.33 2.59
N ILE H 60 28.90 1.30 1.92
CA ILE H 60 29.43 1.52 0.57
C ILE H 60 28.32 1.77 -0.44
N ALA H 61 27.06 1.50 -0.07
CA ALA H 61 25.89 1.82 -0.88
C ALA H 61 24.96 2.76 -0.13
N GLY H 62 25.54 3.67 0.66
CA GLY H 62 24.84 4.65 1.47
C GLY H 62 24.13 4.13 2.71
N LYS H 73 27.15 -9.84 16.27
CA LYS H 73 26.19 -10.88 15.99
C LYS H 73 26.87 -12.09 15.35
N LEU H 74 28.20 -12.07 15.29
CA LEU H 74 28.92 -13.05 14.48
C LEU H 74 28.79 -14.46 15.04
N ASP H 75 28.75 -14.62 16.36
CA ASP H 75 28.53 -15.98 16.86
C ASP H 75 27.06 -16.35 16.77
N VAL H 76 26.18 -15.36 16.84
CA VAL H 76 24.74 -15.55 16.65
C VAL H 76 24.43 -15.96 15.21
N LEU H 77 25.01 -15.26 14.24
CA LEU H 77 24.81 -15.64 12.84
C LEU H 77 25.32 -17.04 12.61
N SER H 78 26.46 -17.37 13.24
CA SER H 78 27.06 -18.71 13.17
C SER H 78 26.11 -19.76 13.70
N ASN H 79 25.52 -19.52 14.88
CA ASN H 79 24.60 -20.47 15.47
C ASN H 79 23.39 -20.71 14.58
N ASP H 80 22.78 -19.64 14.07
CA ASP H 80 21.62 -19.77 13.19
C ASP H 80 21.95 -20.54 11.91
N LEU H 81 23.14 -20.34 11.36
CA LEU H 81 23.52 -21.07 10.16
C LEU H 81 23.57 -22.57 10.42
N VAL H 82 24.20 -22.99 11.52
CA VAL H 82 24.31 -24.41 11.83
C VAL H 82 22.95 -24.99 12.24
N MET H 83 22.21 -24.29 13.11
CA MET H 83 20.88 -24.73 13.52
C MET H 83 19.95 -24.97 12.32
N ASN H 84 19.84 -23.99 11.43
CA ASN H 84 18.89 -24.09 10.33
C ASN H 84 19.31 -25.17 9.33
N MET H 85 20.61 -25.32 9.08
CA MET H 85 21.04 -26.34 8.14
C MET H 85 20.85 -27.75 8.70
N LEU H 86 20.97 -27.92 10.02
CA LEU H 86 20.81 -29.22 10.66
C LEU H 86 19.33 -29.60 10.71
N LYS H 87 18.47 -28.66 11.13
CA LYS H 87 17.03 -28.88 11.10
C LYS H 87 16.55 -29.32 9.72
N SER H 88 16.96 -28.61 8.67
CA SER H 88 16.45 -28.91 7.34
C SER H 88 17.18 -30.05 6.67
N SER H 89 18.13 -30.68 7.36
CA SER H 89 18.81 -31.86 6.84
C SER H 89 18.00 -33.13 6.95
N PHE H 90 16.89 -33.11 7.73
CA PHE H 90 16.05 -34.27 7.97
C PHE H 90 16.83 -35.39 8.65
N ALA H 91 17.79 -35.05 9.49
CA ALA H 91 18.57 -36.10 10.13
C ALA H 91 18.82 -35.89 11.62
N THR H 92 18.27 -34.84 12.23
CA THR H 92 18.57 -34.54 13.62
C THR H 92 17.27 -34.39 14.38
N CYS H 93 17.34 -34.61 15.69
CA CYS H 93 16.14 -34.48 16.52
C CYS H 93 16.42 -33.57 17.70
N VAL H 94 17.64 -33.60 18.21
CA VAL H 94 18.04 -32.76 19.32
C VAL H 94 19.35 -32.06 18.97
N LEU H 95 19.41 -30.75 19.21
CA LEU H 95 20.63 -29.98 18.99
C LEU H 95 20.94 -29.22 20.27
N VAL H 96 22.12 -29.46 20.83
CA VAL H 96 22.62 -28.71 21.98
C VAL H 96 23.73 -27.81 21.47
N SER H 97 23.63 -26.51 21.77
CA SER H 97 24.56 -25.50 21.26
C SER H 97 25.06 -24.61 22.38
N GLU H 98 26.30 -24.16 22.28
CA GLU H 98 26.83 -23.20 23.25
C GLU H 98 25.93 -21.96 23.37
N GLU H 99 25.26 -21.56 22.29
CA GLU H 99 24.44 -20.36 22.33
C GLU H 99 23.10 -20.55 23.02
N ASP H 100 22.62 -21.79 23.20
CA ASP H 100 21.30 -22.07 23.73
C ASP H 100 21.45 -22.83 25.05
N LYS H 101 20.90 -22.26 26.14
CA LYS H 101 21.00 -22.91 27.45
C LYS H 101 20.21 -24.22 27.49
N HIS H 102 19.08 -24.26 26.80
CA HIS H 102 18.28 -25.48 26.71
C HIS H 102 18.51 -26.12 25.35
N ALA H 103 18.29 -27.44 25.29
CA ALA H 103 18.38 -28.16 24.04
C ALA H 103 17.28 -27.78 23.06
N ILE H 104 17.62 -27.80 21.78
CA ILE H 104 16.68 -27.54 20.69
C ILE H 104 16.10 -28.88 20.26
N ILE H 105 14.78 -28.91 20.09
CA ILE H 105 14.09 -30.13 19.67
C ILE H 105 13.53 -29.91 18.27
N VAL H 106 14.05 -30.68 17.30
CA VAL H 106 13.62 -30.52 15.92
C VAL H 106 12.13 -30.81 15.80
N GLU H 107 11.44 -29.99 15.00
CA GLU H 107 10.02 -30.22 14.83
C GLU H 107 9.80 -31.58 14.18
N PRO H 108 8.65 -32.22 14.47
CA PRO H 108 8.49 -33.64 14.11
C PRO H 108 8.60 -33.92 12.64
N GLU H 109 8.15 -33.01 11.77
CA GLU H 109 8.17 -33.31 10.34
C GLU H 109 9.59 -33.46 9.82
N LYS H 110 10.53 -32.71 10.39
CA LYS H 110 11.91 -32.74 9.95
C LYS H 110 12.79 -33.57 10.87
N ARG H 111 12.18 -34.45 11.67
CA ARG H 111 12.91 -35.16 12.72
C ARG H 111 13.69 -36.32 12.12
N GLY H 112 14.92 -36.50 12.60
CA GLY H 112 15.79 -37.54 12.12
C GLY H 112 16.49 -38.22 13.28
N LYS H 113 17.45 -39.10 13.02
CA LYS H 113 17.88 -40.08 14.01
C LYS H 113 19.18 -39.74 14.75
N TYR H 114 19.70 -38.52 14.63
CA TYR H 114 21.01 -38.20 15.17
C TYR H 114 20.94 -37.04 16.14
N VAL H 115 21.86 -37.03 17.11
CA VAL H 115 21.95 -35.97 18.12
C VAL H 115 23.27 -35.22 17.92
N VAL H 116 23.19 -33.89 17.92
CA VAL H 116 24.36 -33.06 17.59
C VAL H 116 24.58 -32.04 18.70
N CYS H 117 25.79 -32.02 19.24
CA CYS H 117 26.25 -30.96 20.14
C CYS H 117 27.33 -30.15 19.44
N PHE H 118 27.22 -28.82 19.49
CA PHE H 118 28.23 -28.00 18.83
C PHE H 118 28.44 -26.68 19.53
N ASP H 119 29.69 -26.18 19.42
CA ASP H 119 30.04 -24.76 19.59
C ASP H 119 30.16 -24.15 18.21
N PRO H 120 29.25 -23.28 17.78
CA PRO H 120 29.31 -22.83 16.39
C PRO H 120 30.47 -21.88 16.12
N LEU H 121 30.93 -21.13 17.11
CA LEU H 121 32.05 -20.20 16.90
C LEU H 121 32.87 -20.13 18.20
N ASP H 122 33.80 -21.07 18.35
CA ASP H 122 34.67 -21.09 19.53
C ASP H 122 35.78 -20.04 19.42
N GLY H 123 36.11 -19.44 20.55
CA GLY H 123 37.10 -18.40 20.61
C GLY H 123 36.59 -17.04 20.20
N SER H 124 35.30 -16.89 19.94
CA SER H 124 34.74 -15.65 19.42
C SER H 124 34.83 -14.48 20.39
N SER H 125 35.11 -14.71 21.68
CA SER H 125 35.29 -13.59 22.59
C SER H 125 36.57 -12.83 22.28
N ASN H 126 37.58 -13.54 21.78
CA ASN H 126 38.85 -12.97 21.33
C ASN H 126 38.86 -12.72 19.83
N ILE H 127 37.69 -12.55 19.21
CA ILE H 127 37.65 -12.43 17.75
C ILE H 127 37.98 -11.04 17.22
N ASP H 128 38.00 -10.01 18.06
CA ASP H 128 38.32 -8.68 17.55
C ASP H 128 39.75 -8.60 17.02
N CYS H 129 40.62 -9.49 17.48
CA CYS H 129 42.02 -9.45 17.09
C CYS H 129 42.35 -10.41 15.96
N LEU H 130 41.33 -10.94 15.28
CA LEU H 130 41.47 -11.83 14.11
C LEU H 130 42.25 -13.09 14.44
N VAL H 131 42.30 -13.44 15.71
CA VAL H 131 42.83 -14.73 16.09
C VAL H 131 41.94 -15.80 15.47
N SER H 132 42.49 -17.01 15.36
CA SER H 132 41.70 -18.13 14.86
C SER H 132 40.44 -18.39 15.69
N VAL H 133 39.37 -18.75 14.98
CA VAL H 133 38.13 -19.22 15.56
C VAL H 133 37.79 -20.57 14.92
N GLY H 134 36.79 -21.24 15.47
CA GLY H 134 36.47 -22.56 14.95
C GLY H 134 35.05 -22.97 15.28
N THR H 135 34.61 -24.01 14.58
CA THR H 135 33.35 -24.73 14.85
C THR H 135 33.72 -26.12 15.32
N ILE H 136 33.16 -26.54 16.46
CA ILE H 136 33.35 -27.89 17.00
C ILE H 136 32.01 -28.62 17.04
N PHE H 137 32.02 -29.90 16.69
CA PHE H 137 30.78 -30.69 16.71
C PHE H 137 31.06 -32.12 17.11
N GLY H 138 30.08 -32.71 17.78
CA GLY H 138 30.05 -34.15 18.04
C GLY H 138 28.67 -34.71 17.77
N ILE H 139 28.63 -35.90 17.21
CA ILE H 139 27.38 -36.49 16.70
C ILE H 139 27.09 -37.83 17.40
N TYR H 140 25.92 -37.93 18.04
CA TYR H 140 25.49 -39.16 18.69
C TYR H 140 24.23 -39.72 18.01
N ARG H 141 24.14 -41.05 17.94
CA ARG H 141 22.92 -41.71 17.51
C ARG H 141 21.91 -41.68 18.65
N LYS H 142 20.66 -41.36 18.34
CA LYS H 142 19.64 -41.36 19.39
C LYS H 142 19.35 -42.78 19.91
N LYS H 143 19.39 -42.95 21.24
CA LYS H 143 19.37 -44.28 21.84
C LYS H 143 17.98 -44.80 22.20
N SER H 144 17.14 -44.01 22.87
CA SER H 144 15.77 -44.45 23.14
C SER H 144 14.86 -44.16 21.94
N THR H 145 13.63 -44.67 22.00
CA THR H 145 12.55 -44.30 21.07
C THR H 145 11.55 -43.38 21.75
N ASP H 146 11.90 -42.82 22.91
CA ASP H 146 11.00 -41.92 23.61
C ASP H 146 10.83 -40.64 22.82
N GLU H 147 9.95 -39.77 23.31
CA GLU H 147 9.85 -38.43 22.75
C GLU H 147 11.19 -37.70 23.00
N PRO H 148 11.75 -37.03 21.99
CA PRO H 148 13.10 -36.46 22.15
C PRO H 148 13.19 -35.36 23.20
N SER H 149 14.26 -35.38 23.97
CA SER H 149 14.46 -34.39 25.00
C SER H 149 15.97 -34.22 25.26
N GLU H 150 16.28 -33.33 26.21
CA GLU H 150 17.66 -33.09 26.61
C GLU H 150 18.34 -34.39 27.02
N LYS H 151 17.57 -35.33 27.58
CA LYS H 151 18.09 -36.59 28.07
C LYS H 151 18.79 -37.40 26.97
N ASP H 152 18.40 -37.21 25.71
CA ASP H 152 19.04 -37.95 24.63
C ASP H 152 20.46 -37.48 24.33
N ALA H 153 20.81 -36.24 24.70
CA ALA H 153 22.13 -35.66 24.50
C ALA H 153 23.10 -35.94 25.63
N LEU H 154 22.64 -36.57 26.72
CA LEU H 154 23.51 -36.76 27.87
C LEU H 154 24.29 -38.05 27.78
N GLN H 155 24.71 -38.45 26.56
CA GLN H 155 25.50 -39.67 26.40
C GLN H 155 26.98 -39.40 26.69
N PRO H 156 27.72 -40.42 27.08
CA PRO H 156 29.16 -40.23 27.26
C PRO H 156 29.81 -40.12 25.89
N GLY H 157 30.99 -39.46 25.90
CA GLY H 157 31.74 -39.27 24.68
C GLY H 157 32.07 -40.56 23.96
N ARG H 158 32.13 -41.68 24.69
CA ARG H 158 32.35 -42.99 24.09
C ARG H 158 31.32 -43.30 23.00
N ASN H 159 30.10 -42.80 23.14
CA ASN H 159 29.05 -43.17 22.22
C ASN H 159 29.06 -42.36 20.95
N LEU H 160 30.04 -41.48 20.79
CA LEU H 160 30.08 -40.60 19.63
C LEU H 160 30.14 -41.44 18.36
N VAL H 161 29.37 -41.01 17.36
CA VAL H 161 29.36 -41.64 16.04
C VAL H 161 30.43 -41.07 15.14
N ALA H 162 30.50 -39.74 15.10
CA ALA H 162 31.53 -39.00 14.37
C ALA H 162 31.70 -37.65 15.08
N ALA H 163 32.87 -37.05 14.92
CA ALA H 163 33.14 -35.78 15.59
C ALA H 163 34.28 -35.03 14.90
N GLY H 164 34.34 -33.74 15.15
CA GLY H 164 35.44 -32.99 14.56
C GLY H 164 35.23 -31.49 14.66
N TYR H 165 35.95 -30.78 13.80
CA TYR H 165 35.92 -29.33 13.92
C TYR H 165 36.32 -28.71 12.60
N ALA H 166 35.89 -27.47 12.43
CA ALA H 166 36.37 -26.60 11.37
C ALA H 166 37.21 -25.51 12.03
N LEU H 167 38.43 -25.37 11.56
CA LEU H 167 39.33 -24.30 11.98
C LEU H 167 39.30 -23.18 10.93
N TYR H 168 38.95 -21.97 11.36
CA TYR H 168 39.02 -20.78 10.48
C TYR H 168 40.32 -20.03 10.80
N GLY H 169 41.42 -20.51 10.20
CA GLY H 169 42.76 -20.00 10.43
C GLY H 169 43.41 -19.29 9.26
N SER H 170 44.69 -19.56 9.00
CA SER H 170 45.29 -19.03 7.78
C SER H 170 44.51 -19.50 6.57
N ALA H 171 44.07 -20.74 6.59
CA ALA H 171 43.09 -21.31 5.69
C ALA H 171 42.02 -21.95 6.56
N THR H 172 40.95 -22.43 5.93
CA THR H 172 39.85 -23.08 6.63
C THR H 172 39.94 -24.60 6.46
N MET H 173 40.19 -25.31 7.56
CA MET H 173 40.33 -26.75 7.51
C MET H 173 39.27 -27.43 8.37
N LEU H 174 38.76 -28.54 7.84
CA LEU H 174 37.76 -29.36 8.48
C LEU H 174 38.40 -30.67 8.89
N VAL H 175 38.35 -30.98 10.18
CA VAL H 175 38.89 -32.22 10.71
C VAL H 175 37.71 -33.12 11.10
N LEU H 176 37.64 -34.28 10.47
CA LEU H 176 36.54 -35.23 10.70
C LEU H 176 37.14 -36.51 11.27
N ALA H 177 36.66 -36.90 12.43
CA ALA H 177 37.09 -38.10 13.10
C ALA H 177 35.90 -39.04 13.17
N MET H 178 36.17 -40.33 12.98
CA MET H 178 35.12 -41.32 12.87
C MET H 178 35.63 -42.61 13.49
N ASP H 179 34.90 -43.70 13.23
CA ASP H 179 35.41 -45.00 13.67
C ASP H 179 36.68 -45.35 12.91
N CYS H 180 36.66 -45.14 11.58
CA CYS H 180 37.79 -45.54 10.76
C CYS H 180 39.04 -44.70 11.06
N GLY H 181 38.87 -43.43 11.40
CA GLY H 181 39.99 -42.60 11.76
C GLY H 181 39.69 -41.14 11.44
N VAL H 182 40.77 -40.37 11.38
CA VAL H 182 40.69 -38.92 11.25
C VAL H 182 41.20 -38.53 9.89
N ASN H 183 40.45 -37.65 9.20
CA ASN H 183 40.86 -37.12 7.90
C ASN H 183 40.72 -35.61 7.87
N CYS H 184 41.62 -34.96 7.12
CA CYS H 184 41.72 -33.50 7.07
C CYS H 184 41.39 -32.97 5.69
N PHE H 185 40.50 -32.00 5.64
CA PHE H 185 40.03 -31.45 4.37
C PHE H 185 40.29 -29.95 4.33
N MET H 186 40.89 -29.50 3.24
CA MET H 186 41.15 -28.09 3.01
C MET H 186 40.02 -27.51 2.17
N LEU H 187 39.39 -26.44 2.66
CA LEU H 187 38.38 -25.73 1.88
C LEU H 187 39.07 -24.86 0.80
N ASP H 188 38.82 -25.19 -0.47
CA ASP H 188 39.26 -24.37 -1.59
C ASP H 188 38.18 -23.33 -1.90
N PRO H 189 38.38 -22.06 -1.57
CA PRO H 189 37.30 -21.08 -1.75
C PRO H 189 37.02 -20.72 -3.19
N ALA H 190 37.92 -21.04 -4.13
CA ALA H 190 37.61 -20.82 -5.54
C ALA H 190 36.46 -21.69 -6.01
N ILE H 191 36.30 -22.89 -5.45
CA ILE H 191 35.24 -23.79 -5.86
C ILE H 191 34.37 -24.25 -4.70
N GLY H 192 34.66 -23.86 -3.47
CA GLY H 192 33.80 -24.26 -2.36
C GLY H 192 33.69 -25.76 -2.17
N GLU H 193 34.81 -26.47 -2.27
CA GLU H 193 34.88 -27.89 -2.01
C GLU H 193 36.03 -28.15 -1.04
N PHE H 194 35.84 -29.08 -0.11
CA PHE H 194 36.85 -29.45 0.85
C PHE H 194 37.69 -30.57 0.25
N ILE H 195 39.02 -30.40 0.21
CA ILE H 195 39.91 -31.36 -0.45
C ILE H 195 40.55 -32.25 0.61
N LEU H 196 40.43 -33.56 0.44
CA LEU H 196 41.15 -34.48 1.31
C LEU H 196 42.65 -34.24 1.16
N VAL H 197 43.31 -33.83 2.24
CA VAL H 197 44.74 -33.51 2.17
C VAL H 197 45.54 -34.28 3.21
N ASP H 198 44.87 -34.94 4.13
CA ASP H 198 45.60 -35.70 5.14
C ASP H 198 44.76 -36.92 5.47
N LYS H 199 45.19 -38.07 4.96
CA LYS H 199 44.44 -39.30 5.08
C LYS H 199 44.92 -40.05 6.32
N ASP H 200 44.00 -40.37 7.22
CA ASP H 200 44.27 -41.28 8.33
C ASP H 200 45.43 -40.80 9.21
N VAL H 201 45.28 -39.59 9.73
CA VAL H 201 46.37 -38.94 10.46
C VAL H 201 46.49 -39.52 11.87
N LYS H 202 47.73 -39.51 12.38
CA LYS H 202 48.07 -40.01 13.71
C LYS H 202 48.98 -39.03 14.42
N ILE H 203 48.69 -38.73 15.69
CA ILE H 203 49.41 -37.73 16.49
C ILE H 203 50.73 -38.32 16.98
N LYS H 204 51.73 -37.45 17.16
CA LYS H 204 53.03 -37.87 17.67
C LYS H 204 52.90 -38.64 18.98
N LYS H 205 53.73 -39.67 19.09
CA LYS H 205 53.83 -40.42 20.32
C LYS H 205 54.30 -39.53 21.45
N LYS H 206 55.17 -38.56 21.15
CA LYS H 206 55.65 -37.62 22.16
C LYS H 206 55.95 -36.28 21.48
N GLY H 207 55.51 -35.18 22.10
CA GLY H 207 55.69 -33.86 21.54
C GLY H 207 56.77 -33.04 22.23
N LYS H 208 56.81 -31.76 21.84
CA LYS H 208 57.78 -30.82 22.38
C LYS H 208 57.15 -29.46 22.70
N ILE H 209 55.83 -29.38 22.79
CA ILE H 209 55.11 -28.13 23.04
C ILE H 209 54.08 -28.35 24.13
N TYR H 210 53.97 -27.41 25.07
CA TYR H 210 52.88 -27.42 26.03
C TYR H 210 52.03 -26.16 25.84
N SER H 211 50.74 -26.28 26.12
CA SER H 211 49.77 -25.23 25.80
C SER H 211 48.77 -25.07 26.94
N LEU H 212 48.89 -24.00 27.70
CA LEU H 212 47.93 -23.62 28.72
C LEU H 212 48.15 -22.17 29.10
N ASN H 213 47.19 -21.59 29.80
CA ASN H 213 47.24 -20.18 30.17
C ASN H 213 48.03 -20.01 31.46
N GLU H 214 49.33 -19.73 31.34
CA GLU H 214 50.12 -19.62 32.57
C GLU H 214 49.82 -18.37 33.36
N GLY H 215 48.89 -17.55 32.91
CA GLY H 215 48.53 -16.39 33.70
C GLY H 215 47.80 -16.76 34.97
N TYR H 216 47.10 -17.89 34.96
CA TYR H 216 46.42 -18.38 36.15
C TYR H 216 47.37 -19.24 36.99
N ALA H 217 48.67 -18.97 36.91
CA ALA H 217 49.65 -19.79 37.61
C ALA H 217 49.48 -19.72 39.11
N LYS H 218 49.08 -18.55 39.61
CA LYS H 218 48.86 -18.38 41.05
C LYS H 218 47.81 -19.36 41.57
N ASP H 219 46.90 -19.80 40.72
CA ASP H 219 45.81 -20.71 41.10
C ASP H 219 45.97 -22.10 40.49
N PHE H 220 47.16 -22.45 40.02
CA PHE H 220 47.39 -23.79 39.48
C PHE H 220 47.25 -24.81 40.60
N ASP H 221 46.49 -25.87 40.34
CA ASP H 221 46.57 -27.06 41.16
C ASP H 221 48.02 -27.52 41.26
N PRO H 222 48.50 -27.94 42.43
CA PRO H 222 49.94 -28.20 42.58
C PRO H 222 50.49 -29.21 41.58
N ALA H 223 49.69 -30.20 41.15
CA ALA H 223 50.14 -31.13 40.13
C ALA H 223 50.44 -30.42 38.81
N VAL H 224 49.63 -29.44 38.44
CA VAL H 224 49.90 -28.69 37.21
C VAL H 224 51.21 -27.92 37.34
N THR H 225 51.40 -27.26 38.48
CA THR H 225 52.63 -26.53 38.77
C THR H 225 53.85 -27.41 38.62
N GLU H 226 53.83 -28.62 39.20
CA GLU H 226 55.02 -29.45 39.11
C GLU H 226 55.25 -29.91 37.67
N TYR H 227 54.17 -30.28 36.97
CA TYR H 227 54.33 -30.77 35.60
C TYR H 227 54.88 -29.69 34.67
N ILE H 228 54.43 -28.43 34.84
CA ILE H 228 54.89 -27.36 33.97
C ILE H 228 56.34 -27.01 34.25
N GLN H 229 56.71 -26.97 35.53
CA GLN H 229 58.11 -26.79 35.89
C GLN H 229 58.98 -27.86 35.25
N ARG H 230 58.48 -29.07 35.15
CA ARG H 230 59.24 -30.12 34.51
C ARG H 230 59.37 -29.93 33.01
N LYS H 231 58.53 -29.08 32.41
CA LYS H 231 58.67 -28.78 30.99
C LYS H 231 59.60 -27.58 30.76
N LYS H 232 59.63 -26.64 31.70
CA LYS H 232 60.57 -25.54 31.58
C LYS H 232 61.97 -25.95 32.01
N PHE H 233 62.05 -26.85 32.98
CA PHE H 233 63.32 -27.28 33.56
C PHE H 233 63.34 -28.81 33.65
N PRO H 234 63.61 -29.50 32.55
CA PRO H 234 63.67 -30.95 32.57
C PRO H 234 64.79 -31.43 33.48
N PRO H 235 64.53 -32.42 34.33
CA PRO H 235 65.58 -32.95 35.21
C PRO H 235 66.66 -33.74 34.48
N ASP H 236 66.29 -34.49 33.43
CA ASP H 236 67.22 -35.33 32.67
C ASP H 236 68.08 -34.53 31.70
N ASN H 237 68.14 -33.21 31.88
CA ASN H 237 68.96 -32.33 31.05
C ASN H 237 68.75 -32.57 29.54
N SER H 238 67.51 -32.88 29.14
CA SER H 238 67.12 -32.81 27.73
C SER H 238 66.63 -31.40 27.41
N ALA H 239 65.99 -31.21 26.25
CA ALA H 239 65.56 -29.86 25.88
C ALA H 239 64.24 -29.47 26.56
N PRO H 240 64.13 -28.24 27.06
CA PRO H 240 62.83 -27.75 27.55
C PRO H 240 61.78 -27.68 26.45
N TYR H 241 60.52 -27.85 26.83
CA TYR H 241 59.43 -27.66 25.88
C TYR H 241 59.20 -26.18 25.59
N GLY H 242 58.78 -25.89 24.37
CA GLY H 242 58.29 -24.56 24.05
C GLY H 242 56.83 -24.37 24.45
N ALA H 243 56.49 -23.13 24.74
CA ALA H 243 55.13 -22.75 25.11
C ALA H 243 54.45 -22.05 23.95
N ARG H 244 53.21 -22.43 23.69
CA ARG H 244 52.29 -21.84 22.74
C ARG H 244 50.91 -21.83 23.39
N TYR H 245 50.17 -20.73 23.20
CA TYR H 245 48.82 -20.68 23.74
C TYR H 245 48.06 -19.56 23.01
N VAL H 246 47.26 -19.95 22.02
CA VAL H 246 46.46 -18.99 21.27
C VAL H 246 45.31 -18.47 22.11
N GLY H 247 44.76 -19.30 22.99
CA GLY H 247 43.60 -18.92 23.78
C GLY H 247 42.28 -19.18 23.09
N SER H 248 42.30 -19.79 21.91
CA SER H 248 41.12 -20.31 21.25
C SER H 248 41.28 -21.80 21.10
N MET H 249 40.34 -22.57 21.66
CA MET H 249 40.58 -23.99 21.87
C MET H 249 40.78 -24.74 20.55
N VAL H 250 40.03 -24.38 19.50
CA VAL H 250 40.16 -25.11 18.25
C VAL H 250 41.58 -25.06 17.71
N ALA H 251 42.17 -23.87 17.68
CA ALA H 251 43.52 -23.72 17.11
C ALA H 251 44.59 -24.43 17.94
N ASP H 252 44.54 -24.29 19.26
CA ASP H 252 45.53 -24.93 20.11
C ASP H 252 45.47 -26.44 19.99
N VAL H 253 44.25 -27.00 19.90
CA VAL H 253 44.09 -28.43 19.74
C VAL H 253 44.55 -28.88 18.36
N HIS H 254 44.22 -28.13 17.31
CA HIS H 254 44.67 -28.58 15.98
C HIS H 254 46.19 -28.62 15.90
N ARG H 255 46.87 -27.57 16.41
CA ARG H 255 48.32 -27.57 16.45
C ARG H 255 48.84 -28.76 17.24
N THR H 256 48.25 -29.00 18.39
CA THR H 256 48.66 -30.14 19.20
C THR H 256 48.54 -31.43 18.42
N LEU H 257 47.49 -31.57 17.62
CA LEU H 257 47.35 -32.75 16.78
C LEU H 257 48.41 -32.78 15.69
N VAL H 258 48.68 -31.64 15.05
CA VAL H 258 49.58 -31.60 13.89
C VAL H 258 51.05 -31.70 14.30
N TYR H 259 51.42 -31.13 15.45
CA TYR H 259 52.81 -31.09 15.89
C TYR H 259 53.09 -32.02 17.07
N GLY H 260 52.05 -32.58 17.69
CA GLY H 260 52.23 -33.32 18.91
C GLY H 260 52.38 -32.34 20.05
N GLY H 261 52.45 -32.88 21.25
CA GLY H 261 52.55 -32.05 22.44
C GLY H 261 51.35 -32.24 23.34
N ILE H 262 51.06 -31.26 24.19
CA ILE H 262 50.02 -31.41 25.20
C ILE H 262 49.33 -30.08 25.39
N PHE H 263 48.00 -30.13 25.51
CA PHE H 263 47.17 -28.98 25.79
C PHE H 263 46.50 -29.17 27.14
N LEU H 264 46.45 -28.12 27.94
CA LEU H 264 45.84 -28.22 29.28
C LEU H 264 44.91 -27.04 29.54
N TYR H 265 43.64 -27.35 29.84
CA TYR H 265 42.73 -26.44 30.53
C TYR H 265 42.35 -27.26 31.76
N PRO H 266 43.21 -27.27 32.77
CA PRO H 266 43.06 -28.23 33.86
C PRO H 266 42.10 -27.69 34.91
N ALA H 267 41.78 -28.57 35.85
CA ALA H 267 41.00 -28.15 37.00
C ALA H 267 41.94 -27.54 38.01
N ASN H 268 41.58 -26.35 38.49
CA ASN H 268 42.23 -25.76 39.62
C ASN H 268 41.24 -25.89 40.79
N LYS H 269 41.33 -25.01 41.76
CA LYS H 269 40.29 -25.02 42.78
C LYS H 269 39.19 -24.02 42.48
N LYS H 270 39.47 -22.95 41.71
CA LYS H 270 38.42 -22.04 41.26
C LYS H 270 37.43 -22.72 40.32
N SER H 271 37.84 -23.79 39.67
CA SER H 271 36.97 -24.54 38.76
C SER H 271 37.36 -25.99 38.95
N PRO H 272 36.85 -26.63 40.01
CA PRO H 272 37.27 -28.01 40.31
C PRO H 272 36.83 -28.97 39.23
N ASN H 273 35.97 -28.49 38.33
CA ASN H 273 35.56 -29.22 37.15
C ASN H 273 36.04 -28.55 35.86
N GLY H 274 37.05 -27.70 35.94
CA GLY H 274 37.51 -27.01 34.75
C GLY H 274 36.54 -25.92 34.31
N LYS H 275 36.86 -25.32 33.16
CA LYS H 275 36.04 -24.29 32.54
C LYS H 275 35.53 -24.62 31.16
N LEU H 276 36.18 -25.52 30.40
CA LEU H 276 35.63 -25.87 29.09
C LEU H 276 34.40 -26.80 29.25
N ARG H 277 33.45 -26.64 28.35
CA ARG H 277 32.21 -27.39 28.44
C ARG H 277 32.40 -28.78 27.88
N LEU H 278 31.79 -29.77 28.55
CA LEU H 278 32.08 -31.18 28.25
C LEU H 278 31.46 -31.63 26.93
N LEU H 279 30.22 -31.24 26.65
CA LEU H 279 29.45 -31.82 25.54
C LEU H 279 29.96 -31.41 24.15
N TYR H 280 30.29 -30.13 23.97
CA TYR H 280 30.61 -29.60 22.65
C TYR H 280 32.00 -29.00 22.54
N GLU H 281 32.84 -29.09 23.57
CA GLU H 281 34.25 -28.73 23.47
C GLU H 281 35.18 -29.89 23.83
N CYS H 282 35.06 -30.45 25.04
CA CYS H 282 36.00 -31.48 25.46
C CYS H 282 35.77 -32.79 24.68
N ASN H 283 34.51 -33.23 24.58
CA ASN H 283 34.24 -34.51 23.93
C ASN H 283 34.65 -34.59 22.47
N PRO H 284 34.23 -33.68 21.59
CA PRO H 284 34.65 -33.84 20.19
C PRO H 284 36.17 -33.81 20.05
N MET H 285 36.85 -32.99 20.86
CA MET H 285 38.30 -32.99 20.77
C MET H 285 38.88 -34.29 21.32
N ALA H 286 38.33 -34.78 22.44
CA ALA H 286 38.78 -36.05 23.00
C ALA H 286 38.59 -37.17 21.98
N TYR H 287 37.51 -37.13 21.22
CA TYR H 287 37.28 -38.14 20.20
C TYR H 287 38.30 -38.04 19.06
N VAL H 288 38.54 -36.84 18.53
CA VAL H 288 39.55 -36.68 17.48
C VAL H 288 40.90 -37.18 17.97
N MET H 289 41.27 -36.80 19.19
CA MET H 289 42.55 -37.22 19.76
C MET H 289 42.65 -38.74 19.88
N GLU H 290 41.64 -39.40 20.45
CA GLU H 290 41.77 -40.84 20.61
C GLU H 290 41.79 -41.54 19.25
N LYS H 291 40.94 -41.12 18.33
CA LYS H 291 40.97 -41.73 17.01
C LYS H 291 42.24 -41.45 16.23
N ALA H 292 43.09 -40.52 16.69
CA ALA H 292 44.35 -40.24 16.03
C ALA H 292 45.55 -40.73 16.84
N GLY H 293 45.30 -41.54 17.87
CA GLY H 293 46.33 -42.11 18.70
C GLY H 293 46.64 -41.33 19.96
N GLY H 294 45.90 -40.25 20.23
CA GLY H 294 46.19 -39.39 21.36
C GLY H 294 45.41 -39.79 22.59
N MET H 295 45.43 -38.90 23.58
CA MET H 295 44.75 -39.16 24.84
C MET H 295 44.07 -37.90 25.30
N ALA H 296 43.02 -38.06 26.10
CA ALA H 296 42.30 -36.95 26.70
C ALA H 296 41.78 -37.41 28.06
N THR H 297 42.22 -36.75 29.12
CA THR H 297 41.90 -37.12 30.47
C THR H 297 41.41 -35.91 31.25
N THR H 298 40.59 -36.17 32.25
CA THR H 298 40.23 -35.14 33.20
C THR H 298 41.20 -35.06 34.36
N GLY H 299 42.16 -35.97 34.42
CA GLY H 299 42.93 -36.21 35.62
C GLY H 299 42.43 -37.46 36.32
N LYS H 300 41.14 -37.52 36.55
CA LYS H 300 40.54 -38.64 37.24
C LYS H 300 40.13 -39.78 36.31
N GLU H 301 39.74 -39.47 35.07
CA GLU H 301 39.18 -40.49 34.21
C GLU H 301 39.35 -40.04 32.77
N ALA H 302 39.16 -40.99 31.85
CA ALA H 302 39.11 -40.60 30.45
C ALA H 302 37.95 -39.65 30.23
N VAL H 303 38.18 -38.62 29.41
CA VAL H 303 37.13 -37.65 29.16
C VAL H 303 35.91 -38.34 28.57
N LEU H 304 36.13 -39.26 27.64
CA LEU H 304 35.04 -39.93 26.97
C LEU H 304 34.24 -40.82 27.93
N ASP H 305 34.81 -41.14 29.10
CA ASP H 305 34.16 -41.98 30.09
C ASP H 305 33.26 -41.20 31.02
N VAL H 306 33.29 -39.86 31.00
CA VAL H 306 32.43 -39.08 31.86
C VAL H 306 30.98 -39.22 31.40
N ILE H 307 30.09 -39.52 32.33
CA ILE H 307 28.66 -39.56 32.08
C ILE H 307 28.12 -38.16 32.36
N PRO H 308 27.61 -37.45 31.37
CA PRO H 308 27.14 -36.08 31.64
C PRO H 308 25.76 -36.07 32.27
N THR H 309 25.55 -35.11 33.17
CA THR H 309 24.25 -34.90 33.80
C THR H 309 23.59 -33.59 33.42
N ASP H 310 24.35 -32.62 32.95
CA ASP H 310 23.82 -31.33 32.52
C ASP H 310 24.46 -31.00 31.17
N ILE H 311 23.66 -30.41 30.28
CA ILE H 311 24.09 -30.23 28.91
C ILE H 311 25.24 -29.23 28.83
N HIS H 312 25.32 -28.32 29.78
CA HIS H 312 26.37 -27.31 29.81
C HIS H 312 27.38 -27.52 30.94
N GLN H 313 27.51 -28.75 31.42
CA GLN H 313 28.48 -28.99 32.47
C GLN H 313 29.89 -28.91 31.89
N ARG H 314 30.84 -28.54 32.75
CA ARG H 314 32.22 -28.36 32.38
C ARG H 314 33.04 -29.60 32.74
N ALA H 315 34.27 -29.65 32.23
CA ALA H 315 35.18 -30.75 32.50
C ALA H 315 36.62 -30.27 32.38
N PRO H 316 37.49 -30.64 33.30
CA PRO H 316 38.90 -30.37 33.09
C PRO H 316 39.39 -31.25 31.97
N VAL H 317 40.35 -30.76 31.20
CA VAL H 317 40.84 -31.47 30.02
C VAL H 317 42.34 -31.27 29.87
N ILE H 318 43.04 -32.38 29.68
CA ILE H 318 44.46 -32.46 29.32
C ILE H 318 44.56 -33.48 28.20
N LEU H 319 45.01 -33.05 27.03
CA LEU H 319 45.01 -33.95 25.88
C LEU H 319 46.26 -33.69 25.06
N GLY H 320 46.52 -34.60 24.13
CA GLY H 320 47.66 -34.48 23.25
C GLY H 320 48.42 -35.78 23.02
N SER H 321 49.73 -35.68 22.84
CA SER H 321 50.51 -36.87 22.59
C SER H 321 50.44 -37.80 23.80
N PRO H 322 50.31 -39.12 23.57
CA PRO H 322 50.08 -40.04 24.69
C PRO H 322 51.20 -40.07 25.73
N ASP H 323 52.47 -40.18 25.31
CA ASP H 323 53.58 -40.16 26.26
C ASP H 323 53.48 -38.94 27.16
N ASP H 324 53.02 -37.82 26.59
CA ASP H 324 52.88 -36.57 27.34
C ASP H 324 51.65 -36.58 28.24
N VAL H 325 50.52 -37.09 27.74
CA VAL H 325 49.37 -37.23 28.63
C VAL H 325 49.69 -38.19 29.76
N LEU H 326 50.43 -39.25 29.45
CA LEU H 326 50.82 -40.20 30.50
C LEU H 326 51.71 -39.55 31.54
N GLU H 327 52.70 -38.76 31.11
CA GLU H 327 53.58 -38.11 32.06
C GLU H 327 52.82 -37.15 32.99
N PHE H 328 51.86 -36.41 32.44
CA PHE H 328 51.09 -35.52 33.31
C PHE H 328 50.35 -36.32 34.37
N LEU H 329 49.73 -37.43 33.96
CA LEU H 329 48.97 -38.27 34.90
C LEU H 329 49.87 -38.82 35.99
N LYS H 330 51.11 -39.17 35.64
CA LYS H 330 52.06 -39.62 36.64
C LYS H 330 52.30 -38.55 37.70
N VAL H 331 52.46 -37.28 37.29
CA VAL H 331 52.62 -36.21 38.27
C VAL H 331 51.31 -35.93 38.99
N TYR H 332 50.18 -36.08 38.29
CA TYR H 332 48.87 -35.90 38.92
C TYR H 332 48.65 -36.92 40.02
N GLU H 333 49.05 -38.17 39.78
CA GLU H 333 48.92 -39.19 40.81
C GLU H 333 49.73 -38.86 42.05
N LYS H 334 50.87 -38.19 41.87
CA LYS H 334 51.72 -37.88 43.01
C LYS H 334 51.02 -36.96 44.00
N HIS H 335 50.14 -36.07 43.51
CA HIS H 335 49.47 -35.09 44.34
C HIS H 335 48.02 -35.47 44.68
N SER H 336 47.72 -36.76 44.76
CA SER H 336 46.36 -37.18 45.12
C SER H 336 46.34 -38.11 46.32
C5 94S I . -48.41 -8.19 19.64
C8 94S I . -51.48 -4.99 18.39
C9 94S I . -45.94 -10.50 18.53
C10 94S I . -45.53 -10.49 16.17
C2 94S I . -50.56 -6.97 19.36
C11 94S I . -52.19 -5.52 19.41
C15 94S I . -45.58 -11.89 16.19
C12 94S I . -45.72 -9.82 17.36
C17 94S I . -45.27 -9.75 14.89
C18 94S I . -46.00 -11.88 18.54
C19 94S I . -45.80 -12.57 17.36
C22 94S I . -43.88 -9.98 14.35
C23 94S I . -46.13 -13.66 14.68
C24 94S I . -43.67 -9.17 13.12
C25 94S I . -42.86 -9.63 15.41
N3 94S I . -47.81 -9.32 20.13
N6 94S I . -49.81 -8.09 19.79
N7 94S I . -51.67 -6.64 19.97
O13 94S I . -45.53 -8.34 19.90
O14 94S I . -45.87 -10.45 21.14
O16 94S I . -47.74 -7.31 19.12
O21 94S I . -45.38 -12.50 14.97
S1 94S I . -46.19 -9.60 20.03
S4 94S I . -50.07 -5.91 18.08
BR2 94S I . -51.87 -3.47 17.38
C5 94S J . -17.70 32.64 -14.62
C8 94S J . -20.00 34.95 -11.48
C9 94S J . -15.44 29.94 -15.24
C10 94S J . -14.67 28.71 -13.31
C2 94S J . -18.52 34.47 -13.29
C11 94S J . -19.92 35.91 -12.40
C15 94S J . -13.38 28.79 -13.82
C12 94S J . -15.70 29.30 -14.04
C17 94S J . -14.94 28.01 -12.01
C18 94S J . -14.14 30.02 -15.73
C19 94S J . -13.12 29.42 -15.02
C22 94S J . -15.67 26.68 -12.14
C23 94S J . -11.29 27.65 -13.76
C24 94S J . -15.05 25.79 -13.20
C25 94S J . -15.65 25.99 -10.83
N3 94S J . -16.79 32.23 -15.56
N6 94S J . -17.64 33.97 -14.21
N7 94S J . -19.07 35.63 -13.45
O13 94S J . -17.98 30.06 -15.75
O14 94S J . -16.40 30.72 -17.52
O16 94S J . -18.52 31.87 -14.16
O21 94S J . -12.41 28.18 -13.07
S1 94S J . -16.75 30.69 -16.13
S4 94S J . -19.01 33.61 -11.87
BR2 94S J . -21.07 34.94 -9.93
C5 94S K . -54.32 -1.92 22.03
C8 94S K . -50.03 -3.46 21.53
C9 94S K . -56.36 0.95 22.92
C10 94S K . -55.29 3.10 23.37
C2 94S K . -52.30 -3.32 22.27
C11 94S K . -50.57 -4.63 21.90
C15 94S K . -56.00 3.14 24.58
C12 94S K . -55.47 1.99 22.54
C17 94S K . -54.33 4.22 22.98
C18 94S K . -57.04 1.02 24.11
C19 94S K . -56.86 2.12 24.95
C22 94S K . -54.95 5.41 22.23
C23 94S K . -56.55 4.40 26.55
C24 94S K . -56.08 6.16 23.00
C25 94S K . -53.87 6.38 21.86
N3 94S K . -55.62 -1.65 22.46
N6 94S K . -53.62 -2.96 22.64
N7 94S K . -51.88 -4.56 22.33
O13 94S K . -56.09 -0.15 20.55
O14 94S K . -57.95 -0.86 21.99
O16 94S K . -53.80 -1.26 21.14
O21 94S K . -55.76 4.25 25.36
S1 94S K . -56.59 -0.45 21.86
S4 94S K . -51.14 -2.17 21.70
BR2 94S K . -48.27 -3.14 20.90
C5 94S L . -23.65 39.22 -11.94
C8 94S L . -22.71 35.06 -13.72
C9 94S L . -26.15 41.50 -10.95
C10 94S L . -28.45 40.78 -11.05
C2 94S L . -22.77 37.43 -13.45
C11 94S L . -22.04 35.75 -14.66
C15 94S L . -28.72 41.93 -11.80
C12 94S L . -27.14 40.58 -10.63
C17 94S L . -29.52 39.79 -10.71
C18 94S L . -26.44 42.63 -11.69
C19 94S L . -27.73 42.84 -12.10
C22 94S L . -30.29 40.06 -9.40
C23 94S L . -30.37 43.26 -12.91
C24 94S L . -30.64 41.55 -9.14
C25 94S L . -31.54 39.24 -9.36
N3 94S L . -23.71 40.59 -11.71
N6 94S L . -22.95 38.79 -13.07
N7 94S L . -22.08 37.12 -14.50
O13 94S L . -24.52 40.26 -9.37
O14 94S L . -23.89 42.50 -10.16
O16 94S L . -24.19 38.45 -11.16
O21 94S L . -30.03 42.07 -12.18
S1 94S L . -24.49 41.23 -10.41
S4 94S L . -23.43 36.09 -12.57
BR2 94S L . -22.90 33.18 -13.56
C5 94S M . 46.69 12.59 -11.62
C8 94S M . 49.46 10.23 -8.79
C9 94S M . 44.91 12.68 -14.70
C10 94S M . 45.22 10.74 -16.02
C2 94S M . 48.67 11.95 -10.24
C11 94S M . 50.28 11.27 -8.93
C15 94S M . 45.36 11.54 -17.15
C12 94S M . 45.01 11.36 -14.79
C17 94S M . 45.33 9.23 -16.09
C18 94S M . 45.05 13.49 -15.81
C19 94S M . 45.27 12.92 -17.05
C22 94S M . 44.21 8.55 -16.88
C23 94S M . 46.72 11.25 -19.07
C24 94S M . 44.06 7.16 -16.38
C25 94S M . 42.90 9.30 -16.79
N3 94S M . 46.13 13.55 -12.45
N6 94S M . 47.97 12.84 -11.13
N7 94S M . 49.84 12.27 -9.76
O13 94S M . 43.86 12.48 -12.34
O14 94S M . 44.14 14.73 -13.31
O16 94S M . 46.06 11.58 -11.35
O21 94S M . 45.58 10.88 -18.32
S1 94S M . 44.64 13.41 -13.12
S4 94S M . 48.04 10.43 -9.69
BR2 94S M . 49.70 8.69 -7.76
C5 94S N . 20.46 -42.62 -4.48
C8 94S N . 21.33 -41.06 -0.26
C9 94S N . 18.91 -42.07 -7.72
C10 94S N . 17.73 -39.98 -7.90
C2 94S N . 20.52 -42.42 -2.04
C11 94S N . 21.13 -42.34 0.07
C15 94S N . 16.74 -40.64 -8.64
C12 94S N . 18.82 -40.73 -7.44
C17 94S N . 17.64 -38.50 -7.59
C18 94S N . 17.92 -42.71 -8.45
C19 94S N . 16.83 -41.98 -8.91
C22 94S N . 17.86 -37.61 -8.82
C23 94S N . 14.75 -40.43 -9.96
C24 94S N . 18.21 -36.22 -8.39
C25 94S N . 18.95 -38.17 -9.71
N3 94S N . 19.95 -43.32 -5.56
N6 94S N . 20.07 -43.03 -3.21
N7 94S N . 20.67 -43.13 -0.95
O13 94S N . 21.42 -42.11 -7.12
O14 94S N . 20.35 -44.21 -7.87
O16 94S N . 21.22 -41.67 -4.63
O21 94S N . 15.70 -39.84 -9.05
S1 94S N . 20.29 -42.98 -7.13
S4 94S N . 20.93 -40.76 -1.90
BR2 94S N . 21.94 -39.67 0.85
C5 94S O . 51.30 11.61 -3.61
C8 94S O . 47.39 11.63 -5.98
C9 94S O . 52.65 10.92 -0.50
C10 94S O . 51.29 9.77 1.12
C2 94S O . 49.44 12.36 -5.02
C11 94S O . 47.94 12.70 -6.58
C15 94S O . 51.48 10.84 2.00
C12 94S O . 51.89 9.83 -0.14
C17 94S O . 50.45 8.56 1.48
C18 94S O . 52.83 11.97 0.36
C19 94S O . 52.25 11.93 1.63
C22 94S O . 50.60 7.96 2.89
C23 94S O . 50.68 11.95 3.93
C24 94S O . 49.37 7.16 3.19
C25 94S O . 51.84 7.13 3.07
N3 94S O . 52.45 12.00 -2.96
N6 94S O . 50.61 12.59 -4.31
N7 94S O . 49.13 13.12 -6.02
O13 94S O . 53.22 9.67 -2.69
O14 94S O . 54.68 11.54 -1.98
O16 94S O . 50.93 10.44 -3.56
O21 94S O . 50.88 10.74 3.21
S1 94S O . 53.38 10.96 -2.09
S4 94S O . 48.33 11.08 -4.67
BR2 94S O . 45.78 10.78 -6.45
C5 94S P . 24.93 -43.43 3.73
C8 94S P . 24.91 -42.53 -0.79
C9 94S P . 26.79 -43.72 6.67
C10 94S P . 29.09 -43.21 6.39
C2 94S P . 24.69 -43.69 1.29
C11 94S P . 24.97 -43.85 -0.88
C15 94S P . 29.41 -44.33 7.13
C12 94S P . 27.74 -42.93 6.18
C17 94S P . 30.13 -42.31 5.81
C18 94S P . 27.11 -44.84 7.43
C19 94S P . 28.43 -45.15 7.65
C22 94S P . 30.80 -41.46 6.89
C23 94S P . 31.28 -45.84 6.94
C24 94S P . 31.74 -40.47 6.26
C25 94S P . 29.79 -40.75 7.78
N3 94S P . 24.69 -44.02 4.96
N6 94S P . 24.53 -44.14 2.61
N7 94S P . 24.85 -44.53 0.32
O13 94S P . 25.03 -41.90 6.19
O14 94S P . 24.30 -43.92 7.40
O16 94S P . 25.51 -42.35 3.65
O21 94S P . 30.76 -44.55 7.29
S1 94S P . 25.11 -43.31 6.39
S4 94S P . 24.66 -42.02 0.83
BR2 94S P . 25.04 -41.27 -2.18
#